data_1T4N
#
_entry.id   1T4N
#
_cell.length_a   1.000
_cell.length_b   1.000
_cell.length_c   1.000
_cell.angle_alpha   90.00
_cell.angle_beta   90.00
_cell.angle_gamma   90.00
#
_symmetry.space_group_name_H-M   'P 1'
#
_entity_poly.entity_id   1
_entity_poly.type   'polypeptide(L)'
_entity_poly.pdbx_seq_one_letter_code
;MDKLDMNAKRQLYSLIGYASLRLHYVTVKKPTAVDPNSIVECRVGDGTVLGTGVGRNIKIAGIRAAENALRDKKMLDFYA
KQRAAALGHHHHHH
;
_entity_poly.pdbx_strand_id   A
#
# COMPACT_ATOMS: atom_id res chain seq x y z
N MET A 1 7.35 -6.02 -14.21
CA MET A 1 8.20 -6.78 -13.26
C MET A 1 8.06 -6.24 -11.84
N ASP A 2 8.84 -6.80 -10.92
CA ASP A 2 8.81 -6.37 -9.53
C ASP A 2 9.53 -5.05 -9.36
N LYS A 3 8.82 -4.07 -8.77
CA LYS A 3 9.40 -2.74 -8.55
C LYS A 3 8.47 -1.90 -7.69
N LEU A 4 7.18 -1.97 -7.98
CA LEU A 4 6.18 -1.22 -7.23
C LEU A 4 5.17 -2.15 -6.59
N ASP A 5 5.67 -3.26 -6.01
CA ASP A 5 4.82 -4.25 -5.35
C ASP A 5 3.57 -4.53 -6.19
N MET A 6 3.77 -5.14 -7.34
CA MET A 6 2.66 -5.48 -8.25
C MET A 6 1.55 -6.21 -7.51
N ASN A 7 1.81 -7.45 -7.14
CA ASN A 7 0.83 -8.28 -6.45
C ASN A 7 0.27 -7.57 -5.23
N ALA A 8 1.15 -7.06 -4.39
CA ALA A 8 0.73 -6.34 -3.18
C ALA A 8 -0.18 -5.17 -3.51
N LYS A 9 0.24 -4.35 -4.46
CA LYS A 9 -0.54 -3.19 -4.87
C LYS A 9 -1.82 -3.63 -5.55
N ARG A 10 -1.74 -4.72 -6.31
CA ARG A 10 -2.91 -5.25 -7.00
C ARG A 10 -3.90 -5.83 -6.00
N GLN A 11 -3.37 -6.38 -4.92
CA GLN A 11 -4.19 -6.96 -3.88
C GLN A 11 -5.03 -5.88 -3.21
N LEU A 12 -4.37 -4.80 -2.81
CA LEU A 12 -5.04 -3.69 -2.16
C LEU A 12 -6.07 -3.06 -3.08
N TYR A 13 -5.68 -2.83 -4.33
CA TYR A 13 -6.58 -2.22 -5.31
C TYR A 13 -7.68 -3.19 -5.73
N SER A 14 -7.41 -4.48 -5.57
CA SER A 14 -8.38 -5.51 -5.93
C SER A 14 -9.23 -5.90 -4.73
N LEU A 15 -8.91 -5.38 -3.55
CA LEU A 15 -9.65 -5.71 -2.34
C LEU A 15 -10.25 -4.47 -1.69
N ILE A 16 -9.67 -3.29 -1.93
CA ILE A 16 -10.18 -2.07 -1.32
C ILE A 16 -10.21 -0.91 -2.32
N GLY A 17 -9.24 -0.85 -3.22
CA GLY A 17 -9.19 0.22 -4.20
C GLY A 17 -10.33 0.15 -5.20
N TYR A 18 -11.40 0.90 -4.94
CA TYR A 18 -12.55 0.91 -5.83
C TYR A 18 -12.53 2.14 -6.74
N ALA A 19 -12.14 3.28 -6.19
CA ALA A 19 -12.08 4.52 -6.96
C ALA A 19 -11.71 5.70 -6.07
N SER A 20 -12.62 6.08 -5.18
CA SER A 20 -12.40 7.19 -4.28
C SER A 20 -11.09 7.02 -3.51
N LEU A 21 -10.71 5.77 -3.28
CA LEU A 21 -9.49 5.46 -2.56
C LEU A 21 -8.31 5.33 -3.53
N ARG A 22 -7.78 6.47 -3.95
CA ARG A 22 -6.65 6.49 -4.89
C ARG A 22 -5.41 5.87 -4.24
N LEU A 23 -5.36 4.55 -4.23
CA LEU A 23 -4.23 3.83 -3.65
C LEU A 23 -2.91 4.31 -4.25
N HIS A 24 -2.11 5.01 -3.44
CA HIS A 24 -0.83 5.52 -3.88
C HIS A 24 0.23 5.31 -2.82
N TYR A 25 1.49 5.19 -3.25
CA TYR A 25 2.60 4.99 -2.33
C TYR A 25 3.60 6.14 -2.40
N VAL A 26 3.93 6.69 -1.24
CA VAL A 26 4.88 7.79 -1.16
C VAL A 26 6.11 7.40 -0.34
N THR A 27 7.24 7.26 -1.03
CA THR A 27 8.49 6.89 -0.36
C THR A 27 9.17 8.12 0.24
N VAL A 28 9.65 8.00 1.47
CA VAL A 28 10.30 9.09 2.15
C VAL A 28 11.73 8.72 2.57
N LYS A 29 12.12 7.48 2.30
CA LYS A 29 13.46 6.99 2.66
C LYS A 29 14.56 7.95 2.25
N LYS A 30 14.93 7.90 0.97
CA LYS A 30 16.01 8.74 0.45
C LYS A 30 17.33 8.33 1.10
N PRO A 31 17.75 7.07 0.87
CA PRO A 31 18.99 6.52 1.42
C PRO A 31 20.16 7.48 1.32
N THR A 32 20.81 7.71 2.46
CA THR A 32 21.95 8.62 2.51
C THR A 32 22.77 8.40 3.79
N ALA A 33 22.35 9.03 4.87
CA ALA A 33 23.04 8.91 6.16
C ALA A 33 22.05 8.68 7.28
N VAL A 34 21.01 9.52 7.31
CA VAL A 34 19.98 9.42 8.33
C VAL A 34 19.00 8.30 7.99
N ASP A 35 18.81 8.06 6.70
CA ASP A 35 17.90 7.01 6.23
C ASP A 35 18.62 5.67 6.21
N PRO A 36 18.18 4.72 7.07
CA PRO A 36 18.80 3.40 7.16
C PRO A 36 18.22 2.38 6.18
N ASN A 37 17.03 2.65 5.65
CA ASN A 37 16.40 1.72 4.71
C ASN A 37 15.38 2.42 3.82
N SER A 38 14.57 1.64 3.11
CA SER A 38 13.55 2.17 2.22
C SER A 38 12.18 2.12 2.91
N ILE A 39 11.74 3.28 3.40
CA ILE A 39 10.46 3.37 4.08
C ILE A 39 9.40 3.98 3.17
N VAL A 40 8.28 3.30 3.01
CA VAL A 40 7.19 3.77 2.18
C VAL A 40 5.89 3.82 2.96
N GLU A 41 5.00 4.72 2.57
CA GLU A 41 3.72 4.86 3.24
C GLU A 41 2.56 4.94 2.24
N CYS A 42 1.77 3.88 2.16
CA CYS A 42 0.63 3.84 1.24
C CYS A 42 -0.45 4.81 1.70
N ARG A 43 -0.68 5.84 0.90
CA ARG A 43 -1.69 6.84 1.23
C ARG A 43 -2.85 6.76 0.25
N VAL A 44 -4.06 6.93 0.79
CA VAL A 44 -5.27 6.87 -0.03
C VAL A 44 -5.54 8.22 -0.69
N GLY A 45 -6.53 8.25 -1.57
CA GLY A 45 -6.87 9.47 -2.27
C GLY A 45 -7.18 10.62 -1.32
N ASP A 46 -7.94 10.33 -0.27
CA ASP A 46 -8.29 11.34 0.72
C ASP A 46 -7.04 11.93 1.38
N GLY A 47 -6.45 11.17 2.29
CA GLY A 47 -5.26 11.62 2.97
C GLY A 47 -4.98 10.86 4.25
N THR A 48 -4.97 9.53 4.14
CA THR A 48 -4.72 8.68 5.29
C THR A 48 -3.92 7.44 4.88
N VAL A 49 -2.78 7.24 5.53
CA VAL A 49 -1.92 6.10 5.23
C VAL A 49 -2.56 4.81 5.73
N LEU A 50 -2.89 3.92 4.80
CA LEU A 50 -3.51 2.65 5.14
C LEU A 50 -2.46 1.54 5.28
N GLY A 51 -1.30 1.74 4.67
CA GLY A 51 -0.24 0.74 4.75
C GLY A 51 1.15 1.35 4.84
N THR A 52 1.80 1.14 5.99
CA THR A 52 3.14 1.66 6.20
C THR A 52 4.12 0.52 6.44
N GLY A 53 5.17 0.46 5.63
CA GLY A 53 6.16 -0.59 5.78
C GLY A 53 7.50 -0.23 5.17
N VAL A 54 8.58 -0.68 5.78
CA VAL A 54 9.92 -0.41 5.30
C VAL A 54 10.41 -1.51 4.38
N GLY A 55 11.64 -1.34 3.91
CA GLY A 55 12.24 -2.32 3.01
C GLY A 55 13.65 -1.94 2.61
N ARG A 56 14.26 -2.75 1.75
CA ARG A 56 15.61 -2.48 1.28
C ARG A 56 15.60 -1.49 0.12
N ASN A 57 14.53 -1.54 -0.67
CA ASN A 57 14.39 -0.64 -1.81
C ASN A 57 12.92 -0.33 -2.07
N ILE A 58 12.64 0.42 -3.13
CA ILE A 58 11.28 0.78 -3.47
C ILE A 58 10.43 -0.45 -3.73
N LYS A 59 11.06 -1.51 -4.21
CA LYS A 59 10.37 -2.76 -4.51
C LYS A 59 9.96 -3.47 -3.22
N ILE A 60 10.91 -3.66 -2.33
CA ILE A 60 10.67 -4.32 -1.07
C ILE A 60 9.73 -3.49 -0.19
N ALA A 61 10.15 -2.28 0.12
CA ALA A 61 9.35 -1.39 0.95
C ALA A 61 7.91 -1.30 0.44
N GLY A 62 7.77 -1.25 -0.88
CA GLY A 62 6.45 -1.17 -1.48
C GLY A 62 5.61 -2.40 -1.14
N ILE A 63 6.23 -3.57 -1.19
CA ILE A 63 5.54 -4.80 -0.89
C ILE A 63 5.24 -4.91 0.61
N ARG A 64 6.12 -4.32 1.42
CA ARG A 64 5.95 -4.34 2.86
C ARG A 64 4.81 -3.42 3.28
N ALA A 65 4.76 -2.24 2.69
CA ALA A 65 3.71 -1.27 3.00
C ALA A 65 2.34 -1.84 2.65
N ALA A 66 2.21 -2.35 1.43
CA ALA A 66 0.96 -2.94 0.99
C ALA A 66 0.58 -4.12 1.87
N GLU A 67 1.59 -4.92 2.24
CA GLU A 67 1.37 -6.07 3.10
C GLU A 67 0.85 -5.63 4.46
N ASN A 68 1.36 -4.50 4.93
CA ASN A 68 0.94 -3.95 6.20
C ASN A 68 -0.51 -3.53 6.15
N ALA A 69 -0.96 -3.11 4.97
CA ALA A 69 -2.34 -2.70 4.77
C ALA A 69 -3.26 -3.92 4.66
N LEU A 70 -2.73 -4.99 4.10
CA LEU A 70 -3.50 -6.23 3.94
C LEU A 70 -3.68 -6.93 5.28
N ARG A 71 -2.73 -6.72 6.19
CA ARG A 71 -2.78 -7.34 7.51
C ARG A 71 -4.05 -6.94 8.25
N ASP A 72 -4.43 -5.67 8.14
CA ASP A 72 -5.62 -5.16 8.79
C ASP A 72 -6.87 -5.84 8.25
N LYS A 73 -7.16 -7.04 8.77
CA LYS A 73 -8.32 -7.80 8.34
C LYS A 73 -9.61 -7.00 8.55
N LYS A 74 -9.63 -6.19 9.60
CA LYS A 74 -10.80 -5.37 9.91
C LYS A 74 -10.95 -4.26 8.90
N MET A 75 -9.86 -3.55 8.65
CA MET A 75 -9.87 -2.44 7.70
C MET A 75 -10.03 -2.97 6.27
N LEU A 76 -9.58 -4.20 6.04
CA LEU A 76 -9.68 -4.82 4.72
C LEU A 76 -11.10 -5.31 4.48
N ASP A 77 -11.77 -5.72 5.55
CA ASP A 77 -13.13 -6.22 5.46
C ASP A 77 -14.09 -5.08 5.16
N PHE A 78 -13.85 -3.93 5.77
CA PHE A 78 -14.70 -2.76 5.57
C PHE A 78 -14.67 -2.32 4.12
N TYR A 79 -13.48 -2.34 3.52
CA TYR A 79 -13.32 -1.95 2.13
C TYR A 79 -13.70 -3.10 1.22
N ALA A 80 -13.29 -4.30 1.59
CA ALA A 80 -13.60 -5.49 0.80
C ALA A 80 -15.11 -5.63 0.63
N LYS A 81 -15.86 -5.12 1.59
CA LYS A 81 -17.32 -5.17 1.53
C LYS A 81 -17.87 -3.99 0.72
N GLN A 82 -16.97 -3.10 0.30
CA GLN A 82 -17.35 -1.93 -0.48
C GLN A 82 -16.79 -2.04 -1.89
N ARG A 83 -15.50 -2.37 -1.99
CA ARG A 83 -14.86 -2.51 -3.27
C ARG A 83 -15.40 -3.72 -4.03
N ALA A 84 -15.53 -4.83 -3.32
CA ALA A 84 -16.04 -6.06 -3.90
C ALA A 84 -17.56 -5.98 -4.07
N ALA A 85 -18.19 -5.18 -3.22
CA ALA A 85 -19.64 -5.01 -3.27
C ALA A 85 -20.04 -3.92 -4.26
N ALA A 86 -19.13 -2.99 -4.52
CA ALA A 86 -19.39 -1.89 -5.43
C ALA A 86 -19.36 -2.37 -6.89
N LEU A 87 -18.45 -3.30 -7.18
CA LEU A 87 -18.33 -3.85 -8.52
C LEU A 87 -19.14 -5.14 -8.67
N GLY A 88 -18.83 -6.12 -7.83
CA GLY A 88 -19.54 -7.38 -7.88
C GLY A 88 -18.92 -8.43 -6.98
N MET A 1 8.46 -9.46 -12.09
CA MET A 1 9.62 -8.65 -11.63
C MET A 1 9.18 -7.63 -10.58
N ASP A 2 10.09 -7.32 -9.66
CA ASP A 2 9.81 -6.36 -8.60
C ASP A 2 10.11 -4.94 -9.06
N LYS A 3 9.11 -4.07 -8.99
CA LYS A 3 9.28 -2.68 -9.40
C LYS A 3 8.02 -1.87 -9.10
N LEU A 4 6.86 -2.47 -9.38
CA LEU A 4 5.58 -1.81 -9.15
C LEU A 4 4.79 -2.56 -8.08
N ASP A 5 5.45 -2.89 -6.98
CA ASP A 5 4.81 -3.61 -5.89
C ASP A 5 4.29 -4.96 -6.37
N MET A 6 5.13 -5.62 -7.17
CA MET A 6 4.83 -6.94 -7.75
C MET A 6 3.33 -7.20 -7.89
N ASN A 7 2.73 -7.79 -6.86
CA ASN A 7 1.30 -8.10 -6.88
C ASN A 7 0.63 -7.66 -5.58
N ALA A 8 1.31 -6.82 -4.82
CA ALA A 8 0.77 -6.33 -3.56
C ALA A 8 -0.09 -5.10 -3.79
N LYS A 9 0.28 -4.30 -4.79
CA LYS A 9 -0.47 -3.09 -5.11
C LYS A 9 -1.76 -3.44 -5.86
N ARG A 10 -1.74 -4.56 -6.57
CA ARG A 10 -2.90 -5.00 -7.32
C ARG A 10 -3.89 -5.67 -6.38
N GLN A 11 -3.37 -6.32 -5.35
CA GLN A 11 -4.20 -7.00 -4.36
C GLN A 11 -4.95 -5.99 -3.51
N LEU A 12 -4.23 -4.95 -3.09
CA LEU A 12 -4.82 -3.91 -2.26
C LEU A 12 -5.85 -3.10 -3.04
N TYR A 13 -5.54 -2.81 -4.29
CA TYR A 13 -6.44 -2.05 -5.14
C TYR A 13 -7.65 -2.88 -5.56
N SER A 14 -7.45 -4.19 -5.67
CA SER A 14 -8.53 -5.09 -6.06
C SER A 14 -9.37 -5.51 -4.85
N LEU A 15 -8.86 -5.26 -3.65
CA LEU A 15 -9.57 -5.62 -2.43
C LEU A 15 -10.19 -4.41 -1.74
N ILE A 16 -9.57 -3.24 -1.90
CA ILE A 16 -10.09 -2.03 -1.26
C ILE A 16 -10.16 -0.84 -2.21
N GLY A 17 -9.30 -0.82 -3.22
CA GLY A 17 -9.30 0.27 -4.17
C GLY A 17 -10.54 0.27 -5.05
N TYR A 18 -11.46 1.21 -4.79
CA TYR A 18 -12.68 1.31 -5.56
C TYR A 18 -12.76 2.66 -6.27
N ALA A 19 -11.69 3.00 -6.98
CA ALA A 19 -11.62 4.27 -7.71
C ALA A 19 -11.32 5.43 -6.77
N SER A 20 -12.31 5.79 -5.96
CA SER A 20 -12.16 6.89 -5.00
C SER A 20 -10.92 6.68 -4.14
N LEU A 21 -10.54 5.41 -3.98
CA LEU A 21 -9.36 5.05 -3.18
C LEU A 21 -8.11 5.13 -4.03
N ARG A 22 -7.57 6.33 -4.19
CA ARG A 22 -6.36 6.54 -4.97
C ARG A 22 -5.15 5.91 -4.28
N LEU A 23 -5.11 4.58 -4.26
CA LEU A 23 -4.01 3.86 -3.62
C LEU A 23 -2.67 4.25 -4.24
N HIS A 24 -1.92 5.09 -3.53
CA HIS A 24 -0.63 5.53 -4.00
C HIS A 24 0.43 5.36 -2.92
N TYR A 25 1.64 5.00 -3.32
CA TYR A 25 2.73 4.79 -2.37
C TYR A 25 3.72 5.95 -2.40
N VAL A 26 4.00 6.49 -1.22
CA VAL A 26 4.93 7.60 -1.09
C VAL A 26 6.18 7.17 -0.32
N THR A 27 7.29 7.03 -1.02
CA THR A 27 8.54 6.63 -0.41
C THR A 27 9.25 7.81 0.24
N VAL A 28 9.21 7.86 1.56
CA VAL A 28 9.86 8.93 2.31
C VAL A 28 11.33 8.62 2.58
N LYS A 29 11.76 7.43 2.15
CA LYS A 29 13.13 6.99 2.33
C LYS A 29 14.14 8.08 1.96
N LYS A 30 15.41 7.82 2.24
CA LYS A 30 16.49 8.75 1.92
C LYS A 30 17.82 8.18 2.37
N PRO A 31 18.34 7.17 1.66
CA PRO A 31 19.61 6.53 2.00
C PRO A 31 20.78 7.51 1.98
N THR A 32 21.34 7.76 3.16
CA THR A 32 22.46 8.68 3.31
C THR A 32 22.77 8.90 4.79
N ALA A 33 21.71 9.02 5.59
CA ALA A 33 21.85 9.24 7.02
C ALA A 33 20.48 9.50 7.66
N VAL A 34 19.60 10.15 6.91
CA VAL A 34 18.26 10.46 7.40
C VAL A 34 17.37 9.22 7.39
N ASP A 35 17.55 8.38 6.39
CA ASP A 35 16.77 7.16 6.26
C ASP A 35 17.60 6.04 5.62
N PRO A 36 18.40 5.33 6.42
CA PRO A 36 19.25 4.24 5.93
C PRO A 36 18.45 3.16 5.20
N ASN A 37 17.15 3.09 5.48
CA ASN A 37 16.30 2.10 4.84
C ASN A 37 15.33 2.76 3.86
N SER A 38 14.62 1.94 3.10
CA SER A 38 13.65 2.44 2.13
C SER A 38 12.26 2.45 2.74
N ILE A 39 11.94 3.52 3.46
CA ILE A 39 10.65 3.66 4.11
C ILE A 39 9.58 4.12 3.13
N VAL A 40 8.45 3.40 3.13
CA VAL A 40 7.33 3.74 2.25
C VAL A 40 6.02 3.73 3.03
N GLU A 41 5.05 4.49 2.54
CA GLU A 41 3.74 4.57 3.18
C GLU A 41 2.62 4.64 2.16
N CYS A 42 1.81 3.60 2.09
CA CYS A 42 0.69 3.54 1.17
C CYS A 42 -0.43 4.48 1.62
N ARG A 43 -0.64 5.56 0.86
CA ARG A 43 -1.68 6.52 1.19
C ARG A 43 -2.87 6.38 0.25
N VAL A 44 -4.07 6.52 0.80
CA VAL A 44 -5.28 6.40 0.00
C VAL A 44 -5.79 7.78 -0.43
N GLY A 45 -6.70 7.79 -1.40
CA GLY A 45 -7.25 9.03 -1.89
C GLY A 45 -8.11 9.73 -0.85
N ASP A 46 -7.45 10.32 0.14
CA ASP A 46 -8.16 11.03 1.21
C ASP A 46 -7.18 11.66 2.19
N GLY A 47 -6.12 10.93 2.50
CA GLY A 47 -5.12 11.43 3.43
C GLY A 47 -4.93 10.52 4.63
N THR A 48 -4.81 9.23 4.37
CA THR A 48 -4.63 8.25 5.44
C THR A 48 -3.84 7.04 4.95
N VAL A 49 -2.71 6.78 5.60
CA VAL A 49 -1.86 5.66 5.23
C VAL A 49 -2.46 4.34 5.71
N LEU A 50 -2.83 3.49 4.77
CA LEU A 50 -3.42 2.20 5.09
C LEU A 50 -2.37 1.09 5.10
N GLY A 51 -1.25 1.32 4.42
CA GLY A 51 -0.20 0.32 4.36
C GLY A 51 1.19 0.91 4.47
N THR A 52 1.78 0.83 5.66
CA THR A 52 3.12 1.36 5.88
C THR A 52 4.11 0.21 6.07
N GLY A 53 5.26 0.31 5.40
CA GLY A 53 6.26 -0.73 5.52
C GLY A 53 7.61 -0.30 5.00
N VAL A 54 8.68 -0.79 5.64
CA VAL A 54 10.03 -0.46 5.25
C VAL A 54 10.61 -1.54 4.34
N GLY A 55 11.68 -1.20 3.64
CA GLY A 55 12.31 -2.16 2.74
C GLY A 55 13.69 -1.72 2.29
N ARG A 56 14.43 -2.65 1.69
CA ARG A 56 15.79 -2.35 1.22
C ARG A 56 15.75 -1.43 -0.01
N ASN A 57 14.67 -1.53 -0.78
CA ASN A 57 14.51 -0.70 -1.97
C ASN A 57 13.05 -0.33 -2.17
N ILE A 58 12.79 0.55 -3.14
CA ILE A 58 11.43 0.99 -3.43
C ILE A 58 10.54 -0.21 -3.79
N LYS A 59 11.13 -1.20 -4.45
CA LYS A 59 10.40 -2.39 -4.86
C LYS A 59 9.98 -3.20 -3.63
N ILE A 60 10.93 -3.47 -2.76
CA ILE A 60 10.66 -4.23 -1.55
C ILE A 60 9.75 -3.46 -0.60
N ALA A 61 10.21 -2.27 -0.21
CA ALA A 61 9.45 -1.42 0.70
C ALA A 61 8.00 -1.30 0.25
N GLY A 62 7.80 -1.31 -1.07
CA GLY A 62 6.45 -1.22 -1.60
C GLY A 62 5.63 -2.45 -1.28
N ILE A 63 6.18 -3.61 -1.58
CA ILE A 63 5.50 -4.88 -1.31
C ILE A 63 5.29 -5.06 0.19
N ARG A 64 6.20 -4.50 0.99
CA ARG A 64 6.12 -4.59 2.44
C ARG A 64 4.99 -3.71 2.96
N ALA A 65 4.89 -2.50 2.42
CA ALA A 65 3.84 -1.58 2.82
C ALA A 65 2.47 -2.15 2.53
N ALA A 66 2.28 -2.63 1.31
CA ALA A 66 1.02 -3.22 0.91
C ALA A 66 0.69 -4.42 1.79
N GLU A 67 1.71 -5.21 2.09
CA GLU A 67 1.55 -6.38 2.94
C GLU A 67 1.05 -5.96 4.32
N ASN A 68 1.53 -4.80 4.77
CA ASN A 68 1.12 -4.26 6.05
C ASN A 68 -0.36 -3.90 6.02
N ALA A 69 -0.83 -3.46 4.86
CA ALA A 69 -2.22 -3.11 4.69
C ALA A 69 -3.08 -4.36 4.51
N LEU A 70 -2.48 -5.39 3.93
CA LEU A 70 -3.16 -6.65 3.71
C LEU A 70 -3.34 -7.42 5.03
N ARG A 71 -2.44 -7.15 5.97
CA ARG A 71 -2.50 -7.81 7.27
C ARG A 71 -3.75 -7.39 8.05
N ASP A 72 -4.08 -6.11 7.98
CA ASP A 72 -5.24 -5.58 8.67
C ASP A 72 -6.53 -6.17 8.11
N LYS A 73 -6.83 -7.41 8.51
CA LYS A 73 -8.02 -8.10 8.05
C LYS A 73 -9.28 -7.28 8.33
N LYS A 74 -9.29 -6.61 9.48
CA LYS A 74 -10.43 -5.78 9.86
C LYS A 74 -10.59 -4.61 8.91
N MET A 75 -9.52 -3.84 8.77
CA MET A 75 -9.53 -2.68 7.89
C MET A 75 -9.78 -3.11 6.44
N LEU A 76 -9.38 -4.32 6.11
CA LEU A 76 -9.58 -4.85 4.76
C LEU A 76 -11.03 -5.30 4.59
N ASP A 77 -11.62 -5.79 5.67
CA ASP A 77 -13.01 -6.23 5.63
C ASP A 77 -13.95 -5.07 5.40
N PHE A 78 -13.60 -3.91 5.97
CA PHE A 78 -14.41 -2.70 5.81
C PHE A 78 -14.41 -2.24 4.36
N TYR A 79 -13.26 -2.35 3.71
CA TYR A 79 -13.12 -1.95 2.31
C TYR A 79 -13.62 -3.06 1.40
N ALA A 80 -13.22 -4.28 1.71
CA ALA A 80 -13.63 -5.43 0.92
C ALA A 80 -15.16 -5.49 0.81
N LYS A 81 -15.84 -4.90 1.79
CA LYS A 81 -17.30 -4.88 1.80
C LYS A 81 -17.83 -3.65 1.05
N GLN A 82 -16.92 -2.78 0.63
CA GLN A 82 -17.28 -1.59 -0.10
C GLN A 82 -16.77 -1.69 -1.54
N ARG A 83 -15.53 -2.14 -1.68
CA ARG A 83 -14.92 -2.31 -3.00
C ARG A 83 -15.63 -3.42 -3.77
N ALA A 84 -15.77 -4.57 -3.14
CA ALA A 84 -16.42 -5.72 -3.75
C ALA A 84 -17.94 -5.50 -3.82
N ALA A 85 -18.46 -4.69 -2.91
CA ALA A 85 -19.88 -4.40 -2.87
C ALA A 85 -20.23 -3.21 -3.77
N ALA A 86 -19.25 -2.35 -4.01
CA ALA A 86 -19.45 -1.17 -4.85
C ALA A 86 -19.92 -1.56 -6.25
N LEU A 87 -19.00 -2.13 -7.02
CA LEU A 87 -19.31 -2.55 -8.39
C LEU A 87 -20.44 -3.58 -8.39
N GLY A 88 -20.53 -4.36 -7.32
CA GLY A 88 -21.56 -5.38 -7.24
C GLY A 88 -21.39 -6.28 -6.03
N MET A 1 9.23 -12.16 -12.01
CA MET A 1 9.93 -10.92 -11.57
C MET A 1 8.99 -10.03 -10.77
N ASP A 2 9.48 -8.86 -10.39
CA ASP A 2 8.69 -7.91 -9.62
C ASP A 2 9.31 -6.51 -9.65
N LYS A 3 8.51 -5.50 -9.37
CA LYS A 3 8.99 -4.12 -9.35
C LYS A 3 7.88 -3.16 -8.96
N LEU A 4 8.17 -2.26 -8.03
CA LEU A 4 7.21 -1.27 -7.57
C LEU A 4 5.98 -1.96 -6.96
N ASP A 5 6.19 -3.15 -6.39
CA ASP A 5 5.11 -3.91 -5.78
C ASP A 5 3.84 -3.89 -6.63
N MET A 6 3.95 -4.43 -7.84
CA MET A 6 2.81 -4.48 -8.76
C MET A 6 1.85 -5.61 -8.41
N ASN A 7 2.19 -6.39 -7.39
CA ASN A 7 1.34 -7.50 -6.97
C ASN A 7 0.64 -7.19 -5.65
N ALA A 8 1.36 -6.54 -4.75
CA ALA A 8 0.80 -6.17 -3.46
C ALA A 8 -0.11 -4.96 -3.60
N LYS A 9 0.19 -4.11 -4.58
CA LYS A 9 -0.61 -2.93 -4.83
C LYS A 9 -1.90 -3.29 -5.57
N ARG A 10 -1.79 -4.26 -6.47
CA ARG A 10 -2.95 -4.70 -7.23
C ARG A 10 -3.92 -5.44 -6.30
N GLN A 11 -3.36 -6.14 -5.33
CA GLN A 11 -4.14 -6.89 -4.36
C GLN A 11 -4.95 -5.92 -3.51
N LEU A 12 -4.27 -4.95 -2.92
CA LEU A 12 -4.92 -3.96 -2.08
C LEU A 12 -5.92 -3.14 -2.87
N TYR A 13 -5.54 -2.77 -4.09
CA TYR A 13 -6.42 -1.99 -4.96
C TYR A 13 -7.60 -2.83 -5.43
N SER A 14 -7.37 -4.13 -5.60
CA SER A 14 -8.42 -5.03 -6.05
C SER A 14 -9.27 -5.53 -4.88
N LEU A 15 -8.85 -5.22 -3.66
CA LEU A 15 -9.58 -5.65 -2.48
C LEU A 15 -10.21 -4.47 -1.73
N ILE A 16 -9.58 -3.31 -1.81
CA ILE A 16 -10.10 -2.13 -1.13
C ILE A 16 -10.17 -0.90 -2.03
N GLY A 17 -9.28 -0.84 -3.02
CA GLY A 17 -9.27 0.30 -3.92
C GLY A 17 -10.42 0.25 -4.91
N TYR A 18 -11.48 1.02 -4.63
CA TYR A 18 -12.65 1.05 -5.50
C TYR A 18 -12.69 2.35 -6.31
N ALA A 19 -12.36 3.47 -5.66
CA ALA A 19 -12.36 4.77 -6.33
C ALA A 19 -11.96 5.87 -5.36
N SER A 20 -12.85 6.22 -4.44
CA SER A 20 -12.59 7.27 -3.47
C SER A 20 -11.27 7.02 -2.75
N LEU A 21 -10.90 5.75 -2.61
CA LEU A 21 -9.66 5.38 -1.95
C LEU A 21 -8.50 5.41 -2.93
N ARG A 22 -8.01 6.61 -3.25
CA ARG A 22 -6.91 6.78 -4.17
C ARG A 22 -5.64 6.13 -3.63
N LEU A 23 -5.54 4.81 -3.80
CA LEU A 23 -4.38 4.07 -3.33
C LEU A 23 -3.12 4.51 -4.08
N HIS A 24 -2.29 5.30 -3.40
CA HIS A 24 -1.05 5.79 -3.99
C HIS A 24 0.13 5.55 -3.06
N TYR A 25 1.29 5.28 -3.66
CA TYR A 25 2.50 5.02 -2.88
C TYR A 25 3.54 6.11 -3.09
N VAL A 26 3.98 6.71 -2.00
CA VAL A 26 4.97 7.77 -2.05
C VAL A 26 6.23 7.37 -1.28
N THR A 27 7.30 7.07 -2.01
CA THR A 27 8.55 6.67 -1.39
C THR A 27 9.35 7.89 -0.95
N VAL A 28 9.99 7.79 0.20
CA VAL A 28 10.79 8.88 0.74
C VAL A 28 12.21 8.41 0.99
N LYS A 29 12.33 7.25 1.63
CA LYS A 29 13.63 6.64 1.94
C LYS A 29 14.71 7.68 2.25
N LYS A 30 15.45 8.09 1.23
CA LYS A 30 16.53 9.07 1.40
C LYS A 30 17.64 8.48 2.25
N PRO A 31 18.26 7.38 1.77
CA PRO A 31 19.35 6.70 2.48
C PRO A 31 20.55 7.62 2.72
N THR A 32 20.81 7.91 3.99
CA THR A 32 21.92 8.77 4.37
C THR A 32 22.32 8.54 5.82
N ALA A 33 21.31 8.48 6.70
CA ALA A 33 21.55 8.25 8.12
C ALA A 33 20.23 8.04 8.85
N VAL A 34 19.22 8.81 8.48
CA VAL A 34 17.91 8.69 9.11
C VAL A 34 17.14 7.49 8.57
N ASP A 35 17.32 7.21 7.29
CA ASP A 35 16.65 6.09 6.64
C ASP A 35 17.67 5.03 6.21
N PRO A 36 17.91 4.02 7.05
CA PRO A 36 18.87 2.94 6.75
C PRO A 36 18.44 2.10 5.56
N ASN A 37 17.19 2.22 5.15
CA ASN A 37 16.67 1.45 4.02
C ASN A 37 15.71 2.28 3.18
N SER A 38 14.88 1.61 2.40
CA SER A 38 13.91 2.30 1.55
C SER A 38 12.54 2.31 2.22
N ILE A 39 12.15 3.46 2.74
CA ILE A 39 10.87 3.60 3.41
C ILE A 39 9.80 4.19 2.47
N VAL A 40 8.67 3.50 2.39
CA VAL A 40 7.57 3.95 1.54
C VAL A 40 6.27 4.06 2.33
N GLU A 41 5.36 4.90 1.84
CA GLU A 41 4.09 5.09 2.52
C GLU A 41 2.94 5.09 1.51
N CYS A 42 1.85 4.42 1.88
CA CYS A 42 0.68 4.33 1.02
C CYS A 42 -0.47 5.18 1.58
N ARG A 43 -0.79 6.27 0.89
CA ARG A 43 -1.85 7.16 1.33
C ARG A 43 -3.07 7.05 0.41
N VAL A 44 -4.25 7.07 1.01
CA VAL A 44 -5.49 6.97 0.25
C VAL A 44 -6.18 8.33 0.16
N GLY A 45 -7.28 8.37 -0.58
CA GLY A 45 -8.03 9.61 -0.73
C GLY A 45 -8.27 10.32 0.59
N ASP A 46 -8.32 11.65 0.54
CA ASP A 46 -8.54 12.46 1.73
C ASP A 46 -7.28 12.59 2.58
N GLY A 47 -6.18 11.98 2.12
CA GLY A 47 -4.92 12.05 2.85
C GLY A 47 -4.91 11.16 4.08
N THR A 48 -4.85 9.85 3.85
CA THR A 48 -4.82 8.89 4.95
C THR A 48 -3.95 7.69 4.61
N VAL A 49 -2.91 7.49 5.42
CA VAL A 49 -1.99 6.38 5.21
C VAL A 49 -2.55 5.08 5.79
N LEU A 50 -2.69 4.07 4.92
CA LEU A 50 -3.22 2.78 5.33
C LEU A 50 -2.16 1.70 5.22
N GLY A 51 -1.10 1.97 4.45
CA GLY A 51 -0.04 0.99 4.29
C GLY A 51 1.35 1.60 4.33
N THR A 52 2.06 1.34 5.43
CA THR A 52 3.42 1.86 5.60
C THR A 52 4.39 0.71 5.87
N GLY A 53 5.55 0.76 5.22
CA GLY A 53 6.53 -0.30 5.41
C GLY A 53 7.87 0.02 4.79
N VAL A 54 8.94 -0.50 5.41
CA VAL A 54 10.29 -0.28 4.92
C VAL A 54 10.74 -1.43 4.04
N GLY A 55 11.80 -1.21 3.26
CA GLY A 55 12.30 -2.25 2.38
C GLY A 55 13.69 -1.94 1.86
N ARG A 56 14.33 -2.93 1.26
CA ARG A 56 15.67 -2.76 0.71
C ARG A 56 15.66 -1.74 -0.43
N ASN A 57 14.54 -1.68 -1.15
CA ASN A 57 14.40 -0.76 -2.26
C ASN A 57 12.93 -0.44 -2.51
N ILE A 58 12.66 0.24 -3.62
CA ILE A 58 11.28 0.59 -3.96
C ILE A 58 10.42 -0.65 -4.16
N LYS A 59 11.03 -1.73 -4.62
CA LYS A 59 10.32 -2.98 -4.85
C LYS A 59 9.89 -3.61 -3.54
N ILE A 60 10.85 -3.79 -2.64
CA ILE A 60 10.57 -4.39 -1.33
C ILE A 60 9.69 -3.47 -0.50
N ALA A 61 10.16 -2.26 -0.29
CA ALA A 61 9.42 -1.28 0.52
C ALA A 61 7.98 -1.18 0.05
N GLY A 62 7.78 -1.21 -1.27
CA GLY A 62 6.45 -1.13 -1.82
C GLY A 62 5.59 -2.32 -1.41
N ILE A 63 6.18 -3.50 -1.43
CA ILE A 63 5.48 -4.72 -1.04
C ILE A 63 5.21 -4.73 0.46
N ARG A 64 6.15 -4.18 1.22
CA ARG A 64 6.01 -4.11 2.67
C ARG A 64 4.89 -3.16 3.06
N ALA A 65 4.83 -2.02 2.40
CA ALA A 65 3.79 -1.03 2.67
C ALA A 65 2.42 -1.61 2.39
N ALA A 66 2.25 -2.17 1.20
CA ALA A 66 0.98 -2.77 0.81
C ALA A 66 0.64 -3.92 1.74
N GLU A 67 1.66 -4.67 2.13
CA GLU A 67 1.49 -5.79 3.04
C GLU A 67 1.01 -5.30 4.40
N ASN A 68 1.52 -4.14 4.81
CA ASN A 68 1.15 -3.55 6.08
C ASN A 68 -0.31 -3.13 6.04
N ALA A 69 -0.77 -2.73 4.86
CA ALA A 69 -2.16 -2.31 4.68
C ALA A 69 -3.07 -3.52 4.52
N LEU A 70 -2.52 -4.58 3.94
CA LEU A 70 -3.28 -5.81 3.72
C LEU A 70 -3.33 -6.64 5.02
N ARG A 71 -2.40 -6.39 5.93
CA ARG A 71 -2.35 -7.10 7.19
C ARG A 71 -3.64 -6.94 7.97
N ASP A 72 -4.08 -5.69 8.10
CA ASP A 72 -5.31 -5.39 8.83
C ASP A 72 -6.51 -6.09 8.21
N LYS A 73 -6.74 -7.33 8.61
CA LYS A 73 -7.85 -8.11 8.09
C LYS A 73 -9.18 -7.42 8.37
N LYS A 74 -9.26 -6.73 9.51
CA LYS A 74 -10.47 -6.02 9.89
C LYS A 74 -10.71 -4.84 8.96
N MET A 75 -9.70 -4.00 8.82
CA MET A 75 -9.79 -2.83 7.96
C MET A 75 -9.95 -3.25 6.51
N LEU A 76 -9.34 -4.38 6.15
CA LEU A 76 -9.42 -4.90 4.80
C LEU A 76 -10.80 -5.48 4.53
N ASP A 77 -11.42 -6.05 5.57
CA ASP A 77 -12.75 -6.63 5.45
C ASP A 77 -13.79 -5.54 5.20
N PHE A 78 -13.62 -4.41 5.88
CA PHE A 78 -14.55 -3.29 5.73
C PHE A 78 -14.55 -2.77 4.30
N TYR A 79 -13.36 -2.73 3.69
CA TYR A 79 -13.22 -2.27 2.32
C TYR A 79 -13.60 -3.38 1.36
N ALA A 80 -13.15 -4.59 1.65
CA ALA A 80 -13.45 -5.74 0.82
C ALA A 80 -14.96 -5.89 0.63
N LYS A 81 -15.72 -5.42 1.62
CA LYS A 81 -17.18 -5.50 1.56
C LYS A 81 -17.75 -4.30 0.82
N GLN A 82 -16.88 -3.37 0.45
CA GLN A 82 -17.29 -2.17 -0.28
C GLN A 82 -16.73 -2.19 -1.68
N ARG A 83 -15.44 -2.52 -1.78
CA ARG A 83 -14.77 -2.59 -3.08
C ARG A 83 -15.33 -3.75 -3.90
N ALA A 84 -15.41 -4.91 -3.27
CA ALA A 84 -15.93 -6.10 -3.93
C ALA A 84 -17.45 -6.03 -4.09
N ALA A 85 -18.09 -5.27 -3.19
CA ALA A 85 -19.53 -5.11 -3.23
C ALA A 85 -19.94 -3.96 -4.14
N ALA A 86 -19.03 -3.00 -4.34
CA ALA A 86 -19.31 -1.86 -5.18
C ALA A 86 -19.45 -2.26 -6.64
N LEU A 87 -18.65 -3.23 -7.07
CA LEU A 87 -18.69 -3.71 -8.44
C LEU A 87 -18.80 -5.23 -8.49
N GLY A 88 -17.88 -5.91 -7.80
CA GLY A 88 -17.90 -7.36 -7.78
C GLY A 88 -17.58 -7.96 -9.12
N MET A 1 3.55 -2.04 -13.37
CA MET A 1 3.85 -3.44 -13.77
C MET A 1 5.06 -3.98 -13.01
N ASP A 2 5.97 -3.07 -12.61
CA ASP A 2 7.16 -3.45 -11.89
C ASP A 2 7.75 -2.26 -11.14
N LYS A 3 8.29 -2.53 -9.94
CA LYS A 3 8.88 -1.49 -9.08
C LYS A 3 7.84 -0.89 -8.15
N LEU A 4 6.59 -0.88 -8.58
CA LEU A 4 5.50 -0.35 -7.77
C LEU A 4 4.79 -1.47 -7.02
N ASP A 5 5.55 -2.50 -6.66
CA ASP A 5 5.00 -3.64 -5.94
C ASP A 5 4.04 -4.42 -6.83
N MET A 6 4.57 -5.06 -7.86
CA MET A 6 3.75 -5.84 -8.79
C MET A 6 3.17 -7.08 -8.12
N ASN A 7 2.39 -6.87 -7.05
CA ASN A 7 1.77 -7.96 -6.32
C ASN A 7 1.01 -7.41 -5.11
N ALA A 8 1.75 -6.95 -4.11
CA ALA A 8 1.14 -6.41 -2.91
C ALA A 8 0.24 -5.23 -3.24
N LYS A 9 0.62 -4.46 -4.26
CA LYS A 9 -0.17 -3.31 -4.69
C LYS A 9 -1.42 -3.77 -5.43
N ARG A 10 -1.30 -4.89 -6.14
CA ARG A 10 -2.42 -5.44 -6.88
C ARG A 10 -3.44 -6.02 -5.91
N GLN A 11 -2.95 -6.53 -4.79
CA GLN A 11 -3.82 -7.11 -3.77
C GLN A 11 -4.69 -6.03 -3.16
N LEU A 12 -4.06 -4.95 -2.71
CA LEU A 12 -4.77 -3.84 -2.09
C LEU A 12 -5.75 -3.21 -3.08
N TYR A 13 -5.31 -3.05 -4.31
CA TYR A 13 -6.15 -2.46 -5.34
C TYR A 13 -7.26 -3.41 -5.76
N SER A 14 -7.00 -4.70 -5.64
CA SER A 14 -7.98 -5.71 -6.01
C SER A 14 -8.88 -6.07 -4.83
N LEU A 15 -8.57 -5.53 -3.65
CA LEU A 15 -9.37 -5.81 -2.46
C LEU A 15 -9.97 -4.55 -1.86
N ILE A 16 -9.33 -3.40 -2.07
CA ILE A 16 -9.85 -2.15 -1.53
C ILE A 16 -9.83 -1.00 -2.54
N GLY A 17 -8.89 -1.05 -3.47
CA GLY A 17 -8.79 0.00 -4.48
C GLY A 17 -9.97 -0.02 -5.45
N TYR A 18 -10.92 0.88 -5.22
CA TYR A 18 -12.09 0.98 -6.08
C TYR A 18 -12.16 2.33 -6.78
N ALA A 19 -11.04 2.74 -7.37
CA ALA A 19 -10.97 4.01 -8.08
C ALA A 19 -10.96 5.18 -7.11
N SER A 20 -12.06 5.33 -6.36
CA SER A 20 -12.19 6.41 -5.38
C SER A 20 -10.97 6.47 -4.46
N LEU A 21 -10.39 5.31 -4.17
CA LEU A 21 -9.23 5.23 -3.30
C LEU A 21 -7.95 5.12 -4.13
N ARG A 22 -7.38 6.28 -4.47
CA ARG A 22 -6.16 6.32 -5.27
C ARG A 22 -4.99 5.71 -4.50
N LEU A 23 -4.92 4.38 -4.49
CA LEU A 23 -3.85 3.68 -3.79
C LEU A 23 -2.48 4.07 -4.36
N HIS A 24 -1.73 4.84 -3.59
CA HIS A 24 -0.41 5.28 -4.02
C HIS A 24 0.61 5.06 -2.91
N TYR A 25 1.87 4.87 -3.30
CA TYR A 25 2.95 4.66 -2.34
C TYR A 25 3.95 5.79 -2.38
N VAL A 26 4.27 6.33 -1.21
CA VAL A 26 5.21 7.43 -1.10
C VAL A 26 6.36 7.06 -0.16
N THR A 27 7.58 7.11 -0.68
CA THR A 27 8.76 6.79 0.10
C THR A 27 9.24 8.01 0.89
N VAL A 28 9.09 7.95 2.21
CA VAL A 28 9.49 9.06 3.07
C VAL A 28 11.01 9.10 3.24
N LYS A 29 11.67 7.97 3.04
CA LYS A 29 13.12 7.90 3.18
C LYS A 29 13.75 7.10 2.03
N LYS A 30 15.06 6.91 2.11
CA LYS A 30 15.79 6.17 1.09
C LYS A 30 17.24 5.95 1.53
N PRO A 31 17.83 4.80 1.18
CA PRO A 31 19.21 4.47 1.54
C PRO A 31 20.21 5.44 0.92
N THR A 32 20.91 6.18 1.77
CA THR A 32 21.90 7.16 1.30
C THR A 32 22.91 7.47 2.39
N ALA A 33 22.44 8.00 3.51
CA ALA A 33 23.30 8.34 4.64
C ALA A 33 22.48 8.79 5.84
N VAL A 34 21.44 9.57 5.58
CA VAL A 34 20.58 10.08 6.64
C VAL A 34 19.53 9.04 7.04
N ASP A 35 19.17 8.19 6.09
CA ASP A 35 18.18 7.15 6.34
C ASP A 35 18.84 5.77 6.35
N PRO A 36 18.33 4.86 7.20
CA PRO A 36 18.88 3.50 7.32
C PRO A 36 18.42 2.59 6.16
N ASN A 37 17.18 2.76 5.75
CA ASN A 37 16.63 1.95 4.66
C ASN A 37 15.61 2.75 3.85
N SER A 38 14.83 2.05 3.04
CA SER A 38 13.81 2.70 2.22
C SER A 38 12.43 2.56 2.86
N ILE A 39 12.03 3.58 3.61
CA ILE A 39 10.74 3.58 4.28
C ILE A 39 9.64 4.10 3.36
N VAL A 40 8.59 3.30 3.19
CA VAL A 40 7.47 3.68 2.34
C VAL A 40 6.15 3.58 3.08
N GLU A 41 5.16 4.34 2.61
CA GLU A 41 3.84 4.34 3.23
C GLU A 41 2.74 4.48 2.19
N CYS A 42 1.90 3.46 2.08
CA CYS A 42 0.80 3.47 1.13
C CYS A 42 -0.27 4.46 1.57
N ARG A 43 -0.44 5.53 0.79
CA ARG A 43 -1.42 6.55 1.09
C ARG A 43 -2.56 6.52 0.07
N VAL A 44 -3.78 6.71 0.56
CA VAL A 44 -4.95 6.71 -0.30
C VAL A 44 -5.21 8.10 -0.88
N GLY A 45 -6.16 8.19 -1.81
CA GLY A 45 -6.49 9.46 -2.43
C GLY A 45 -6.85 10.52 -1.41
N ASP A 46 -7.70 10.17 -0.45
CA ASP A 46 -8.12 11.10 0.58
C ASP A 46 -6.93 11.64 1.37
N GLY A 47 -5.85 10.86 1.40
CA GLY A 47 -4.66 11.28 2.12
C GLY A 47 -4.53 10.59 3.48
N THR A 48 -4.70 9.27 3.48
CA THR A 48 -4.60 8.50 4.71
C THR A 48 -3.80 7.23 4.50
N VAL A 49 -2.64 7.15 5.15
CA VAL A 49 -1.77 5.98 5.03
C VAL A 49 -2.46 4.74 5.60
N LEU A 50 -2.65 3.74 4.74
CA LEU A 50 -3.30 2.50 5.15
C LEU A 50 -2.27 1.40 5.40
N GLY A 51 -1.07 1.56 4.82
CA GLY A 51 -0.03 0.57 4.99
C GLY A 51 1.36 1.17 5.03
N THR A 52 2.08 0.90 6.11
CA THR A 52 3.43 1.41 6.27
C THR A 52 4.43 0.27 6.43
N GLY A 53 5.57 0.37 5.75
CA GLY A 53 6.58 -0.67 5.83
C GLY A 53 7.88 -0.28 5.14
N VAL A 54 9.00 -0.61 5.78
CA VAL A 54 10.30 -0.28 5.23
C VAL A 54 10.78 -1.38 4.29
N GLY A 55 11.95 -1.15 3.69
CA GLY A 55 12.52 -2.12 2.78
C GLY A 55 13.86 -1.69 2.25
N ARG A 56 14.57 -2.60 1.59
CA ARG A 56 15.88 -2.30 1.02
C ARG A 56 15.76 -1.36 -0.17
N ASN A 57 14.67 -1.49 -0.91
CA ASN A 57 14.43 -0.65 -2.08
C ASN A 57 12.97 -0.22 -2.15
N ILE A 58 12.58 0.37 -3.28
CA ILE A 58 11.21 0.82 -3.47
C ILE A 58 10.26 -0.36 -3.69
N LYS A 59 10.78 -1.41 -4.33
CA LYS A 59 9.99 -2.61 -4.61
C LYS A 59 9.71 -3.37 -3.32
N ILE A 60 10.73 -3.49 -2.48
CA ILE A 60 10.60 -4.21 -1.21
C ILE A 60 9.73 -3.43 -0.23
N ALA A 61 10.20 -2.22 0.13
CA ALA A 61 9.48 -1.37 1.05
C ALA A 61 8.01 -1.24 0.66
N GLY A 62 7.76 -1.22 -0.65
CA GLY A 62 6.40 -1.11 -1.14
C GLY A 62 5.59 -2.35 -0.81
N ILE A 63 6.18 -3.52 -1.02
CA ILE A 63 5.51 -4.77 -0.75
C ILE A 63 5.30 -4.95 0.76
N ARG A 64 6.25 -4.43 1.54
CA ARG A 64 6.17 -4.52 2.99
C ARG A 64 5.03 -3.65 3.52
N ALA A 65 4.95 -2.43 3.01
CA ALA A 65 3.90 -1.50 3.41
C ALA A 65 2.53 -2.08 3.10
N ALA A 66 2.37 -2.54 1.86
CA ALA A 66 1.11 -3.13 1.44
C ALA A 66 0.73 -4.31 2.32
N GLU A 67 1.74 -5.11 2.67
CA GLU A 67 1.54 -6.27 3.53
C GLU A 67 1.00 -5.82 4.87
N ASN A 68 1.45 -4.66 5.33
CA ASN A 68 1.01 -4.09 6.59
C ASN A 68 -0.48 -3.77 6.52
N ALA A 69 -0.91 -3.31 5.35
CA ALA A 69 -2.32 -2.98 5.12
C ALA A 69 -3.16 -4.24 5.06
N LEU A 70 -2.55 -5.35 4.64
CA LEU A 70 -3.25 -6.62 4.54
C LEU A 70 -3.53 -7.20 5.92
N ARG A 71 -2.62 -6.94 6.86
CA ARG A 71 -2.78 -7.43 8.23
C ARG A 71 -4.10 -6.97 8.82
N ASP A 72 -4.41 -5.70 8.64
CA ASP A 72 -5.64 -5.13 9.15
C ASP A 72 -6.85 -5.75 8.46
N LYS A 73 -7.24 -6.95 8.92
CA LYS A 73 -8.38 -7.65 8.34
C LYS A 73 -9.64 -6.80 8.40
N LYS A 74 -9.81 -6.08 9.51
CA LYS A 74 -10.97 -5.23 9.69
C LYS A 74 -11.01 -4.15 8.62
N MET A 75 -9.98 -3.32 8.59
CA MET A 75 -9.87 -2.25 7.60
C MET A 75 -10.02 -2.80 6.20
N LEU A 76 -9.60 -4.05 6.01
CA LEU A 76 -9.70 -4.70 4.71
C LEU A 76 -11.11 -5.19 4.46
N ASP A 77 -11.80 -5.55 5.54
CA ASP A 77 -13.18 -6.02 5.44
C ASP A 77 -14.11 -4.88 5.05
N PHE A 78 -13.81 -3.69 5.57
CA PHE A 78 -14.62 -2.51 5.27
C PHE A 78 -14.52 -2.16 3.79
N TYR A 79 -13.32 -2.25 3.24
CA TYR A 79 -13.09 -1.94 1.84
C TYR A 79 -13.45 -3.14 0.97
N ALA A 80 -13.04 -4.32 1.41
CA ALA A 80 -13.35 -5.53 0.67
C ALA A 80 -14.84 -5.67 0.44
N LYS A 81 -15.63 -5.06 1.32
CA LYS A 81 -17.09 -5.10 1.20
C LYS A 81 -17.59 -3.98 0.30
N GLN A 82 -16.69 -3.10 -0.11
CA GLN A 82 -17.03 -1.98 -0.97
C GLN A 82 -16.39 -2.16 -2.34
N ARG A 83 -15.11 -2.55 -2.33
CA ARG A 83 -14.38 -2.77 -3.57
C ARG A 83 -14.92 -3.99 -4.30
N ALA A 84 -15.06 -5.09 -3.56
CA ALA A 84 -15.58 -6.32 -4.12
C ALA A 84 -17.08 -6.22 -4.37
N ALA A 85 -17.75 -5.38 -3.58
CA ALA A 85 -19.19 -5.18 -3.71
C ALA A 85 -19.52 -4.12 -4.76
N ALA A 86 -18.56 -3.22 -5.01
CA ALA A 86 -18.76 -2.16 -5.98
C ALA A 86 -18.91 -2.72 -7.39
N LEU A 87 -18.12 -3.75 -7.69
CA LEU A 87 -18.16 -4.39 -9.01
C LEU A 87 -19.02 -5.64 -8.97
N GLY A 88 -18.81 -6.48 -7.96
CA GLY A 88 -19.57 -7.71 -7.84
C GLY A 88 -20.34 -7.78 -6.53
N MET A 1 13.24 -9.26 -8.54
CA MET A 1 12.33 -9.71 -9.63
C MET A 1 11.29 -8.64 -9.97
N ASP A 2 10.35 -8.42 -9.06
CA ASP A 2 9.31 -7.43 -9.27
C ASP A 2 9.88 -6.02 -9.16
N LYS A 3 9.00 -5.02 -9.24
CA LYS A 3 9.42 -3.62 -9.15
C LYS A 3 8.21 -2.70 -8.99
N LEU A 4 8.40 -1.62 -8.25
CA LEU A 4 7.31 -0.66 -8.02
C LEU A 4 6.14 -1.31 -7.30
N ASP A 5 6.40 -2.43 -6.62
CA ASP A 5 5.36 -3.15 -5.89
C ASP A 5 4.06 -3.24 -6.70
N MET A 6 4.20 -3.50 -7.99
CA MET A 6 3.04 -3.60 -8.87
C MET A 6 2.11 -4.73 -8.44
N ASN A 7 2.62 -5.65 -7.64
CA ASN A 7 1.82 -6.78 -7.16
C ASN A 7 0.98 -6.38 -5.95
N ALA A 8 1.61 -6.28 -4.79
CA ALA A 8 0.92 -5.92 -3.56
C ALA A 8 0.06 -4.67 -3.76
N LYS A 9 0.46 -3.83 -4.70
CA LYS A 9 -0.28 -2.60 -4.98
C LYS A 9 -1.57 -2.92 -5.72
N ARG A 10 -1.49 -3.81 -6.70
CA ARG A 10 -2.66 -4.20 -7.47
C ARG A 10 -3.64 -4.96 -6.58
N GLN A 11 -3.10 -5.65 -5.59
CA GLN A 11 -3.91 -6.42 -4.66
C GLN A 11 -4.80 -5.49 -3.85
N LEU A 12 -4.20 -4.45 -3.26
CA LEU A 12 -4.94 -3.49 -2.47
C LEU A 12 -6.03 -2.82 -3.29
N TYR A 13 -5.67 -2.38 -4.49
CA TYR A 13 -6.63 -1.73 -5.37
C TYR A 13 -7.75 -2.70 -5.76
N SER A 14 -7.42 -3.99 -5.76
CA SER A 14 -8.39 -5.02 -6.10
C SER A 14 -9.10 -5.54 -4.85
N LEU A 15 -8.55 -5.23 -3.67
CA LEU A 15 -9.14 -5.68 -2.42
C LEU A 15 -9.82 -4.53 -1.67
N ILE A 16 -9.53 -3.29 -2.06
CA ILE A 16 -10.13 -2.14 -1.38
C ILE A 16 -10.32 -0.95 -2.31
N GLY A 17 -9.40 -0.77 -3.25
CA GLY A 17 -9.49 0.35 -4.17
C GLY A 17 -10.67 0.22 -5.13
N TYR A 18 -11.71 1.02 -4.88
CA TYR A 18 -12.91 0.99 -5.74
C TYR A 18 -13.00 2.26 -6.59
N ALA A 19 -12.60 3.39 -6.00
CA ALA A 19 -12.65 4.66 -6.69
C ALA A 19 -12.15 5.79 -5.79
N SER A 20 -12.96 6.18 -4.82
CA SER A 20 -12.60 7.24 -3.89
C SER A 20 -11.28 6.91 -3.20
N LEU A 21 -11.00 5.62 -3.04
CA LEU A 21 -9.78 5.16 -2.40
C LEU A 21 -8.60 5.25 -3.37
N ARG A 22 -8.11 6.47 -3.59
CA ARG A 22 -6.99 6.68 -4.49
C ARG A 22 -5.71 6.05 -3.92
N LEU A 23 -5.62 4.73 -4.03
CA LEU A 23 -4.45 4.02 -3.52
C LEU A 23 -3.17 4.54 -4.15
N HIS A 24 -2.46 5.39 -3.42
CA HIS A 24 -1.21 5.96 -3.89
C HIS A 24 -0.08 5.69 -2.90
N TYR A 25 1.09 5.36 -3.42
CA TYR A 25 2.25 5.07 -2.59
C TYR A 25 3.30 6.17 -2.70
N VAL A 26 3.61 6.78 -1.56
CA VAL A 26 4.60 7.85 -1.51
C VAL A 26 5.88 7.37 -0.84
N THR A 27 6.89 7.06 -1.65
CA THR A 27 8.16 6.58 -1.14
C THR A 27 9.02 7.75 -0.69
N VAL A 28 9.51 7.69 0.55
CA VAL A 28 10.35 8.75 1.10
C VAL A 28 11.80 8.33 1.13
N LYS A 29 12.05 7.14 1.67
CA LYS A 29 13.40 6.59 1.77
C LYS A 29 14.43 7.65 2.20
N LYS A 30 15.03 8.33 1.24
CA LYS A 30 16.01 9.36 1.53
C LYS A 30 17.18 8.79 2.32
N PRO A 31 17.91 7.83 1.74
CA PRO A 31 19.05 7.19 2.40
C PRO A 31 20.30 8.07 2.39
N THR A 32 20.74 8.47 3.58
CA THR A 32 21.92 9.30 3.72
C THR A 32 23.14 8.45 4.11
N ALA A 33 24.16 9.10 4.65
CA ALA A 33 25.37 8.41 5.07
C ALA A 33 25.04 7.19 5.94
N VAL A 34 23.91 7.25 6.63
CA VAL A 34 23.47 6.16 7.48
C VAL A 34 22.57 5.19 6.73
N ASP A 35 21.97 5.66 5.65
CA ASP A 35 21.08 4.83 4.83
C ASP A 35 20.11 4.03 5.69
N PRO A 36 19.17 4.72 6.35
CA PRO A 36 18.17 4.05 7.19
C PRO A 36 17.48 2.93 6.44
N ASN A 37 16.63 3.28 5.48
CA ASN A 37 15.92 2.29 4.67
C ASN A 37 14.93 2.95 3.73
N SER A 38 14.28 2.13 2.91
CA SER A 38 13.30 2.62 1.96
C SER A 38 11.91 2.56 2.59
N ILE A 39 11.47 3.70 3.12
CA ILE A 39 10.18 3.78 3.77
C ILE A 39 9.10 4.29 2.81
N VAL A 40 8.01 3.55 2.71
CA VAL A 40 6.91 3.92 1.84
C VAL A 40 5.60 3.99 2.61
N GLU A 41 4.73 4.92 2.23
CA GLU A 41 3.45 5.09 2.89
C GLU A 41 2.31 5.13 1.88
N CYS A 42 1.38 4.20 2.01
CA CYS A 42 0.23 4.12 1.12
C CYS A 42 -0.90 5.00 1.63
N ARG A 43 -1.21 6.06 0.89
CA ARG A 43 -2.27 6.97 1.29
C ARG A 43 -3.49 6.80 0.39
N VAL A 44 -4.67 6.87 0.99
CA VAL A 44 -5.91 6.73 0.23
C VAL A 44 -6.45 8.09 -0.18
N GLY A 45 -7.51 8.08 -0.97
CA GLY A 45 -8.11 9.32 -1.43
C GLY A 45 -8.84 10.06 -0.32
N ASP A 46 -8.12 10.42 0.73
CA ASP A 46 -8.71 11.14 1.86
C ASP A 46 -7.66 11.56 2.88
N GLY A 47 -6.43 11.75 2.40
CA GLY A 47 -5.35 12.16 3.30
C GLY A 47 -5.17 11.22 4.47
N THR A 48 -5.04 9.93 4.18
CA THR A 48 -4.87 8.93 5.22
C THR A 48 -4.01 7.77 4.74
N VAL A 49 -3.00 7.42 5.53
CA VAL A 49 -2.11 6.32 5.19
C VAL A 49 -2.62 5.00 5.77
N LEU A 50 -2.96 4.08 4.88
CA LEU A 50 -3.48 2.77 5.29
C LEU A 50 -2.40 1.70 5.22
N GLY A 51 -1.36 1.95 4.45
CA GLY A 51 -0.29 0.98 4.32
C GLY A 51 1.09 1.59 4.47
N THR A 52 1.65 1.51 5.68
CA THR A 52 2.97 2.05 5.95
C THR A 52 3.96 0.93 6.22
N GLY A 53 4.93 0.77 5.33
CA GLY A 53 5.93 -0.26 5.50
C GLY A 53 7.26 0.08 4.87
N VAL A 54 8.34 -0.30 5.54
CA VAL A 54 9.69 -0.02 5.04
C VAL A 54 10.20 -1.16 4.16
N GLY A 55 11.41 -0.99 3.67
CA GLY A 55 12.02 -1.98 2.82
C GLY A 55 13.40 -1.59 2.36
N ARG A 56 14.06 -2.47 1.61
CA ARG A 56 15.39 -2.21 1.10
C ARG A 56 15.34 -1.20 -0.05
N ASN A 57 14.25 -1.25 -0.81
CA ASN A 57 14.06 -0.34 -1.93
C ASN A 57 12.57 -0.14 -2.20
N ILE A 58 12.26 0.64 -3.25
CA ILE A 58 10.87 0.92 -3.61
C ILE A 58 10.09 -0.37 -3.84
N LYS A 59 10.77 -1.40 -4.35
CA LYS A 59 10.13 -2.68 -4.62
C LYS A 59 9.68 -3.35 -3.34
N ILE A 60 10.62 -3.55 -2.42
CA ILE A 60 10.34 -4.17 -1.14
C ILE A 60 9.43 -3.29 -0.29
N ALA A 61 9.86 -2.05 -0.08
CA ALA A 61 9.10 -1.10 0.73
C ALA A 61 7.66 -1.02 0.24
N GLY A 62 7.48 -0.98 -1.07
CA GLY A 62 6.15 -0.90 -1.65
C GLY A 62 5.30 -2.09 -1.27
N ILE A 63 5.88 -3.28 -1.35
CA ILE A 63 5.18 -4.50 -1.00
C ILE A 63 4.95 -4.57 0.51
N ARG A 64 5.89 -4.02 1.27
CA ARG A 64 5.78 -4.01 2.72
C ARG A 64 4.64 -3.12 3.17
N ALA A 65 4.53 -1.95 2.55
CA ALA A 65 3.47 -1.00 2.88
C ALA A 65 2.11 -1.59 2.55
N ALA A 66 2.00 -2.16 1.36
CA ALA A 66 0.76 -2.78 0.93
C ALA A 66 0.42 -3.96 1.82
N GLU A 67 1.44 -4.75 2.15
CA GLU A 67 1.25 -5.90 3.02
C GLU A 67 0.76 -5.46 4.38
N ASN A 68 1.23 -4.31 4.83
CA ASN A 68 0.84 -3.76 6.12
C ASN A 68 -0.64 -3.40 6.09
N ALA A 69 -1.11 -2.97 4.92
CA ALA A 69 -2.51 -2.61 4.74
C ALA A 69 -3.40 -3.85 4.75
N LEU A 70 -2.88 -4.95 4.22
CA LEU A 70 -3.61 -6.20 4.16
C LEU A 70 -3.67 -6.86 5.54
N ARG A 71 -2.65 -6.60 6.36
CA ARG A 71 -2.60 -7.16 7.70
C ARG A 71 -3.86 -6.84 8.48
N ASP A 72 -4.37 -5.63 8.28
CA ASP A 72 -5.59 -5.19 8.96
C ASP A 72 -6.82 -5.88 8.36
N LYS A 73 -7.05 -7.12 8.78
CA LYS A 73 -8.18 -7.90 8.27
C LYS A 73 -9.50 -7.15 8.48
N LYS A 74 -9.59 -6.42 9.60
CA LYS A 74 -10.79 -5.66 9.90
C LYS A 74 -10.95 -4.50 8.93
N MET A 75 -9.88 -3.72 8.78
CA MET A 75 -9.89 -2.58 7.88
C MET A 75 -9.99 -3.04 6.43
N LEU A 76 -9.39 -4.19 6.14
CA LEU A 76 -9.41 -4.74 4.79
C LEU A 76 -10.78 -5.34 4.48
N ASP A 77 -11.43 -5.88 5.52
CA ASP A 77 -12.76 -6.48 5.35
C ASP A 77 -13.80 -5.40 5.07
N PHE A 78 -13.61 -4.24 5.70
CA PHE A 78 -14.53 -3.12 5.52
C PHE A 78 -14.53 -2.64 4.07
N TYR A 79 -13.35 -2.67 3.46
CA TYR A 79 -13.20 -2.24 2.07
C TYR A 79 -13.56 -3.38 1.14
N ALA A 80 -13.09 -4.57 1.45
CA ALA A 80 -13.39 -5.74 0.64
C ALA A 80 -14.90 -5.92 0.49
N LYS A 81 -15.64 -5.47 1.50
CA LYS A 81 -17.09 -5.57 1.49
C LYS A 81 -17.69 -4.36 0.77
N GLN A 82 -16.83 -3.46 0.30
CA GLN A 82 -17.26 -2.27 -0.41
C GLN A 82 -16.77 -2.30 -1.85
N ARG A 83 -15.48 -2.59 -2.01
CA ARG A 83 -14.89 -2.67 -3.35
C ARG A 83 -15.44 -3.87 -4.12
N ALA A 84 -15.68 -4.96 -3.40
CA ALA A 84 -16.21 -6.17 -4.00
C ALA A 84 -17.73 -6.12 -4.05
N ALA A 85 -18.32 -5.31 -3.18
CA ALA A 85 -19.76 -5.17 -3.12
C ALA A 85 -20.24 -4.03 -4.02
N ALA A 86 -19.34 -3.08 -4.29
CA ALA A 86 -19.68 -1.94 -5.14
C ALA A 86 -19.35 -2.21 -6.60
N LEU A 87 -18.10 -2.61 -6.84
CA LEU A 87 -17.65 -2.91 -8.20
C LEU A 87 -17.97 -4.35 -8.58
N GLY A 88 -17.59 -5.28 -7.71
CA GLY A 88 -17.84 -6.69 -7.98
C GLY A 88 -16.59 -7.45 -8.34
N MET A 1 8.23 -10.26 -13.13
CA MET A 1 8.83 -9.83 -11.84
C MET A 1 8.00 -8.72 -11.21
N ASP A 2 8.04 -8.65 -9.88
CA ASP A 2 7.29 -7.62 -9.15
C ASP A 2 8.23 -6.52 -8.66
N LYS A 3 8.14 -5.36 -9.28
CA LYS A 3 8.97 -4.21 -8.91
C LYS A 3 8.12 -3.05 -8.42
N LEU A 4 6.96 -2.88 -9.05
CA LEU A 4 6.05 -1.80 -8.68
C LEU A 4 4.86 -2.35 -7.90
N ASP A 5 5.11 -3.38 -7.10
CA ASP A 5 4.05 -3.99 -6.30
C ASP A 5 2.95 -4.54 -7.20
N MET A 6 3.35 -5.02 -8.38
CA MET A 6 2.40 -5.57 -9.35
C MET A 6 1.40 -6.53 -8.69
N ASN A 7 1.79 -7.12 -7.56
CA ASN A 7 0.91 -8.05 -6.86
C ASN A 7 0.32 -7.44 -5.60
N ALA A 8 1.18 -6.85 -4.78
CA ALA A 8 0.74 -6.23 -3.53
C ALA A 8 -0.13 -5.01 -3.78
N LYS A 9 0.18 -4.27 -4.85
CA LYS A 9 -0.59 -3.08 -5.19
C LYS A 9 -1.91 -3.46 -5.84
N ARG A 10 -1.90 -4.54 -6.62
CA ARG A 10 -3.12 -4.99 -7.27
C ARG A 10 -4.07 -5.58 -6.25
N GLN A 11 -3.51 -6.18 -5.21
CA GLN A 11 -4.30 -6.77 -4.13
C GLN A 11 -5.12 -5.71 -3.42
N LEU A 12 -4.46 -4.64 -3.01
CA LEU A 12 -5.14 -3.55 -2.31
C LEU A 12 -6.21 -2.91 -3.19
N TYR A 13 -5.85 -2.66 -4.44
CA TYR A 13 -6.78 -2.05 -5.38
C TYR A 13 -7.88 -3.01 -5.77
N SER A 14 -7.60 -4.31 -5.67
CA SER A 14 -8.58 -5.33 -6.01
C SER A 14 -9.38 -5.77 -4.79
N LEU A 15 -9.02 -5.27 -3.61
CA LEU A 15 -9.71 -5.63 -2.38
C LEU A 15 -10.28 -4.40 -1.65
N ILE A 16 -9.71 -3.23 -1.92
CA ILE A 16 -10.18 -2.02 -1.25
C ILE A 16 -10.27 -0.82 -2.20
N GLY A 17 -9.38 -0.77 -3.19
CA GLY A 17 -9.40 0.33 -4.15
C GLY A 17 -10.60 0.27 -5.07
N TYR A 18 -11.65 1.00 -4.73
CA TYR A 18 -12.86 1.02 -5.55
C TYR A 18 -12.92 2.27 -6.42
N ALA A 19 -12.47 3.40 -5.87
CA ALA A 19 -12.48 4.65 -6.60
C ALA A 19 -11.95 5.80 -5.74
N SER A 20 -12.76 6.22 -4.76
CA SER A 20 -12.38 7.31 -3.87
C SER A 20 -11.05 7.01 -3.18
N LEU A 21 -10.74 5.74 -3.01
CA LEU A 21 -9.50 5.33 -2.36
C LEU A 21 -8.38 5.21 -3.38
N ARG A 22 -7.91 6.35 -3.87
CA ARG A 22 -6.83 6.37 -4.86
C ARG A 22 -5.54 5.81 -4.26
N LEU A 23 -5.43 4.49 -4.22
CA LEU A 23 -4.26 3.82 -3.67
C LEU A 23 -2.97 4.35 -4.33
N HIS A 24 -2.16 5.05 -3.55
CA HIS A 24 -0.92 5.60 -4.05
C HIS A 24 0.22 5.38 -3.05
N TYR A 25 1.43 5.18 -3.55
CA TYR A 25 2.59 4.95 -2.70
C TYR A 25 3.60 6.09 -2.83
N VAL A 26 3.96 6.67 -1.70
CA VAL A 26 4.93 7.76 -1.68
C VAL A 26 6.25 7.31 -1.05
N THR A 27 7.18 6.92 -1.90
CA THR A 27 8.50 6.46 -1.44
C THR A 27 9.36 7.65 -1.04
N VAL A 28 9.98 7.56 0.13
CA VAL A 28 10.83 8.64 0.61
C VAL A 28 12.25 8.14 0.83
N LYS A 29 12.38 7.11 1.65
CA LYS A 29 13.68 6.51 1.95
C LYS A 29 14.64 7.52 2.57
N LYS A 30 15.20 8.40 1.75
CA LYS A 30 16.15 9.41 2.22
C LYS A 30 17.24 8.75 3.05
N PRO A 31 17.99 7.81 2.43
CA PRO A 31 19.07 7.10 3.12
C PRO A 31 20.12 8.04 3.69
N THR A 32 20.17 8.10 5.01
CA THR A 32 21.12 8.96 5.71
C THR A 32 21.30 8.49 7.15
N ALA A 33 20.20 8.41 7.88
CA ALA A 33 20.23 7.97 9.28
C ALA A 33 18.86 7.53 9.75
N VAL A 34 17.88 8.42 9.62
CA VAL A 34 16.51 8.14 10.03
C VAL A 34 15.95 6.95 9.28
N ASP A 35 16.28 6.85 8.00
CA ASP A 35 15.81 5.75 7.15
C ASP A 35 16.95 5.19 6.32
N PRO A 36 17.71 4.22 6.88
CA PRO A 36 18.84 3.60 6.20
C PRO A 36 18.42 2.73 5.02
N ASN A 37 17.12 2.48 4.90
CA ASN A 37 16.59 1.65 3.82
C ASN A 37 15.59 2.43 2.97
N SER A 38 14.82 1.71 2.16
CA SER A 38 13.82 2.32 1.31
C SER A 38 12.45 2.25 1.97
N ILE A 39 12.03 3.35 2.57
CA ILE A 39 10.75 3.41 3.26
C ILE A 39 9.70 4.12 2.41
N VAL A 40 8.56 3.46 2.22
CA VAL A 40 7.48 4.01 1.44
C VAL A 40 6.17 4.00 2.23
N GLU A 41 5.25 4.86 1.85
CA GLU A 41 3.97 4.95 2.53
C GLU A 41 2.81 4.92 1.54
N CYS A 42 1.83 4.06 1.81
CA CYS A 42 0.66 3.94 0.96
C CYS A 42 -0.44 4.88 1.43
N ARG A 43 -0.65 5.96 0.68
CA ARG A 43 -1.68 6.93 1.03
C ARG A 43 -2.85 6.85 0.07
N VAL A 44 -4.06 6.97 0.62
CA VAL A 44 -5.26 6.90 -0.19
C VAL A 44 -5.61 8.27 -0.77
N GLY A 45 -6.56 8.29 -1.70
CA GLY A 45 -6.97 9.54 -2.31
C GLY A 45 -7.59 10.52 -1.32
N ASP A 46 -8.07 9.98 -0.20
CA ASP A 46 -8.69 10.82 0.83
C ASP A 46 -7.64 11.53 1.68
N GLY A 47 -6.45 10.94 1.74
CA GLY A 47 -5.36 11.52 2.52
C GLY A 47 -5.14 10.80 3.83
N THR A 48 -4.92 9.49 3.75
CA THR A 48 -4.69 8.68 4.94
C THR A 48 -3.86 7.44 4.60
N VAL A 49 -2.70 7.33 5.23
CA VAL A 49 -1.81 6.19 4.99
C VAL A 49 -2.40 4.90 5.56
N LEU A 50 -2.62 3.92 4.68
CA LEU A 50 -3.19 2.65 5.10
C LEU A 50 -2.12 1.56 5.14
N GLY A 51 -1.02 1.78 4.43
CA GLY A 51 0.04 0.79 4.40
C GLY A 51 1.42 1.40 4.33
N THR A 52 2.18 1.29 5.42
CA THR A 52 3.53 1.83 5.49
C THR A 52 4.52 0.73 5.84
N GLY A 53 5.61 0.64 5.08
CA GLY A 53 6.62 -0.38 5.34
C GLY A 53 7.97 -0.04 4.73
N VAL A 54 9.02 -0.61 5.29
CA VAL A 54 10.38 -0.38 4.82
C VAL A 54 10.81 -1.50 3.87
N GLY A 55 11.85 -1.24 3.09
CA GLY A 55 12.35 -2.22 2.15
C GLY A 55 13.71 -1.88 1.59
N ARG A 56 14.41 -2.88 1.09
CA ARG A 56 15.74 -2.68 0.52
C ARG A 56 15.70 -1.63 -0.58
N ASN A 57 14.58 -1.55 -1.27
CA ASN A 57 14.41 -0.58 -2.36
C ASN A 57 12.93 -0.29 -2.58
N ILE A 58 12.65 0.61 -3.53
CA ILE A 58 11.28 0.99 -3.83
C ILE A 58 10.39 -0.22 -4.10
N LYS A 59 11.00 -1.29 -4.63
CA LYS A 59 10.26 -2.50 -4.94
C LYS A 59 9.86 -3.23 -3.67
N ILE A 60 10.85 -3.58 -2.86
CA ILE A 60 10.60 -4.29 -1.61
C ILE A 60 9.72 -3.45 -0.68
N ALA A 61 10.10 -2.19 -0.50
CA ALA A 61 9.34 -1.29 0.35
C ALA A 61 7.88 -1.24 -0.05
N GLY A 62 7.63 -1.14 -1.35
CA GLY A 62 6.27 -1.10 -1.85
C GLY A 62 5.48 -2.32 -1.43
N ILE A 63 6.13 -3.48 -1.48
CA ILE A 63 5.48 -4.72 -1.11
C ILE A 63 5.27 -4.77 0.40
N ARG A 64 6.21 -4.20 1.14
CA ARG A 64 6.11 -4.16 2.59
C ARG A 64 4.97 -3.27 3.04
N ALA A 65 4.87 -2.10 2.43
CA ALA A 65 3.81 -1.16 2.76
C ALA A 65 2.45 -1.74 2.39
N ALA A 66 2.38 -2.32 1.20
CA ALA A 66 1.14 -2.93 0.72
C ALA A 66 0.78 -4.12 1.60
N GLU A 67 1.79 -4.89 1.97
CA GLU A 67 1.57 -6.04 2.84
C GLU A 67 1.13 -5.59 4.22
N ASN A 68 1.66 -4.44 4.64
CA ASN A 68 1.32 -3.87 5.93
C ASN A 68 -0.16 -3.47 5.93
N ALA A 69 -0.65 -3.07 4.76
CA ALA A 69 -2.04 -2.67 4.62
C ALA A 69 -2.95 -3.90 4.59
N LEU A 70 -2.42 -5.02 4.12
CA LEU A 70 -3.18 -6.26 4.05
C LEU A 70 -3.24 -6.94 5.41
N ARG A 71 -2.23 -6.70 6.25
CA ARG A 71 -2.17 -7.30 7.58
C ARG A 71 -3.45 -7.01 8.36
N ASP A 72 -3.89 -5.76 8.32
CA ASP A 72 -5.10 -5.36 9.01
C ASP A 72 -6.34 -5.94 8.33
N LYS A 73 -6.66 -7.19 8.67
CA LYS A 73 -7.81 -7.86 8.09
C LYS A 73 -9.10 -7.11 8.39
N LYS A 74 -9.16 -6.49 9.56
CA LYS A 74 -10.34 -5.72 9.96
C LYS A 74 -10.57 -4.57 8.98
N MET A 75 -9.56 -3.71 8.86
CA MET A 75 -9.63 -2.57 7.97
C MET A 75 -9.83 -3.04 6.53
N LEU A 76 -9.33 -4.22 6.21
CA LEU A 76 -9.46 -4.78 4.88
C LEU A 76 -10.88 -5.30 4.66
N ASP A 77 -11.49 -5.82 5.72
CA ASP A 77 -12.85 -6.33 5.64
C ASP A 77 -13.84 -5.21 5.38
N PHE A 78 -13.58 -4.06 5.99
CA PHE A 78 -14.44 -2.89 5.82
C PHE A 78 -14.43 -2.42 4.37
N TYR A 79 -13.26 -2.46 3.74
CA TYR A 79 -13.13 -2.05 2.36
C TYR A 79 -13.55 -3.17 1.43
N ALA A 80 -13.09 -4.38 1.74
CA ALA A 80 -13.43 -5.54 0.94
C ALA A 80 -14.94 -5.71 0.85
N LYS A 81 -15.65 -5.27 1.89
CA LYS A 81 -17.09 -5.35 1.93
C LYS A 81 -17.73 -4.17 1.19
N GLN A 82 -16.88 -3.25 0.72
CA GLN A 82 -17.34 -2.08 -0.01
C GLN A 82 -16.87 -2.15 -1.45
N ARG A 83 -15.58 -2.41 -1.64
CA ARG A 83 -15.01 -2.51 -2.98
C ARG A 83 -15.57 -3.72 -3.71
N ALA A 84 -15.59 -4.85 -3.03
CA ALA A 84 -16.11 -6.08 -3.60
C ALA A 84 -17.64 -6.06 -3.66
N ALA A 85 -18.25 -5.28 -2.78
CA ALA A 85 -19.70 -5.16 -2.72
C ALA A 85 -20.19 -4.08 -3.68
N ALA A 86 -19.35 -3.10 -3.95
CA ALA A 86 -19.71 -2.00 -4.85
C ALA A 86 -19.37 -2.35 -6.29
N LEU A 87 -18.29 -3.12 -6.48
CA LEU A 87 -17.87 -3.51 -7.81
C LEU A 87 -18.69 -4.70 -8.31
N GLY A 88 -18.71 -5.76 -7.53
CA GLY A 88 -19.46 -6.95 -7.91
C GLY A 88 -20.40 -7.41 -6.82
N MET A 1 6.13 0.18 -13.20
CA MET A 1 5.22 -0.97 -12.93
C MET A 1 5.81 -1.91 -11.89
N ASP A 2 7.01 -2.40 -12.16
CA ASP A 2 7.69 -3.32 -11.25
C ASP A 2 8.72 -2.57 -10.40
N LYS A 3 8.31 -2.13 -9.22
CA LYS A 3 9.20 -1.41 -8.32
C LYS A 3 8.46 -1.02 -7.04
N LEU A 4 7.20 -0.63 -7.18
CA LEU A 4 6.39 -0.23 -6.04
C LEU A 4 5.75 -1.45 -5.38
N ASP A 5 5.11 -2.28 -6.20
CA ASP A 5 4.45 -3.49 -5.72
C ASP A 5 3.62 -4.13 -6.83
N MET A 6 4.30 -4.78 -7.77
CA MET A 6 3.63 -5.43 -8.89
C MET A 6 2.80 -6.64 -8.46
N ASN A 7 2.34 -6.65 -7.21
CA ASN A 7 1.53 -7.76 -6.71
C ASN A 7 0.70 -7.32 -5.51
N ALA A 8 1.39 -6.87 -4.47
CA ALA A 8 0.72 -6.42 -3.26
C ALA A 8 -0.16 -5.20 -3.53
N LYS A 9 0.23 -4.39 -4.51
CA LYS A 9 -0.55 -3.21 -4.86
C LYS A 9 -1.77 -3.61 -5.67
N ARG A 10 -1.60 -4.60 -6.53
CA ARG A 10 -2.70 -5.08 -7.34
C ARG A 10 -3.72 -5.78 -6.44
N GLN A 11 -3.20 -6.44 -5.41
CA GLN A 11 -4.04 -7.13 -4.44
C GLN A 11 -4.96 -6.13 -3.76
N LEU A 12 -4.36 -5.14 -3.11
CA LEU A 12 -5.12 -4.13 -2.41
C LEU A 12 -6.04 -3.38 -3.38
N TYR A 13 -5.51 -3.00 -4.52
CA TYR A 13 -6.30 -2.27 -5.50
C TYR A 13 -7.39 -3.17 -6.10
N SER A 14 -7.13 -4.46 -6.12
CA SER A 14 -8.10 -5.40 -6.65
C SER A 14 -8.92 -6.04 -5.54
N LEU A 15 -8.71 -5.61 -4.30
CA LEU A 15 -9.41 -6.16 -3.17
C LEU A 15 -10.06 -5.06 -2.32
N ILE A 16 -9.49 -3.86 -2.35
CA ILE A 16 -10.07 -2.73 -1.59
C ILE A 16 -10.30 -1.51 -2.47
N GLY A 17 -9.36 -1.25 -3.37
CA GLY A 17 -9.47 -0.10 -4.26
C GLY A 17 -10.63 -0.22 -5.23
N TYR A 18 -11.59 0.70 -5.11
CA TYR A 18 -12.75 0.70 -5.99
C TYR A 18 -12.70 1.90 -6.94
N ALA A 19 -12.12 3.00 -6.48
CA ALA A 19 -12.02 4.21 -7.29
C ALA A 19 -11.55 5.40 -6.45
N SER A 20 -12.42 5.86 -5.56
CA SER A 20 -12.11 7.00 -4.70
C SER A 20 -10.80 6.77 -3.93
N LEU A 21 -10.59 5.53 -3.50
CA LEU A 21 -9.39 5.19 -2.76
C LEU A 21 -8.20 4.97 -3.70
N ARG A 22 -7.65 6.07 -4.20
CA ARG A 22 -6.52 6.00 -5.11
C ARG A 22 -5.29 5.46 -4.40
N LEU A 23 -5.22 4.14 -4.26
CA LEU A 23 -4.10 3.49 -3.60
C LEU A 23 -2.77 3.90 -4.24
N HIS A 24 -1.98 4.65 -3.48
CA HIS A 24 -0.69 5.12 -3.97
C HIS A 24 0.39 4.91 -2.91
N TYR A 25 1.63 4.69 -3.35
CA TYR A 25 2.73 4.46 -2.43
C TYR A 25 3.77 5.58 -2.53
N VAL A 26 4.06 6.19 -1.40
CA VAL A 26 5.03 7.27 -1.34
C VAL A 26 6.29 6.83 -0.60
N THR A 27 7.38 6.65 -1.34
CA THR A 27 8.64 6.23 -0.75
C THR A 27 9.42 7.42 -0.21
N VAL A 28 9.50 7.53 1.11
CA VAL A 28 10.24 8.63 1.74
C VAL A 28 11.68 8.23 2.02
N LYS A 29 12.03 6.99 1.67
CA LYS A 29 13.38 6.47 1.88
C LYS A 29 14.45 7.45 1.39
N LYS A 30 15.70 7.11 1.65
CA LYS A 30 16.83 7.94 1.24
C LYS A 30 18.14 7.33 1.76
N PRO A 31 18.45 6.08 1.33
CA PRO A 31 19.67 5.39 1.76
C PRO A 31 20.92 6.18 1.44
N THR A 32 21.61 6.61 2.50
CA THR A 32 22.85 7.38 2.35
C THR A 32 23.40 7.77 3.71
N ALA A 33 22.53 8.25 4.58
CA ALA A 33 22.90 8.68 5.92
C ALA A 33 21.67 9.05 6.72
N VAL A 34 20.75 9.75 6.07
CA VAL A 34 19.52 10.17 6.71
C VAL A 34 18.54 9.01 6.82
N ASP A 35 18.39 8.28 5.73
CA ASP A 35 17.49 7.13 5.69
C ASP A 35 18.28 5.82 5.84
N PRO A 36 18.13 5.13 6.98
CA PRO A 36 18.84 3.87 7.22
C PRO A 36 18.39 2.74 6.30
N ASN A 37 17.17 2.84 5.77
CA ASN A 37 16.63 1.82 4.89
C ASN A 37 15.63 2.41 3.91
N SER A 38 14.81 1.55 3.30
CA SER A 38 13.80 1.98 2.35
C SER A 38 12.43 2.04 3.01
N ILE A 39 12.06 3.21 3.51
CA ILE A 39 10.77 3.39 4.17
C ILE A 39 9.69 3.86 3.18
N VAL A 40 8.56 3.15 3.17
CA VAL A 40 7.47 3.50 2.28
C VAL A 40 6.15 3.58 3.04
N GLU A 41 5.20 4.35 2.51
CA GLU A 41 3.90 4.51 3.14
C GLU A 41 2.78 4.55 2.10
N CYS A 42 1.91 3.54 2.15
CA CYS A 42 0.78 3.46 1.23
C CYS A 42 -0.28 4.47 1.59
N ARG A 43 -0.47 5.48 0.75
CA ARG A 43 -1.46 6.51 0.99
C ARG A 43 -2.61 6.40 0.00
N VAL A 44 -3.82 6.60 0.50
CA VAL A 44 -5.01 6.51 -0.34
C VAL A 44 -5.35 7.86 -0.95
N GLY A 45 -6.31 7.87 -1.88
CA GLY A 45 -6.72 9.09 -2.52
C GLY A 45 -7.59 9.96 -1.63
N ASP A 46 -7.02 10.41 -0.51
CA ASP A 46 -7.74 11.25 0.44
C ASP A 46 -6.78 11.90 1.43
N GLY A 47 -5.85 11.11 1.94
CA GLY A 47 -4.89 11.62 2.91
C GLY A 47 -4.78 10.75 4.15
N THR A 48 -4.67 9.45 3.94
CA THR A 48 -4.57 8.51 5.06
C THR A 48 -3.78 7.28 4.66
N VAL A 49 -2.68 7.02 5.38
CA VAL A 49 -1.84 5.87 5.09
C VAL A 49 -2.44 4.60 5.64
N LEU A 50 -2.77 3.66 4.75
CA LEU A 50 -3.37 2.39 5.14
C LEU A 50 -2.29 1.32 5.35
N GLY A 51 -1.13 1.52 4.76
CA GLY A 51 -0.06 0.54 4.89
C GLY A 51 1.31 1.18 4.97
N THR A 52 1.96 1.06 6.13
CA THR A 52 3.29 1.62 6.33
C THR A 52 4.28 0.51 6.66
N GLY A 53 5.38 0.46 5.91
CA GLY A 53 6.38 -0.56 6.14
C GLY A 53 7.72 -0.24 5.48
N VAL A 54 8.80 -0.55 6.18
CA VAL A 54 10.15 -0.31 5.67
C VAL A 54 10.64 -1.49 4.86
N GLY A 55 11.86 -1.36 4.37
CA GLY A 55 12.47 -2.43 3.58
C GLY A 55 13.87 -2.09 3.13
N ARG A 56 14.54 -3.07 2.53
CA ARG A 56 15.91 -2.89 2.07
C ARG A 56 15.93 -2.17 0.72
N ASN A 57 14.87 -2.37 -0.06
CA ASN A 57 14.76 -1.75 -1.37
C ASN A 57 13.33 -1.28 -1.62
N ILE A 58 13.16 -0.38 -2.59
CA ILE A 58 11.85 0.16 -2.93
C ILE A 58 10.84 -0.95 -3.21
N LYS A 59 11.32 -2.02 -3.84
CA LYS A 59 10.46 -3.16 -4.17
C LYS A 59 10.04 -3.90 -2.91
N ILE A 60 10.99 -4.09 -2.00
CA ILE A 60 10.74 -4.78 -0.75
C ILE A 60 9.87 -3.94 0.18
N ALA A 61 10.28 -2.70 0.43
CA ALA A 61 9.55 -1.80 1.30
C ALA A 61 8.09 -1.70 0.85
N GLY A 62 7.88 -1.67 -0.46
CA GLY A 62 6.54 -1.59 -0.98
C GLY A 62 5.70 -2.80 -0.62
N ILE A 63 6.26 -3.98 -0.88
CA ILE A 63 5.56 -5.23 -0.57
C ILE A 63 5.27 -5.32 0.92
N ARG A 64 6.15 -4.77 1.73
CA ARG A 64 5.99 -4.79 3.18
C ARG A 64 4.88 -3.83 3.60
N ALA A 65 4.88 -2.64 3.02
CA ALA A 65 3.87 -1.64 3.33
C ALA A 65 2.48 -2.15 2.95
N ALA A 66 2.37 -2.68 1.74
CA ALA A 66 1.11 -3.23 1.26
C ALA A 66 0.67 -4.38 2.16
N GLU A 67 1.62 -5.24 2.49
CA GLU A 67 1.33 -6.38 3.36
C GLU A 67 0.86 -5.87 4.72
N ASN A 68 1.39 -4.73 5.13
CA ASN A 68 1.00 -4.11 6.39
C ASN A 68 -0.47 -3.74 6.34
N ALA A 69 -0.91 -3.32 5.17
CA ALA A 69 -2.31 -2.95 4.95
C ALA A 69 -3.19 -4.19 5.02
N LEU A 70 -2.63 -5.33 4.64
CA LEU A 70 -3.35 -6.59 4.66
C LEU A 70 -3.61 -7.03 6.10
N ARG A 71 -2.65 -6.75 6.99
CA ARG A 71 -2.78 -7.11 8.39
C ARG A 71 -4.06 -6.55 8.99
N ASP A 72 -4.38 -5.31 8.63
CA ASP A 72 -5.58 -4.66 9.14
C ASP A 72 -6.83 -5.32 8.55
N LYS A 73 -7.11 -6.55 9.01
CA LYS A 73 -8.27 -7.30 8.54
C LYS A 73 -9.53 -6.46 8.60
N LYS A 74 -9.69 -5.69 9.66
CA LYS A 74 -10.86 -4.84 9.82
C LYS A 74 -10.92 -3.82 8.70
N MET A 75 -9.92 -2.96 8.64
CA MET A 75 -9.85 -1.93 7.61
C MET A 75 -9.86 -2.57 6.22
N LEU A 76 -9.39 -3.82 6.16
CA LEU A 76 -9.37 -4.54 4.90
C LEU A 76 -10.76 -4.95 4.48
N ASP A 77 -11.52 -5.50 5.43
CA ASP A 77 -12.88 -5.93 5.16
C ASP A 77 -13.76 -4.74 4.81
N PHE A 78 -13.54 -3.63 5.51
CA PHE A 78 -14.31 -2.41 5.27
C PHE A 78 -14.34 -2.06 3.79
N TYR A 79 -13.21 -2.20 3.13
CA TYR A 79 -13.11 -1.89 1.70
C TYR A 79 -13.48 -3.10 0.87
N ALA A 80 -12.88 -4.23 1.19
CA ALA A 80 -13.17 -5.47 0.46
C ALA A 80 -14.67 -5.75 0.46
N LYS A 81 -15.36 -5.28 1.49
CA LYS A 81 -16.80 -5.47 1.58
C LYS A 81 -17.54 -4.33 0.89
N GLN A 82 -16.77 -3.45 0.24
CA GLN A 82 -17.34 -2.31 -0.46
C GLN A 82 -16.94 -2.35 -1.94
N ARG A 83 -15.64 -2.54 -2.20
CA ARG A 83 -15.15 -2.60 -3.57
C ARG A 83 -15.65 -3.87 -4.25
N ALA A 84 -15.71 -4.96 -3.50
CA ALA A 84 -16.18 -6.23 -4.03
C ALA A 84 -17.70 -6.29 -4.00
N ALA A 85 -18.29 -5.56 -3.06
CA ALA A 85 -19.73 -5.52 -2.92
C ALA A 85 -20.35 -4.47 -3.84
N ALA A 86 -19.55 -3.48 -4.22
CA ALA A 86 -20.03 -2.42 -5.10
C ALA A 86 -20.21 -2.93 -6.52
N LEU A 87 -19.36 -3.85 -6.94
CA LEU A 87 -19.42 -4.43 -8.27
C LEU A 87 -20.42 -5.59 -8.31
N GLY A 88 -20.16 -6.61 -7.49
CA GLY A 88 -21.03 -7.76 -7.45
C GLY A 88 -21.93 -7.77 -6.23
N MET A 1 10.75 -10.99 -8.53
CA MET A 1 11.57 -9.83 -8.98
C MET A 1 10.68 -8.65 -9.35
N ASP A 2 9.79 -8.27 -8.44
CA ASP A 2 8.89 -7.16 -8.67
C ASP A 2 9.64 -5.82 -8.66
N LYS A 3 8.90 -4.73 -8.79
CA LYS A 3 9.50 -3.39 -8.80
C LYS A 3 8.52 -2.36 -8.24
N LEU A 4 7.28 -2.43 -8.69
CA LEU A 4 6.25 -1.51 -8.24
C LEU A 4 5.09 -2.25 -7.58
N ASP A 5 5.39 -3.41 -7.00
CA ASP A 5 4.37 -4.22 -6.33
C ASP A 5 3.25 -4.57 -7.30
N MET A 6 3.61 -5.26 -8.37
CA MET A 6 2.64 -5.66 -9.39
C MET A 6 1.56 -6.58 -8.81
N ASN A 7 1.84 -7.18 -7.67
CA ASN A 7 0.88 -8.07 -7.02
C ASN A 7 0.26 -7.44 -5.80
N ALA A 8 1.09 -6.86 -4.94
CA ALA A 8 0.62 -6.22 -3.72
C ALA A 8 -0.22 -4.99 -4.04
N LYS A 9 0.16 -4.27 -5.09
CA LYS A 9 -0.56 -3.07 -5.50
C LYS A 9 -1.84 -3.44 -6.22
N ARG A 10 -1.78 -4.50 -7.02
CA ARG A 10 -2.94 -4.97 -7.76
C ARG A 10 -3.90 -5.68 -6.82
N GLN A 11 -3.34 -6.33 -5.81
CA GLN A 11 -4.14 -7.04 -4.82
C GLN A 11 -4.95 -6.05 -4.00
N LEU A 12 -4.32 -4.94 -3.63
CA LEU A 12 -4.99 -3.92 -2.84
C LEU A 12 -6.12 -3.28 -3.65
N TYR A 13 -5.80 -2.85 -4.86
CA TYR A 13 -6.77 -2.23 -5.74
C TYR A 13 -7.91 -3.20 -6.04
N SER A 14 -7.63 -4.49 -5.98
CA SER A 14 -8.63 -5.51 -6.24
C SER A 14 -9.34 -5.94 -4.95
N LEU A 15 -8.82 -5.50 -3.81
CA LEU A 15 -9.42 -5.86 -2.53
C LEU A 15 -10.03 -4.64 -1.83
N ILE A 16 -9.67 -3.43 -2.27
CA ILE A 16 -10.21 -2.23 -1.66
C ILE A 16 -10.33 -1.07 -2.64
N GLY A 17 -9.30 -0.90 -3.48
CA GLY A 17 -9.33 0.17 -4.46
C GLY A 17 -10.49 0.07 -5.42
N TYR A 18 -11.56 0.83 -5.14
CA TYR A 18 -12.73 0.81 -5.99
C TYR A 18 -12.79 2.07 -6.86
N ALA A 19 -12.32 3.18 -6.32
CA ALA A 19 -12.31 4.45 -7.05
C ALA A 19 -11.92 5.61 -6.14
N SER A 20 -12.78 5.93 -5.19
CA SER A 20 -12.53 7.01 -4.25
C SER A 20 -11.22 6.77 -3.48
N LEU A 21 -10.91 5.50 -3.25
CA LEU A 21 -9.70 5.14 -2.53
C LEU A 21 -8.49 5.16 -3.46
N ARG A 22 -7.95 6.36 -3.69
CA ARG A 22 -6.79 6.51 -4.57
C ARG A 22 -5.56 5.86 -3.95
N LEU A 23 -5.47 4.54 -4.07
CA LEU A 23 -4.34 3.79 -3.53
C LEU A 23 -3.02 4.29 -4.14
N HIS A 24 -2.26 5.04 -3.34
CA HIS A 24 -0.98 5.58 -3.80
C HIS A 24 0.11 5.32 -2.77
N TYR A 25 1.34 5.16 -3.25
CA TYR A 25 2.48 4.90 -2.37
C TYR A 25 3.48 6.05 -2.41
N VAL A 26 3.75 6.61 -1.24
CA VAL A 26 4.69 7.72 -1.12
C VAL A 26 5.82 7.38 -0.16
N THR A 27 7.05 7.56 -0.63
CA THR A 27 8.22 7.26 0.20
C THR A 27 8.62 8.49 1.00
N VAL A 28 8.66 8.35 2.31
CA VAL A 28 9.03 9.46 3.19
C VAL A 28 10.54 9.54 3.39
N LYS A 29 11.21 8.40 3.27
CA LYS A 29 12.65 8.35 3.43
C LYS A 29 13.33 7.86 2.14
N LYS A 30 14.62 7.62 2.21
CA LYS A 30 15.38 7.15 1.06
C LYS A 30 16.81 6.76 1.45
N PRO A 31 17.24 5.53 1.13
CA PRO A 31 18.58 5.05 1.46
C PRO A 31 19.67 6.01 0.97
N THR A 32 20.43 6.58 1.90
CA THR A 32 21.50 7.50 1.56
C THR A 32 22.24 7.96 2.82
N ALA A 33 22.52 7.02 3.70
CA ALA A 33 23.23 7.31 4.95
C ALA A 33 22.31 7.98 5.96
N VAL A 34 21.70 9.08 5.56
CA VAL A 34 20.79 9.82 6.43
C VAL A 34 19.67 8.93 6.94
N ASP A 35 19.16 8.07 6.07
CA ASP A 35 18.09 7.15 6.42
C ASP A 35 18.61 5.72 6.47
N PRO A 36 18.07 4.89 7.39
CA PRO A 36 18.48 3.50 7.54
C PRO A 36 17.98 2.63 6.38
N ASN A 37 16.77 2.90 5.92
CA ASN A 37 16.17 2.15 4.82
C ASN A 37 15.19 3.00 4.03
N SER A 38 14.46 2.37 3.11
CA SER A 38 13.48 3.07 2.30
C SER A 38 12.09 2.91 2.89
N ILE A 39 11.67 3.88 3.68
CA ILE A 39 10.35 3.83 4.33
C ILE A 39 9.27 4.38 3.40
N VAL A 40 8.21 3.60 3.22
CA VAL A 40 7.10 4.00 2.37
C VAL A 40 5.78 3.85 3.10
N GLU A 41 4.77 4.60 2.65
CA GLU A 41 3.45 4.55 3.27
C GLU A 41 2.35 4.72 2.22
N CYS A 42 1.50 3.72 2.09
CA CYS A 42 0.40 3.75 1.15
C CYS A 42 -0.73 4.65 1.66
N ARG A 43 -0.94 5.77 0.99
CA ARG A 43 -1.98 6.70 1.39
C ARG A 43 -3.13 6.69 0.39
N VAL A 44 -4.36 6.76 0.90
CA VAL A 44 -5.53 6.75 0.04
C VAL A 44 -6.37 8.01 0.24
N GLY A 45 -7.19 8.34 -0.75
CA GLY A 45 -8.02 9.51 -0.67
C GLY A 45 -7.24 10.78 -0.40
N ASP A 46 -7.59 11.47 0.67
CA ASP A 46 -6.91 12.71 1.06
C ASP A 46 -5.48 12.42 1.50
N GLY A 47 -5.33 11.59 2.52
CA GLY A 47 -4.02 11.25 3.03
C GLY A 47 -4.07 10.22 4.13
N THR A 48 -5.00 9.28 4.02
CA THR A 48 -5.16 8.23 5.03
C THR A 48 -4.28 7.03 4.69
N VAL A 49 -3.22 6.84 5.47
CA VAL A 49 -2.30 5.73 5.26
C VAL A 49 -2.93 4.41 5.70
N LEU A 50 -3.08 3.49 4.76
CA LEU A 50 -3.66 2.19 5.04
C LEU A 50 -2.60 1.10 5.14
N GLY A 51 -1.43 1.37 4.55
CA GLY A 51 -0.36 0.39 4.58
C GLY A 51 1.03 1.04 4.68
N THR A 52 1.70 0.79 5.79
CA THR A 52 3.03 1.34 6.01
C THR A 52 4.07 0.22 6.11
N GLY A 53 5.16 0.36 5.38
CA GLY A 53 6.21 -0.65 5.40
C GLY A 53 7.51 -0.17 4.80
N VAL A 54 8.61 -0.53 5.45
CA VAL A 54 9.94 -0.12 4.99
C VAL A 54 10.50 -1.11 3.97
N GLY A 55 11.67 -0.81 3.46
CA GLY A 55 12.32 -1.68 2.50
C GLY A 55 13.66 -1.13 2.04
N ARG A 56 14.55 -2.03 1.62
CA ARG A 56 15.87 -1.64 1.16
C ARG A 56 15.78 -0.63 0.02
N ASN A 57 14.71 -0.73 -0.76
CA ASN A 57 14.50 0.18 -1.89
C ASN A 57 13.02 0.48 -2.07
N ILE A 58 12.70 1.27 -3.09
CA ILE A 58 11.32 1.63 -3.37
C ILE A 58 10.50 0.39 -3.73
N LYS A 59 11.15 -0.58 -4.37
CA LYS A 59 10.48 -1.81 -4.77
C LYS A 59 10.07 -2.61 -3.54
N ILE A 60 11.04 -2.95 -2.71
CA ILE A 60 10.80 -3.72 -1.50
C ILE A 60 9.84 -2.98 -0.56
N ALA A 61 10.20 -1.75 -0.23
CA ALA A 61 9.37 -0.93 0.66
C ALA A 61 7.93 -0.88 0.18
N GLY A 62 7.75 -0.88 -1.13
CA GLY A 62 6.42 -0.84 -1.70
C GLY A 62 5.65 -2.12 -1.44
N ILE A 63 6.34 -3.25 -1.56
CA ILE A 63 5.72 -4.55 -1.33
C ILE A 63 5.43 -4.76 0.16
N ARG A 64 6.32 -4.23 1.00
CA ARG A 64 6.15 -4.35 2.44
C ARG A 64 4.98 -3.52 2.92
N ALA A 65 4.86 -2.31 2.38
CA ALA A 65 3.77 -1.41 2.75
C ALA A 65 2.42 -2.02 2.40
N ALA A 66 2.31 -2.52 1.18
CA ALA A 66 1.08 -3.14 0.71
C ALA A 66 0.74 -4.35 1.57
N GLU A 67 1.76 -5.13 1.89
CA GLU A 67 1.59 -6.32 2.72
C GLU A 67 1.07 -5.93 4.10
N ASN A 68 1.57 -4.81 4.59
CA ASN A 68 1.15 -4.30 5.90
C ASN A 68 -0.34 -3.99 5.87
N ALA A 69 -0.81 -3.53 4.71
CA ALA A 69 -2.22 -3.21 4.53
C ALA A 69 -3.06 -4.48 4.51
N LEU A 70 -2.46 -5.57 4.04
CA LEU A 70 -3.14 -6.85 3.97
C LEU A 70 -3.37 -7.42 5.37
N ARG A 71 -2.43 -7.14 6.28
CA ARG A 71 -2.52 -7.63 7.64
C ARG A 71 -3.80 -7.17 8.31
N ASP A 72 -4.17 -5.91 8.07
CA ASP A 72 -5.38 -5.34 8.64
C ASP A 72 -6.62 -5.99 8.05
N LYS A 73 -6.89 -7.23 8.47
CA LYS A 73 -8.05 -7.97 7.97
C LYS A 73 -9.35 -7.19 8.20
N LYS A 74 -9.43 -6.51 9.33
CA LYS A 74 -10.60 -5.71 9.66
C LYS A 74 -10.79 -4.58 8.66
N MET A 75 -9.76 -3.76 8.53
CA MET A 75 -9.80 -2.63 7.61
C MET A 75 -10.00 -3.12 6.18
N LEU A 76 -9.47 -4.31 5.89
CA LEU A 76 -9.60 -4.88 4.56
C LEU A 76 -11.01 -5.40 4.34
N ASP A 77 -11.59 -5.97 5.40
CA ASP A 77 -12.95 -6.49 5.32
C ASP A 77 -13.94 -5.38 5.03
N PHE A 78 -13.66 -4.19 5.57
CA PHE A 78 -14.53 -3.04 5.37
C PHE A 78 -14.51 -2.59 3.92
N TYR A 79 -13.35 -2.64 3.30
CA TYR A 79 -13.20 -2.23 1.91
C TYR A 79 -13.61 -3.36 0.99
N ALA A 80 -13.20 -4.58 1.34
CA ALA A 80 -13.55 -5.74 0.54
C ALA A 80 -15.06 -5.86 0.40
N LYS A 81 -15.78 -5.37 1.42
CA LYS A 81 -17.23 -5.39 1.40
C LYS A 81 -17.77 -4.10 0.76
N GLN A 82 -16.85 -3.28 0.25
CA GLN A 82 -17.20 -2.04 -0.40
C GLN A 82 -16.80 -2.07 -1.87
N ARG A 83 -15.56 -2.47 -2.12
CA ARG A 83 -15.06 -2.56 -3.49
C ARG A 83 -15.76 -3.68 -4.25
N ALA A 84 -16.08 -4.76 -3.54
CA ALA A 84 -16.77 -5.89 -4.14
C ALA A 84 -18.28 -5.71 -4.07
N ALA A 85 -18.72 -4.84 -3.17
CA ALA A 85 -20.14 -4.57 -3.00
C ALA A 85 -20.56 -3.34 -3.80
N ALA A 86 -19.61 -2.47 -4.09
CA ALA A 86 -19.89 -1.25 -4.85
C ALA A 86 -20.22 -1.57 -6.31
N LEU A 87 -19.48 -2.53 -6.87
CA LEU A 87 -19.69 -2.92 -8.25
C LEU A 87 -20.53 -4.20 -8.34
N GLY A 88 -20.31 -5.10 -7.38
CA GLY A 88 -21.06 -6.34 -7.37
C GLY A 88 -20.35 -7.46 -8.10
N MET A 1 5.39 -5.61 -13.79
CA MET A 1 5.23 -6.67 -12.76
C MET A 1 6.01 -6.35 -11.50
N ASP A 2 7.31 -6.08 -11.67
CA ASP A 2 8.18 -5.76 -10.55
C ASP A 2 8.55 -4.28 -10.55
N LYS A 3 8.96 -3.78 -9.39
CA LYS A 3 9.35 -2.37 -9.23
C LYS A 3 8.11 -1.46 -9.09
N LEU A 4 6.93 -2.05 -9.17
CA LEU A 4 5.69 -1.31 -9.05
C LEU A 4 4.95 -1.77 -7.80
N ASP A 5 5.68 -1.93 -6.71
CA ASP A 5 5.11 -2.38 -5.45
C ASP A 5 4.55 -3.78 -5.59
N MET A 6 5.07 -4.53 -6.56
CA MET A 6 4.65 -5.91 -6.81
C MET A 6 3.13 -6.08 -6.70
N ASN A 7 2.67 -7.32 -6.71
CA ASN A 7 1.25 -7.63 -6.61
C ASN A 7 0.64 -7.02 -5.35
N ALA A 8 1.48 -6.74 -4.36
CA ALA A 8 1.00 -6.16 -3.10
C ALA A 8 0.16 -4.91 -3.34
N LYS A 9 0.58 -4.09 -4.30
CA LYS A 9 -0.15 -2.87 -4.62
C LYS A 9 -1.47 -3.21 -5.31
N ARG A 10 -1.41 -4.10 -6.28
CA ARG A 10 -2.59 -4.52 -7.00
C ARG A 10 -3.56 -5.21 -6.05
N GLN A 11 -3.01 -5.83 -5.02
CA GLN A 11 -3.81 -6.52 -4.01
C GLN A 11 -4.74 -5.52 -3.31
N LEU A 12 -4.15 -4.46 -2.78
CA LEU A 12 -4.93 -3.44 -2.09
C LEU A 12 -5.93 -2.79 -3.03
N TYR A 13 -5.46 -2.41 -4.20
CA TYR A 13 -6.31 -1.77 -5.20
C TYR A 13 -7.37 -2.73 -5.72
N SER A 14 -7.07 -4.03 -5.66
CA SER A 14 -8.00 -5.03 -6.13
C SER A 14 -8.90 -5.53 -5.01
N LEU A 15 -8.63 -5.10 -3.77
CA LEU A 15 -9.43 -5.53 -2.63
C LEU A 15 -10.05 -4.35 -1.87
N ILE A 16 -9.50 -3.16 -2.04
CA ILE A 16 -10.05 -2.00 -1.33
C ILE A 16 -10.19 -0.78 -2.25
N GLY A 17 -9.25 -0.59 -3.15
CA GLY A 17 -9.31 0.55 -4.06
C GLY A 17 -10.53 0.47 -4.97
N TYR A 18 -11.56 1.25 -4.66
CA TYR A 18 -12.77 1.25 -5.48
C TYR A 18 -12.70 2.34 -6.54
N ALA A 19 -13.12 3.55 -6.17
CA ALA A 19 -13.10 4.68 -7.09
C ALA A 19 -12.52 5.92 -6.43
N SER A 20 -12.94 6.18 -5.20
CA SER A 20 -12.45 7.34 -4.45
C SER A 20 -11.20 6.99 -3.64
N LEU A 21 -10.73 5.76 -3.76
CA LEU A 21 -9.54 5.31 -3.04
C LEU A 21 -8.29 5.49 -3.90
N ARG A 22 -7.69 6.66 -3.81
CA ARG A 22 -6.49 6.96 -4.59
C ARG A 22 -5.26 6.25 -3.99
N LEU A 23 -5.25 4.92 -4.06
CA LEU A 23 -4.15 4.14 -3.52
C LEU A 23 -2.83 4.57 -4.17
N HIS A 24 -2.01 5.27 -3.40
CA HIS A 24 -0.72 5.75 -3.89
C HIS A 24 0.37 5.49 -2.86
N TYR A 25 1.54 5.09 -3.33
CA TYR A 25 2.67 4.82 -2.45
C TYR A 25 3.70 5.94 -2.52
N VAL A 26 3.99 6.53 -1.37
CA VAL A 26 4.96 7.62 -1.29
C VAL A 26 6.17 7.23 -0.45
N THR A 27 7.33 7.15 -1.08
CA THR A 27 8.55 6.80 -0.38
C THR A 27 9.19 8.02 0.26
N VAL A 28 9.65 7.88 1.50
CA VAL A 28 10.26 8.99 2.21
C VAL A 28 11.70 8.65 2.60
N LYS A 29 12.14 7.44 2.26
CA LYS A 29 13.50 7.00 2.58
C LYS A 29 14.55 8.01 2.16
N LYS A 30 14.98 7.94 0.90
CA LYS A 30 16.00 8.83 0.39
C LYS A 30 17.34 8.47 1.04
N PRO A 31 17.82 7.23 0.82
CA PRO A 31 19.07 6.74 1.39
C PRO A 31 20.20 7.76 1.31
N THR A 32 20.62 8.24 2.47
CA THR A 32 21.70 9.22 2.56
C THR A 32 22.30 9.24 3.96
N ALA A 33 21.43 9.35 4.96
CA ALA A 33 21.87 9.39 6.35
C ALA A 33 20.67 9.41 7.30
N VAL A 34 19.64 10.16 6.93
CA VAL A 34 18.43 10.27 7.73
C VAL A 34 17.61 8.99 7.66
N ASP A 35 17.60 8.37 6.49
CA ASP A 35 16.86 7.13 6.28
C ASP A 35 17.77 6.03 5.73
N PRO A 36 18.38 5.24 6.61
CA PRO A 36 19.28 4.15 6.21
C PRO A 36 18.55 3.01 5.50
N ASN A 37 17.21 3.05 5.55
CA ASN A 37 16.40 2.02 4.92
C ASN A 37 15.41 2.62 3.93
N SER A 38 14.65 1.75 3.26
CA SER A 38 13.67 2.20 2.29
C SER A 38 12.27 2.22 2.90
N ILE A 39 11.88 3.37 3.45
CA ILE A 39 10.58 3.52 4.08
C ILE A 39 9.53 4.01 3.08
N VAL A 40 8.40 3.32 3.04
CA VAL A 40 7.32 3.70 2.13
C VAL A 40 5.98 3.70 2.87
N GLU A 41 5.07 4.56 2.43
CA GLU A 41 3.76 4.66 3.05
C GLU A 41 2.66 4.80 1.99
N CYS A 42 1.70 3.87 2.03
CA CYS A 42 0.59 3.88 1.09
C CYS A 42 -0.49 4.85 1.55
N ARG A 43 -0.61 5.98 0.86
CA ARG A 43 -1.60 6.98 1.21
C ARG A 43 -2.72 7.02 0.18
N VAL A 44 -3.95 7.17 0.66
CA VAL A 44 -5.11 7.22 -0.22
C VAL A 44 -5.90 8.51 -0.02
N GLY A 45 -6.82 8.78 -0.94
CA GLY A 45 -7.63 9.98 -0.86
C GLY A 45 -6.80 11.25 -0.84
N ASP A 46 -6.82 11.96 0.27
CA ASP A 46 -6.06 13.20 0.41
C ASP A 46 -4.66 12.92 0.91
N GLY A 47 -4.56 12.18 2.01
CA GLY A 47 -3.27 11.86 2.59
C GLY A 47 -3.37 10.86 3.74
N THR A 48 -4.33 9.94 3.63
CA THR A 48 -4.53 8.94 4.67
C THR A 48 -3.71 7.69 4.38
N VAL A 49 -2.74 7.41 5.23
CA VAL A 49 -1.88 6.23 5.06
C VAL A 49 -2.52 5.00 5.67
N LEU A 50 -2.76 3.99 4.84
CA LEU A 50 -3.37 2.75 5.29
C LEU A 50 -2.35 1.62 5.34
N GLY A 51 -1.26 1.78 4.60
CA GLY A 51 -0.22 0.75 4.58
C GLY A 51 1.18 1.32 4.68
N THR A 52 1.80 1.13 5.84
CA THR A 52 3.16 1.62 6.07
C THR A 52 4.10 0.45 6.33
N GLY A 53 5.23 0.43 5.62
CA GLY A 53 6.20 -0.64 5.80
C GLY A 53 7.58 -0.28 5.29
N VAL A 54 8.60 -0.76 5.98
CA VAL A 54 9.98 -0.49 5.60
C VAL A 54 10.54 -1.64 4.76
N GLY A 55 11.64 -1.37 4.05
CA GLY A 55 12.25 -2.39 3.23
C GLY A 55 13.68 -2.04 2.83
N ARG A 56 14.40 -3.03 2.31
CA ARG A 56 15.78 -2.82 1.89
C ARG A 56 15.84 -2.01 0.60
N ASN A 57 14.78 -2.09 -0.19
CA ASN A 57 14.71 -1.37 -1.46
C ASN A 57 13.28 -0.87 -1.72
N ILE A 58 13.08 -0.28 -2.89
CA ILE A 58 11.77 0.23 -3.26
C ILE A 58 10.78 -0.89 -3.50
N LYS A 59 11.27 -2.01 -4.03
CA LYS A 59 10.43 -3.16 -4.31
C LYS A 59 9.94 -3.81 -3.01
N ILE A 60 10.86 -3.98 -2.08
CA ILE A 60 10.53 -4.60 -0.79
C ILE A 60 9.62 -3.68 0.02
N ALA A 61 10.08 -2.47 0.29
CA ALA A 61 9.32 -1.51 1.05
C ALA A 61 7.89 -1.40 0.54
N GLY A 62 7.74 -1.49 -0.79
CA GLY A 62 6.43 -1.42 -1.38
C GLY A 62 5.55 -2.59 -0.98
N ILE A 63 6.12 -3.79 -1.06
CA ILE A 63 5.39 -5.01 -0.70
C ILE A 63 5.13 -5.03 0.80
N ARG A 64 6.06 -4.49 1.57
CA ARG A 64 5.93 -4.46 3.02
C ARG A 64 4.81 -3.52 3.44
N ALA A 65 4.74 -2.36 2.80
CA ALA A 65 3.70 -1.38 3.10
C ALA A 65 2.33 -1.97 2.79
N ALA A 66 2.16 -2.45 1.57
CA ALA A 66 0.91 -3.06 1.16
C ALA A 66 0.59 -4.26 2.05
N GLU A 67 1.63 -5.02 2.37
CA GLU A 67 1.48 -6.18 3.23
C GLU A 67 0.95 -5.75 4.59
N ASN A 68 1.43 -4.60 5.06
CA ASN A 68 1.00 -4.06 6.34
C ASN A 68 -0.49 -3.79 6.32
N ALA A 69 -0.97 -3.35 5.16
CA ALA A 69 -2.38 -3.06 4.97
C ALA A 69 -3.20 -4.36 4.96
N LEU A 70 -2.56 -5.44 4.53
CA LEU A 70 -3.21 -6.74 4.47
C LEU A 70 -3.36 -7.34 5.87
N ARG A 71 -2.40 -7.04 6.74
CA ARG A 71 -2.43 -7.54 8.11
C ARG A 71 -3.74 -7.17 8.79
N ASP A 72 -4.21 -5.96 8.52
CA ASP A 72 -5.46 -5.48 9.11
C ASP A 72 -6.66 -6.12 8.41
N LYS A 73 -6.92 -7.38 8.74
CA LYS A 73 -8.03 -8.11 8.14
C LYS A 73 -9.35 -7.36 8.32
N LYS A 74 -9.51 -6.73 9.47
CA LYS A 74 -10.72 -5.96 9.76
C LYS A 74 -10.84 -4.76 8.83
N MET A 75 -9.75 -4.00 8.73
CA MET A 75 -9.73 -2.83 7.87
C MET A 75 -9.87 -3.23 6.41
N LEU A 76 -9.41 -4.44 6.08
CA LEU A 76 -9.51 -4.93 4.72
C LEU A 76 -10.90 -5.46 4.43
N ASP A 77 -11.57 -5.97 5.47
CA ASP A 77 -12.92 -6.49 5.33
C ASP A 77 -13.91 -5.36 5.10
N PHE A 78 -13.63 -4.20 5.69
CA PHE A 78 -14.51 -3.04 5.54
C PHE A 78 -14.47 -2.52 4.10
N TYR A 79 -13.28 -2.58 3.50
CA TYR A 79 -13.11 -2.11 2.13
C TYR A 79 -13.51 -3.20 1.15
N ALA A 80 -13.07 -4.42 1.41
CA ALA A 80 -13.38 -5.55 0.56
C ALA A 80 -14.89 -5.71 0.42
N LYS A 81 -15.63 -5.29 1.45
CA LYS A 81 -17.08 -5.38 1.43
C LYS A 81 -17.69 -4.17 0.73
N GLN A 82 -16.83 -3.22 0.36
CA GLN A 82 -17.28 -2.01 -0.33
C GLN A 82 -16.76 -1.99 -1.76
N ARG A 83 -15.48 -2.28 -1.93
CA ARG A 83 -14.86 -2.30 -3.24
C ARG A 83 -15.39 -3.48 -4.06
N ALA A 84 -15.46 -4.63 -3.41
CA ALA A 84 -15.94 -5.84 -4.07
C ALA A 84 -17.47 -5.82 -4.18
N ALA A 85 -18.10 -5.08 -3.26
CA ALA A 85 -19.56 -4.97 -3.26
C ALA A 85 -20.03 -3.85 -4.18
N ALA A 86 -19.19 -2.84 -4.36
CA ALA A 86 -19.54 -1.71 -5.21
C ALA A 86 -19.26 -2.02 -6.68
N LEU A 87 -18.16 -2.73 -6.93
CA LEU A 87 -17.79 -3.10 -8.29
C LEU A 87 -18.28 -4.51 -8.62
N GLY A 88 -18.26 -5.40 -7.64
CA GLY A 88 -18.71 -6.76 -7.86
C GLY A 88 -20.03 -7.05 -7.19
N MET A 1 4.55 -1.44 -13.11
CA MET A 1 4.72 -1.71 -11.66
C MET A 1 5.61 -2.94 -11.42
N ASP A 2 6.89 -2.80 -11.76
CA ASP A 2 7.84 -3.89 -11.59
C ASP A 2 8.97 -3.48 -10.66
N LYS A 3 8.62 -2.79 -9.57
CA LYS A 3 9.60 -2.34 -8.60
C LYS A 3 8.94 -1.48 -7.52
N LEU A 4 7.94 -0.70 -7.93
CA LEU A 4 7.21 0.17 -7.00
C LEU A 4 6.59 -0.64 -5.88
N ASP A 5 5.66 -1.52 -6.26
CA ASP A 5 4.97 -2.37 -5.29
C ASP A 5 4.42 -3.62 -5.98
N MET A 6 5.31 -4.38 -6.61
CA MET A 6 4.94 -5.60 -7.31
C MET A 6 4.03 -6.49 -6.45
N ASN A 7 3.02 -7.06 -7.09
CA ASN A 7 2.09 -7.96 -6.41
C ASN A 7 1.31 -7.23 -5.30
N ALA A 8 1.99 -6.98 -4.19
CA ALA A 8 1.37 -6.31 -3.04
C ALA A 8 0.45 -5.17 -3.45
N LYS A 9 0.79 -4.48 -4.54
CA LYS A 9 -0.02 -3.37 -5.02
C LYS A 9 -1.30 -3.87 -5.66
N ARG A 10 -1.18 -4.94 -6.44
CA ARG A 10 -2.34 -5.52 -7.10
C ARG A 10 -3.31 -6.08 -6.07
N GLN A 11 -2.75 -6.56 -4.96
CA GLN A 11 -3.56 -7.12 -3.88
C GLN A 11 -4.39 -6.03 -3.24
N LEU A 12 -3.71 -4.96 -2.79
CA LEU A 12 -4.39 -3.84 -2.15
C LEU A 12 -5.41 -3.21 -3.09
N TYR A 13 -5.04 -3.08 -4.35
CA TYR A 13 -5.94 -2.48 -5.33
C TYR A 13 -7.06 -3.45 -5.72
N SER A 14 -6.79 -4.74 -5.58
CA SER A 14 -7.77 -5.76 -5.89
C SER A 14 -8.55 -6.19 -4.65
N LEU A 15 -8.25 -5.58 -3.51
CA LEU A 15 -8.93 -5.92 -2.26
C LEU A 15 -9.62 -4.72 -1.62
N ILE A 16 -9.24 -3.50 -2.02
CA ILE A 16 -9.87 -2.32 -1.42
C ILE A 16 -10.01 -1.16 -2.41
N GLY A 17 -9.00 -0.96 -3.25
CA GLY A 17 -9.05 0.12 -4.22
C GLY A 17 -10.17 -0.05 -5.22
N TYR A 18 -11.21 0.77 -5.11
CA TYR A 18 -12.34 0.69 -6.04
C TYR A 18 -12.27 1.79 -7.10
N ALA A 19 -12.11 3.02 -6.65
CA ALA A 19 -12.03 4.16 -7.56
C ALA A 19 -11.44 5.38 -6.84
N SER A 20 -12.22 5.99 -5.97
CA SER A 20 -11.76 7.14 -5.21
C SER A 20 -10.51 6.78 -4.40
N LEU A 21 -10.37 5.50 -4.08
CA LEU A 21 -9.22 5.02 -3.32
C LEU A 21 -7.95 5.15 -4.15
N ARG A 22 -7.39 6.34 -4.18
CA ARG A 22 -6.18 6.60 -4.93
C ARG A 22 -4.98 5.88 -4.31
N LEU A 23 -5.00 4.56 -4.38
CA LEU A 23 -3.92 3.75 -3.83
C LEU A 23 -2.59 4.13 -4.46
N HIS A 24 -1.83 4.96 -3.76
CA HIS A 24 -0.52 5.40 -4.24
C HIS A 24 0.53 5.29 -3.14
N TYR A 25 1.71 4.83 -3.52
CA TYR A 25 2.81 4.66 -2.57
C TYR A 25 3.81 5.80 -2.67
N VAL A 26 4.10 6.42 -1.54
CA VAL A 26 5.03 7.54 -1.49
C VAL A 26 6.21 7.23 -0.58
N THR A 27 7.40 7.11 -1.17
CA THR A 27 8.60 6.83 -0.41
C THR A 27 9.13 8.10 0.25
N VAL A 28 9.22 8.07 1.58
CA VAL A 28 9.70 9.23 2.35
C VAL A 28 11.21 9.22 2.49
N LYS A 29 11.81 8.03 2.34
CA LYS A 29 13.26 7.90 2.46
C LYS A 29 13.83 6.98 1.39
N LYS A 30 15.15 6.90 1.33
CA LYS A 30 15.83 6.05 0.37
C LYS A 30 17.26 5.74 0.84
N PRO A 31 17.75 4.52 0.57
CA PRO A 31 19.09 4.11 0.97
C PRO A 31 20.18 4.92 0.25
N THR A 32 20.93 5.69 1.02
CA THR A 32 22.02 6.50 0.47
C THR A 32 23.07 6.79 1.51
N ALA A 33 22.65 7.42 2.61
CA ALA A 33 23.57 7.76 3.69
C ALA A 33 22.81 8.38 4.86
N VAL A 34 21.83 9.21 4.54
CA VAL A 34 21.03 9.88 5.57
C VAL A 34 19.94 8.95 6.10
N ASP A 35 19.39 8.13 5.20
CA ASP A 35 18.34 7.20 5.57
C ASP A 35 18.90 5.78 5.73
N PRO A 36 18.36 5.00 6.69
CA PRO A 36 18.81 3.64 6.93
C PRO A 36 18.32 2.67 5.86
N ASN A 37 17.10 2.89 5.39
CA ASN A 37 16.52 2.03 4.35
C ASN A 37 15.49 2.81 3.54
N SER A 38 14.70 2.09 2.74
CA SER A 38 13.68 2.71 1.92
C SER A 38 12.33 2.67 2.62
N ILE A 39 11.94 3.78 3.22
CA ILE A 39 10.68 3.86 3.93
C ILE A 39 9.56 4.34 3.01
N VAL A 40 8.47 3.58 2.95
CA VAL A 40 7.34 3.93 2.10
C VAL A 40 6.04 3.92 2.88
N GLU A 41 5.06 4.67 2.40
CA GLU A 41 3.77 4.75 3.06
C GLU A 41 2.63 4.79 2.03
N CYS A 42 1.80 3.76 2.04
CA CYS A 42 0.67 3.68 1.12
C CYS A 42 -0.47 4.59 1.57
N ARG A 43 -0.72 5.65 0.79
CA ARG A 43 -1.77 6.58 1.11
C ARG A 43 -2.94 6.44 0.14
N VAL A 44 -4.15 6.54 0.66
CA VAL A 44 -5.35 6.41 -0.16
C VAL A 44 -6.21 7.66 -0.07
N GLY A 45 -7.06 7.86 -1.08
CA GLY A 45 -7.94 9.01 -1.10
C GLY A 45 -7.19 10.32 -1.01
N ASP A 46 -7.77 11.29 -0.30
CA ASP A 46 -7.15 12.60 -0.14
C ASP A 46 -5.78 12.48 0.51
N GLY A 47 -5.70 11.72 1.59
CA GLY A 47 -4.45 11.53 2.29
C GLY A 47 -4.60 10.69 3.55
N THR A 48 -4.75 9.38 3.37
CA THR A 48 -4.90 8.47 4.50
C THR A 48 -4.01 7.24 4.32
N VAL A 49 -2.95 7.16 5.12
CA VAL A 49 -2.03 6.03 5.04
C VAL A 49 -2.67 4.76 5.60
N LEU A 50 -2.77 3.75 4.75
CA LEU A 50 -3.37 2.48 5.15
C LEU A 50 -2.29 1.41 5.35
N GLY A 51 -1.13 1.62 4.74
CA GLY A 51 -0.05 0.66 4.88
C GLY A 51 1.33 1.30 4.87
N THR A 52 2.05 1.15 5.98
CA THR A 52 3.38 1.71 6.11
C THR A 52 4.40 0.60 6.39
N GLY A 53 5.53 0.64 5.69
CA GLY A 53 6.55 -0.38 5.89
C GLY A 53 7.88 0.01 5.28
N VAL A 54 8.97 -0.40 5.92
CA VAL A 54 10.32 -0.11 5.45
C VAL A 54 10.85 -1.27 4.61
N GLY A 55 11.90 -0.98 3.83
CA GLY A 55 12.49 -2.02 3.00
C GLY A 55 13.81 -1.59 2.40
N ARG A 56 14.59 -2.56 1.94
CA ARG A 56 15.89 -2.28 1.33
C ARG A 56 15.74 -1.34 0.13
N ASN A 57 14.63 -1.48 -0.58
CA ASN A 57 14.36 -0.63 -1.74
C ASN A 57 12.87 -0.45 -1.95
N ILE A 58 12.50 0.26 -3.02
CA ILE A 58 11.09 0.49 -3.33
C ILE A 58 10.32 -0.81 -3.47
N LYS A 59 11.01 -1.85 -3.93
CA LYS A 59 10.38 -3.16 -4.11
C LYS A 59 10.04 -3.79 -2.78
N ILE A 60 11.04 -4.00 -1.95
CA ILE A 60 10.85 -4.60 -0.64
C ILE A 60 9.98 -3.71 0.24
N ALA A 61 10.37 -2.44 0.35
CA ALA A 61 9.62 -1.49 1.16
C ALA A 61 8.16 -1.44 0.75
N GLY A 62 7.92 -1.50 -0.55
CA GLY A 62 6.56 -1.48 -1.06
C GLY A 62 5.76 -2.67 -0.62
N ILE A 63 6.36 -3.86 -0.72
CA ILE A 63 5.70 -5.09 -0.32
C ILE A 63 5.44 -5.10 1.19
N ARG A 64 6.35 -4.48 1.94
CA ARG A 64 6.23 -4.41 3.39
C ARG A 64 5.09 -3.48 3.78
N ALA A 65 5.08 -2.29 3.21
CA ALA A 65 4.03 -1.31 3.48
C ALA A 65 2.68 -1.84 3.02
N ALA A 66 2.66 -2.42 1.82
CA ALA A 66 1.44 -2.98 1.27
C ALA A 66 0.97 -4.16 2.11
N GLU A 67 1.92 -4.97 2.56
CA GLU A 67 1.61 -6.13 3.38
C GLU A 67 1.01 -5.68 4.71
N ASN A 68 1.53 -4.58 5.23
CA ASN A 68 1.04 -4.02 6.49
C ASN A 68 -0.41 -3.58 6.32
N ALA A 69 -0.75 -3.13 5.12
CA ALA A 69 -2.09 -2.68 4.81
C ALA A 69 -3.02 -3.87 4.56
N LEU A 70 -2.46 -4.93 3.99
CA LEU A 70 -3.23 -6.14 3.71
C LEU A 70 -3.44 -6.96 4.98
N ARG A 71 -2.56 -6.78 5.96
CA ARG A 71 -2.65 -7.51 7.21
C ARG A 71 -3.97 -7.21 7.93
N ASP A 72 -4.35 -5.94 7.95
CA ASP A 72 -5.59 -5.52 8.60
C ASP A 72 -6.79 -6.18 7.94
N LYS A 73 -7.10 -7.41 8.37
CA LYS A 73 -8.23 -8.15 7.82
C LYS A 73 -9.52 -7.37 7.98
N LYS A 74 -9.66 -6.69 9.11
CA LYS A 74 -10.86 -5.90 9.37
C LYS A 74 -10.97 -4.76 8.36
N MET A 75 -9.98 -3.89 8.35
CA MET A 75 -9.95 -2.76 7.43
C MET A 75 -10.07 -3.26 5.99
N LEU A 76 -9.59 -4.47 5.75
CA LEU A 76 -9.65 -5.06 4.43
C LEU A 76 -11.05 -5.61 4.16
N ASP A 77 -11.70 -6.07 5.22
CA ASP A 77 -13.05 -6.62 5.11
C ASP A 77 -14.04 -5.51 4.77
N PHE A 78 -13.82 -4.33 5.36
CA PHE A 78 -14.69 -3.19 5.11
C PHE A 78 -14.59 -2.73 3.67
N TYR A 79 -13.37 -2.72 3.14
CA TYR A 79 -13.13 -2.30 1.77
C TYR A 79 -13.44 -3.44 0.81
N ALA A 80 -13.03 -4.65 1.19
CA ALA A 80 -13.27 -5.82 0.37
C ALA A 80 -14.77 -5.97 0.10
N LYS A 81 -15.58 -5.50 1.05
CA LYS A 81 -17.03 -5.56 0.91
C LYS A 81 -17.54 -4.31 0.19
N GLN A 82 -16.62 -3.45 -0.23
CA GLN A 82 -16.96 -2.23 -0.93
C GLN A 82 -16.39 -2.27 -2.34
N ARG A 83 -15.11 -2.63 -2.45
CA ARG A 83 -14.46 -2.72 -3.76
C ARG A 83 -15.03 -3.86 -4.59
N ALA A 84 -15.36 -4.96 -3.92
CA ALA A 84 -15.94 -6.12 -4.59
C ALA A 84 -17.46 -5.98 -4.70
N ALA A 85 -18.03 -5.14 -3.83
CA ALA A 85 -19.46 -4.92 -3.82
C ALA A 85 -19.83 -3.72 -4.69
N ALA A 86 -18.88 -2.81 -4.91
CA ALA A 86 -19.12 -1.63 -5.72
C ALA A 86 -19.13 -1.97 -7.20
N LEU A 87 -18.21 -2.83 -7.61
CA LEU A 87 -18.11 -3.24 -9.00
C LEU A 87 -18.98 -4.47 -9.27
N GLY A 88 -19.15 -5.30 -8.25
CA GLY A 88 -19.97 -6.49 -8.41
C GLY A 88 -20.94 -6.69 -7.26
N MET A 1 6.60 -5.28 -11.32
CA MET A 1 7.01 -6.44 -10.50
C MET A 1 8.32 -6.16 -9.77
N ASP A 2 9.09 -5.21 -10.28
CA ASP A 2 10.38 -4.85 -9.68
C ASP A 2 10.48 -3.34 -9.50
N LYS A 3 9.35 -2.69 -9.24
CA LYS A 3 9.32 -1.24 -9.05
C LYS A 3 7.89 -0.74 -8.87
N LEU A 4 6.92 -1.50 -9.37
CA LEU A 4 5.51 -1.11 -9.28
C LEU A 4 4.88 -1.65 -8.00
N ASP A 5 5.65 -1.70 -6.94
CA ASP A 5 5.16 -2.18 -5.65
C ASP A 5 4.66 -3.62 -5.76
N MET A 6 5.20 -4.36 -6.71
CA MET A 6 4.83 -5.76 -6.91
C MET A 6 3.32 -5.96 -6.87
N ASN A 7 2.89 -7.22 -6.85
CA ASN A 7 1.46 -7.55 -6.82
C ASN A 7 0.80 -7.03 -5.54
N ALA A 8 1.61 -6.73 -4.52
CA ALA A 8 1.08 -6.22 -3.26
C ALA A 8 0.15 -5.04 -3.46
N LYS A 9 0.63 -4.04 -4.21
CA LYS A 9 -0.16 -2.85 -4.47
C LYS A 9 -1.41 -3.19 -5.28
N ARG A 10 -1.29 -4.19 -6.16
CA ARG A 10 -2.41 -4.62 -6.96
C ARG A 10 -3.45 -5.32 -6.10
N GLN A 11 -2.98 -5.93 -5.02
CA GLN A 11 -3.87 -6.62 -4.10
C GLN A 11 -4.80 -5.64 -3.40
N LEU A 12 -4.21 -4.60 -2.80
CA LEU A 12 -4.98 -3.59 -2.10
C LEU A 12 -5.99 -2.93 -3.04
N TYR A 13 -5.55 -2.63 -4.25
CA TYR A 13 -6.42 -1.99 -5.23
C TYR A 13 -7.51 -2.95 -5.70
N SER A 14 -7.20 -4.25 -5.66
CA SER A 14 -8.15 -5.26 -6.07
C SER A 14 -8.95 -5.78 -4.88
N LEU A 15 -8.61 -5.32 -3.68
CA LEU A 15 -9.32 -5.76 -2.47
C LEU A 15 -9.98 -4.60 -1.73
N ILE A 16 -9.55 -3.37 -2.00
CA ILE A 16 -10.14 -2.21 -1.32
C ILE A 16 -10.30 -1.01 -2.22
N GLY A 17 -9.35 -0.81 -3.14
CA GLY A 17 -9.42 0.32 -4.04
C GLY A 17 -10.61 0.24 -4.98
N TYR A 18 -11.65 1.02 -4.69
CA TYR A 18 -12.85 1.02 -5.53
C TYR A 18 -12.69 2.02 -6.68
N ALA A 19 -12.98 3.28 -6.42
CA ALA A 19 -12.88 4.33 -7.43
C ALA A 19 -12.33 5.62 -6.82
N SER A 20 -12.89 6.01 -5.67
CA SER A 20 -12.46 7.22 -4.98
C SER A 20 -11.19 6.96 -4.17
N LEU A 21 -10.91 5.69 -3.90
CA LEU A 21 -9.74 5.31 -3.13
C LEU A 21 -8.49 5.34 -3.99
N ARG A 22 -7.90 6.52 -4.14
CA ARG A 22 -6.69 6.69 -4.94
C ARG A 22 -5.49 6.04 -4.25
N LEU A 23 -5.44 4.71 -4.29
CA LEU A 23 -4.35 3.97 -3.67
C LEU A 23 -2.99 4.43 -4.21
N HIS A 24 -2.29 5.25 -3.43
CA HIS A 24 -0.99 5.76 -3.84
C HIS A 24 0.06 5.47 -2.76
N TYR A 25 1.30 5.27 -3.19
CA TYR A 25 2.39 4.98 -2.27
C TYR A 25 3.41 6.11 -2.23
N VAL A 26 3.74 6.54 -1.02
CA VAL A 26 4.71 7.60 -0.82
C VAL A 26 6.00 7.05 -0.22
N THR A 27 6.95 6.73 -1.09
CA THR A 27 8.23 6.20 -0.65
C THR A 27 9.18 7.33 -0.25
N VAL A 28 9.58 7.32 1.02
CA VAL A 28 10.47 8.36 1.53
C VAL A 28 11.89 7.82 1.67
N LYS A 29 12.08 6.94 2.65
CA LYS A 29 13.38 6.32 2.91
C LYS A 29 14.29 7.23 3.74
N LYS A 30 14.08 8.54 3.65
CA LYS A 30 14.90 9.50 4.40
C LYS A 30 16.38 9.13 4.29
N PRO A 31 16.89 8.99 3.06
CA PRO A 31 18.28 8.62 2.81
C PRO A 31 19.24 9.78 3.01
N THR A 32 20.10 9.66 4.02
CA THR A 32 21.09 10.69 4.32
C THR A 32 22.24 10.65 3.31
N ALA A 33 22.52 9.44 2.81
CA ALA A 33 23.58 9.24 1.84
C ALA A 33 23.69 7.77 1.48
N VAL A 34 23.48 6.91 2.48
CA VAL A 34 23.54 5.47 2.28
C VAL A 34 22.15 4.84 2.37
N ASP A 35 21.14 5.66 2.67
CA ASP A 35 19.77 5.18 2.77
C ASP A 35 19.64 4.17 3.91
N PRO A 36 19.23 4.62 5.11
CA PRO A 36 19.06 3.73 6.26
C PRO A 36 17.99 2.67 6.02
N ASN A 37 16.76 3.11 5.78
CA ASN A 37 15.66 2.21 5.53
C ASN A 37 14.70 2.80 4.51
N SER A 38 14.35 2.01 3.49
CA SER A 38 13.43 2.48 2.47
C SER A 38 12.02 2.37 3.01
N ILE A 39 11.58 3.43 3.67
CA ILE A 39 10.27 3.47 4.28
C ILE A 39 9.21 4.03 3.31
N VAL A 40 8.17 3.24 3.08
CA VAL A 40 7.09 3.66 2.18
C VAL A 40 5.73 3.46 2.84
N GLU A 41 4.82 4.37 2.55
CA GLU A 41 3.48 4.31 3.10
C GLU A 41 2.43 4.35 1.98
N CYS A 42 1.33 3.64 2.20
CA CYS A 42 0.25 3.60 1.22
C CYS A 42 -0.87 4.56 1.62
N ARG A 43 -1.01 5.64 0.88
CA ARG A 43 -2.04 6.63 1.16
C ARG A 43 -3.17 6.54 0.14
N VAL A 44 -4.40 6.69 0.62
CA VAL A 44 -5.56 6.63 -0.25
C VAL A 44 -6.36 7.93 -0.20
N GLY A 45 -7.15 8.17 -1.24
CA GLY A 45 -7.95 9.38 -1.30
C GLY A 45 -7.11 10.64 -1.21
N ASP A 46 -7.45 11.52 -0.26
CA ASP A 46 -6.73 12.76 -0.07
C ASP A 46 -5.33 12.51 0.48
N GLY A 47 -5.27 11.83 1.62
CA GLY A 47 -4.00 11.53 2.24
C GLY A 47 -4.13 10.61 3.44
N THR A 48 -4.95 9.58 3.31
CA THR A 48 -5.17 8.63 4.38
C THR A 48 -4.27 7.40 4.21
N VAL A 49 -3.32 7.23 5.11
CA VAL A 49 -2.41 6.09 5.05
C VAL A 49 -3.05 4.84 5.66
N LEU A 50 -3.18 3.81 4.82
CA LEU A 50 -3.77 2.56 5.26
C LEU A 50 -2.70 1.50 5.54
N GLY A 51 -1.51 1.70 4.96
CA GLY A 51 -0.44 0.74 5.17
C GLY A 51 0.92 1.41 5.26
N THR A 52 1.72 0.98 6.23
CA THR A 52 3.06 1.52 6.43
C THR A 52 4.08 0.40 6.54
N GLY A 53 5.11 0.44 5.71
CA GLY A 53 6.13 -0.60 5.75
C GLY A 53 7.46 -0.16 5.19
N VAL A 54 8.54 -0.68 5.76
CA VAL A 54 9.89 -0.34 5.32
C VAL A 54 10.43 -1.41 4.39
N GLY A 55 11.65 -1.18 3.95
CA GLY A 55 12.31 -2.13 3.06
C GLY A 55 13.72 -1.72 2.69
N ARG A 56 14.43 -2.60 2.00
CA ARG A 56 15.79 -2.32 1.58
C ARG A 56 15.80 -1.45 0.32
N ASN A 57 14.72 -1.56 -0.47
CA ASN A 57 14.59 -0.78 -1.69
C ASN A 57 13.14 -0.33 -1.88
N ILE A 58 12.85 0.23 -3.05
CA ILE A 58 11.50 0.69 -3.36
C ILE A 58 10.56 -0.48 -3.60
N LYS A 59 11.12 -1.57 -4.13
CA LYS A 59 10.33 -2.77 -4.42
C LYS A 59 9.89 -3.45 -3.13
N ILE A 60 10.85 -3.68 -2.24
CA ILE A 60 10.58 -4.32 -0.97
C ILE A 60 9.61 -3.50 -0.12
N ALA A 61 10.04 -2.29 0.23
CA ALA A 61 9.23 -1.38 1.03
C ALA A 61 7.79 -1.32 0.50
N GLY A 62 7.67 -1.27 -0.83
CA GLY A 62 6.36 -1.21 -1.44
C GLY A 62 5.51 -2.42 -1.08
N ILE A 63 6.14 -3.60 -1.08
CA ILE A 63 5.44 -4.83 -0.74
C ILE A 63 5.13 -4.87 0.76
N ARG A 64 6.00 -4.24 1.55
CA ARG A 64 5.83 -4.21 3.00
C ARG A 64 4.68 -3.28 3.38
N ALA A 65 4.64 -2.11 2.74
CA ALA A 65 3.58 -1.14 3.02
C ALA A 65 2.23 -1.70 2.63
N ALA A 66 2.16 -2.31 1.46
CA ALA A 66 0.94 -2.91 0.98
C ALA A 66 0.52 -4.07 1.86
N GLU A 67 1.49 -4.88 2.24
CA GLU A 67 1.23 -6.03 3.11
C GLU A 67 0.71 -5.57 4.45
N ASN A 68 1.27 -4.47 4.95
CA ASN A 68 0.86 -3.90 6.22
C ASN A 68 -0.60 -3.46 6.14
N ALA A 69 -0.97 -2.90 4.98
CA ALA A 69 -2.33 -2.44 4.76
C ALA A 69 -3.29 -3.62 4.60
N LEU A 70 -2.78 -4.72 4.07
CA LEU A 70 -3.59 -5.92 3.87
C LEU A 70 -3.70 -6.74 5.15
N ARG A 71 -2.73 -6.54 6.06
CA ARG A 71 -2.72 -7.27 7.33
C ARG A 71 -4.03 -7.06 8.09
N ASP A 72 -4.50 -5.82 8.11
CA ASP A 72 -5.74 -5.48 8.80
C ASP A 72 -6.93 -6.16 8.13
N LYS A 73 -7.13 -7.43 8.42
CA LYS A 73 -8.22 -8.21 7.85
C LYS A 73 -9.56 -7.49 8.06
N LYS A 74 -9.73 -6.89 9.23
CA LYS A 74 -10.95 -6.18 9.56
C LYS A 74 -11.14 -4.99 8.62
N MET A 75 -10.16 -4.11 8.62
CA MET A 75 -10.22 -2.93 7.76
C MET A 75 -10.32 -3.33 6.30
N LEU A 76 -9.78 -4.50 5.97
CA LEU A 76 -9.82 -5.00 4.61
C LEU A 76 -11.21 -5.52 4.27
N ASP A 77 -11.85 -6.15 5.24
CA ASP A 77 -13.20 -6.68 5.06
C ASP A 77 -14.19 -5.55 4.79
N PHE A 78 -13.99 -4.43 5.46
CA PHE A 78 -14.86 -3.28 5.29
C PHE A 78 -14.76 -2.72 3.88
N TYR A 79 -13.55 -2.73 3.32
CA TYR A 79 -13.33 -2.23 1.98
C TYR A 79 -13.68 -3.31 0.96
N ALA A 80 -13.25 -4.54 1.24
CA ALA A 80 -13.53 -5.64 0.34
C ALA A 80 -15.04 -5.82 0.15
N LYS A 81 -15.80 -5.45 1.18
CA LYS A 81 -17.26 -5.55 1.12
C LYS A 81 -17.84 -4.29 0.47
N GLN A 82 -16.97 -3.36 0.10
CA GLN A 82 -17.39 -2.12 -0.53
C GLN A 82 -16.88 -2.03 -1.95
N ARG A 83 -15.59 -2.31 -2.14
CA ARG A 83 -14.99 -2.27 -3.46
C ARG A 83 -15.49 -3.42 -4.33
N ALA A 84 -15.77 -4.55 -3.70
CA ALA A 84 -16.28 -5.72 -4.40
C ALA A 84 -17.80 -5.69 -4.45
N ALA A 85 -18.41 -4.92 -3.55
CA ALA A 85 -19.86 -4.80 -3.49
C ALA A 85 -20.34 -3.58 -4.27
N ALA A 86 -19.46 -2.60 -4.45
CA ALA A 86 -19.82 -1.39 -5.18
C ALA A 86 -19.76 -1.62 -6.69
N LEU A 87 -18.75 -2.37 -7.12
CA LEU A 87 -18.58 -2.66 -8.54
C LEU A 87 -19.36 -3.90 -8.94
N GLY A 88 -19.18 -4.98 -8.19
CA GLY A 88 -19.89 -6.22 -8.48
C GLY A 88 -19.24 -7.01 -9.60
N MET A 1 10.41 -9.68 -10.84
CA MET A 1 9.12 -9.61 -11.57
C MET A 1 8.60 -8.18 -11.66
N ASP A 2 8.37 -7.56 -10.50
CA ASP A 2 7.87 -6.19 -10.44
C ASP A 2 8.94 -5.26 -9.86
N LYS A 3 8.56 -4.00 -9.65
CA LYS A 3 9.48 -3.01 -9.11
C LYS A 3 8.75 -2.01 -8.22
N LEU A 4 7.57 -1.59 -8.67
CA LEU A 4 6.76 -0.63 -7.91
C LEU A 4 5.73 -1.36 -7.04
N ASP A 5 6.16 -2.49 -6.47
CA ASP A 5 5.28 -3.29 -5.61
C ASP A 5 3.89 -3.43 -6.21
N MET A 6 3.84 -3.48 -7.54
CA MET A 6 2.56 -3.61 -8.25
C MET A 6 1.81 -4.85 -7.77
N ASN A 7 2.54 -5.87 -7.36
CA ASN A 7 1.93 -7.10 -6.88
C ASN A 7 1.11 -6.85 -5.62
N ALA A 8 1.80 -6.65 -4.51
CA ALA A 8 1.13 -6.38 -3.24
C ALA A 8 0.24 -5.14 -3.34
N LYS A 9 0.54 -4.28 -4.32
CA LYS A 9 -0.23 -3.07 -4.53
C LYS A 9 -1.52 -3.38 -5.28
N ARG A 10 -1.43 -4.27 -6.26
CA ARG A 10 -2.60 -4.66 -7.03
C ARG A 10 -3.61 -5.37 -6.14
N GLN A 11 -3.09 -6.05 -5.13
CA GLN A 11 -3.93 -6.78 -4.18
C GLN A 11 -4.84 -5.81 -3.44
N LEU A 12 -4.24 -4.79 -2.83
CA LEU A 12 -4.99 -3.78 -2.10
C LEU A 12 -6.02 -3.10 -2.99
N TYR A 13 -5.57 -2.69 -4.17
CA TYR A 13 -6.45 -2.02 -5.12
C TYR A 13 -7.59 -2.95 -5.55
N SER A 14 -7.31 -4.26 -5.56
CA SER A 14 -8.31 -5.24 -5.94
C SER A 14 -9.08 -5.75 -4.73
N LEU A 15 -8.70 -5.29 -3.54
CA LEU A 15 -9.37 -5.71 -2.30
C LEU A 15 -10.02 -4.54 -1.58
N ILE A 16 -9.65 -3.31 -1.94
CA ILE A 16 -10.21 -2.13 -1.28
C ILE A 16 -10.34 -0.94 -2.22
N GLY A 17 -9.40 -0.80 -3.15
CA GLY A 17 -9.43 0.31 -4.08
C GLY A 17 -10.62 0.26 -5.02
N TYR A 18 -11.61 1.13 -4.79
CA TYR A 18 -12.80 1.17 -5.63
C TYR A 18 -12.84 2.45 -6.47
N ALA A 19 -12.29 3.54 -5.93
CA ALA A 19 -12.28 4.82 -6.62
C ALA A 19 -11.61 5.89 -5.77
N SER A 20 -12.36 6.46 -4.84
CA SER A 20 -11.83 7.49 -3.95
C SER A 20 -10.59 6.98 -3.22
N LEU A 21 -10.52 5.66 -3.04
CA LEU A 21 -9.40 5.02 -2.37
C LEU A 21 -8.16 5.04 -3.27
N ARG A 22 -7.67 6.24 -3.57
CA ARG A 22 -6.50 6.41 -4.42
C ARG A 22 -5.27 5.76 -3.80
N LEU A 23 -5.16 4.44 -3.95
CA LEU A 23 -4.03 3.71 -3.41
C LEU A 23 -2.73 4.13 -4.10
N HIS A 24 -1.99 5.02 -3.44
CA HIS A 24 -0.73 5.51 -3.99
C HIS A 24 0.37 5.41 -2.94
N TYR A 25 1.50 4.84 -3.33
CA TYR A 25 2.63 4.68 -2.43
C TYR A 25 3.58 5.86 -2.53
N VAL A 26 3.86 6.48 -1.39
CA VAL A 26 4.75 7.62 -1.32
C VAL A 26 6.06 7.25 -0.63
N THR A 27 7.13 7.16 -1.41
CA THR A 27 8.44 6.82 -0.87
C THR A 27 9.12 8.05 -0.26
N VAL A 28 9.68 7.87 0.94
CA VAL A 28 10.35 8.96 1.63
C VAL A 28 11.78 8.57 2.01
N LYS A 29 12.16 7.35 1.67
CA LYS A 29 13.49 6.83 1.98
C LYS A 29 14.58 7.86 1.73
N LYS A 30 15.16 7.87 0.53
CA LYS A 30 16.23 8.80 0.21
C LYS A 30 17.45 8.50 1.09
N PRO A 31 18.00 7.28 0.97
CA PRO A 31 19.16 6.85 1.75
C PRO A 31 20.22 7.95 1.89
N THR A 32 20.60 8.23 3.14
CA THR A 32 21.60 9.25 3.42
C THR A 32 22.09 9.13 4.86
N ALA A 33 22.85 10.13 5.32
CA ALA A 33 23.38 10.13 6.68
C ALA A 33 22.30 9.86 7.70
N VAL A 34 21.06 10.21 7.35
CA VAL A 34 19.93 10.00 8.25
C VAL A 34 19.14 8.76 7.88
N ASP A 35 18.57 8.76 6.68
CA ASP A 35 17.79 7.63 6.20
C ASP A 35 18.59 6.33 6.28
N PRO A 36 18.14 5.38 7.12
CA PRO A 36 18.82 4.10 7.30
C PRO A 36 18.51 3.08 6.21
N ASN A 37 17.26 3.03 5.76
CA ASN A 37 16.85 2.09 4.73
C ASN A 37 15.83 2.73 3.79
N SER A 38 15.04 1.89 3.11
CA SER A 38 14.03 2.39 2.18
C SER A 38 12.65 2.33 2.82
N ILE A 39 12.14 3.50 3.23
CA ILE A 39 10.83 3.57 3.86
C ILE A 39 9.77 4.08 2.88
N VAL A 40 8.68 3.34 2.77
CA VAL A 40 7.58 3.71 1.89
C VAL A 40 6.25 3.64 2.64
N GLU A 41 5.27 4.42 2.19
CA GLU A 41 3.97 4.44 2.83
C GLU A 41 2.84 4.46 1.80
N CYS A 42 1.81 3.65 2.06
CA CYS A 42 0.66 3.57 1.16
C CYS A 42 -0.44 4.52 1.62
N ARG A 43 -0.62 5.62 0.87
CA ARG A 43 -1.64 6.59 1.20
C ARG A 43 -2.82 6.48 0.26
N VAL A 44 -4.02 6.62 0.81
CA VAL A 44 -5.23 6.53 0.00
C VAL A 44 -6.09 7.79 0.14
N GLY A 45 -6.94 8.01 -0.83
CA GLY A 45 -7.82 9.18 -0.81
C GLY A 45 -7.03 10.48 -0.69
N ASP A 46 -7.52 11.37 0.17
CA ASP A 46 -6.86 12.66 0.37
C ASP A 46 -5.49 12.48 1.02
N GLY A 47 -5.46 11.82 2.17
CA GLY A 47 -4.21 11.58 2.87
C GLY A 47 -4.36 10.64 4.03
N THR A 48 -4.60 9.37 3.75
CA THR A 48 -4.76 8.36 4.78
C THR A 48 -3.88 7.14 4.51
N VAL A 49 -2.86 6.96 5.34
CA VAL A 49 -1.95 5.83 5.19
C VAL A 49 -2.59 4.54 5.69
N LEU A 50 -2.71 3.56 4.80
CA LEU A 50 -3.30 2.29 5.14
C LEU A 50 -2.24 1.20 5.26
N GLY A 51 -1.08 1.42 4.65
CA GLY A 51 -0.01 0.45 4.71
C GLY A 51 1.37 1.07 4.64
N THR A 52 2.10 1.02 5.75
CA THR A 52 3.44 1.56 5.83
C THR A 52 4.45 0.48 6.16
N GLY A 53 5.61 0.52 5.53
CA GLY A 53 6.64 -0.47 5.78
C GLY A 53 7.97 -0.12 5.15
N VAL A 54 9.05 -0.45 5.85
CA VAL A 54 10.40 -0.17 5.36
C VAL A 54 10.90 -1.31 4.47
N GLY A 55 12.10 -1.12 3.95
CA GLY A 55 12.69 -2.14 3.09
C GLY A 55 14.09 -1.77 2.65
N ARG A 56 14.84 -2.76 2.19
CA ARG A 56 16.21 -2.52 1.73
C ARG A 56 16.21 -1.84 0.36
N ASN A 57 15.12 -1.99 -0.38
CA ASN A 57 15.00 -1.39 -1.70
C ASN A 57 13.55 -1.01 -2.00
N ILE A 58 13.36 -0.16 -3.01
CA ILE A 58 12.03 0.29 -3.40
C ILE A 58 11.07 -0.89 -3.57
N LYS A 59 11.49 -1.87 -4.36
CA LYS A 59 10.67 -3.05 -4.61
C LYS A 59 10.30 -3.75 -3.31
N ILE A 60 11.25 -3.81 -2.39
CA ILE A 60 11.03 -4.45 -1.10
C ILE A 60 10.14 -3.61 -0.19
N ALA A 61 10.56 -2.37 0.04
CA ALA A 61 9.81 -1.45 0.89
C ALA A 61 8.35 -1.36 0.44
N GLY A 62 8.14 -1.41 -0.87
CA GLY A 62 6.79 -1.35 -1.41
C GLY A 62 5.98 -2.57 -1.05
N ILE A 63 6.55 -3.75 -1.28
CA ILE A 63 5.88 -5.00 -0.97
C ILE A 63 5.67 -5.15 0.53
N ARG A 64 6.57 -4.55 1.31
CA ARG A 64 6.48 -4.61 2.76
C ARG A 64 5.34 -3.75 3.27
N ALA A 65 5.27 -2.52 2.77
CA ALA A 65 4.21 -1.60 3.17
C ALA A 65 2.85 -2.13 2.77
N ALA A 66 2.76 -2.63 1.54
CA ALA A 66 1.52 -3.19 1.03
C ALA A 66 1.08 -4.38 1.88
N GLU A 67 2.05 -5.16 2.32
CA GLU A 67 1.77 -6.32 3.16
C GLU A 67 1.20 -5.88 4.49
N ASN A 68 1.70 -4.77 5.00
CA ASN A 68 1.22 -4.22 6.26
C ASN A 68 -0.23 -3.79 6.14
N ALA A 69 -0.60 -3.35 4.94
CA ALA A 69 -1.96 -2.91 4.66
C ALA A 69 -2.89 -4.11 4.50
N LEU A 70 -2.34 -5.22 4.01
CA LEU A 70 -3.11 -6.44 3.81
C LEU A 70 -3.38 -7.14 5.13
N ARG A 71 -2.46 -6.97 6.09
CA ARG A 71 -2.59 -7.59 7.40
C ARG A 71 -3.88 -7.16 8.08
N ASP A 72 -4.24 -5.90 7.90
CA ASP A 72 -5.46 -5.36 8.50
C ASP A 72 -6.70 -6.02 7.90
N LYS A 73 -6.98 -7.24 8.32
CA LYS A 73 -8.13 -7.99 7.82
C LYS A 73 -9.42 -7.24 8.09
N LYS A 74 -9.51 -6.61 9.27
CA LYS A 74 -10.69 -5.86 9.65
C LYS A 74 -10.92 -4.71 8.67
N MET A 75 -9.93 -3.85 8.54
CA MET A 75 -10.01 -2.71 7.64
C MET A 75 -10.20 -3.18 6.21
N LEU A 76 -9.62 -4.33 5.89
CA LEU A 76 -9.74 -4.90 4.55
C LEU A 76 -11.15 -5.42 4.31
N ASP A 77 -11.75 -5.97 5.36
CA ASP A 77 -13.11 -6.51 5.26
C ASP A 77 -14.11 -5.39 5.01
N PHE A 78 -13.89 -4.26 5.65
CA PHE A 78 -14.78 -3.11 5.49
C PHE A 78 -14.74 -2.57 4.06
N TYR A 79 -13.55 -2.57 3.48
CA TYR A 79 -13.37 -2.09 2.11
C TYR A 79 -13.73 -3.17 1.12
N ALA A 80 -13.30 -4.39 1.42
CA ALA A 80 -13.60 -5.52 0.55
C ALA A 80 -15.11 -5.69 0.39
N LYS A 81 -15.85 -5.31 1.43
CA LYS A 81 -17.30 -5.38 1.40
C LYS A 81 -17.88 -4.13 0.74
N GLN A 82 -17.00 -3.23 0.32
CA GLN A 82 -17.41 -1.99 -0.33
C GLN A 82 -16.94 -1.98 -1.78
N ARG A 83 -15.66 -2.26 -1.98
CA ARG A 83 -15.10 -2.29 -3.33
C ARG A 83 -15.69 -3.44 -4.14
N ALA A 84 -15.88 -4.58 -3.49
CA ALA A 84 -16.44 -5.74 -4.15
C ALA A 84 -17.97 -5.67 -4.18
N ALA A 85 -18.53 -4.91 -3.25
CA ALA A 85 -19.97 -4.75 -3.17
C ALA A 85 -20.43 -3.56 -4.01
N ALA A 86 -19.53 -2.61 -4.26
CA ALA A 86 -19.85 -1.43 -5.05
C ALA A 86 -20.07 -1.80 -6.52
N LEU A 87 -19.30 -2.78 -7.00
CA LEU A 87 -19.41 -3.21 -8.38
C LEU A 87 -20.55 -4.20 -8.55
N GLY A 88 -20.58 -5.21 -7.68
CA GLY A 88 -21.63 -6.21 -7.75
C GLY A 88 -22.68 -6.04 -6.66
N MET A 1 4.89 0.65 -13.67
CA MET A 1 3.83 -0.15 -13.01
C MET A 1 4.41 -0.98 -11.86
N ASP A 2 5.61 -1.51 -12.07
CA ASP A 2 6.27 -2.33 -11.06
C ASP A 2 7.49 -1.60 -10.49
N LYS A 3 8.27 -2.32 -9.68
CA LYS A 3 9.47 -1.75 -9.07
C LYS A 3 9.10 -0.63 -8.10
N LEU A 4 7.88 -0.70 -7.56
CA LEU A 4 7.41 0.28 -6.61
C LEU A 4 6.65 -0.40 -5.48
N ASP A 5 5.80 -1.35 -5.85
CA ASP A 5 5.01 -2.10 -4.88
C ASP A 5 4.18 -3.18 -5.57
N MET A 6 4.74 -3.77 -6.62
CA MET A 6 4.06 -4.81 -7.38
C MET A 6 3.44 -5.86 -6.46
N ASN A 7 2.66 -6.77 -7.05
CA ASN A 7 2.01 -7.83 -6.31
C ASN A 7 1.12 -7.28 -5.20
N ALA A 8 1.72 -6.96 -4.07
CA ALA A 8 0.99 -6.43 -2.93
C ALA A 8 0.07 -5.29 -3.35
N LYS A 9 0.51 -4.50 -4.32
CA LYS A 9 -0.28 -3.38 -4.81
C LYS A 9 -1.49 -3.89 -5.58
N ARG A 10 -1.36 -5.08 -6.17
CA ARG A 10 -2.45 -5.67 -6.93
C ARG A 10 -3.48 -6.29 -5.98
N GLN A 11 -2.99 -6.81 -4.87
CA GLN A 11 -3.85 -7.42 -3.87
C GLN A 11 -4.65 -6.34 -3.14
N LEU A 12 -3.96 -5.26 -2.78
CA LEU A 12 -4.59 -4.15 -2.07
C LEU A 12 -5.63 -3.45 -2.96
N TYR A 13 -5.31 -3.32 -4.24
CA TYR A 13 -6.21 -2.66 -5.17
C TYR A 13 -7.42 -3.54 -5.48
N SER A 14 -7.21 -4.84 -5.46
CA SER A 14 -8.28 -5.80 -5.74
C SER A 14 -9.09 -6.10 -4.49
N LEU A 15 -8.58 -5.68 -3.32
CA LEU A 15 -9.27 -5.92 -2.07
C LEU A 15 -9.95 -4.67 -1.54
N ILE A 16 -9.39 -3.49 -1.84
CA ILE A 16 -9.97 -2.24 -1.37
C ILE A 16 -10.03 -1.17 -2.46
N GLY A 17 -9.07 -1.19 -3.37
CA GLY A 17 -9.04 -0.21 -4.44
C GLY A 17 -10.22 -0.36 -5.39
N TYR A 18 -11.23 0.49 -5.22
CA TYR A 18 -12.41 0.44 -6.08
C TYR A 18 -12.41 1.58 -7.09
N ALA A 19 -11.98 2.76 -6.65
CA ALA A 19 -11.92 3.93 -7.52
C ALA A 19 -11.44 5.16 -6.76
N SER A 20 -12.32 5.73 -5.95
CA SER A 20 -11.99 6.92 -5.16
C SER A 20 -10.69 6.70 -4.38
N LEU A 21 -10.44 5.45 -4.01
CA LEU A 21 -9.23 5.10 -3.27
C LEU A 21 -8.02 5.06 -4.19
N ARG A 22 -7.44 6.23 -4.44
CA ARG A 22 -6.27 6.32 -5.31
C ARG A 22 -5.06 5.68 -4.66
N LEU A 23 -5.08 4.34 -4.58
CA LEU A 23 -3.99 3.60 -3.98
C LEU A 23 -2.65 3.96 -4.62
N HIS A 24 -1.86 4.77 -3.91
CA HIS A 24 -0.56 5.20 -4.40
C HIS A 24 0.51 5.00 -3.34
N TYR A 25 1.72 4.65 -3.77
CA TYR A 25 2.83 4.43 -2.87
C TYR A 25 3.91 5.47 -3.05
N VAL A 26 4.23 6.18 -1.97
CA VAL A 26 5.25 7.22 -2.01
C VAL A 26 6.34 6.94 -0.97
N THR A 27 7.56 6.70 -1.45
CA THR A 27 8.68 6.44 -0.56
C THR A 27 9.04 7.68 0.25
N VAL A 28 8.91 7.58 1.57
CA VAL A 28 9.20 8.69 2.45
C VAL A 28 10.72 8.88 2.63
N LYS A 29 11.44 7.76 2.65
CA LYS A 29 12.89 7.80 2.81
C LYS A 29 13.57 6.74 1.95
N LYS A 30 14.85 6.52 2.22
CA LYS A 30 15.63 5.53 1.48
C LYS A 30 17.01 5.33 2.12
N PRO A 31 17.62 4.16 1.91
CA PRO A 31 18.93 3.85 2.48
C PRO A 31 20.04 4.71 1.87
N THR A 32 20.62 5.58 2.70
CA THR A 32 21.69 6.47 2.25
C THR A 32 22.49 6.99 3.44
N ALA A 33 21.97 8.01 4.10
CA ALA A 33 22.63 8.61 5.25
C ALA A 33 21.63 9.23 6.22
N VAL A 34 20.38 8.80 6.13
CA VAL A 34 19.32 9.32 6.99
C VAL A 34 18.38 8.20 7.43
N ASP A 35 18.07 7.31 6.50
CA ASP A 35 17.17 6.20 6.79
C ASP A 35 17.91 4.86 6.65
N PRO A 36 17.77 3.96 7.64
CA PRO A 36 18.43 2.66 7.62
C PRO A 36 18.08 1.85 6.37
N ASN A 37 16.81 1.87 5.98
CA ASN A 37 16.35 1.14 4.81
C ASN A 37 15.43 2.02 3.95
N SER A 38 14.62 1.37 3.11
CA SER A 38 13.69 2.08 2.24
C SER A 38 12.28 2.06 2.82
N ILE A 39 11.89 3.16 3.45
CA ILE A 39 10.57 3.25 4.04
C ILE A 39 9.56 3.86 3.07
N VAL A 40 8.44 3.17 2.88
CA VAL A 40 7.41 3.65 1.97
C VAL A 40 6.05 3.69 2.67
N GLU A 41 5.16 4.54 2.17
CA GLU A 41 3.83 4.67 2.73
C GLU A 41 2.76 4.70 1.64
N CYS A 42 1.69 3.94 1.85
CA CYS A 42 0.59 3.87 0.89
C CYS A 42 -0.50 4.85 1.28
N ARG A 43 -0.68 5.89 0.47
CA ARG A 43 -1.71 6.88 0.72
C ARG A 43 -2.89 6.69 -0.22
N VAL A 44 -4.09 6.85 0.31
CA VAL A 44 -5.30 6.69 -0.50
C VAL A 44 -5.73 8.03 -1.11
N GLY A 45 -6.73 7.96 -1.98
CA GLY A 45 -7.23 9.17 -2.62
C GLY A 45 -7.79 10.17 -1.64
N ASP A 46 -8.11 9.71 -0.43
CA ASP A 46 -8.66 10.59 0.59
C ASP A 46 -7.57 11.13 1.51
N GLY A 47 -6.32 11.08 1.04
CA GLY A 47 -5.21 11.58 1.83
C GLY A 47 -5.11 10.88 3.17
N THR A 48 -5.02 9.56 3.15
CA THR A 48 -4.93 8.78 4.38
C THR A 48 -4.08 7.53 4.16
N VAL A 49 -2.98 7.43 4.90
CA VAL A 49 -2.08 6.28 4.78
C VAL A 49 -2.74 5.02 5.33
N LEU A 50 -2.96 4.05 4.44
CA LEU A 50 -3.59 2.80 4.84
C LEU A 50 -2.56 1.68 4.99
N GLY A 51 -1.39 1.86 4.37
CA GLY A 51 -0.36 0.84 4.47
C GLY A 51 1.04 1.43 4.49
N THR A 52 1.70 1.31 5.64
CA THR A 52 3.06 1.82 5.79
C THR A 52 4.02 0.68 6.12
N GLY A 53 5.09 0.57 5.33
CA GLY A 53 6.06 -0.49 5.55
C GLY A 53 7.42 -0.16 4.98
N VAL A 54 8.46 -0.78 5.54
CA VAL A 54 9.82 -0.55 5.08
C VAL A 54 10.28 -1.66 4.16
N GLY A 55 11.52 -1.55 3.72
CA GLY A 55 12.10 -2.55 2.83
C GLY A 55 13.50 -2.17 2.38
N ARG A 56 14.16 -3.10 1.71
CA ARG A 56 15.52 -2.88 1.21
C ARG A 56 15.52 -1.81 0.12
N ASN A 57 14.43 -1.75 -0.64
CA ASN A 57 14.30 -0.79 -1.72
C ASN A 57 12.84 -0.47 -2.00
N ILE A 58 12.59 0.36 -3.00
CA ILE A 58 11.22 0.75 -3.36
C ILE A 58 10.39 -0.48 -3.71
N LYS A 59 11.03 -1.48 -4.28
CA LYS A 59 10.34 -2.72 -4.67
C LYS A 59 9.85 -3.47 -3.44
N ILE A 60 10.78 -3.84 -2.58
CA ILE A 60 10.44 -4.57 -1.35
C ILE A 60 9.57 -3.72 -0.43
N ALA A 61 10.03 -2.50 -0.15
CA ALA A 61 9.29 -1.60 0.72
C ALA A 61 7.83 -1.48 0.27
N GLY A 62 7.61 -1.56 -1.04
CA GLY A 62 6.27 -1.47 -1.57
C GLY A 62 5.44 -2.67 -1.18
N ILE A 63 5.95 -3.86 -1.47
CA ILE A 63 5.25 -5.10 -1.14
C ILE A 63 5.07 -5.22 0.37
N ARG A 64 5.98 -4.60 1.12
CA ARG A 64 5.93 -4.64 2.58
C ARG A 64 4.83 -3.73 3.11
N ALA A 65 4.78 -2.51 2.59
CA ALA A 65 3.77 -1.53 3.00
C ALA A 65 2.37 -2.09 2.78
N ALA A 66 2.12 -2.57 1.58
CA ALA A 66 0.82 -3.14 1.25
C ALA A 66 0.49 -4.29 2.20
N GLU A 67 1.50 -5.12 2.46
CA GLU A 67 1.33 -6.25 3.36
C GLU A 67 0.88 -5.76 4.72
N ASN A 68 1.34 -4.57 5.10
CA ASN A 68 0.96 -3.97 6.37
C ASN A 68 -0.50 -3.59 6.36
N ALA A 69 -0.97 -3.13 5.20
CA ALA A 69 -2.37 -2.76 5.03
C ALA A 69 -3.24 -4.00 4.90
N LEU A 70 -2.65 -5.07 4.36
CA LEU A 70 -3.36 -6.33 4.19
C LEU A 70 -3.64 -6.98 5.54
N ARG A 71 -2.74 -6.73 6.50
CA ARG A 71 -2.87 -7.30 7.83
C ARG A 71 -4.12 -6.73 8.53
N ASP A 72 -4.41 -5.47 8.27
CA ASP A 72 -5.57 -4.81 8.87
C ASP A 72 -6.87 -5.41 8.33
N LYS A 73 -7.19 -6.62 8.78
CA LYS A 73 -8.39 -7.31 8.34
C LYS A 73 -9.64 -6.46 8.61
N LYS A 74 -9.59 -5.66 9.68
CA LYS A 74 -10.71 -4.79 10.03
C LYS A 74 -10.88 -3.72 8.96
N MET A 75 -9.83 -2.95 8.75
CA MET A 75 -9.86 -1.89 7.76
C MET A 75 -10.03 -2.47 6.36
N LEU A 76 -9.45 -3.64 6.15
CA LEU A 76 -9.55 -4.31 4.86
C LEU A 76 -10.96 -4.85 4.64
N ASP A 77 -11.59 -5.27 5.73
CA ASP A 77 -12.95 -5.81 5.68
C ASP A 77 -13.93 -4.71 5.28
N PHE A 78 -13.75 -3.53 5.85
CA PHE A 78 -14.60 -2.39 5.56
C PHE A 78 -14.54 -2.04 4.08
N TYR A 79 -13.34 -2.12 3.51
CA TYR A 79 -13.15 -1.83 2.10
C TYR A 79 -13.56 -3.01 1.25
N ALA A 80 -13.15 -4.20 1.69
CA ALA A 80 -13.49 -5.41 0.97
C ALA A 80 -15.00 -5.59 0.88
N LYS A 81 -15.71 -5.09 1.87
CA LYS A 81 -17.17 -5.17 1.88
C LYS A 81 -17.78 -4.08 1.02
N GLN A 82 -16.92 -3.19 0.50
CA GLN A 82 -17.37 -2.10 -0.35
C GLN A 82 -16.84 -2.31 -1.76
N ARG A 83 -15.54 -2.54 -1.87
CA ARG A 83 -14.91 -2.78 -3.17
C ARG A 83 -15.48 -4.04 -3.81
N ALA A 84 -15.49 -5.12 -3.05
CA ALA A 84 -16.00 -6.40 -3.52
C ALA A 84 -17.52 -6.36 -3.66
N ALA A 85 -18.16 -5.55 -2.84
CA ALA A 85 -19.61 -5.41 -2.86
C ALA A 85 -20.07 -4.42 -3.92
N ALA A 86 -19.17 -3.51 -4.29
CA ALA A 86 -19.48 -2.50 -5.30
C ALA A 86 -19.39 -3.08 -6.70
N LEU A 87 -18.42 -3.97 -6.91
CA LEU A 87 -18.23 -4.60 -8.20
C LEU A 87 -18.83 -6.00 -8.22
N GLY A 88 -18.54 -6.78 -7.17
CA GLY A 88 -19.07 -8.13 -7.09
C GLY A 88 -20.49 -8.17 -6.58
N MET A 1 2.57 -3.99 -8.93
CA MET A 1 2.57 -4.42 -10.35
C MET A 1 3.64 -5.48 -10.59
N ASP A 2 4.88 -5.15 -10.25
CA ASP A 2 5.99 -6.08 -10.44
C ASP A 2 7.24 -5.60 -9.68
N LYS A 3 7.49 -4.30 -9.76
CA LYS A 3 8.65 -3.70 -9.10
C LYS A 3 8.23 -2.54 -8.20
N LEU A 4 7.32 -1.72 -8.70
CA LEU A 4 6.82 -0.57 -7.95
C LEU A 4 6.29 -1.01 -6.59
N ASP A 5 5.46 -2.04 -6.60
CA ASP A 5 4.88 -2.57 -5.37
C ASP A 5 4.42 -4.02 -5.56
N MET A 6 5.05 -4.71 -6.51
CA MET A 6 4.73 -6.11 -6.79
C MET A 6 3.22 -6.36 -6.80
N ASN A 7 2.84 -7.63 -6.83
CA ASN A 7 1.43 -8.02 -6.84
C ASN A 7 0.68 -7.43 -5.65
N ALA A 8 1.42 -7.09 -4.59
CA ALA A 8 0.81 -6.53 -3.39
C ALA A 8 -0.01 -5.28 -3.72
N LYS A 9 0.44 -4.53 -4.73
CA LYS A 9 -0.27 -3.32 -5.14
C LYS A 9 -1.58 -3.66 -5.83
N ARG A 10 -1.56 -4.68 -6.66
CA ARG A 10 -2.76 -5.11 -7.37
C ARG A 10 -3.73 -5.78 -6.41
N GLN A 11 -3.18 -6.40 -5.37
CA GLN A 11 -3.99 -7.07 -4.37
C GLN A 11 -4.73 -6.06 -3.52
N LEU A 12 -4.03 -5.02 -3.09
CA LEU A 12 -4.64 -3.97 -2.28
C LEU A 12 -5.67 -3.19 -3.07
N TYR A 13 -5.32 -2.88 -4.33
CA TYR A 13 -6.22 -2.13 -5.19
C TYR A 13 -7.42 -2.98 -5.61
N SER A 14 -7.21 -4.29 -5.67
CA SER A 14 -8.27 -5.21 -6.06
C SER A 14 -9.11 -5.62 -4.85
N LEU A 15 -8.63 -5.31 -3.65
CA LEU A 15 -9.36 -5.66 -2.42
C LEU A 15 -10.02 -4.44 -1.80
N ILE A 16 -9.44 -3.26 -1.99
CA ILE A 16 -10.01 -2.05 -1.41
C ILE A 16 -10.05 -0.89 -2.42
N GLY A 17 -9.08 -0.85 -3.33
CA GLY A 17 -9.04 0.21 -4.32
C GLY A 17 -10.28 0.24 -5.20
N TYR A 18 -11.17 1.19 -4.93
CA TYR A 18 -12.39 1.32 -5.71
C TYR A 18 -12.48 2.70 -6.35
N ALA A 19 -11.42 3.09 -7.04
CA ALA A 19 -11.37 4.40 -7.72
C ALA A 19 -11.28 5.54 -6.71
N SER A 20 -12.32 5.68 -5.88
CA SER A 20 -12.35 6.72 -4.86
C SER A 20 -11.08 6.70 -4.02
N LEU A 21 -10.60 5.51 -3.72
CA LEU A 21 -9.39 5.35 -2.92
C LEU A 21 -8.16 5.29 -3.81
N ARG A 22 -7.63 6.46 -4.18
CA ARG A 22 -6.46 6.53 -5.04
C ARG A 22 -5.24 5.92 -4.35
N LEU A 23 -5.15 4.60 -4.39
CA LEU A 23 -4.02 3.90 -3.78
C LEU A 23 -2.71 4.31 -4.42
N HIS A 24 -1.91 5.10 -3.70
CA HIS A 24 -0.63 5.56 -4.21
C HIS A 24 0.46 5.37 -3.16
N TYR A 25 1.65 5.02 -3.61
CA TYR A 25 2.77 4.82 -2.71
C TYR A 25 3.77 5.95 -2.80
N VAL A 26 4.03 6.59 -1.66
CA VAL A 26 4.95 7.71 -1.60
C VAL A 26 6.25 7.30 -0.92
N THR A 27 7.29 7.07 -1.72
CA THR A 27 8.59 6.67 -1.18
C THR A 27 9.36 7.89 -0.68
N VAL A 28 9.94 7.76 0.51
CA VAL A 28 10.70 8.84 1.10
C VAL A 28 12.16 8.44 1.26
N LYS A 29 12.36 7.22 1.76
CA LYS A 29 13.70 6.66 1.98
C LYS A 29 14.75 7.73 2.25
N LYS A 30 15.40 8.23 1.20
CA LYS A 30 16.42 9.25 1.34
C LYS A 30 17.60 8.71 2.16
N PRO A 31 18.24 7.64 1.68
CA PRO A 31 19.37 7.03 2.37
C PRO A 31 20.53 8.00 2.56
N THR A 32 20.79 8.36 3.82
CA THR A 32 21.85 9.29 4.16
C THR A 32 21.87 9.55 5.66
N ALA A 33 20.68 9.64 6.24
CA ALA A 33 20.52 9.88 7.67
C ALA A 33 19.05 9.80 8.09
N VAL A 34 18.18 10.25 7.19
CA VAL A 34 16.74 10.22 7.46
C VAL A 34 16.22 8.80 7.56
N ASP A 35 16.67 7.95 6.63
CA ASP A 35 16.25 6.55 6.60
C ASP A 35 17.40 5.66 6.14
N PRO A 36 17.87 4.74 7.00
CA PRO A 36 18.97 3.82 6.67
C PRO A 36 18.63 2.88 5.53
N ASN A 37 17.34 2.77 5.20
CA ASN A 37 16.90 1.89 4.13
C ASN A 37 15.87 2.59 3.24
N SER A 38 15.08 1.80 2.52
CA SER A 38 14.05 2.35 1.65
C SER A 38 12.69 2.27 2.32
N ILE A 39 12.20 3.41 2.80
CA ILE A 39 10.91 3.46 3.48
C ILE A 39 9.83 4.04 2.56
N VAL A 40 8.73 3.32 2.43
CA VAL A 40 7.62 3.76 1.59
C VAL A 40 6.32 3.77 2.38
N GLU A 41 5.40 4.64 1.98
CA GLU A 41 4.11 4.75 2.66
C GLU A 41 2.96 4.84 1.66
N CYS A 42 2.02 3.91 1.77
CA CYS A 42 0.87 3.88 0.88
C CYS A 42 -0.21 4.82 1.39
N ARG A 43 -0.48 5.89 0.64
CA ARG A 43 -1.48 6.86 1.03
C ARG A 43 -2.71 6.76 0.13
N VAL A 44 -3.88 6.90 0.72
CA VAL A 44 -5.13 6.81 -0.03
C VAL A 44 -5.59 8.20 -0.46
N GLY A 45 -6.57 8.24 -1.37
CA GLY A 45 -7.09 9.50 -1.86
C GLY A 45 -7.87 10.26 -0.80
N ASP A 46 -7.15 10.82 0.17
CA ASP A 46 -7.77 11.56 1.25
C ASP A 46 -6.72 12.17 2.18
N GLY A 47 -5.71 11.38 2.50
CA GLY A 47 -4.65 11.85 3.38
C GLY A 47 -4.43 10.93 4.58
N THR A 48 -4.39 9.63 4.33
CA THR A 48 -4.20 8.65 5.39
C THR A 48 -3.45 7.43 4.87
N VAL A 49 -2.27 7.17 5.44
CA VAL A 49 -1.46 6.02 5.04
C VAL A 49 -2.08 4.72 5.54
N LEU A 50 -2.48 3.87 4.60
CA LEU A 50 -3.09 2.59 4.93
C LEU A 50 -2.04 1.49 5.05
N GLY A 51 -0.88 1.70 4.42
CA GLY A 51 0.17 0.70 4.47
C GLY A 51 1.56 1.30 4.48
N THR A 52 2.30 1.07 5.56
CA THR A 52 3.66 1.58 5.69
C THR A 52 4.64 0.44 5.91
N GLY A 53 5.74 0.45 5.16
CA GLY A 53 6.73 -0.60 5.29
C GLY A 53 8.05 -0.24 4.65
N VAL A 54 9.14 -0.58 5.33
CA VAL A 54 10.48 -0.30 4.82
C VAL A 54 10.98 -1.42 3.94
N GLY A 55 12.18 -1.25 3.42
CA GLY A 55 12.78 -2.25 2.55
C GLY A 55 14.11 -1.80 1.98
N ARG A 56 14.94 -2.77 1.60
CA ARG A 56 16.24 -2.47 1.02
C ARG A 56 16.10 -1.69 -0.29
N ASN A 57 15.02 -1.94 -1.00
CA ASN A 57 14.76 -1.27 -2.26
C ASN A 57 13.28 -0.94 -2.40
N ILE A 58 12.90 -0.35 -3.53
CA ILE A 58 11.51 0.01 -3.79
C ILE A 58 10.64 -1.23 -3.88
N LYS A 59 11.18 -2.28 -4.47
CA LYS A 59 10.45 -3.54 -4.63
C LYS A 59 10.06 -4.10 -3.27
N ILE A 60 11.02 -4.10 -2.35
CA ILE A 60 10.78 -4.61 -1.00
C ILE A 60 9.89 -3.66 -0.21
N ALA A 61 10.36 -2.42 -0.06
CA ALA A 61 9.61 -1.41 0.69
C ALA A 61 8.17 -1.34 0.19
N GLY A 62 7.98 -1.57 -1.10
CA GLY A 62 6.65 -1.54 -1.67
C GLY A 62 5.80 -2.69 -1.18
N ILE A 63 6.35 -3.90 -1.23
CA ILE A 63 5.64 -5.09 -0.77
C ILE A 63 5.39 -5.02 0.72
N ARG A 64 6.33 -4.40 1.45
CA ARG A 64 6.21 -4.27 2.90
C ARG A 64 5.07 -3.33 3.25
N ALA A 65 5.02 -2.19 2.57
CA ALA A 65 3.97 -1.21 2.81
C ALA A 65 2.60 -1.79 2.44
N ALA A 66 2.54 -2.42 1.28
CA ALA A 66 1.31 -3.04 0.81
C ALA A 66 0.93 -4.20 1.72
N GLU A 67 1.92 -4.96 2.14
CA GLU A 67 1.70 -6.09 3.03
C GLU A 67 1.16 -5.60 4.36
N ASN A 68 1.67 -4.47 4.81
CA ASN A 68 1.23 -3.88 6.07
C ASN A 68 -0.25 -3.48 5.96
N ALA A 69 -0.64 -3.08 4.75
CA ALA A 69 -2.02 -2.69 4.50
C ALA A 69 -2.89 -3.92 4.26
N LEU A 70 -2.26 -4.98 3.75
CA LEU A 70 -2.96 -6.23 3.47
C LEU A 70 -3.16 -7.02 4.75
N ARG A 71 -2.25 -6.84 5.71
CA ARG A 71 -2.33 -7.54 6.99
C ARG A 71 -3.58 -7.13 7.76
N ASP A 72 -3.94 -5.86 7.66
CA ASP A 72 -5.11 -5.34 8.36
C ASP A 72 -6.40 -5.93 7.77
N LYS A 73 -6.65 -7.19 8.10
CA LYS A 73 -7.83 -7.88 7.60
C LYS A 73 -9.11 -7.13 7.96
N LYS A 74 -9.12 -6.52 9.15
CA LYS A 74 -10.27 -5.76 9.60
C LYS A 74 -10.51 -4.56 8.69
N MET A 75 -9.51 -3.70 8.60
CA MET A 75 -9.58 -2.52 7.75
C MET A 75 -9.82 -2.93 6.30
N LEU A 76 -9.32 -4.12 5.95
CA LEU A 76 -9.49 -4.64 4.60
C LEU A 76 -10.92 -5.12 4.39
N ASP A 77 -11.51 -5.65 5.45
CA ASP A 77 -12.89 -6.15 5.39
C ASP A 77 -13.86 -5.00 5.14
N PHE A 78 -13.59 -3.86 5.77
CA PHE A 78 -14.45 -2.68 5.62
C PHE A 78 -14.44 -2.21 4.17
N TYR A 79 -13.29 -2.31 3.52
CA TYR A 79 -13.15 -1.90 2.13
C TYR A 79 -13.61 -3.02 1.20
N ALA A 80 -13.20 -4.24 1.52
CA ALA A 80 -13.58 -5.39 0.71
C ALA A 80 -15.10 -5.49 0.60
N LYS A 81 -15.80 -4.98 1.60
CA LYS A 81 -17.27 -5.00 1.61
C LYS A 81 -17.82 -3.81 0.82
N GLN A 82 -16.95 -2.91 0.41
CA GLN A 82 -17.35 -1.74 -0.36
C GLN A 82 -16.82 -1.83 -1.78
N ARG A 83 -15.54 -2.18 -1.91
CA ARG A 83 -14.91 -2.31 -3.21
C ARG A 83 -15.46 -3.53 -3.94
N ALA A 84 -15.57 -4.64 -3.22
CA ALA A 84 -16.09 -5.88 -3.77
C ALA A 84 -17.60 -5.83 -3.91
N ALA A 85 -18.24 -4.98 -3.10
CA ALA A 85 -19.68 -4.83 -3.13
C ALA A 85 -20.11 -3.77 -4.14
N ALA A 86 -19.26 -2.76 -4.33
CA ALA A 86 -19.54 -1.70 -5.26
C ALA A 86 -19.27 -2.14 -6.70
N LEU A 87 -18.32 -3.06 -6.85
CA LEU A 87 -17.96 -3.57 -8.17
C LEU A 87 -19.12 -4.34 -8.79
N GLY A 88 -19.74 -5.21 -7.99
CA GLY A 88 -20.85 -5.99 -8.49
C GLY A 88 -22.07 -5.14 -8.81
N MET A 1 7.62 -5.70 -14.19
CA MET A 1 7.90 -7.13 -13.90
C MET A 1 8.64 -7.28 -12.57
N ASP A 2 7.92 -7.71 -11.54
CA ASP A 2 8.52 -7.90 -10.22
C ASP A 2 9.08 -6.59 -9.69
N LYS A 3 8.34 -5.51 -9.88
CA LYS A 3 8.77 -4.19 -9.41
C LYS A 3 7.57 -3.36 -8.97
N LEU A 4 7.79 -2.51 -7.97
CA LEU A 4 6.72 -1.65 -7.44
C LEU A 4 5.59 -2.48 -6.86
N ASP A 5 5.94 -3.66 -6.33
CA ASP A 5 4.95 -4.56 -5.74
C ASP A 5 3.70 -4.67 -6.60
N MET A 6 3.89 -5.09 -7.86
CA MET A 6 2.79 -5.23 -8.80
C MET A 6 1.74 -6.22 -8.27
N ASN A 7 2.18 -7.17 -7.45
CA ASN A 7 1.28 -8.17 -6.90
C ASN A 7 0.65 -7.68 -5.59
N ALA A 8 1.39 -6.85 -4.86
CA ALA A 8 0.90 -6.32 -3.59
C ALA A 8 0.01 -5.11 -3.85
N LYS A 9 0.32 -4.35 -4.89
CA LYS A 9 -0.45 -3.17 -5.25
C LYS A 9 -1.75 -3.58 -5.91
N ARG A 10 -1.72 -4.71 -6.62
CA ARG A 10 -2.91 -5.22 -7.30
C ARG A 10 -3.88 -5.80 -6.28
N GLN A 11 -3.32 -6.36 -5.21
CA GLN A 11 -4.12 -6.94 -4.15
C GLN A 11 -4.92 -5.86 -3.42
N LEU A 12 -4.22 -4.80 -3.02
CA LEU A 12 -4.86 -3.70 -2.32
C LEU A 12 -5.96 -3.07 -3.18
N TYR A 13 -5.69 -2.91 -4.46
CA TYR A 13 -6.66 -2.34 -5.38
C TYR A 13 -7.81 -3.30 -5.63
N SER A 14 -7.53 -4.59 -5.53
CA SER A 14 -8.55 -5.61 -5.75
C SER A 14 -9.23 -5.99 -4.45
N LEU A 15 -8.78 -5.42 -3.33
CA LEU A 15 -9.36 -5.72 -2.03
C LEU A 15 -9.92 -4.48 -1.35
N ILE A 16 -9.39 -3.30 -1.68
CA ILE A 16 -9.86 -2.07 -1.06
C ILE A 16 -10.04 -0.93 -2.07
N GLY A 17 -9.21 -0.91 -3.11
CA GLY A 17 -9.31 0.13 -4.11
C GLY A 17 -10.54 0.00 -4.97
N TYR A 18 -11.58 0.78 -4.66
CA TYR A 18 -12.82 0.74 -5.42
C TYR A 18 -12.81 1.77 -6.54
N ALA A 19 -12.63 3.03 -6.17
CA ALA A 19 -12.59 4.11 -7.15
C ALA A 19 -11.94 5.35 -6.55
N SER A 20 -12.63 5.97 -5.60
CA SER A 20 -12.10 7.17 -4.94
C SER A 20 -10.78 6.86 -4.25
N LEU A 21 -10.63 5.61 -3.81
CA LEU A 21 -9.41 5.18 -3.13
C LEU A 21 -8.24 5.15 -4.11
N ARG A 22 -7.69 6.32 -4.40
CA ARG A 22 -6.56 6.43 -5.31
C ARG A 22 -5.32 5.79 -4.71
N LEU A 23 -5.30 4.46 -4.68
CA LEU A 23 -4.18 3.72 -4.13
C LEU A 23 -2.86 4.20 -4.72
N HIS A 24 -2.19 5.10 -4.01
CA HIS A 24 -0.91 5.64 -4.46
C HIS A 24 0.17 5.41 -3.42
N TYR A 25 1.40 5.19 -3.88
CA TYR A 25 2.52 4.95 -2.98
C TYR A 25 3.50 6.12 -3.01
N VAL A 26 3.80 6.64 -1.83
CA VAL A 26 4.72 7.76 -1.70
C VAL A 26 6.04 7.33 -1.05
N THR A 27 7.09 7.30 -1.84
CA THR A 27 8.41 6.90 -1.35
C THR A 27 9.15 8.10 -0.78
N VAL A 28 9.56 7.99 0.48
CA VAL A 28 10.29 9.08 1.14
C VAL A 28 11.70 8.63 1.48
N LYS A 29 11.82 7.37 1.88
CA LYS A 29 13.11 6.76 2.24
C LYS A 29 14.06 7.77 2.89
N LYS A 30 14.93 8.38 2.08
CA LYS A 30 15.90 9.34 2.59
C LYS A 30 16.87 8.65 3.54
N PRO A 31 17.59 7.63 3.04
CA PRO A 31 18.55 6.87 3.84
C PRO A 31 19.54 7.76 4.56
N THR A 32 19.49 7.75 5.88
CA THR A 32 20.37 8.56 6.72
C THR A 32 20.05 8.37 8.20
N ALA A 33 20.19 7.13 8.68
CA ALA A 33 19.91 6.81 10.07
C ALA A 33 18.41 6.70 10.31
N VAL A 34 17.67 7.71 9.87
CA VAL A 34 16.22 7.72 10.03
C VAL A 34 15.57 6.66 9.16
N ASP A 35 16.13 6.44 7.97
CA ASP A 35 15.62 5.45 7.05
C ASP A 35 16.68 4.38 6.76
N PRO A 36 16.52 3.16 7.32
CA PRO A 36 17.47 2.08 7.12
C PRO A 36 17.85 1.87 5.66
N ASN A 37 16.85 1.88 4.78
CA ASN A 37 17.10 1.70 3.36
C ASN A 37 16.12 2.51 2.53
N SER A 38 14.92 1.97 2.31
CA SER A 38 13.89 2.66 1.54
C SER A 38 12.52 2.44 2.16
N ILE A 39 11.90 3.52 2.63
CA ILE A 39 10.59 3.44 3.24
C ILE A 39 9.51 3.98 2.33
N VAL A 40 8.48 3.19 2.10
CA VAL A 40 7.38 3.59 1.24
C VAL A 40 6.04 3.48 1.99
N GLU A 41 5.13 4.39 1.68
CA GLU A 41 3.82 4.39 2.32
C GLU A 41 2.71 4.42 1.28
N CYS A 42 1.68 3.63 1.50
CA CYS A 42 0.55 3.56 0.59
C CYS A 42 -0.55 4.52 1.05
N ARG A 43 -0.77 5.59 0.28
CA ARG A 43 -1.78 6.58 0.62
C ARG A 43 -2.99 6.46 -0.28
N VAL A 44 -4.16 6.64 0.30
CA VAL A 44 -5.40 6.55 -0.46
C VAL A 44 -5.79 7.91 -1.03
N GLY A 45 -6.75 7.92 -1.96
CA GLY A 45 -7.19 9.16 -2.55
C GLY A 45 -7.66 10.18 -1.53
N ASP A 46 -8.34 9.70 -0.50
CA ASP A 46 -8.84 10.58 0.56
C ASP A 46 -7.69 11.32 1.24
N GLY A 47 -6.52 10.70 1.26
CA GLY A 47 -5.36 11.32 1.89
C GLY A 47 -5.02 10.69 3.21
N THR A 48 -4.85 9.37 3.22
CA THR A 48 -4.51 8.64 4.44
C THR A 48 -3.71 7.39 4.12
N VAL A 49 -2.59 7.21 4.81
CA VAL A 49 -1.73 6.05 4.59
C VAL A 49 -2.33 4.81 5.24
N LEU A 50 -2.60 3.80 4.42
CA LEU A 50 -3.17 2.56 4.91
C LEU A 50 -2.09 1.51 5.14
N GLY A 51 -0.94 1.68 4.48
CA GLY A 51 0.15 0.73 4.63
C GLY A 51 1.51 1.40 4.65
N THR A 52 2.31 1.03 5.65
CA THR A 52 3.66 1.58 5.79
C THR A 52 4.68 0.46 5.94
N GLY A 53 5.67 0.42 5.05
CA GLY A 53 6.68 -0.61 5.12
C GLY A 53 8.03 -0.18 4.57
N VAL A 54 9.09 -0.70 5.16
CA VAL A 54 10.45 -0.37 4.73
C VAL A 54 10.98 -1.41 3.75
N GLY A 55 12.07 -1.09 3.05
CA GLY A 55 12.64 -2.01 2.09
C GLY A 55 13.93 -1.49 1.51
N ARG A 56 14.83 -2.41 1.14
CA ARG A 56 16.12 -2.03 0.56
C ARG A 56 15.93 -1.07 -0.61
N ASN A 57 14.79 -1.19 -1.29
CA ASN A 57 14.49 -0.34 -2.43
C ASN A 57 12.98 -0.15 -2.59
N ILE A 58 12.58 0.59 -3.61
CA ILE A 58 11.17 0.85 -3.86
C ILE A 58 10.41 -0.45 -4.06
N LYS A 59 11.04 -1.41 -4.72
CA LYS A 59 10.43 -2.71 -4.98
C LYS A 59 10.05 -3.39 -3.68
N ILE A 60 11.05 -3.68 -2.86
CA ILE A 60 10.84 -4.33 -1.57
C ILE A 60 9.94 -3.47 -0.68
N ALA A 61 10.32 -2.22 -0.51
CA ALA A 61 9.56 -1.28 0.31
C ALA A 61 8.11 -1.20 -0.16
N GLY A 62 7.92 -1.21 -1.48
CA GLY A 62 6.60 -1.15 -2.04
C GLY A 62 5.76 -2.36 -1.64
N ILE A 63 6.38 -3.53 -1.64
CA ILE A 63 5.71 -4.76 -1.27
C ILE A 63 5.44 -4.80 0.23
N ARG A 64 6.33 -4.19 1.00
CA ARG A 64 6.19 -4.15 2.45
C ARG A 64 5.06 -3.22 2.85
N ALA A 65 4.97 -2.07 2.19
CA ALA A 65 3.92 -1.10 2.48
C ALA A 65 2.54 -1.70 2.20
N ALA A 66 2.40 -2.28 1.02
CA ALA A 66 1.14 -2.91 0.63
C ALA A 66 0.82 -4.06 1.55
N GLU A 67 1.84 -4.81 1.94
CA GLU A 67 1.68 -5.94 2.83
C GLU A 67 1.21 -5.46 4.20
N ASN A 68 1.75 -4.32 4.63
CA ASN A 68 1.39 -3.73 5.91
C ASN A 68 -0.08 -3.35 5.91
N ALA A 69 -0.57 -2.95 4.73
CA ALA A 69 -1.97 -2.56 4.58
C ALA A 69 -2.87 -3.78 4.56
N LEU A 70 -2.38 -4.88 4.01
CA LEU A 70 -3.16 -6.11 3.93
C LEU A 70 -3.17 -6.83 5.28
N ARG A 71 -2.15 -6.58 6.09
CA ARG A 71 -2.06 -7.20 7.41
C ARG A 71 -3.24 -6.82 8.28
N ASP A 72 -3.67 -5.56 8.16
CA ASP A 72 -4.80 -5.07 8.94
C ASP A 72 -6.11 -5.67 8.44
N LYS A 73 -6.40 -6.90 8.87
CA LYS A 73 -7.62 -7.59 8.45
C LYS A 73 -8.86 -6.75 8.78
N LYS A 74 -8.78 -5.97 9.85
CA LYS A 74 -9.89 -5.11 10.25
C LYS A 74 -10.07 -3.98 9.26
N MET A 75 -9.00 -3.22 9.04
CA MET A 75 -9.04 -2.11 8.12
C MET A 75 -9.30 -2.60 6.70
N LEU A 76 -8.84 -3.82 6.41
CA LEU A 76 -9.02 -4.41 5.09
C LEU A 76 -10.46 -4.90 4.93
N ASP A 77 -11.06 -5.31 6.04
CA ASP A 77 -12.44 -5.79 6.04
C ASP A 77 -13.40 -4.64 5.72
N PHE A 78 -13.11 -3.48 6.31
CA PHE A 78 -13.94 -2.29 6.10
C PHE A 78 -13.96 -1.91 4.63
N TYR A 79 -12.81 -2.04 3.98
CA TYR A 79 -12.68 -1.71 2.56
C TYR A 79 -13.17 -2.88 1.72
N ALA A 80 -12.77 -4.08 2.11
CA ALA A 80 -13.19 -5.28 1.39
C ALA A 80 -14.71 -5.37 1.35
N LYS A 81 -15.35 -4.81 2.37
CA LYS A 81 -16.81 -4.82 2.44
C LYS A 81 -17.39 -3.65 1.64
N GLN A 82 -16.52 -2.81 1.11
CA GLN A 82 -16.93 -1.66 0.32
C GLN A 82 -16.52 -1.84 -1.13
N ARG A 83 -15.26 -2.22 -1.32
CA ARG A 83 -14.73 -2.45 -2.67
C ARG A 83 -15.42 -3.63 -3.32
N ALA A 84 -15.49 -4.74 -2.58
CA ALA A 84 -16.13 -5.96 -3.07
C ALA A 84 -17.65 -5.81 -3.08
N ALA A 85 -18.15 -4.94 -2.22
CA ALA A 85 -19.59 -4.71 -2.13
C ALA A 85 -20.05 -3.63 -3.11
N ALA A 86 -19.13 -2.75 -3.50
CA ALA A 86 -19.46 -1.66 -4.42
C ALA A 86 -19.35 -2.13 -5.87
N LEU A 87 -18.36 -2.97 -6.15
CA LEU A 87 -18.16 -3.48 -7.50
C LEU A 87 -18.55 -4.96 -7.59
N GLY A 88 -19.14 -5.49 -6.52
CA GLY A 88 -19.54 -6.89 -6.52
C GLY A 88 -21.02 -7.07 -6.22
N MET A 1 8.34 -6.14 -14.10
CA MET A 1 7.38 -7.14 -13.58
C MET A 1 7.45 -7.25 -12.06
N ASP A 2 8.67 -7.27 -11.53
CA ASP A 2 8.87 -7.36 -10.08
C ASP A 2 9.56 -6.11 -9.55
N LYS A 3 8.76 -5.10 -9.22
CA LYS A 3 9.28 -3.84 -8.69
C LYS A 3 8.15 -2.89 -8.30
N LEU A 4 8.45 -1.97 -7.41
CA LEU A 4 7.46 -0.99 -6.95
C LEU A 4 6.29 -1.69 -6.26
N ASP A 5 6.57 -2.83 -5.64
CA ASP A 5 5.54 -3.61 -4.95
C ASP A 5 4.25 -3.68 -5.75
N MET A 6 4.38 -3.76 -7.06
CA MET A 6 3.23 -3.83 -7.96
C MET A 6 2.28 -4.97 -7.54
N ASN A 7 2.84 -6.01 -6.93
CA ASN A 7 2.05 -7.16 -6.50
C ASN A 7 1.03 -6.76 -5.44
N ALA A 8 1.50 -6.64 -4.20
CA ALA A 8 0.62 -6.26 -3.09
C ALA A 8 -0.16 -4.99 -3.42
N LYS A 9 0.42 -4.16 -4.29
CA LYS A 9 -0.22 -2.91 -4.70
C LYS A 9 -1.39 -3.18 -5.64
N ARG A 10 -1.21 -4.17 -6.51
CA ARG A 10 -2.26 -4.53 -7.46
C ARG A 10 -3.35 -5.34 -6.76
N GLN A 11 -2.96 -6.09 -5.75
CA GLN A 11 -3.88 -6.90 -4.98
C GLN A 11 -4.74 -6.02 -4.09
N LEU A 12 -4.14 -4.96 -3.57
CA LEU A 12 -4.84 -4.03 -2.70
C LEU A 12 -5.89 -3.26 -3.48
N TYR A 13 -5.50 -2.78 -4.66
CA TYR A 13 -6.41 -2.01 -5.51
C TYR A 13 -7.63 -2.85 -5.88
N SER A 14 -7.41 -4.14 -6.06
CA SER A 14 -8.49 -5.05 -6.42
C SER A 14 -9.24 -5.51 -5.18
N LEU A 15 -8.64 -5.30 -4.00
CA LEU A 15 -9.26 -5.69 -2.75
C LEU A 15 -10.00 -4.54 -2.09
N ILE A 16 -9.54 -3.31 -2.33
CA ILE A 16 -10.17 -2.14 -1.74
C ILE A 16 -10.27 -0.98 -2.72
N GLY A 17 -9.19 -0.74 -3.46
CA GLY A 17 -9.18 0.36 -4.43
C GLY A 17 -10.35 0.29 -5.39
N TYR A 18 -11.43 1.00 -5.06
CA TYR A 18 -12.61 1.02 -5.93
C TYR A 18 -12.63 2.28 -6.79
N ALA A 19 -12.19 3.39 -6.22
CA ALA A 19 -12.16 4.66 -6.96
C ALA A 19 -11.65 5.80 -6.07
N SER A 20 -12.50 6.26 -5.16
CA SER A 20 -12.13 7.34 -4.25
C SER A 20 -10.85 7.01 -3.48
N LEU A 21 -10.60 5.72 -3.29
CA LEU A 21 -9.41 5.27 -2.57
C LEU A 21 -8.20 5.24 -3.50
N ARG A 22 -7.70 6.42 -3.85
CA ARG A 22 -6.54 6.53 -4.73
C ARG A 22 -5.30 5.92 -4.08
N LEU A 23 -5.20 4.59 -4.14
CA LEU A 23 -4.07 3.88 -3.55
C LEU A 23 -2.74 4.40 -4.11
N HIS A 24 -2.00 5.12 -3.30
CA HIS A 24 -0.71 5.67 -3.72
C HIS A 24 0.35 5.44 -2.64
N TYR A 25 1.59 5.24 -3.08
CA TYR A 25 2.70 5.01 -2.16
C TYR A 25 3.70 6.14 -2.21
N VAL A 26 3.96 6.74 -1.06
CA VAL A 26 4.90 7.85 -0.96
C VAL A 26 6.00 7.55 0.06
N THR A 27 7.24 7.44 -0.43
CA THR A 27 8.36 7.16 0.45
C THR A 27 8.77 8.41 1.23
N VAL A 28 9.26 8.21 2.45
CA VAL A 28 9.66 9.33 3.29
C VAL A 28 11.17 9.31 3.56
N LYS A 29 11.76 8.12 3.52
CA LYS A 29 13.19 7.98 3.76
C LYS A 29 13.87 7.30 2.57
N LYS A 30 14.21 8.09 1.56
CA LYS A 30 14.88 7.56 0.38
C LYS A 30 16.39 7.45 0.60
N PRO A 31 16.95 6.23 0.50
CA PRO A 31 18.39 6.02 0.69
C PRO A 31 19.24 6.97 -0.13
N THR A 32 20.01 7.81 0.56
CA THR A 32 20.87 8.77 -0.11
C THR A 32 22.29 8.73 0.46
N ALA A 33 22.49 9.41 1.59
CA ALA A 33 23.80 9.44 2.23
C ALA A 33 23.88 8.42 3.36
N VAL A 34 23.20 8.72 4.46
CA VAL A 34 23.19 7.83 5.61
C VAL A 34 22.40 6.55 5.32
N ASP A 35 21.55 6.61 4.29
CA ASP A 35 20.72 5.47 3.90
C ASP A 35 20.08 4.81 5.12
N PRO A 36 19.19 5.53 5.83
CA PRO A 36 18.51 5.01 7.01
C PRO A 36 17.71 3.75 6.69
N ASN A 37 16.71 3.88 5.82
CA ASN A 37 15.88 2.76 5.43
C ASN A 37 14.84 3.19 4.41
N SER A 38 14.32 2.22 3.65
CA SER A 38 13.31 2.51 2.64
C SER A 38 11.93 2.52 3.28
N ILE A 39 11.54 3.66 3.82
CA ILE A 39 10.25 3.80 4.47
C ILE A 39 9.20 4.31 3.49
N VAL A 40 8.11 3.55 3.35
CA VAL A 40 7.05 3.92 2.45
C VAL A 40 5.69 3.83 3.14
N GLU A 41 4.81 4.78 2.83
CA GLU A 41 3.48 4.81 3.42
C GLU A 41 2.41 4.93 2.34
N CYS A 42 1.47 3.99 2.35
CA CYS A 42 0.38 3.99 1.37
C CYS A 42 -0.77 4.87 1.85
N ARG A 43 -0.97 5.99 1.17
CA ARG A 43 -2.03 6.91 1.52
C ARG A 43 -3.15 6.86 0.48
N VAL A 44 -4.38 6.92 0.95
CA VAL A 44 -5.53 6.88 0.06
C VAL A 44 -5.85 8.27 -0.49
N GLY A 45 -6.74 8.31 -1.49
CA GLY A 45 -7.11 9.58 -2.08
C GLY A 45 -8.00 10.41 -1.17
N ASP A 46 -7.44 10.90 -0.07
CA ASP A 46 -8.19 11.70 0.88
C ASP A 46 -7.30 12.16 2.03
N GLY A 47 -6.41 11.28 2.48
CA GLY A 47 -5.51 11.61 3.55
C GLY A 47 -5.56 10.60 4.68
N THR A 48 -5.31 9.33 4.35
CA THR A 48 -5.32 8.26 5.33
C THR A 48 -4.37 7.14 4.94
N VAL A 49 -3.27 7.04 5.66
CA VAL A 49 -2.27 6.00 5.39
C VAL A 49 -2.70 4.67 5.99
N LEU A 50 -2.83 3.66 5.14
CA LEU A 50 -3.25 2.34 5.58
C LEU A 50 -2.11 1.33 5.43
N GLY A 51 -1.15 1.64 4.57
CA GLY A 51 -0.03 0.73 4.35
C GLY A 51 1.31 1.36 4.66
N THR A 52 1.72 1.27 5.92
CA THR A 52 3.00 1.84 6.34
C THR A 52 4.01 0.73 6.66
N GLY A 53 5.07 0.65 5.86
CA GLY A 53 6.08 -0.37 6.08
C GLY A 53 7.43 0.01 5.49
N VAL A 54 8.48 -0.27 6.23
CA VAL A 54 9.84 0.05 5.78
C VAL A 54 10.42 -1.09 4.97
N GLY A 55 11.64 -0.88 4.50
CA GLY A 55 12.31 -1.88 3.70
C GLY A 55 13.71 -1.46 3.27
N ARG A 56 14.38 -2.33 2.54
CA ARG A 56 15.74 -2.04 2.07
C ARG A 56 15.68 -1.23 0.77
N ASN A 57 14.65 -1.46 -0.02
CA ASN A 57 14.47 -0.76 -1.28
C ASN A 57 13.00 -0.49 -1.55
N ILE A 58 12.72 0.18 -2.68
CA ILE A 58 11.35 0.50 -3.05
C ILE A 58 10.51 -0.76 -3.24
N LYS A 59 11.16 -1.83 -3.66
CA LYS A 59 10.47 -3.10 -3.88
C LYS A 59 9.98 -3.69 -2.57
N ILE A 60 10.90 -3.87 -1.64
CA ILE A 60 10.56 -4.44 -0.33
C ILE A 60 9.64 -3.50 0.45
N ALA A 61 10.10 -2.28 0.69
CA ALA A 61 9.32 -1.30 1.42
C ALA A 61 7.90 -1.21 0.88
N GLY A 62 7.78 -1.15 -0.44
CA GLY A 62 6.48 -1.07 -1.06
C GLY A 62 5.60 -2.24 -0.69
N ILE A 63 6.17 -3.45 -0.73
CA ILE A 63 5.43 -4.66 -0.38
C ILE A 63 5.14 -4.69 1.12
N ARG A 64 6.07 -4.14 1.90
CA ARG A 64 5.92 -4.11 3.35
C ARG A 64 4.77 -3.19 3.74
N ALA A 65 4.69 -2.04 3.07
CA ALA A 65 3.63 -1.07 3.34
C ALA A 65 2.28 -1.65 2.96
N ALA A 66 2.21 -2.24 1.78
CA ALA A 66 0.99 -2.85 1.29
C ALA A 66 0.59 -4.01 2.19
N GLU A 67 1.59 -4.79 2.59
CA GLU A 67 1.37 -5.93 3.47
C GLU A 67 0.79 -5.46 4.80
N ASN A 68 1.27 -4.31 5.26
CA ASN A 68 0.79 -3.73 6.50
C ASN A 68 -0.69 -3.38 6.39
N ALA A 69 -1.08 -2.94 5.20
CA ALA A 69 -2.47 -2.58 4.94
C ALA A 69 -3.33 -3.82 4.76
N LEU A 70 -2.71 -4.89 4.27
CA LEU A 70 -3.41 -6.16 4.07
C LEU A 70 -3.52 -6.95 5.36
N ARG A 71 -2.56 -6.74 6.26
CA ARG A 71 -2.56 -7.43 7.55
C ARG A 71 -3.88 -7.21 8.29
N ASP A 72 -4.44 -6.02 8.13
CA ASP A 72 -5.71 -5.69 8.78
C ASP A 72 -6.88 -6.34 8.05
N LYS A 73 -7.12 -7.61 8.35
CA LYS A 73 -8.21 -8.36 7.73
C LYS A 73 -9.54 -7.67 7.96
N LYS A 74 -9.67 -7.01 9.11
CA LYS A 74 -10.91 -6.31 9.44
C LYS A 74 -11.10 -5.10 8.54
N MET A 75 -10.11 -4.22 8.52
CA MET A 75 -10.16 -3.03 7.69
C MET A 75 -10.19 -3.40 6.22
N LEU A 76 -9.58 -4.55 5.89
CA LEU A 76 -9.55 -5.02 4.51
C LEU A 76 -10.91 -5.58 4.11
N ASP A 77 -11.58 -6.24 5.05
CA ASP A 77 -12.89 -6.82 4.80
C ASP A 77 -13.91 -5.72 4.55
N PHE A 78 -13.79 -4.62 5.29
CA PHE A 78 -14.70 -3.49 5.15
C PHE A 78 -14.65 -2.92 3.73
N TYR A 79 -13.45 -2.88 3.17
CA TYR A 79 -13.27 -2.36 1.82
C TYR A 79 -13.61 -3.43 0.80
N ALA A 80 -13.18 -4.65 1.06
CA ALA A 80 -13.46 -5.76 0.17
C ALA A 80 -14.97 -5.93 0.00
N LYS A 81 -15.71 -5.58 1.05
CA LYS A 81 -17.17 -5.67 1.01
C LYS A 81 -17.77 -4.40 0.40
N GLN A 82 -16.90 -3.46 0.02
CA GLN A 82 -17.31 -2.22 -0.58
C GLN A 82 -16.86 -2.16 -2.04
N ARG A 83 -15.58 -2.44 -2.25
CA ARG A 83 -15.02 -2.43 -3.60
C ARG A 83 -15.66 -3.52 -4.46
N ALA A 84 -15.74 -4.72 -3.91
CA ALA A 84 -16.32 -5.85 -4.62
C ALA A 84 -17.85 -5.77 -4.63
N ALA A 85 -18.39 -5.02 -3.66
CA ALA A 85 -19.84 -4.85 -3.56
C ALA A 85 -20.31 -3.63 -4.34
N ALA A 86 -19.41 -2.67 -4.55
CA ALA A 86 -19.75 -1.46 -5.28
C ALA A 86 -19.66 -1.66 -6.78
N LEU A 87 -18.67 -2.45 -7.20
CA LEU A 87 -18.47 -2.74 -8.61
C LEU A 87 -19.40 -3.85 -9.08
N GLY A 88 -19.34 -5.00 -8.42
CA GLY A 88 -20.18 -6.12 -8.79
C GLY A 88 -21.41 -6.23 -7.89
N MET A 1 8.84 -6.37 -14.27
CA MET A 1 8.58 -7.51 -13.36
C MET A 1 9.29 -7.30 -12.01
N ASP A 2 8.49 -7.13 -10.96
CA ASP A 2 9.04 -6.92 -9.62
C ASP A 2 9.92 -5.67 -9.58
N LYS A 3 9.43 -4.63 -8.90
CA LYS A 3 10.16 -3.38 -8.78
C LYS A 3 9.40 -2.39 -7.90
N LEU A 4 8.08 -2.41 -8.00
CA LEU A 4 7.25 -1.51 -7.22
C LEU A 4 5.97 -2.21 -6.76
N ASP A 5 6.14 -3.35 -6.10
CA ASP A 5 5.02 -4.15 -5.60
C ASP A 5 3.89 -4.22 -6.63
N MET A 6 4.25 -4.58 -7.86
CA MET A 6 3.28 -4.70 -8.94
C MET A 6 2.15 -5.67 -8.59
N ASN A 7 2.40 -6.55 -7.62
CA ASN A 7 1.40 -7.52 -7.20
C ASN A 7 0.72 -7.10 -5.91
N ALA A 8 1.52 -6.63 -4.96
CA ALA A 8 0.99 -6.18 -3.68
C ALA A 8 0.05 -5.00 -3.85
N LYS A 9 0.36 -4.14 -4.81
CA LYS A 9 -0.45 -2.97 -5.08
C LYS A 9 -1.81 -3.37 -5.66
N ARG A 10 -1.77 -4.27 -6.64
CA ARG A 10 -2.99 -4.75 -7.27
C ARG A 10 -3.91 -5.41 -6.24
N GLN A 11 -3.30 -5.95 -5.18
CA GLN A 11 -4.05 -6.59 -4.12
C GLN A 11 -4.95 -5.59 -3.40
N LEU A 12 -4.36 -4.49 -2.94
CA LEU A 12 -5.12 -3.47 -2.23
C LEU A 12 -6.18 -2.85 -3.13
N TYR A 13 -5.82 -2.60 -4.38
CA TYR A 13 -6.76 -2.02 -5.33
C TYR A 13 -7.86 -3.01 -5.69
N SER A 14 -7.55 -4.29 -5.60
CA SER A 14 -8.52 -5.33 -5.91
C SER A 14 -9.28 -5.77 -4.66
N LEU A 15 -8.88 -5.25 -3.49
CA LEU A 15 -9.54 -5.61 -2.25
C LEU A 15 -10.16 -4.40 -1.56
N ILE A 16 -9.64 -3.20 -1.83
CA ILE A 16 -10.18 -2.00 -1.21
C ILE A 16 -10.37 -0.86 -2.21
N GLY A 17 -9.50 -0.79 -3.23
CA GLY A 17 -9.60 0.26 -4.22
C GLY A 17 -10.89 0.18 -5.03
N TYR A 18 -11.80 1.11 -4.78
CA TYR A 18 -13.07 1.14 -5.49
C TYR A 18 -13.24 2.47 -6.23
N ALA A 19 -12.24 2.84 -7.02
CA ALA A 19 -12.25 4.08 -7.78
C ALA A 19 -11.92 5.27 -6.91
N SER A 20 -12.82 5.60 -5.98
CA SER A 20 -12.62 6.73 -5.08
C SER A 20 -11.32 6.57 -4.30
N LEU A 21 -10.85 5.33 -4.17
CA LEU A 21 -9.63 5.04 -3.45
C LEU A 21 -8.41 5.12 -4.37
N ARG A 22 -7.87 6.32 -4.52
CA ARG A 22 -6.71 6.53 -5.37
C ARG A 22 -5.46 5.92 -4.74
N LEU A 23 -5.45 4.59 -4.64
CA LEU A 23 -4.33 3.87 -4.04
C LEU A 23 -3.00 4.31 -4.65
N HIS A 24 -2.29 5.16 -3.93
CA HIS A 24 -1.00 5.66 -4.39
C HIS A 24 0.08 5.42 -3.33
N TYR A 25 1.31 5.22 -3.78
CA TYR A 25 2.42 4.98 -2.87
C TYR A 25 3.41 6.13 -2.88
N VAL A 26 3.68 6.68 -1.70
CA VAL A 26 4.62 7.78 -1.56
C VAL A 26 5.86 7.35 -0.80
N THR A 27 7.02 7.66 -1.35
CA THR A 27 8.29 7.30 -0.71
C THR A 27 8.86 8.46 0.09
N VAL A 28 9.24 8.17 1.33
CA VAL A 28 9.80 9.18 2.23
C VAL A 28 11.17 8.75 2.75
N LYS A 29 11.63 7.60 2.27
CA LYS A 29 12.91 7.02 2.67
C LYS A 29 13.92 8.07 3.13
N LYS A 30 14.58 8.73 2.19
CA LYS A 30 15.59 9.74 2.52
C LYS A 30 16.64 9.13 3.44
N PRO A 31 17.31 8.05 2.99
CA PRO A 31 18.32 7.36 3.77
C PRO A 31 19.72 7.92 3.56
N THR A 32 20.70 7.30 4.20
CA THR A 32 22.09 7.72 4.07
C THR A 32 23.04 6.59 4.42
N ALA A 33 23.19 6.31 5.72
CA ALA A 33 24.07 5.26 6.19
C ALA A 33 23.46 4.54 7.39
N VAL A 34 23.00 5.33 8.35
CA VAL A 34 22.40 4.78 9.56
C VAL A 34 20.88 4.88 9.52
N ASP A 35 20.34 5.50 8.47
CA ASP A 35 18.90 5.66 8.33
C ASP A 35 18.20 4.31 8.34
N PRO A 36 16.87 4.31 8.54
CA PRO A 36 16.07 3.08 8.57
C PRO A 36 16.17 2.27 7.28
N ASN A 37 15.69 2.85 6.18
CA ASN A 37 15.71 2.20 4.87
C ASN A 37 14.72 2.86 3.92
N SER A 38 14.52 2.23 2.77
CA SER A 38 13.58 2.75 1.78
C SER A 38 12.16 2.62 2.32
N ILE A 39 11.65 3.69 2.90
CA ILE A 39 10.31 3.66 3.47
C ILE A 39 9.28 4.25 2.52
N VAL A 40 8.22 3.49 2.27
CA VAL A 40 7.15 3.93 1.39
C VAL A 40 5.81 3.85 2.12
N GLU A 41 4.86 4.67 1.70
CA GLU A 41 3.54 4.69 2.33
C GLU A 41 2.43 4.73 1.29
N CYS A 42 1.44 3.86 1.46
CA CYS A 42 0.30 3.80 0.56
C CYS A 42 -0.83 4.69 1.06
N ARG A 43 -1.02 5.82 0.39
CA ARG A 43 -2.07 6.76 0.77
C ARG A 43 -3.22 6.70 -0.20
N VAL A 44 -4.43 6.76 0.34
CA VAL A 44 -5.63 6.71 -0.50
C VAL A 44 -6.01 8.10 -0.98
N GLY A 45 -7.00 8.16 -1.87
CA GLY A 45 -7.46 9.43 -2.41
C GLY A 45 -7.93 10.38 -1.33
N ASP A 46 -8.55 9.83 -0.29
CA ASP A 46 -9.06 10.63 0.81
C ASP A 46 -7.92 11.32 1.56
N GLY A 47 -6.75 10.69 1.56
CA GLY A 47 -5.60 11.26 2.23
C GLY A 47 -5.25 10.51 3.50
N THR A 48 -5.35 9.19 3.45
CA THR A 48 -5.03 8.35 4.61
C THR A 48 -4.13 7.19 4.21
N VAL A 49 -3.03 7.03 4.93
CA VAL A 49 -2.09 5.95 4.66
C VAL A 49 -2.57 4.64 5.27
N LEU A 50 -2.72 3.63 4.42
CA LEU A 50 -3.17 2.32 4.87
C LEU A 50 -2.01 1.32 4.91
N GLY A 51 -0.94 1.63 4.17
CA GLY A 51 0.20 0.73 4.14
C GLY A 51 1.52 1.46 4.35
N THR A 52 2.17 1.20 5.46
CA THR A 52 3.45 1.83 5.78
C THR A 52 4.50 0.77 6.12
N GLY A 53 5.64 0.82 5.44
CA GLY A 53 6.70 -0.14 5.68
C GLY A 53 7.98 0.21 4.96
N VAL A 54 9.12 -0.10 5.58
CA VAL A 54 10.41 0.18 4.96
C VAL A 54 10.85 -0.95 4.06
N GLY A 55 12.02 -0.78 3.48
CA GLY A 55 12.57 -1.78 2.59
C GLY A 55 13.92 -1.38 2.02
N ARG A 56 14.69 -2.36 1.56
CA ARG A 56 15.99 -2.10 1.00
C ARG A 56 15.89 -1.17 -0.21
N ASN A 57 14.74 -1.23 -0.88
CA ASN A 57 14.51 -0.38 -2.05
C ASN A 57 13.02 -0.21 -2.31
N ILE A 58 12.68 0.51 -3.37
CA ILE A 58 11.29 0.77 -3.72
C ILE A 58 10.51 -0.54 -3.89
N LYS A 59 11.19 -1.56 -4.41
CA LYS A 59 10.57 -2.86 -4.63
C LYS A 59 10.14 -3.48 -3.31
N ILE A 60 11.12 -3.81 -2.48
CA ILE A 60 10.86 -4.41 -1.17
C ILE A 60 9.93 -3.53 -0.34
N ALA A 61 10.32 -2.28 -0.17
CA ALA A 61 9.53 -1.34 0.62
C ALA A 61 8.08 -1.29 0.16
N GLY A 62 7.90 -1.20 -1.15
CA GLY A 62 6.55 -1.17 -1.70
C GLY A 62 5.75 -2.41 -1.35
N ILE A 63 6.41 -3.56 -1.38
CA ILE A 63 5.76 -4.82 -1.03
C ILE A 63 5.45 -4.88 0.45
N ARG A 64 6.31 -4.26 1.25
CA ARG A 64 6.14 -4.23 2.70
C ARG A 64 4.98 -3.32 3.08
N ALA A 65 4.99 -2.10 2.53
CA ALA A 65 3.94 -1.13 2.81
C ALA A 65 2.58 -1.68 2.41
N ALA A 66 2.52 -2.25 1.21
CA ALA A 66 1.28 -2.82 0.71
C ALA A 66 0.85 -3.99 1.57
N GLU A 67 1.82 -4.82 1.94
CA GLU A 67 1.56 -5.97 2.78
C GLU A 67 1.05 -5.53 4.15
N ASN A 68 1.64 -4.46 4.66
CA ASN A 68 1.24 -3.91 5.95
C ASN A 68 -0.21 -3.44 5.89
N ALA A 69 -0.65 -3.02 4.70
CA ALA A 69 -2.00 -2.55 4.50
C ALA A 69 -2.98 -3.73 4.48
N LEU A 70 -2.50 -4.87 3.99
CA LEU A 70 -3.32 -6.07 3.91
C LEU A 70 -3.39 -6.78 5.26
N ARG A 71 -2.34 -6.59 6.07
CA ARG A 71 -2.28 -7.21 7.39
C ARG A 71 -3.49 -6.82 8.24
N ASP A 72 -3.91 -5.57 8.10
CA ASP A 72 -5.07 -5.07 8.85
C ASP A 72 -6.36 -5.68 8.32
N LYS A 73 -6.62 -6.93 8.71
CA LYS A 73 -7.82 -7.63 8.28
C LYS A 73 -9.07 -6.79 8.51
N LYS A 74 -9.10 -6.09 9.65
CA LYS A 74 -10.23 -5.25 9.98
C LYS A 74 -10.38 -4.13 8.97
N MET A 75 -9.34 -3.31 8.85
CA MET A 75 -9.35 -2.21 7.91
C MET A 75 -9.59 -2.72 6.49
N LEU A 76 -9.19 -3.96 6.23
CA LEU A 76 -9.37 -4.56 4.92
C LEU A 76 -10.80 -5.08 4.79
N ASP A 77 -11.37 -5.51 5.91
CA ASP A 77 -12.73 -6.01 5.91
C ASP A 77 -13.72 -4.87 5.66
N PHE A 78 -13.41 -3.69 6.19
CA PHE A 78 -14.25 -2.52 6.01
C PHE A 78 -14.30 -2.12 4.54
N TYR A 79 -13.16 -2.23 3.86
CA TYR A 79 -13.08 -1.88 2.45
C TYR A 79 -13.54 -3.05 1.60
N ALA A 80 -13.06 -4.24 1.93
CA ALA A 80 -13.42 -5.44 1.20
C ALA A 80 -14.95 -5.60 1.19
N LYS A 81 -15.59 -5.11 2.23
CA LYS A 81 -17.05 -5.20 2.32
C LYS A 81 -17.70 -4.06 1.53
N GLN A 82 -16.89 -3.16 0.99
CA GLN A 82 -17.38 -2.05 0.21
C GLN A 82 -16.95 -2.18 -1.25
N ARG A 83 -15.66 -2.43 -1.44
CA ARG A 83 -15.12 -2.60 -2.78
C ARG A 83 -15.63 -3.89 -3.40
N ALA A 84 -15.63 -4.96 -2.62
CA ALA A 84 -16.11 -6.25 -3.08
C ALA A 84 -17.63 -6.29 -3.14
N ALA A 85 -18.25 -5.49 -2.28
CA ALA A 85 -19.71 -5.42 -2.23
C ALA A 85 -20.26 -4.51 -3.33
N ALA A 86 -19.43 -3.55 -3.74
CA ALA A 86 -19.84 -2.61 -4.79
C ALA A 86 -20.03 -3.33 -6.12
N LEU A 87 -19.23 -4.37 -6.35
CA LEU A 87 -19.30 -5.14 -7.59
C LEU A 87 -20.14 -6.40 -7.38
N GLY A 88 -19.67 -7.28 -6.52
CA GLY A 88 -20.38 -8.52 -6.24
C GLY A 88 -21.14 -8.48 -4.93
N MET A 1 5.26 -7.98 -15.29
CA MET A 1 5.94 -6.80 -14.70
C MET A 1 5.51 -6.60 -13.24
N ASP A 2 6.40 -6.03 -12.44
CA ASP A 2 6.12 -5.78 -11.03
C ASP A 2 7.32 -5.13 -10.34
N LYS A 3 7.07 -4.03 -9.63
CA LYS A 3 8.13 -3.33 -8.92
C LYS A 3 7.57 -2.15 -8.12
N LEU A 4 8.28 -1.78 -7.06
CA LEU A 4 7.88 -0.66 -6.20
C LEU A 4 6.53 -0.93 -5.53
N ASP A 5 6.10 -2.19 -5.52
CA ASP A 5 4.83 -2.57 -4.90
C ASP A 5 4.41 -3.98 -5.31
N MET A 6 4.93 -4.44 -6.45
CA MET A 6 4.62 -5.77 -6.96
C MET A 6 3.12 -6.08 -6.88
N ASN A 7 2.77 -7.35 -7.08
CA ASN A 7 1.38 -7.79 -7.02
C ASN A 7 0.65 -7.20 -5.83
N ALA A 8 1.39 -6.92 -4.76
CA ALA A 8 0.80 -6.35 -3.55
C ALA A 8 -0.07 -5.15 -3.87
N LYS A 9 0.44 -4.26 -4.71
CA LYS A 9 -0.29 -3.06 -5.10
C LYS A 9 -1.62 -3.43 -5.74
N ARG A 10 -1.57 -4.26 -6.77
CA ARG A 10 -2.77 -4.69 -7.47
C ARG A 10 -3.75 -5.33 -6.50
N GLN A 11 -3.21 -6.00 -5.49
CA GLN A 11 -4.04 -6.66 -4.49
C GLN A 11 -4.86 -5.62 -3.72
N LEU A 12 -4.17 -4.60 -3.21
CA LEU A 12 -4.84 -3.54 -2.46
C LEU A 12 -5.89 -2.84 -3.30
N TYR A 13 -5.54 -2.52 -4.53
CA TYR A 13 -6.46 -1.84 -5.44
C TYR A 13 -7.58 -2.79 -5.89
N SER A 14 -7.28 -4.07 -5.90
CA SER A 14 -8.26 -5.07 -6.31
C SER A 14 -9.03 -5.60 -5.11
N LEU A 15 -8.71 -5.13 -3.91
CA LEU A 15 -9.39 -5.58 -2.70
C LEU A 15 -10.05 -4.42 -1.96
N ILE A 16 -9.53 -3.21 -2.11
CA ILE A 16 -10.11 -2.07 -1.41
C ILE A 16 -10.19 -0.81 -2.28
N GLY A 17 -9.19 -0.58 -3.11
CA GLY A 17 -9.21 0.59 -3.97
C GLY A 17 -10.33 0.49 -5.00
N TYR A 18 -11.46 1.14 -4.73
CA TYR A 18 -12.59 1.06 -5.66
C TYR A 18 -12.72 2.31 -6.54
N ALA A 19 -12.08 3.41 -6.15
CA ALA A 19 -12.15 4.65 -6.92
C ALA A 19 -11.58 5.83 -6.14
N SER A 20 -12.41 6.41 -5.27
CA SER A 20 -11.99 7.54 -4.46
C SER A 20 -10.66 7.26 -3.79
N LEU A 21 -10.38 5.99 -3.55
CA LEU A 21 -9.15 5.57 -2.90
C LEU A 21 -8.00 5.51 -3.92
N ARG A 22 -7.38 6.65 -4.17
CA ARG A 22 -6.28 6.71 -5.10
C ARG A 22 -5.04 6.05 -4.51
N LEU A 23 -5.11 4.74 -4.32
CA LEU A 23 -4.01 3.97 -3.74
C LEU A 23 -2.67 4.35 -4.39
N HIS A 24 -1.90 5.17 -3.69
CA HIS A 24 -0.61 5.61 -4.17
C HIS A 24 0.48 5.38 -3.13
N TYR A 25 1.67 5.03 -3.58
CA TYR A 25 2.78 4.76 -2.67
C TYR A 25 3.81 5.88 -2.72
N VAL A 26 4.02 6.51 -1.58
CA VAL A 26 4.98 7.61 -1.47
C VAL A 26 6.22 7.15 -0.72
N THR A 27 7.30 6.93 -1.47
CA THR A 27 8.56 6.48 -0.88
C THR A 27 9.29 7.65 -0.20
N VAL A 28 9.70 7.41 1.04
CA VAL A 28 10.43 8.43 1.81
C VAL A 28 11.84 7.94 2.12
N LYS A 29 12.15 6.74 1.66
CA LYS A 29 13.46 6.12 1.88
C LYS A 29 14.60 7.13 1.79
N LYS A 30 15.24 7.22 0.61
CA LYS A 30 16.34 8.14 0.42
C LYS A 30 17.51 7.79 1.34
N PRO A 31 18.05 6.56 1.20
CA PRO A 31 19.17 6.09 2.02
C PRO A 31 20.29 7.11 2.11
N THR A 32 20.57 7.56 3.34
CA THR A 32 21.62 8.55 3.57
C THR A 32 22.01 8.58 5.04
N ALA A 33 21.14 9.12 5.88
CA ALA A 33 21.39 9.21 7.30
C ALA A 33 20.10 9.09 8.11
N VAL A 34 19.07 9.80 7.67
CA VAL A 34 17.78 9.78 8.34
C VAL A 34 17.04 8.48 8.05
N ASP A 35 17.24 7.95 6.85
CA ASP A 35 16.60 6.71 6.44
C ASP A 35 17.63 5.61 6.21
N PRO A 36 17.88 4.76 7.22
CA PRO A 36 18.86 3.68 7.12
C PRO A 36 18.43 2.59 6.13
N ASN A 37 17.14 2.54 5.83
CA ASN A 37 16.62 1.53 4.91
C ASN A 37 15.66 2.19 3.91
N SER A 38 14.87 1.37 3.23
CA SER A 38 13.90 1.87 2.27
C SER A 38 12.51 1.93 2.89
N ILE A 39 12.08 3.15 3.25
CA ILE A 39 10.77 3.33 3.87
C ILE A 39 9.75 3.86 2.87
N VAL A 40 8.60 3.19 2.81
CA VAL A 40 7.53 3.59 1.90
C VAL A 40 6.18 3.60 2.62
N GLU A 41 5.27 4.44 2.16
CA GLU A 41 3.95 4.55 2.77
C GLU A 41 2.87 4.75 1.71
N CYS A 42 1.85 3.90 1.75
CA CYS A 42 0.74 3.99 0.80
C CYS A 42 -0.34 4.92 1.34
N ARG A 43 -0.55 6.03 0.65
CA ARG A 43 -1.55 7.01 1.05
C ARG A 43 -2.71 7.05 0.06
N VAL A 44 -3.92 7.17 0.58
CA VAL A 44 -5.12 7.22 -0.25
C VAL A 44 -5.44 8.64 -0.65
N GLY A 45 -6.32 8.79 -1.64
CA GLY A 45 -6.70 10.12 -2.11
C GLY A 45 -7.28 10.98 -1.01
N ASP A 46 -7.90 10.34 -0.02
CA ASP A 46 -8.51 11.06 1.09
C ASP A 46 -7.44 11.72 1.95
N GLY A 47 -6.26 11.11 2.00
CA GLY A 47 -5.18 11.66 2.80
C GLY A 47 -4.92 10.87 4.07
N THR A 48 -4.77 9.55 3.91
CA THR A 48 -4.53 8.68 5.06
C THR A 48 -3.72 7.45 4.64
N VAL A 49 -2.55 7.28 5.25
CA VAL A 49 -1.70 6.15 4.94
C VAL A 49 -2.27 4.85 5.50
N LEU A 50 -2.64 3.93 4.60
CA LEU A 50 -3.21 2.66 5.00
C LEU A 50 -2.15 1.56 5.04
N GLY A 51 -1.05 1.78 4.34
CA GLY A 51 0.01 0.78 4.31
C GLY A 51 1.40 1.38 4.49
N THR A 52 1.99 1.14 5.65
CA THR A 52 3.33 1.66 5.95
C THR A 52 4.28 0.50 6.27
N GLY A 53 5.38 0.43 5.53
CA GLY A 53 6.36 -0.63 5.76
C GLY A 53 7.72 -0.32 5.18
N VAL A 54 8.76 -0.78 5.85
CA VAL A 54 10.14 -0.55 5.41
C VAL A 54 10.66 -1.75 4.62
N GLY A 55 11.73 -1.54 3.88
CA GLY A 55 12.31 -2.62 3.09
C GLY A 55 13.74 -2.34 2.68
N ARG A 56 14.39 -3.34 2.10
CA ARG A 56 15.78 -3.20 1.66
C ARG A 56 15.85 -2.40 0.37
N ASN A 57 14.80 -2.52 -0.46
CA ASN A 57 14.74 -1.81 -1.73
C ASN A 57 13.34 -1.29 -1.98
N ILE A 58 13.13 -0.69 -3.15
CA ILE A 58 11.82 -0.16 -3.51
C ILE A 58 10.79 -1.26 -3.68
N LYS A 59 11.25 -2.42 -4.18
CA LYS A 59 10.36 -3.55 -4.40
C LYS A 59 9.89 -4.13 -3.07
N ILE A 60 10.82 -4.27 -2.12
CA ILE A 60 10.49 -4.81 -0.80
C ILE A 60 9.61 -3.84 -0.02
N ALA A 61 10.12 -2.63 0.20
CA ALA A 61 9.38 -1.62 0.93
C ALA A 61 7.96 -1.48 0.41
N GLY A 62 7.80 -1.62 -0.89
CA GLY A 62 6.48 -1.52 -1.48
C GLY A 62 5.58 -2.67 -1.08
N ILE A 63 6.12 -3.89 -1.09
CA ILE A 63 5.37 -5.06 -0.70
C ILE A 63 5.06 -5.04 0.79
N ARG A 64 6.02 -4.55 1.57
CA ARG A 64 5.87 -4.47 3.01
C ARG A 64 4.76 -3.49 3.37
N ALA A 65 4.74 -2.35 2.69
CA ALA A 65 3.71 -1.34 2.94
C ALA A 65 2.35 -1.84 2.47
N ALA A 66 2.34 -2.48 1.32
CA ALA A 66 1.10 -3.03 0.76
C ALA A 66 0.61 -4.21 1.60
N GLU A 67 1.56 -5.01 2.06
CA GLU A 67 1.23 -6.17 2.88
C GLU A 67 0.71 -5.72 4.25
N ASN A 68 1.35 -4.68 4.78
CA ASN A 68 0.94 -4.13 6.07
C ASN A 68 -0.47 -3.57 5.98
N ALA A 69 -0.83 -3.10 4.80
CA ALA A 69 -2.16 -2.54 4.56
C ALA A 69 -3.19 -3.66 4.39
N LEU A 70 -2.76 -4.76 3.79
CA LEU A 70 -3.63 -5.91 3.56
C LEU A 70 -3.72 -6.79 4.80
N ARG A 71 -2.71 -6.71 5.66
CA ARG A 71 -2.67 -7.52 6.87
C ARG A 71 -3.89 -7.25 7.74
N ASP A 72 -4.28 -5.98 7.84
CA ASP A 72 -5.43 -5.58 8.63
C ASP A 72 -6.71 -6.18 8.04
N LYS A 73 -6.97 -7.45 8.34
CA LYS A 73 -8.16 -8.13 7.84
C LYS A 73 -9.42 -7.32 8.11
N LYS A 74 -9.47 -6.70 9.29
CA LYS A 74 -10.62 -5.88 9.66
C LYS A 74 -10.79 -4.72 8.70
N MET A 75 -9.77 -3.85 8.67
CA MET A 75 -9.78 -2.69 7.80
C MET A 75 -9.94 -3.11 6.33
N LEU A 76 -9.49 -4.33 6.03
CA LEU A 76 -9.59 -4.85 4.67
C LEU A 76 -10.99 -5.37 4.39
N ASP A 77 -11.63 -5.92 5.41
CA ASP A 77 -12.98 -6.44 5.28
C ASP A 77 -13.98 -5.31 5.16
N PHE A 78 -13.73 -4.22 5.89
CA PHE A 78 -14.61 -3.06 5.85
C PHE A 78 -14.71 -2.51 4.45
N TYR A 79 -13.58 -2.49 3.74
CA TYR A 79 -13.53 -2.01 2.40
C TYR A 79 -14.13 -3.06 1.49
N ALA A 80 -13.53 -4.25 1.51
CA ALA A 80 -14.00 -5.33 0.69
C ALA A 80 -15.51 -5.47 0.76
N LYS A 81 -16.06 -5.36 1.95
CA LYS A 81 -17.50 -5.47 2.10
C LYS A 81 -18.23 -4.43 1.25
N GLN A 82 -17.50 -3.38 0.89
CA GLN A 82 -18.05 -2.32 0.05
C GLN A 82 -17.38 -2.33 -1.32
N ARG A 83 -16.06 -2.18 -1.32
CA ARG A 83 -15.29 -2.18 -2.56
C ARG A 83 -15.42 -3.53 -3.27
N ALA A 84 -15.43 -4.60 -2.49
CA ALA A 84 -15.57 -5.95 -3.05
C ALA A 84 -17.02 -6.23 -3.40
N ALA A 85 -17.93 -5.66 -2.62
CA ALA A 85 -19.36 -5.85 -2.83
C ALA A 85 -19.87 -4.96 -3.97
N ALA A 86 -19.15 -3.87 -4.23
CA ALA A 86 -19.53 -2.94 -5.29
C ALA A 86 -19.54 -3.63 -6.64
N LEU A 87 -18.52 -4.42 -6.91
CA LEU A 87 -18.41 -5.15 -8.17
C LEU A 87 -19.08 -6.51 -8.08
N GLY A 88 -18.79 -7.23 -6.99
CA GLY A 88 -19.37 -8.55 -6.81
C GLY A 88 -18.51 -9.44 -5.92
N MET A 1 7.66 -7.80 -14.00
CA MET A 1 7.26 -8.89 -13.08
C MET A 1 7.16 -8.40 -11.64
N ASP A 2 8.26 -7.87 -11.12
CA ASP A 2 8.28 -7.36 -9.75
C ASP A 2 9.14 -6.10 -9.66
N LYS A 3 8.51 -4.99 -9.27
CA LYS A 3 9.23 -3.72 -9.14
C LYS A 3 8.29 -2.61 -8.64
N LEU A 4 7.06 -2.65 -9.11
CA LEU A 4 6.06 -1.65 -8.72
C LEU A 4 4.92 -2.30 -7.95
N ASP A 5 5.21 -3.39 -7.24
CA ASP A 5 4.19 -4.09 -6.47
C ASP A 5 3.07 -4.57 -7.38
N MET A 6 3.38 -5.51 -8.27
CA MET A 6 2.40 -6.05 -9.19
C MET A 6 1.50 -7.09 -8.52
N ASN A 7 1.68 -7.29 -7.21
CA ASN A 7 0.87 -8.26 -6.48
C ASN A 7 0.31 -7.66 -5.20
N ALA A 8 1.12 -6.86 -4.52
CA ALA A 8 0.69 -6.22 -3.28
C ALA A 8 -0.13 -4.98 -3.58
N LYS A 9 0.16 -4.34 -4.72
CA LYS A 9 -0.57 -3.15 -5.13
C LYS A 9 -1.86 -3.52 -5.82
N ARG A 10 -1.87 -4.68 -6.49
CA ARG A 10 -3.07 -5.14 -7.17
C ARG A 10 -4.04 -5.73 -6.16
N GLN A 11 -3.49 -6.33 -5.11
CA GLN A 11 -4.30 -6.93 -4.06
C GLN A 11 -5.01 -5.84 -3.26
N LEU A 12 -4.27 -4.80 -2.90
CA LEU A 12 -4.82 -3.70 -2.14
C LEU A 12 -5.86 -2.93 -2.95
N TYR A 13 -5.55 -2.71 -4.22
CA TYR A 13 -6.46 -1.99 -5.10
C TYR A 13 -7.68 -2.84 -5.44
N SER A 14 -7.49 -4.16 -5.44
CA SER A 14 -8.56 -5.08 -5.75
C SER A 14 -9.34 -5.45 -4.49
N LEU A 15 -8.80 -5.11 -3.32
CA LEU A 15 -9.45 -5.43 -2.05
C LEU A 15 -10.12 -4.20 -1.45
N ILE A 16 -9.62 -3.01 -1.75
CA ILE A 16 -10.22 -1.79 -1.20
C ILE A 16 -10.31 -0.66 -2.23
N GLY A 17 -9.27 -0.49 -3.02
CA GLY A 17 -9.26 0.56 -4.02
C GLY A 17 -10.39 0.38 -5.03
N TYR A 18 -11.50 1.10 -4.82
CA TYR A 18 -12.63 1.01 -5.73
C TYR A 18 -12.76 2.27 -6.60
N ALA A 19 -12.32 3.41 -6.08
CA ALA A 19 -12.39 4.66 -6.81
C ALA A 19 -11.80 5.80 -6.00
N SER A 20 -12.59 6.33 -5.08
CA SER A 20 -12.13 7.43 -4.23
C SER A 20 -10.82 7.07 -3.54
N LEU A 21 -10.61 5.77 -3.34
CA LEU A 21 -9.40 5.28 -2.70
C LEU A 21 -8.19 5.46 -3.61
N ARG A 22 -7.64 6.67 -3.63
CA ARG A 22 -6.49 6.96 -4.47
C ARG A 22 -5.25 6.24 -3.94
N LEU A 23 -5.27 4.91 -4.01
CA LEU A 23 -4.15 4.10 -3.53
C LEU A 23 -2.84 4.53 -4.18
N HIS A 24 -2.09 5.37 -3.48
CA HIS A 24 -0.82 5.86 -3.98
C HIS A 24 0.31 5.54 -3.00
N TYR A 25 1.50 5.28 -3.53
CA TYR A 25 2.64 4.96 -2.71
C TYR A 25 3.70 6.05 -2.77
N VAL A 26 4.04 6.60 -1.62
CA VAL A 26 5.03 7.65 -1.53
C VAL A 26 6.35 7.11 -0.98
N THR A 27 7.26 6.76 -1.89
CA THR A 27 8.56 6.23 -1.50
C THR A 27 9.54 7.36 -1.21
N VAL A 28 9.62 7.76 0.04
CA VAL A 28 10.51 8.84 0.46
C VAL A 28 11.97 8.42 0.38
N LYS A 29 12.33 7.43 1.19
CA LYS A 29 13.69 6.92 1.24
C LYS A 29 14.70 8.05 1.41
N LYS A 30 15.16 8.25 2.64
CA LYS A 30 16.13 9.29 2.94
C LYS A 30 17.43 8.70 3.49
N PRO A 31 18.07 7.82 2.72
CA PRO A 31 19.33 7.18 3.13
C PRO A 31 20.51 8.15 3.13
N THR A 32 21.09 8.38 4.29
CA THR A 32 22.22 9.29 4.43
C THR A 32 23.03 8.97 5.68
N ALA A 33 22.33 8.77 6.80
CA ALA A 33 22.95 8.46 8.07
C ALA A 33 21.94 7.85 9.02
N VAL A 34 20.75 8.42 9.04
CA VAL A 34 19.67 7.94 9.91
C VAL A 34 19.39 6.46 9.64
N ASP A 35 19.64 6.03 8.41
CA ASP A 35 19.41 4.65 8.01
C ASP A 35 17.93 4.31 7.96
N PRO A 36 17.13 5.14 7.27
CA PRO A 36 15.69 4.91 7.13
C PRO A 36 15.36 3.89 6.05
N ASN A 37 16.34 3.65 5.17
CA ASN A 37 16.17 2.70 4.08
C ASN A 37 15.08 3.17 3.12
N SER A 38 14.71 2.32 2.18
CA SER A 38 13.67 2.68 1.23
C SER A 38 12.32 2.73 1.95
N ILE A 39 12.12 3.79 2.71
CA ILE A 39 10.87 3.97 3.45
C ILE A 39 9.73 4.39 2.51
N VAL A 40 8.69 3.59 2.48
CA VAL A 40 7.54 3.87 1.63
C VAL A 40 6.24 3.82 2.43
N GLU A 41 5.28 4.64 2.01
CA GLU A 41 3.99 4.70 2.68
C GLU A 41 2.85 4.73 1.67
N CYS A 42 1.84 3.91 1.91
CA CYS A 42 0.68 3.85 1.03
C CYS A 42 -0.43 4.74 1.56
N ARG A 43 -0.68 5.86 0.88
CA ARG A 43 -1.71 6.79 1.29
C ARG A 43 -2.92 6.70 0.38
N VAL A 44 -4.11 6.78 0.98
CA VAL A 44 -5.34 6.70 0.22
C VAL A 44 -5.82 8.08 -0.20
N GLY A 45 -6.89 8.10 -0.99
CA GLY A 45 -7.43 9.37 -1.46
C GLY A 45 -7.84 10.29 -0.32
N ASP A 46 -8.40 9.70 0.74
CA ASP A 46 -8.82 10.48 1.91
C ASP A 46 -7.65 11.22 2.52
N GLY A 47 -6.45 10.65 2.39
CA GLY A 47 -5.27 11.28 2.95
C GLY A 47 -4.79 10.59 4.22
N THR A 48 -4.89 9.27 4.25
CA THR A 48 -4.47 8.50 5.41
C THR A 48 -3.64 7.29 4.97
N VAL A 49 -2.42 7.20 5.49
CA VAL A 49 -1.53 6.10 5.16
C VAL A 49 -2.04 4.79 5.76
N LEU A 50 -2.45 3.88 4.88
CA LEU A 50 -2.97 2.59 5.31
C LEU A 50 -1.85 1.59 5.51
N GLY A 51 -0.72 1.81 4.85
CA GLY A 51 0.41 0.91 4.97
C GLY A 51 1.75 1.62 5.00
N THR A 52 2.58 1.28 5.96
CA THR A 52 3.89 1.88 6.11
C THR A 52 4.96 0.80 6.30
N GLY A 53 5.90 0.71 5.35
CA GLY A 53 6.94 -0.29 5.46
C GLY A 53 8.23 0.12 4.79
N VAL A 54 9.36 -0.26 5.40
CA VAL A 54 10.67 0.06 4.86
C VAL A 54 11.20 -1.08 4.02
N GLY A 55 12.17 -0.78 3.16
CA GLY A 55 12.75 -1.80 2.32
C GLY A 55 14.11 -1.41 1.78
N ARG A 56 14.80 -2.37 1.18
CA ARG A 56 16.12 -2.11 0.61
C ARG A 56 16.00 -1.33 -0.69
N ASN A 57 14.91 -1.57 -1.41
CA ASN A 57 14.64 -0.89 -2.66
C ASN A 57 13.17 -0.48 -2.75
N ILE A 58 12.81 0.19 -3.84
CA ILE A 58 11.43 0.63 -4.03
C ILE A 58 10.50 -0.56 -4.21
N LYS A 59 11.03 -1.66 -4.74
CA LYS A 59 10.24 -2.87 -4.97
C LYS A 59 9.90 -3.54 -3.65
N ILE A 60 10.91 -3.71 -2.80
CA ILE A 60 10.73 -4.33 -1.50
C ILE A 60 9.82 -3.50 -0.61
N ALA A 61 10.23 -2.27 -0.35
CA ALA A 61 9.46 -1.36 0.48
C ALA A 61 8.01 -1.31 0.05
N GLY A 62 7.80 -1.25 -1.26
CA GLY A 62 6.45 -1.21 -1.80
C GLY A 62 5.63 -2.41 -1.37
N ILE A 63 6.25 -3.59 -1.43
CA ILE A 63 5.59 -4.82 -1.03
C ILE A 63 5.39 -4.85 0.48
N ARG A 64 6.25 -4.15 1.21
CA ARG A 64 6.16 -4.09 2.66
C ARG A 64 5.02 -3.17 3.09
N ALA A 65 4.96 -1.98 2.50
CA ALA A 65 3.92 -1.02 2.83
C ALA A 65 2.55 -1.58 2.50
N ALA A 66 2.44 -2.18 1.31
CA ALA A 66 1.18 -2.78 0.87
C ALA A 66 0.78 -3.90 1.81
N GLU A 67 1.76 -4.70 2.22
CA GLU A 67 1.52 -5.82 3.13
C GLU A 67 1.01 -5.30 4.46
N ASN A 68 1.55 -4.17 4.90
CA ASN A 68 1.14 -3.56 6.15
C ASN A 68 -0.33 -3.13 6.06
N ALA A 69 -0.72 -2.69 4.87
CA ALA A 69 -2.09 -2.26 4.64
C ALA A 69 -3.02 -3.46 4.49
N LEU A 70 -2.47 -4.58 4.00
CA LEU A 70 -3.23 -5.80 3.82
C LEU A 70 -3.44 -6.51 5.15
N ARG A 71 -2.49 -6.35 6.06
CA ARG A 71 -2.56 -6.97 7.38
C ARG A 71 -3.81 -6.52 8.12
N ASP A 72 -4.24 -5.29 7.88
CA ASP A 72 -5.43 -4.74 8.53
C ASP A 72 -6.68 -5.46 8.06
N LYS A 73 -6.85 -6.70 8.50
CA LYS A 73 -8.01 -7.50 8.11
C LYS A 73 -9.32 -6.78 8.45
N LYS A 74 -9.27 -5.91 9.45
CA LYS A 74 -10.45 -5.15 9.85
C LYS A 74 -10.72 -4.05 8.84
N MET A 75 -9.73 -3.19 8.65
CA MET A 75 -9.84 -2.11 7.70
C MET A 75 -10.03 -2.66 6.29
N LEU A 76 -9.53 -3.87 6.07
CA LEU A 76 -9.65 -4.52 4.76
C LEU A 76 -11.06 -5.08 4.58
N ASP A 77 -11.65 -5.55 5.68
CA ASP A 77 -12.99 -6.12 5.64
C ASP A 77 -14.02 -5.04 5.34
N PHE A 78 -13.81 -3.85 5.90
CA PHE A 78 -14.71 -2.73 5.69
C PHE A 78 -14.70 -2.29 4.23
N TYR A 79 -13.51 -2.24 3.65
CA TYR A 79 -13.36 -1.85 2.26
C TYR A 79 -13.69 -3.01 1.34
N ALA A 80 -13.21 -4.19 1.70
CA ALA A 80 -13.48 -5.38 0.91
C ALA A 80 -14.97 -5.59 0.73
N LYS A 81 -15.75 -5.09 1.69
CA LYS A 81 -17.21 -5.22 1.62
C LYS A 81 -17.81 -4.10 0.76
N GLN A 82 -16.96 -3.15 0.36
CA GLN A 82 -17.40 -2.04 -0.47
C GLN A 82 -16.78 -2.15 -1.86
N ARG A 83 -15.47 -2.37 -1.90
CA ARG A 83 -14.77 -2.52 -3.16
C ARG A 83 -15.20 -3.78 -3.88
N ALA A 84 -15.27 -4.88 -3.13
CA ALA A 84 -15.67 -6.17 -3.69
C ALA A 84 -17.17 -6.20 -3.93
N ALA A 85 -17.91 -5.41 -3.14
CA ALA A 85 -19.36 -5.34 -3.26
C ALA A 85 -19.79 -4.31 -4.30
N ALA A 86 -18.93 -3.34 -4.56
CA ALA A 86 -19.23 -2.30 -5.54
C ALA A 86 -18.57 -2.59 -6.89
N LEU A 87 -18.15 -3.84 -7.09
CA LEU A 87 -17.51 -4.24 -8.35
C LEU A 87 -17.75 -5.71 -8.63
N GLY A 88 -17.49 -6.55 -7.64
CA GLY A 88 -17.68 -7.99 -7.81
C GLY A 88 -19.07 -8.44 -7.41
N MET A 1 8.26 -4.88 -14.05
CA MET A 1 9.26 -5.82 -13.50
C MET A 1 9.33 -5.71 -11.98
N ASP A 2 8.20 -5.34 -11.36
CA ASP A 2 8.14 -5.20 -9.91
C ASP A 2 9.15 -4.18 -9.41
N LYS A 3 8.70 -2.93 -9.26
CA LYS A 3 9.57 -1.86 -8.79
C LYS A 3 8.99 -1.17 -7.58
N LEU A 4 7.66 -1.09 -7.52
CA LEU A 4 6.99 -0.46 -6.40
C LEU A 4 6.33 -1.54 -5.54
N ASP A 5 5.67 -2.49 -6.20
CA ASP A 5 4.98 -3.58 -5.52
C ASP A 5 3.93 -4.20 -6.44
N MET A 6 4.37 -4.69 -7.60
CA MET A 6 3.46 -5.30 -8.58
C MET A 6 2.93 -6.65 -8.09
N ASN A 7 2.39 -6.66 -6.87
CA ASN A 7 1.83 -7.88 -6.29
C ASN A 7 0.93 -7.52 -5.12
N ALA A 8 1.56 -7.15 -4.00
CA ALA A 8 0.81 -6.76 -2.81
C ALA A 8 -0.06 -5.55 -3.12
N LYS A 9 0.32 -4.79 -4.14
CA LYS A 9 -0.41 -3.60 -4.54
C LYS A 9 -1.65 -3.98 -5.34
N ARG A 10 -1.51 -5.01 -6.18
CA ARG A 10 -2.63 -5.47 -7.00
C ARG A 10 -3.66 -6.17 -6.12
N GLN A 11 -3.18 -6.82 -5.07
CA GLN A 11 -4.06 -7.50 -4.13
C GLN A 11 -4.86 -6.49 -3.32
N LEU A 12 -4.15 -5.51 -2.78
CA LEU A 12 -4.78 -4.47 -1.99
C LEU A 12 -5.73 -3.64 -2.84
N TYR A 13 -5.30 -3.29 -4.05
CA TYR A 13 -6.11 -2.51 -4.96
C TYR A 13 -7.32 -3.31 -5.43
N SER A 14 -7.15 -4.62 -5.53
CA SER A 14 -8.23 -5.49 -5.97
C SER A 14 -9.12 -5.90 -4.80
N LEU A 15 -8.70 -5.57 -3.58
CA LEU A 15 -9.46 -5.94 -2.40
C LEU A 15 -10.18 -4.73 -1.79
N ILE A 16 -9.63 -3.52 -1.99
CA ILE A 16 -10.26 -2.33 -1.43
C ILE A 16 -10.33 -1.19 -2.44
N GLY A 17 -9.30 -1.04 -3.26
CA GLY A 17 -9.30 0.01 -4.26
C GLY A 17 -10.42 -0.13 -5.27
N TYR A 18 -11.51 0.61 -5.08
CA TYR A 18 -12.64 0.55 -5.99
C TYR A 18 -12.71 1.78 -6.88
N ALA A 19 -12.29 2.92 -6.35
CA ALA A 19 -12.29 4.17 -7.10
C ALA A 19 -11.70 5.31 -6.28
N SER A 20 -12.49 5.81 -5.33
CA SER A 20 -12.05 6.91 -4.48
C SER A 20 -10.76 6.53 -3.75
N LEU A 21 -10.56 5.23 -3.55
CA LEU A 21 -9.37 4.73 -2.88
C LEU A 21 -8.14 4.89 -3.77
N ARG A 22 -7.59 6.10 -3.81
CA ARG A 22 -6.41 6.38 -4.62
C ARG A 22 -5.19 5.70 -4.03
N LEU A 23 -5.18 4.37 -4.07
CA LEU A 23 -4.07 3.58 -3.54
C LEU A 23 -2.74 4.03 -4.15
N HIS A 24 -2.01 4.87 -3.42
CA HIS A 24 -0.73 5.38 -3.89
C HIS A 24 0.34 5.17 -2.83
N TYR A 25 1.56 4.89 -3.27
CA TYR A 25 2.68 4.66 -2.36
C TYR A 25 3.70 5.78 -2.45
N VAL A 26 4.00 6.40 -1.30
CA VAL A 26 4.96 7.48 -1.25
C VAL A 26 6.13 7.13 -0.34
N THR A 27 7.30 6.92 -0.95
CA THR A 27 8.51 6.58 -0.20
C THR A 27 9.13 7.84 0.41
N VAL A 28 8.90 8.05 1.70
CA VAL A 28 9.42 9.22 2.40
C VAL A 28 10.94 9.20 2.48
N LYS A 29 11.49 8.06 2.86
CA LYS A 29 12.94 7.93 3.00
C LYS A 29 13.50 7.01 1.92
N LYS A 30 14.82 6.84 1.94
CA LYS A 30 15.50 5.99 0.98
C LYS A 30 16.97 5.81 1.37
N PRO A 31 17.61 4.73 0.90
CA PRO A 31 19.03 4.45 1.21
C PRO A 31 19.94 5.60 0.80
N THR A 32 20.53 6.25 1.79
CA THR A 32 21.43 7.37 1.53
C THR A 32 22.24 7.70 2.78
N ALA A 33 22.78 6.67 3.43
CA ALA A 33 23.59 6.86 4.63
C ALA A 33 22.73 7.35 5.79
N VAL A 34 22.33 8.61 5.74
CA VAL A 34 21.51 9.20 6.77
C VAL A 34 20.21 8.43 6.96
N ASP A 35 19.65 7.94 5.86
CA ASP A 35 18.41 7.18 5.91
C ASP A 35 18.70 5.68 5.98
N PRO A 36 18.44 5.05 7.13
CA PRO A 36 18.66 3.61 7.32
C PRO A 36 18.18 2.77 6.14
N ASN A 37 16.90 2.90 5.81
CA ASN A 37 16.31 2.15 4.70
C ASN A 37 15.28 3.01 3.96
N SER A 38 14.56 2.37 3.04
CA SER A 38 13.53 3.06 2.26
C SER A 38 12.16 2.89 2.90
N ILE A 39 11.75 3.87 3.69
CA ILE A 39 10.46 3.82 4.36
C ILE A 39 9.36 4.39 3.46
N VAL A 40 8.34 3.58 3.20
CA VAL A 40 7.23 4.01 2.35
C VAL A 40 5.90 3.80 3.07
N GLU A 41 4.90 4.58 2.66
CA GLU A 41 3.58 4.49 3.27
C GLU A 41 2.49 4.62 2.20
N CYS A 42 1.61 3.62 2.14
CA CYS A 42 0.52 3.63 1.18
C CYS A 42 -0.55 4.64 1.60
N ARG A 43 -0.68 5.71 0.82
CA ARG A 43 -1.67 6.74 1.11
C ARG A 43 -2.86 6.62 0.16
N VAL A 44 -4.05 6.82 0.71
CA VAL A 44 -5.26 6.72 -0.10
C VAL A 44 -6.11 7.99 0.03
N GLY A 45 -6.96 8.22 -0.96
CA GLY A 45 -7.82 9.38 -0.94
C GLY A 45 -7.05 10.68 -0.78
N ASP A 46 -7.37 11.43 0.28
CA ASP A 46 -6.68 12.69 0.54
C ASP A 46 -5.24 12.45 0.96
N GLY A 47 -5.06 11.78 2.10
CA GLY A 47 -3.73 11.51 2.60
C GLY A 47 -3.73 10.55 3.77
N THR A 48 -4.69 9.62 3.77
CA THR A 48 -4.80 8.63 4.84
C THR A 48 -3.97 7.39 4.53
N VAL A 49 -3.00 7.10 5.39
CA VAL A 49 -2.13 5.95 5.20
C VAL A 49 -2.81 4.67 5.70
N LEU A 50 -2.99 3.73 4.78
CA LEU A 50 -3.63 2.46 5.12
C LEU A 50 -2.59 1.38 5.40
N GLY A 51 -1.37 1.58 4.90
CA GLY A 51 -0.31 0.61 5.12
C GLY A 51 1.07 1.22 5.05
N THR A 52 1.88 0.95 6.07
CA THR A 52 3.23 1.47 6.14
C THR A 52 4.24 0.32 6.23
N GLY A 53 5.36 0.46 5.53
CA GLY A 53 6.37 -0.58 5.56
C GLY A 53 7.68 -0.14 4.93
N VAL A 54 8.79 -0.44 5.59
CA VAL A 54 10.11 -0.07 5.10
C VAL A 54 10.66 -1.13 4.14
N GLY A 55 11.82 -0.84 3.59
CA GLY A 55 12.45 -1.75 2.65
C GLY A 55 13.76 -1.22 2.11
N ARG A 56 14.67 -2.12 1.76
CA ARG A 56 15.96 -1.73 1.22
C ARG A 56 15.81 -0.89 -0.03
N ASN A 57 14.75 -1.15 -0.78
CA ASN A 57 14.47 -0.41 -2.01
C ASN A 57 12.97 -0.12 -2.14
N ILE A 58 12.61 0.65 -3.16
CA ILE A 58 11.21 1.00 -3.38
C ILE A 58 10.38 -0.25 -3.63
N LYS A 59 10.95 -1.21 -4.32
CA LYS A 59 10.27 -2.47 -4.61
C LYS A 59 9.88 -3.18 -3.33
N ILE A 60 10.83 -3.30 -2.43
CA ILE A 60 10.62 -3.96 -1.14
C ILE A 60 9.72 -3.11 -0.24
N ALA A 61 10.18 -1.91 0.06
CA ALA A 61 9.43 -0.99 0.93
C ALA A 61 7.97 -0.92 0.51
N GLY A 62 7.73 -0.84 -0.79
CA GLY A 62 6.37 -0.76 -1.28
C GLY A 62 5.58 -2.02 -0.96
N ILE A 63 6.19 -3.18 -1.21
CA ILE A 63 5.53 -4.44 -0.94
C ILE A 63 5.33 -4.64 0.56
N ARG A 64 6.27 -4.12 1.35
CA ARG A 64 6.19 -4.23 2.80
C ARG A 64 5.04 -3.38 3.33
N ALA A 65 4.89 -2.19 2.77
CA ALA A 65 3.83 -1.28 3.18
C ALA A 65 2.46 -1.86 2.85
N ALA A 66 2.35 -2.47 1.67
CA ALA A 66 1.11 -3.08 1.23
C ALA A 66 0.70 -4.19 2.18
N GLU A 67 1.69 -4.98 2.61
CA GLU A 67 1.43 -6.07 3.54
C GLU A 67 0.88 -5.53 4.86
N ASN A 68 1.38 -4.36 5.25
CA ASN A 68 0.93 -3.72 6.49
C ASN A 68 -0.53 -3.31 6.34
N ALA A 69 -0.91 -2.92 5.13
CA ALA A 69 -2.27 -2.50 4.86
C ALA A 69 -3.18 -3.72 4.69
N LEU A 70 -2.60 -4.82 4.20
CA LEU A 70 -3.36 -6.05 4.00
C LEU A 70 -3.56 -6.79 5.31
N ARG A 71 -2.63 -6.59 6.25
CA ARG A 71 -2.72 -7.23 7.55
C ARG A 71 -4.01 -6.85 8.27
N ASP A 72 -4.42 -5.61 8.10
CA ASP A 72 -5.64 -5.11 8.73
C ASP A 72 -6.87 -5.81 8.14
N LYS A 73 -7.14 -7.01 8.62
CA LYS A 73 -8.28 -7.78 8.15
C LYS A 73 -9.58 -6.99 8.28
N LYS A 74 -9.70 -6.25 9.37
CA LYS A 74 -10.89 -5.45 9.62
C LYS A 74 -11.04 -4.38 8.53
N MET A 75 -10.04 -3.51 8.43
CA MET A 75 -10.06 -2.46 7.42
C MET A 75 -10.16 -3.05 6.02
N LEU A 76 -9.69 -4.28 5.86
CA LEU A 76 -9.75 -4.95 4.57
C LEU A 76 -11.13 -5.54 4.34
N ASP A 77 -11.76 -5.98 5.43
CA ASP A 77 -13.10 -6.57 5.35
C ASP A 77 -14.13 -5.49 5.06
N PHE A 78 -13.92 -4.31 5.62
CA PHE A 78 -14.83 -3.19 5.42
C PHE A 78 -14.81 -2.73 3.97
N TYR A 79 -13.61 -2.69 3.38
CA TYR A 79 -13.45 -2.28 1.99
C TYR A 79 -13.76 -3.44 1.06
N ALA A 80 -13.31 -4.63 1.43
CA ALA A 80 -13.55 -5.81 0.63
C ALA A 80 -15.05 -6.03 0.45
N LYS A 81 -15.84 -5.57 1.42
CA LYS A 81 -17.29 -5.68 1.36
C LYS A 81 -17.88 -4.47 0.66
N GLN A 82 -17.02 -3.56 0.22
CA GLN A 82 -17.44 -2.36 -0.48
C GLN A 82 -16.96 -2.41 -1.93
N ARG A 83 -15.68 -2.71 -2.10
CA ARG A 83 -15.08 -2.80 -3.43
C ARG A 83 -15.72 -3.94 -4.22
N ALA A 84 -15.75 -5.11 -3.61
CA ALA A 84 -16.34 -6.29 -4.25
C ALA A 84 -17.86 -6.20 -4.29
N ALA A 85 -18.42 -5.41 -3.38
CA ALA A 85 -19.87 -5.25 -3.31
C ALA A 85 -20.34 -4.09 -4.19
N ALA A 86 -19.44 -3.15 -4.46
CA ALA A 86 -19.76 -2.00 -5.29
C ALA A 86 -19.44 -2.25 -6.76
N LEU A 87 -18.33 -2.94 -6.99
CA LEU A 87 -17.90 -3.25 -8.35
C LEU A 87 -18.69 -4.43 -8.91
N GLY A 88 -18.95 -5.42 -8.07
CA GLY A 88 -19.71 -6.58 -8.50
C GLY A 88 -21.19 -6.44 -8.24
N MET A 1 11.77 -7.64 -12.83
CA MET A 1 10.40 -8.19 -12.70
C MET A 1 9.49 -7.23 -11.94
N ASP A 2 9.80 -7.01 -10.66
CA ASP A 2 9.01 -6.11 -9.84
C ASP A 2 9.75 -4.79 -9.61
N LYS A 3 8.99 -3.73 -9.35
CA LYS A 3 9.58 -2.42 -9.11
C LYS A 3 8.65 -1.54 -8.28
N LEU A 4 7.42 -1.42 -8.72
CA LEU A 4 6.42 -0.61 -8.03
C LEU A 4 5.41 -1.49 -7.32
N ASP A 5 5.87 -2.61 -6.77
CA ASP A 5 5.01 -3.55 -6.05
C ASP A 5 3.68 -3.75 -6.78
N MET A 6 3.75 -3.82 -8.10
CA MET A 6 2.56 -4.00 -8.94
C MET A 6 1.68 -5.14 -8.42
N ASN A 7 2.30 -6.10 -7.75
CA ASN A 7 1.57 -7.26 -7.21
C ASN A 7 0.80 -6.88 -5.95
N ALA A 8 1.52 -6.62 -4.88
CA ALA A 8 0.92 -6.25 -3.60
C ALA A 8 -0.06 -5.08 -3.76
N LYS A 9 0.29 -4.14 -4.63
CA LYS A 9 -0.56 -2.98 -4.87
C LYS A 9 -1.83 -3.39 -5.61
N ARG A 10 -1.73 -4.41 -6.45
CA ARG A 10 -2.87 -4.89 -7.20
C ARG A 10 -3.84 -5.63 -6.26
N GLN A 11 -3.27 -6.32 -5.29
CA GLN A 11 -4.06 -7.05 -4.31
C GLN A 11 -4.88 -6.07 -3.47
N LEU A 12 -4.20 -5.07 -2.93
CA LEU A 12 -4.86 -4.06 -2.11
C LEU A 12 -5.92 -3.32 -2.91
N TYR A 13 -5.59 -2.98 -4.15
CA TYR A 13 -6.51 -2.27 -5.03
C TYR A 13 -7.72 -3.13 -5.33
N SER A 14 -7.49 -4.43 -5.50
CA SER A 14 -8.58 -5.36 -5.80
C SER A 14 -9.31 -5.78 -4.52
N LEU A 15 -8.69 -5.51 -3.37
CA LEU A 15 -9.29 -5.87 -2.09
C LEU A 15 -10.02 -4.68 -1.47
N ILE A 16 -9.58 -3.46 -1.78
CA ILE A 16 -10.22 -2.26 -1.23
C ILE A 16 -10.33 -1.15 -2.26
N GLY A 17 -9.34 -1.04 -3.13
CA GLY A 17 -9.36 -0.01 -4.16
C GLY A 17 -10.61 -0.06 -5.02
N TYR A 18 -11.58 0.80 -4.71
CA TYR A 18 -12.82 0.86 -5.48
C TYR A 18 -12.94 2.19 -6.21
N ALA A 19 -11.87 2.57 -6.92
CA ALA A 19 -11.84 3.82 -7.67
C ALA A 19 -11.62 5.01 -6.75
N SER A 20 -12.55 5.22 -5.82
CA SER A 20 -12.45 6.31 -4.87
C SER A 20 -11.21 6.18 -4.01
N LEU A 21 -10.66 4.96 -3.94
CA LEU A 21 -9.47 4.70 -3.16
C LEU A 21 -8.20 4.91 -3.99
N ARG A 22 -7.70 6.14 -3.98
CA ARG A 22 -6.50 6.47 -4.73
C ARG A 22 -5.27 5.80 -4.12
N LEU A 23 -5.24 4.47 -4.20
CA LEU A 23 -4.13 3.70 -3.66
C LEU A 23 -2.81 4.10 -4.33
N HIS A 24 -2.05 4.95 -3.65
CA HIS A 24 -0.77 5.42 -4.17
C HIS A 24 0.35 5.19 -3.15
N TYR A 25 1.57 4.98 -3.65
CA TYR A 25 2.71 4.75 -2.77
C TYR A 25 3.75 5.85 -2.90
N VAL A 26 4.09 6.48 -1.78
CA VAL A 26 5.06 7.55 -1.76
C VAL A 26 6.16 7.27 -0.73
N THR A 27 7.41 7.26 -1.18
CA THR A 27 8.54 7.01 -0.30
C THR A 27 8.84 8.24 0.55
N VAL A 28 8.87 8.07 1.86
CA VAL A 28 9.14 9.17 2.78
C VAL A 28 10.62 9.26 3.11
N LYS A 29 11.34 8.15 3.00
CA LYS A 29 12.77 8.12 3.30
C LYS A 29 13.53 7.35 2.23
N LYS A 30 14.84 7.20 2.44
CA LYS A 30 15.69 6.49 1.50
C LYS A 30 16.83 5.78 2.24
N PRO A 31 17.47 4.79 1.58
CA PRO A 31 18.57 4.04 2.19
C PRO A 31 19.82 4.89 2.37
N THR A 32 20.38 4.85 3.57
CA THR A 32 21.59 5.62 3.89
C THR A 32 21.30 7.11 3.91
N ALA A 33 21.93 7.81 4.84
CA ALA A 33 21.75 9.25 4.97
C ALA A 33 20.32 9.59 5.39
N VAL A 34 19.40 9.52 4.44
CA VAL A 34 18.00 9.81 4.70
C VAL A 34 17.44 8.89 5.79
N ASP A 35 17.93 7.66 5.82
CA ASP A 35 17.48 6.69 6.81
C ASP A 35 18.24 5.37 6.68
N PRO A 36 18.11 4.47 7.67
CA PRO A 36 18.79 3.17 7.64
C PRO A 36 18.27 2.28 6.52
N ASN A 37 17.04 2.50 6.10
CA ASN A 37 16.43 1.71 5.03
C ASN A 37 15.51 2.57 4.17
N SER A 38 14.71 1.92 3.34
CA SER A 38 13.78 2.62 2.47
C SER A 38 12.36 2.55 3.02
N ILE A 39 11.93 3.62 3.67
CA ILE A 39 10.59 3.66 4.25
C ILE A 39 9.56 4.21 3.27
N VAL A 40 8.45 3.50 3.14
CA VAL A 40 7.39 3.91 2.23
C VAL A 40 6.02 3.82 2.91
N GLU A 41 5.07 4.60 2.42
CA GLU A 41 3.72 4.61 2.98
C GLU A 41 2.67 4.77 1.89
N CYS A 42 1.72 3.85 1.86
CA CYS A 42 0.66 3.89 0.86
C CYS A 42 -0.42 4.89 1.29
N ARG A 43 -0.69 5.86 0.42
CA ARG A 43 -1.70 6.86 0.70
C ARG A 43 -2.99 6.54 -0.03
N VAL A 44 -4.12 6.77 0.62
CA VAL A 44 -5.41 6.48 0.01
C VAL A 44 -6.30 7.72 0.04
N GLY A 45 -7.29 7.73 -0.86
CA GLY A 45 -8.20 8.86 -0.93
C GLY A 45 -7.48 10.19 -1.08
N ASP A 46 -7.52 11.00 -0.01
CA ASP A 46 -6.87 12.30 -0.01
C ASP A 46 -5.40 12.18 0.37
N GLY A 47 -5.15 11.77 1.61
CA GLY A 47 -3.79 11.62 2.08
C GLY A 47 -3.69 10.75 3.32
N THR A 48 -4.59 9.77 3.43
CA THR A 48 -4.61 8.86 4.57
C THR A 48 -3.76 7.63 4.29
N VAL A 49 -2.75 7.40 5.12
CA VAL A 49 -1.87 6.24 4.96
C VAL A 49 -2.53 4.98 5.51
N LEU A 50 -2.68 3.99 4.64
CA LEU A 50 -3.29 2.72 5.03
C LEU A 50 -2.26 1.60 5.06
N GLY A 51 -1.14 1.81 4.36
CA GLY A 51 -0.10 0.79 4.32
C GLY A 51 1.29 1.37 4.51
N THR A 52 1.82 1.24 5.72
CA THR A 52 3.15 1.75 6.04
C THR A 52 4.12 0.60 6.25
N GLY A 53 5.21 0.58 5.48
CA GLY A 53 6.19 -0.49 5.61
C GLY A 53 7.53 -0.11 5.02
N VAL A 54 8.60 -0.53 5.68
CA VAL A 54 9.96 -0.24 5.21
C VAL A 54 10.43 -1.27 4.21
N GLY A 55 11.64 -1.08 3.72
CA GLY A 55 12.21 -1.99 2.76
C GLY A 55 13.64 -1.63 2.38
N ARG A 56 14.43 -2.63 2.03
CA ARG A 56 15.83 -2.40 1.65
C ARG A 56 15.92 -1.43 0.47
N ASN A 57 14.87 -1.41 -0.36
CA ASN A 57 14.84 -0.53 -1.51
C ASN A 57 13.42 -0.03 -1.78
N ILE A 58 13.21 0.55 -2.95
CA ILE A 58 11.89 1.07 -3.32
C ILE A 58 10.95 -0.06 -3.68
N LYS A 59 11.49 -1.12 -4.27
CA LYS A 59 10.68 -2.27 -4.67
C LYS A 59 10.20 -3.04 -3.44
N ILE A 60 11.11 -3.24 -2.49
CA ILE A 60 10.78 -3.95 -1.26
C ILE A 60 9.83 -3.14 -0.39
N ALA A 61 10.24 -1.93 -0.06
CA ALA A 61 9.44 -1.05 0.78
C ALA A 61 8.01 -0.94 0.25
N GLY A 62 7.88 -0.91 -1.07
CA GLY A 62 6.56 -0.82 -1.67
C GLY A 62 5.73 -2.06 -1.42
N ILE A 63 6.33 -3.22 -1.61
CA ILE A 63 5.64 -4.49 -1.39
C ILE A 63 5.36 -4.70 0.10
N ARG A 64 6.26 -4.18 0.94
CA ARG A 64 6.10 -4.31 2.37
C ARG A 64 4.95 -3.46 2.89
N ALA A 65 4.84 -2.25 2.36
CA ALA A 65 3.77 -1.34 2.75
C ALA A 65 2.41 -1.94 2.44
N ALA A 66 2.27 -2.45 1.22
CA ALA A 66 1.01 -3.06 0.80
C ALA A 66 0.67 -4.24 1.71
N GLU A 67 1.68 -5.03 2.03
CA GLU A 67 1.50 -6.18 2.90
C GLU A 67 0.99 -5.74 4.26
N ASN A 68 1.50 -4.60 4.73
CA ASN A 68 1.09 -4.05 6.02
C ASN A 68 -0.39 -3.67 5.96
N ALA A 69 -0.83 -3.21 4.80
CA ALA A 69 -2.21 -2.83 4.59
C ALA A 69 -3.09 -4.06 4.38
N LEU A 70 -2.49 -5.11 3.83
CA LEU A 70 -3.21 -6.35 3.58
C LEU A 70 -3.40 -7.13 4.87
N ARG A 71 -2.46 -6.97 5.80
CA ARG A 71 -2.54 -7.66 7.08
C ARG A 71 -3.77 -7.24 7.86
N ASP A 72 -4.14 -5.97 7.73
CA ASP A 72 -5.29 -5.43 8.44
C ASP A 72 -6.58 -6.06 7.92
N LYS A 73 -6.84 -7.29 8.33
CA LYS A 73 -8.04 -8.01 7.92
C LYS A 73 -9.30 -7.23 8.26
N LYS A 74 -9.28 -6.57 9.41
CA LYS A 74 -10.42 -5.78 9.85
C LYS A 74 -10.66 -4.62 8.89
N MET A 75 -9.64 -3.80 8.71
CA MET A 75 -9.73 -2.65 7.82
C MET A 75 -9.99 -3.11 6.40
N LEU A 76 -9.43 -4.25 6.03
CA LEU A 76 -9.62 -4.81 4.70
C LEU A 76 -11.04 -5.34 4.54
N ASP A 77 -11.56 -5.93 5.62
CA ASP A 77 -12.91 -6.48 5.60
C ASP A 77 -13.93 -5.37 5.37
N PHE A 78 -13.68 -4.20 5.96
CA PHE A 78 -14.57 -3.06 5.81
C PHE A 78 -14.60 -2.57 4.37
N TYR A 79 -13.45 -2.60 3.72
CA TYR A 79 -13.34 -2.16 2.34
C TYR A 79 -13.77 -3.27 1.39
N ALA A 80 -13.34 -4.49 1.68
CA ALA A 80 -13.70 -5.62 0.86
C ALA A 80 -15.22 -5.78 0.78
N LYS A 81 -15.90 -5.32 1.84
CA LYS A 81 -17.36 -5.38 1.88
C LYS A 81 -17.97 -4.17 1.18
N GLN A 82 -17.10 -3.26 0.71
CA GLN A 82 -17.55 -2.06 0.02
C GLN A 82 -17.12 -2.09 -1.43
N ARG A 83 -15.84 -2.38 -1.65
CA ARG A 83 -15.31 -2.45 -3.02
C ARG A 83 -15.86 -3.65 -3.76
N ALA A 84 -16.07 -4.75 -3.03
CA ALA A 84 -16.61 -5.97 -3.62
C ALA A 84 -18.14 -5.95 -3.58
N ALA A 85 -18.69 -5.06 -2.78
CA ALA A 85 -20.14 -4.94 -2.66
C ALA A 85 -20.68 -3.78 -3.48
N ALA A 86 -19.82 -2.80 -3.76
CA ALA A 86 -20.22 -1.63 -4.54
C ALA A 86 -19.98 -1.86 -6.03
N LEU A 87 -18.88 -2.51 -6.35
CA LEU A 87 -18.52 -2.80 -7.73
C LEU A 87 -18.69 -4.28 -8.07
N GLY A 88 -19.26 -5.03 -7.13
CA GLY A 88 -19.46 -6.46 -7.36
C GLY A 88 -20.83 -6.76 -7.94
N MET A 1 7.88 -7.75 -14.31
CA MET A 1 7.64 -6.34 -13.90
C MET A 1 7.63 -6.20 -12.39
N ASP A 2 8.53 -6.94 -11.72
CA ASP A 2 8.62 -6.90 -10.27
C ASP A 2 9.42 -5.68 -9.81
N LYS A 3 8.71 -4.64 -9.37
CA LYS A 3 9.35 -3.42 -8.91
C LYS A 3 8.31 -2.40 -8.43
N LEU A 4 7.18 -2.36 -9.12
CA LEU A 4 6.11 -1.43 -8.77
C LEU A 4 5.06 -2.11 -7.90
N ASP A 5 5.47 -3.14 -7.16
CA ASP A 5 4.55 -3.86 -6.28
C ASP A 5 3.34 -4.35 -7.07
N MET A 6 3.59 -4.92 -8.24
CA MET A 6 2.53 -5.42 -9.11
C MET A 6 1.65 -6.45 -8.40
N ASN A 7 2.15 -7.02 -7.31
CA ASN A 7 1.39 -8.03 -6.57
C ASN A 7 0.74 -7.46 -5.32
N ALA A 8 1.54 -6.94 -4.41
CA ALA A 8 1.02 -6.37 -3.17
C ALA A 8 0.14 -5.15 -3.43
N LYS A 9 0.48 -4.41 -4.48
CA LYS A 9 -0.29 -3.22 -4.83
C LYS A 9 -1.56 -3.60 -5.58
N ARG A 10 -1.51 -4.71 -6.32
CA ARG A 10 -2.66 -5.18 -7.06
C ARG A 10 -3.64 -5.87 -6.13
N GLN A 11 -3.08 -6.51 -5.10
CA GLN A 11 -3.88 -7.21 -4.11
C GLN A 11 -4.67 -6.21 -3.27
N LEU A 12 -3.99 -5.18 -2.81
CA LEU A 12 -4.63 -4.15 -2.00
C LEU A 12 -5.64 -3.36 -2.82
N TYR A 13 -5.28 -3.03 -4.04
CA TYR A 13 -6.16 -2.28 -4.93
C TYR A 13 -7.33 -3.15 -5.39
N SER A 14 -7.11 -4.45 -5.44
CA SER A 14 -8.15 -5.39 -5.86
C SER A 14 -9.02 -5.83 -4.69
N LEU A 15 -8.58 -5.53 -3.46
CA LEU A 15 -9.34 -5.93 -2.28
C LEU A 15 -9.99 -4.73 -1.58
N ILE A 16 -9.51 -3.51 -1.86
CA ILE A 16 -10.09 -2.33 -1.23
C ILE A 16 -10.23 -1.17 -2.21
N GLY A 17 -9.30 -1.05 -3.15
CA GLY A 17 -9.36 0.04 -4.11
C GLY A 17 -10.56 -0.08 -5.04
N TYR A 18 -11.55 0.80 -4.84
CA TYR A 18 -12.74 0.79 -5.67
C TYR A 18 -12.72 1.94 -6.67
N ALA A 19 -12.14 3.07 -6.27
CA ALA A 19 -12.07 4.24 -7.14
C ALA A 19 -11.58 5.47 -6.36
N SER A 20 -12.46 6.02 -5.53
CA SER A 20 -12.14 7.20 -4.72
C SER A 20 -10.86 6.98 -3.93
N LEU A 21 -10.61 5.73 -3.54
CA LEU A 21 -9.43 5.39 -2.77
C LEU A 21 -8.24 5.15 -3.69
N ARG A 22 -7.68 6.24 -4.22
CA ARG A 22 -6.53 6.15 -5.12
C ARG A 22 -5.31 5.62 -4.37
N LEU A 23 -5.23 4.31 -4.20
CA LEU A 23 -4.12 3.67 -3.51
C LEU A 23 -2.78 4.15 -4.08
N HIS A 24 -2.07 4.96 -3.32
CA HIS A 24 -0.78 5.49 -3.74
C HIS A 24 0.30 5.20 -2.69
N TYR A 25 1.54 5.15 -3.14
CA TYR A 25 2.66 4.89 -2.24
C TYR A 25 3.63 6.07 -2.21
N VAL A 26 3.93 6.54 -1.01
CA VAL A 26 4.84 7.66 -0.83
C VAL A 26 6.16 7.19 -0.21
N THR A 27 7.19 7.07 -1.06
CA THR A 27 8.49 6.63 -0.60
C THR A 27 9.25 7.78 0.07
N VAL A 28 9.22 7.82 1.40
CA VAL A 28 9.91 8.86 2.14
C VAL A 28 11.38 8.52 2.34
N LYS A 29 11.79 7.35 1.85
CA LYS A 29 13.17 6.90 1.97
C LYS A 29 14.15 7.99 1.57
N LYS A 30 15.44 7.72 1.81
CA LYS A 30 16.50 8.67 1.48
C LYS A 30 17.85 8.12 1.92
N PRO A 31 18.30 7.00 1.30
CA PRO A 31 19.57 6.37 1.64
C PRO A 31 20.73 7.36 1.63
N THR A 32 21.26 7.63 2.82
CA THR A 32 22.38 8.56 2.97
C THR A 32 22.91 8.50 4.40
N ALA A 33 22.05 8.83 5.36
CA ALA A 33 22.43 8.82 6.77
C ALA A 33 21.19 8.82 7.66
N VAL A 34 20.21 9.65 7.29
CA VAL A 34 18.97 9.75 8.05
C VAL A 34 18.07 8.55 7.79
N ASP A 35 18.09 8.07 6.55
CA ASP A 35 17.29 6.93 6.15
C ASP A 35 18.17 5.72 5.87
N PRO A 36 18.34 4.82 6.86
CA PRO A 36 19.17 3.61 6.71
C PRO A 36 18.62 2.65 5.66
N ASN A 37 17.33 2.73 5.38
CA ASN A 37 16.70 1.86 4.41
C ASN A 37 15.68 2.61 3.55
N SER A 38 14.86 1.86 2.82
CA SER A 38 13.84 2.45 1.98
C SER A 38 12.49 2.45 2.68
N ILE A 39 12.15 3.57 3.30
CA ILE A 39 10.89 3.70 4.03
C ILE A 39 9.77 4.18 3.10
N VAL A 40 8.66 3.44 3.09
CA VAL A 40 7.52 3.78 2.25
C VAL A 40 6.23 3.77 3.06
N GLU A 41 5.23 4.47 2.57
CA GLU A 41 3.93 4.54 3.24
C GLU A 41 2.79 4.61 2.24
N CYS A 42 1.98 3.55 2.19
CA CYS A 42 0.85 3.49 1.28
C CYS A 42 -0.27 4.40 1.76
N ARG A 43 -0.56 5.44 0.97
CA ARG A 43 -1.61 6.39 1.33
C ARG A 43 -2.74 6.37 0.30
N VAL A 44 -3.97 6.50 0.79
CA VAL A 44 -5.14 6.50 -0.08
C VAL A 44 -5.34 7.87 -0.73
N GLY A 45 -6.28 7.93 -1.67
CA GLY A 45 -6.55 9.18 -2.36
C GLY A 45 -7.34 10.15 -1.50
N ASP A 46 -6.74 10.58 -0.39
CA ASP A 46 -7.39 11.51 0.52
C ASP A 46 -6.40 12.08 1.53
N GLY A 47 -5.61 11.20 2.13
CA GLY A 47 -4.62 11.62 3.11
C GLY A 47 -4.60 10.74 4.34
N THR A 48 -4.55 9.43 4.13
CA THR A 48 -4.52 8.47 5.23
C THR A 48 -3.74 7.23 4.85
N VAL A 49 -2.60 7.02 5.50
CA VAL A 49 -1.76 5.86 5.24
C VAL A 49 -2.40 4.59 5.77
N LEU A 50 -2.72 3.67 4.87
CA LEU A 50 -3.33 2.40 5.25
C LEU A 50 -2.27 1.33 5.51
N GLY A 51 -1.08 1.53 4.95
CA GLY A 51 -0.02 0.56 5.13
C GLY A 51 1.37 1.17 5.06
N THR A 52 2.15 0.97 6.13
CA THR A 52 3.49 1.50 6.20
C THR A 52 4.50 0.37 6.41
N GLY A 53 5.61 0.43 5.68
CA GLY A 53 6.62 -0.61 5.81
C GLY A 53 7.96 -0.21 5.21
N VAL A 54 9.04 -0.66 5.84
CA VAL A 54 10.38 -0.35 5.38
C VAL A 54 10.92 -1.48 4.50
N GLY A 55 11.96 -1.18 3.73
CA GLY A 55 12.55 -2.19 2.86
C GLY A 55 13.89 -1.75 2.30
N ARG A 56 14.65 -2.71 1.77
CA ARG A 56 15.95 -2.42 1.19
C ARG A 56 15.82 -1.48 -0.01
N ASN A 57 14.71 -1.60 -0.72
CA ASN A 57 14.46 -0.76 -1.90
C ASN A 57 12.97 -0.54 -2.09
N ILE A 58 12.61 0.19 -3.15
CA ILE A 58 11.22 0.48 -3.45
C ILE A 58 10.42 -0.80 -3.66
N LYS A 59 11.07 -1.81 -4.21
CA LYS A 59 10.41 -3.09 -4.45
C LYS A 59 10.01 -3.76 -3.14
N ILE A 60 10.98 -3.87 -2.24
CA ILE A 60 10.72 -4.49 -0.94
C ILE A 60 9.85 -3.59 -0.07
N ALA A 61 10.28 -2.35 0.11
CA ALA A 61 9.55 -1.39 0.92
C ALA A 61 8.10 -1.27 0.44
N GLY A 62 7.93 -1.29 -0.87
CA GLY A 62 6.60 -1.19 -1.45
C GLY A 62 5.72 -2.37 -1.08
N ILE A 63 6.30 -3.57 -1.14
CA ILE A 63 5.58 -4.78 -0.80
C ILE A 63 5.32 -4.83 0.69
N ARG A 64 6.26 -4.32 1.47
CA ARG A 64 6.12 -4.30 2.92
C ARG A 64 4.99 -3.39 3.35
N ALA A 65 4.93 -2.22 2.73
CA ALA A 65 3.88 -1.25 3.03
C ALA A 65 2.51 -1.83 2.73
N ALA A 66 2.38 -2.40 1.54
CA ALA A 66 1.12 -3.02 1.12
C ALA A 66 0.79 -4.18 2.04
N GLU A 67 1.80 -4.95 2.39
CA GLU A 67 1.63 -6.09 3.28
C GLU A 67 1.12 -5.61 4.64
N ASN A 68 1.59 -4.45 5.06
CA ASN A 68 1.17 -3.86 6.33
C ASN A 68 -0.31 -3.52 6.27
N ALA A 69 -0.74 -3.06 5.10
CA ALA A 69 -2.14 -2.70 4.88
C ALA A 69 -2.98 -3.96 4.70
N LEU A 70 -2.36 -5.00 4.18
CA LEU A 70 -3.04 -6.27 3.97
C LEU A 70 -3.22 -7.04 5.27
N ARG A 71 -2.41 -6.71 6.27
CA ARG A 71 -2.48 -7.36 7.57
C ARG A 71 -3.83 -7.09 8.24
N ASP A 72 -4.16 -5.82 8.37
CA ASP A 72 -5.42 -5.41 8.98
C ASP A 72 -6.61 -6.04 8.26
N LYS A 73 -6.96 -7.25 8.67
CA LYS A 73 -8.08 -7.97 8.07
C LYS A 73 -9.40 -7.23 8.27
N LYS A 74 -9.55 -6.60 9.43
CA LYS A 74 -10.76 -5.84 9.73
C LYS A 74 -10.93 -4.70 8.74
N MET A 75 -10.00 -3.76 8.77
CA MET A 75 -10.02 -2.61 7.88
C MET A 75 -10.15 -3.08 6.43
N LEU A 76 -9.68 -4.29 6.15
CA LEU A 76 -9.76 -4.85 4.81
C LEU A 76 -11.16 -5.36 4.53
N ASP A 77 -11.79 -5.91 5.58
CA ASP A 77 -13.14 -6.44 5.44
C ASP A 77 -14.11 -5.31 5.15
N PHE A 78 -13.88 -4.16 5.76
CA PHE A 78 -14.73 -2.98 5.55
C PHE A 78 -14.66 -2.50 4.10
N TYR A 79 -13.47 -2.58 3.52
CA TYR A 79 -13.27 -2.15 2.15
C TYR A 79 -13.68 -3.25 1.18
N ALA A 80 -13.24 -4.47 1.48
CA ALA A 80 -13.58 -5.61 0.64
C ALA A 80 -15.10 -5.75 0.53
N LYS A 81 -15.80 -5.35 1.59
CA LYS A 81 -17.26 -5.42 1.59
C LYS A 81 -17.85 -4.20 0.88
N GLN A 82 -16.99 -3.30 0.43
CA GLN A 82 -17.43 -2.10 -0.27
C GLN A 82 -16.96 -2.13 -1.71
N ARG A 83 -15.68 -2.39 -1.92
CA ARG A 83 -15.11 -2.45 -3.26
C ARG A 83 -15.67 -3.65 -4.03
N ALA A 84 -15.85 -4.76 -3.32
CA ALA A 84 -16.38 -5.97 -3.92
C ALA A 84 -17.91 -5.94 -3.96
N ALA A 85 -18.48 -5.14 -3.07
CA ALA A 85 -19.93 -5.01 -2.99
C ALA A 85 -20.43 -3.86 -3.87
N ALA A 86 -19.56 -2.90 -4.14
CA ALA A 86 -19.91 -1.75 -4.97
C ALA A 86 -19.38 -1.91 -6.38
N LEU A 87 -18.15 -2.40 -6.50
CA LEU A 87 -17.52 -2.59 -7.80
C LEU A 87 -17.80 -3.99 -8.33
N GLY A 88 -17.32 -5.01 -7.61
CA GLY A 88 -17.54 -6.38 -8.03
C GLY A 88 -16.49 -6.85 -9.02
N MET A 1 8.74 -9.12 -8.87
CA MET A 1 9.72 -8.02 -8.69
C MET A 1 9.82 -7.17 -9.95
N ASP A 2 9.39 -5.91 -9.84
CA ASP A 2 9.43 -4.99 -10.97
C ASP A 2 9.69 -3.56 -10.51
N LYS A 3 8.66 -2.94 -9.93
CA LYS A 3 8.77 -1.57 -9.45
C LYS A 3 7.40 -0.99 -9.08
N LEU A 4 6.33 -1.62 -9.55
CA LEU A 4 4.98 -1.16 -9.27
C LEU A 4 4.45 -1.75 -7.95
N ASP A 5 5.36 -1.96 -7.00
CA ASP A 5 4.98 -2.52 -5.70
C ASP A 5 4.42 -3.94 -5.84
N MET A 6 5.01 -4.71 -6.75
CA MET A 6 4.59 -6.10 -6.99
C MET A 6 3.07 -6.24 -6.98
N ASN A 7 2.60 -7.47 -6.88
CA ASN A 7 1.16 -7.76 -6.86
C ASN A 7 0.50 -7.31 -5.55
N ALA A 8 1.30 -6.78 -4.63
CA ALA A 8 0.77 -6.32 -3.35
C ALA A 8 -0.04 -5.04 -3.53
N LYS A 9 0.38 -4.20 -4.48
CA LYS A 9 -0.32 -2.95 -4.76
C LYS A 9 -1.60 -3.21 -5.54
N ARG A 10 -1.55 -4.16 -6.46
CA ARG A 10 -2.72 -4.50 -7.26
C ARG A 10 -3.75 -5.22 -6.39
N GLN A 11 -3.24 -5.99 -5.43
CA GLN A 11 -4.09 -6.72 -4.51
C GLN A 11 -4.96 -5.75 -3.72
N LEU A 12 -4.33 -4.70 -3.20
CA LEU A 12 -5.04 -3.69 -2.45
C LEU A 12 -6.06 -2.99 -3.34
N TYR A 13 -5.57 -2.42 -4.44
CA TYR A 13 -6.43 -1.73 -5.39
C TYR A 13 -7.50 -2.66 -5.94
N SER A 14 -7.23 -3.97 -5.92
CA SER A 14 -8.18 -4.94 -6.42
C SER A 14 -9.11 -5.44 -5.31
N LEU A 15 -8.81 -5.09 -4.07
CA LEU A 15 -9.63 -5.52 -2.94
C LEU A 15 -10.28 -4.34 -2.21
N ILE A 16 -9.73 -3.14 -2.40
CA ILE A 16 -10.29 -1.96 -1.73
C ILE A 16 -10.31 -0.75 -2.67
N GLY A 17 -9.25 -0.56 -3.43
CA GLY A 17 -9.19 0.56 -4.34
C GLY A 17 -10.32 0.54 -5.37
N TYR A 18 -11.44 1.16 -5.05
CA TYR A 18 -12.58 1.21 -5.95
C TYR A 18 -12.68 2.55 -6.66
N ALA A 19 -12.28 3.62 -5.97
CA ALA A 19 -12.32 4.96 -6.54
C ALA A 19 -11.86 6.00 -5.53
N SER A 20 -12.73 6.31 -4.56
CA SER A 20 -12.42 7.29 -3.53
C SER A 20 -11.09 6.98 -2.85
N LEU A 21 -10.74 5.70 -2.80
CA LEU A 21 -9.50 5.27 -2.17
C LEU A 21 -8.34 5.36 -3.15
N ARG A 22 -7.80 6.57 -3.33
CA ARG A 22 -6.69 6.79 -4.24
C ARG A 22 -5.43 6.10 -3.73
N LEU A 23 -5.38 4.78 -3.93
CA LEU A 23 -4.22 3.99 -3.50
C LEU A 23 -2.93 4.50 -4.13
N HIS A 24 -2.12 5.20 -3.36
CA HIS A 24 -0.86 5.74 -3.84
C HIS A 24 0.27 5.44 -2.86
N TYR A 25 1.43 5.08 -3.40
CA TYR A 25 2.58 4.76 -2.56
C TYR A 25 3.66 5.82 -2.69
N VAL A 26 4.01 6.45 -1.57
CA VAL A 26 5.03 7.48 -1.55
C VAL A 26 6.08 7.19 -0.48
N THR A 27 7.34 7.10 -0.90
CA THR A 27 8.44 6.82 0.02
C THR A 27 8.72 8.05 0.88
N VAL A 28 9.21 7.83 2.10
CA VAL A 28 9.51 8.91 3.02
C VAL A 28 10.99 8.96 3.37
N LYS A 29 11.64 7.80 3.32
CA LYS A 29 13.06 7.71 3.64
C LYS A 29 13.89 7.43 2.39
N LYS A 30 14.42 8.48 1.78
CA LYS A 30 15.23 8.35 0.58
C LYS A 30 16.65 7.90 0.93
N PRO A 31 17.22 6.97 0.14
CA PRO A 31 18.58 6.47 0.38
C PRO A 31 19.63 7.57 0.26
N THR A 32 20.37 7.79 1.34
CA THR A 32 21.42 8.81 1.36
C THR A 32 22.72 8.24 1.91
N ALA A 33 23.64 9.13 2.29
CA ALA A 33 24.93 8.71 2.84
C ALA A 33 24.75 7.70 3.96
N VAL A 34 23.67 7.86 4.72
CA VAL A 34 23.38 6.96 5.83
C VAL A 34 22.47 5.82 5.40
N ASP A 35 21.45 6.16 4.61
CA ASP A 35 20.50 5.17 4.11
C ASP A 35 19.90 4.36 5.26
N PRO A 36 18.96 4.95 6.01
CA PRO A 36 18.31 4.27 7.13
C PRO A 36 17.53 3.05 6.68
N ASN A 37 16.62 3.24 5.73
CA ASN A 37 15.80 2.16 5.20
C ASN A 37 14.78 2.70 4.21
N SER A 38 14.33 1.83 3.30
CA SER A 38 13.34 2.23 2.30
C SER A 38 11.95 2.20 2.92
N ILE A 39 11.54 3.32 3.49
CA ILE A 39 10.23 3.41 4.13
C ILE A 39 9.20 3.98 3.16
N VAL A 40 8.12 3.24 2.96
CA VAL A 40 7.05 3.66 2.07
C VAL A 40 5.69 3.51 2.73
N GLU A 41 4.81 4.47 2.49
CA GLU A 41 3.48 4.46 3.07
C GLU A 41 2.42 4.69 2.01
N CYS A 42 1.41 3.82 1.98
CA CYS A 42 0.32 3.94 1.03
C CYS A 42 -0.74 4.90 1.54
N ARG A 43 -0.82 6.07 0.91
CA ARG A 43 -1.80 7.07 1.29
C ARG A 43 -2.95 7.09 0.30
N VAL A 44 -4.17 7.23 0.81
CA VAL A 44 -5.34 7.26 -0.03
C VAL A 44 -6.18 8.51 0.22
N GLY A 45 -7.00 8.87 -0.77
CA GLY A 45 -7.84 10.05 -0.63
C GLY A 45 -7.04 11.34 -0.61
N ASP A 46 -7.17 12.09 0.48
CA ASP A 46 -6.46 13.36 0.61
C ASP A 46 -5.05 13.13 1.15
N GLY A 47 -4.90 12.14 2.02
CA GLY A 47 -3.61 11.84 2.60
C GLY A 47 -3.71 10.89 3.77
N THR A 48 -4.56 9.87 3.64
CA THR A 48 -4.74 8.88 4.69
C THR A 48 -3.92 7.62 4.41
N VAL A 49 -2.97 7.33 5.28
CA VAL A 49 -2.11 6.15 5.14
C VAL A 49 -2.82 4.90 5.65
N LEU A 50 -2.99 3.92 4.77
CA LEU A 50 -3.63 2.67 5.13
C LEU A 50 -2.63 1.53 5.23
N GLY A 51 -1.47 1.71 4.60
CA GLY A 51 -0.45 0.67 4.62
C GLY A 51 0.96 1.23 4.68
N THR A 52 1.66 0.96 5.76
CA THR A 52 3.03 1.43 5.94
C THR A 52 3.99 0.25 6.09
N GLY A 53 5.13 0.31 5.43
CA GLY A 53 6.11 -0.76 5.52
C GLY A 53 7.50 -0.34 5.07
N VAL A 54 8.51 -0.93 5.71
CA VAL A 54 9.89 -0.61 5.39
C VAL A 54 10.47 -1.66 4.46
N GLY A 55 11.59 -1.32 3.81
CA GLY A 55 12.22 -2.25 2.89
C GLY A 55 13.62 -1.81 2.50
N ARG A 56 14.27 -2.61 1.65
CA ARG A 56 15.62 -2.30 1.19
C ARG A 56 15.58 -1.35 0.01
N ASN A 57 14.49 -1.41 -0.76
CA ASN A 57 14.32 -0.56 -1.93
C ASN A 57 12.86 -0.15 -2.09
N ILE A 58 12.52 0.43 -3.23
CA ILE A 58 11.16 0.86 -3.51
C ILE A 58 10.25 -0.34 -3.76
N LYS A 59 10.81 -1.40 -4.34
CA LYS A 59 10.05 -2.60 -4.63
C LYS A 59 9.67 -3.33 -3.34
N ILE A 60 10.66 -3.55 -2.49
CA ILE A 60 10.44 -4.23 -1.22
C ILE A 60 9.51 -3.44 -0.32
N ALA A 61 9.93 -2.22 0.02
CA ALA A 61 9.13 -1.36 0.88
C ALA A 61 7.68 -1.30 0.40
N GLY A 62 7.51 -1.27 -0.91
CA GLY A 62 6.18 -1.23 -1.47
C GLY A 62 5.36 -2.45 -1.10
N ILE A 63 6.00 -3.61 -1.16
CA ILE A 63 5.35 -4.87 -0.82
C ILE A 63 5.06 -4.94 0.68
N ARG A 64 5.96 -4.36 1.47
CA ARG A 64 5.80 -4.34 2.91
C ARG A 64 4.65 -3.43 3.33
N ALA A 65 4.58 -2.27 2.70
CA ALA A 65 3.52 -1.31 2.99
C ALA A 65 2.15 -1.89 2.63
N ALA A 66 2.06 -2.43 1.43
CA ALA A 66 0.82 -3.03 0.96
C ALA A 66 0.43 -4.20 1.85
N GLU A 67 1.44 -4.96 2.28
CA GLU A 67 1.21 -6.11 3.14
C GLU A 67 0.66 -5.65 4.48
N ASN A 68 1.16 -4.51 4.95
CA ASN A 68 0.73 -3.95 6.22
C ASN A 68 -0.74 -3.54 6.13
N ALA A 69 -1.15 -3.13 4.93
CA ALA A 69 -2.53 -2.71 4.70
C ALA A 69 -3.44 -3.92 4.51
N LEU A 70 -2.87 -5.00 3.99
CA LEU A 70 -3.62 -6.24 3.76
C LEU A 70 -3.79 -7.02 5.06
N ARG A 71 -2.88 -6.79 6.01
CA ARG A 71 -2.93 -7.47 7.30
C ARG A 71 -4.27 -7.26 7.99
N ASP A 72 -4.66 -6.00 8.14
CA ASP A 72 -5.91 -5.65 8.77
C ASP A 72 -7.09 -6.29 8.03
N LYS A 73 -7.49 -7.48 8.46
CA LYS A 73 -8.61 -8.18 7.84
C LYS A 73 -9.92 -7.44 8.07
N LYS A 74 -10.04 -6.82 9.24
CA LYS A 74 -11.24 -6.06 9.57
C LYS A 74 -11.39 -4.88 8.64
N MET A 75 -10.40 -4.02 8.65
CA MET A 75 -10.40 -2.83 7.79
C MET A 75 -10.52 -3.24 6.34
N LEU A 76 -9.86 -4.34 5.98
CA LEU A 76 -9.89 -4.85 4.63
C LEU A 76 -11.26 -5.43 4.32
N ASP A 77 -11.91 -5.99 5.34
CA ASP A 77 -13.23 -6.57 5.17
C ASP A 77 -14.23 -5.50 4.77
N PHE A 78 -14.09 -4.32 5.39
CA PHE A 78 -14.98 -3.20 5.10
C PHE A 78 -14.86 -2.77 3.64
N TYR A 79 -13.63 -2.75 3.13
CA TYR A 79 -13.39 -2.37 1.75
C TYR A 79 -13.64 -3.53 0.81
N ALA A 80 -13.13 -4.70 1.18
CA ALA A 80 -13.31 -5.89 0.38
C ALA A 80 -14.80 -6.17 0.15
N LYS A 81 -15.62 -5.77 1.11
CA LYS A 81 -17.07 -5.95 0.99
C LYS A 81 -17.68 -4.83 0.16
N GLN A 82 -16.86 -3.86 -0.23
CA GLN A 82 -17.32 -2.74 -1.03
C GLN A 82 -16.70 -2.77 -2.42
N ARG A 83 -15.38 -2.94 -2.46
CA ARG A 83 -14.67 -3.00 -3.73
C ARG A 83 -15.01 -4.29 -4.48
N ALA A 84 -15.08 -5.38 -3.73
CA ALA A 84 -15.41 -6.68 -4.32
C ALA A 84 -16.92 -6.79 -4.55
N ALA A 85 -17.69 -6.06 -3.75
CA ALA A 85 -19.14 -6.08 -3.88
C ALA A 85 -19.61 -5.07 -4.92
N ALA A 86 -18.84 -4.00 -5.10
CA ALA A 86 -19.19 -2.97 -6.07
C ALA A 86 -18.88 -3.41 -7.49
N LEU A 87 -17.60 -3.36 -7.85
CA LEU A 87 -17.16 -3.76 -9.18
C LEU A 87 -17.39 -5.26 -9.41
N GLY A 88 -17.32 -6.03 -8.34
CA GLY A 88 -17.53 -7.46 -8.44
C GLY A 88 -18.99 -7.84 -8.38
N MET A 1 9.37 -13.38 -9.22
CA MET A 1 9.93 -12.01 -9.40
C MET A 1 9.08 -10.96 -8.68
N ASP A 2 9.62 -9.76 -8.54
CA ASP A 2 8.91 -8.68 -7.87
C ASP A 2 9.54 -7.33 -8.21
N LYS A 3 8.69 -6.35 -8.52
CA LYS A 3 9.16 -5.02 -8.87
C LYS A 3 8.01 -4.02 -8.95
N LEU A 4 8.18 -2.87 -8.31
CA LEU A 4 7.16 -1.84 -8.31
C LEU A 4 5.86 -2.35 -7.70
N ASP A 5 5.97 -3.35 -6.81
CA ASP A 5 4.80 -3.93 -6.15
C ASP A 5 3.63 -4.12 -7.12
N MET A 6 3.89 -4.89 -8.19
CA MET A 6 2.86 -5.15 -9.20
C MET A 6 1.90 -6.25 -8.75
N ASN A 7 2.18 -6.87 -7.60
CA ASN A 7 1.33 -7.93 -7.09
C ASN A 7 0.73 -7.56 -5.74
N ALA A 8 1.48 -6.81 -4.94
CA ALA A 8 1.01 -6.38 -3.64
C ALA A 8 0.14 -5.14 -3.76
N LYS A 9 0.39 -4.35 -4.81
CA LYS A 9 -0.38 -3.14 -5.05
C LYS A 9 -1.69 -3.46 -5.75
N ARG A 10 -1.66 -4.48 -6.60
CA ARG A 10 -2.86 -4.90 -7.32
C ARG A 10 -3.82 -5.59 -6.36
N GLN A 11 -3.26 -6.26 -5.36
CA GLN A 11 -4.05 -6.95 -4.36
C GLN A 11 -4.86 -5.95 -3.55
N LEU A 12 -4.18 -4.93 -3.04
CA LEU A 12 -4.83 -3.89 -2.24
C LEU A 12 -5.89 -3.17 -3.07
N TYR A 13 -5.54 -2.80 -4.29
CA TYR A 13 -6.46 -2.11 -5.17
C TYR A 13 -7.64 -3.00 -5.55
N SER A 14 -7.38 -4.30 -5.61
CA SER A 14 -8.43 -5.26 -5.95
C SER A 14 -9.18 -5.73 -4.70
N LEU A 15 -8.73 -5.31 -3.53
CA LEU A 15 -9.37 -5.70 -2.28
C LEU A 15 -10.07 -4.52 -1.61
N ILE A 16 -9.65 -3.30 -1.91
CA ILE A 16 -10.27 -2.13 -1.33
C ILE A 16 -10.46 -0.99 -2.33
N GLY A 17 -9.53 -0.86 -3.27
CA GLY A 17 -9.63 0.18 -4.26
C GLY A 17 -10.88 0.07 -5.11
N TYR A 18 -11.88 0.89 -4.80
CA TYR A 18 -13.15 0.86 -5.54
C TYR A 18 -13.19 1.99 -6.57
N ALA A 19 -12.62 3.14 -6.21
CA ALA A 19 -12.60 4.30 -7.09
C ALA A 19 -12.14 5.55 -6.35
N SER A 20 -12.99 6.04 -5.45
CA SER A 20 -12.68 7.23 -4.66
C SER A 20 -11.36 7.08 -3.92
N LEU A 21 -11.07 5.86 -3.49
CA LEU A 21 -9.84 5.58 -2.77
C LEU A 21 -8.66 5.48 -3.72
N ARG A 22 -8.13 6.62 -4.12
CA ARG A 22 -6.99 6.67 -5.03
C ARG A 22 -5.75 6.06 -4.40
N LEU A 23 -5.67 4.74 -4.39
CA LEU A 23 -4.53 4.03 -3.81
C LEU A 23 -3.22 4.52 -4.43
N HIS A 24 -2.44 5.28 -3.67
CA HIS A 24 -1.17 5.80 -4.15
C HIS A 24 -0.06 5.52 -3.15
N TYR A 25 1.16 5.35 -3.65
CA TYR A 25 2.30 5.07 -2.80
C TYR A 25 3.28 6.25 -2.80
N VAL A 26 3.60 6.73 -1.61
CA VAL A 26 4.51 7.85 -1.45
C VAL A 26 5.86 7.39 -0.88
N THR A 27 6.92 7.56 -1.66
CA THR A 27 8.25 7.16 -1.24
C THR A 27 9.00 8.36 -0.64
N VAL A 28 9.41 8.22 0.62
CA VAL A 28 10.14 9.28 1.30
C VAL A 28 11.55 8.84 1.64
N LYS A 29 11.71 7.54 1.93
CA LYS A 29 13.00 6.95 2.27
C LYS A 29 13.93 7.91 3.01
N LYS A 30 14.78 8.62 2.27
CA LYS A 30 15.73 9.55 2.88
C LYS A 30 16.76 8.78 3.70
N PRO A 31 17.49 7.87 3.06
CA PRO A 31 18.51 7.04 3.71
C PRO A 31 19.54 7.88 4.48
N THR A 32 19.74 7.54 5.74
CA THR A 32 20.69 8.26 6.59
C THR A 32 20.75 7.64 7.97
N ALA A 33 19.80 8.02 8.83
CA ALA A 33 19.73 7.51 10.18
C ALA A 33 18.27 7.24 10.57
N VAL A 34 17.38 8.11 10.11
CA VAL A 34 15.97 7.98 10.40
C VAL A 34 15.35 6.82 9.63
N ASP A 35 15.69 6.72 8.36
CA ASP A 35 15.17 5.67 7.50
C ASP A 35 16.28 4.66 7.15
N PRO A 36 16.05 3.37 7.41
CA PRO A 36 17.04 2.32 7.11
C PRO A 36 17.56 2.37 5.68
N ASN A 37 16.66 2.19 4.71
CA ASN A 37 17.03 2.21 3.30
C ASN A 37 16.00 2.97 2.47
N SER A 38 14.92 2.29 2.11
CA SER A 38 13.85 2.89 1.32
C SER A 38 12.51 2.62 1.95
N ILE A 39 11.85 3.67 2.43
CA ILE A 39 10.55 3.53 3.07
C ILE A 39 9.45 4.08 2.19
N VAL A 40 8.44 3.26 1.93
CA VAL A 40 7.31 3.67 1.11
C VAL A 40 6.00 3.48 1.87
N GLU A 41 5.07 4.39 1.66
CA GLU A 41 3.78 4.33 2.34
C GLU A 41 2.64 4.37 1.33
N CYS A 42 1.60 3.58 1.59
CA CYS A 42 0.44 3.53 0.73
C CYS A 42 -0.65 4.46 1.26
N ARG A 43 -0.85 5.58 0.60
CA ARG A 43 -1.86 6.54 1.02
C ARG A 43 -3.05 6.52 0.08
N VAL A 44 -4.24 6.63 0.64
CA VAL A 44 -5.46 6.62 -0.14
C VAL A 44 -5.79 8.00 -0.68
N GLY A 45 -6.78 8.07 -1.56
CA GLY A 45 -7.17 9.35 -2.14
C GLY A 45 -7.61 10.35 -1.09
N ASP A 46 -8.18 9.84 0.00
CA ASP A 46 -8.65 10.70 1.08
C ASP A 46 -7.48 11.41 1.77
N GLY A 47 -6.67 10.64 2.48
CA GLY A 47 -5.53 11.21 3.18
C GLY A 47 -5.11 10.39 4.38
N THR A 48 -4.95 9.08 4.18
CA THR A 48 -4.57 8.18 5.26
C THR A 48 -3.77 7.00 4.72
N VAL A 49 -2.62 6.73 5.34
CA VAL A 49 -1.77 5.63 4.92
C VAL A 49 -2.29 4.31 5.46
N LEU A 50 -2.59 3.38 4.55
CA LEU A 50 -3.09 2.07 4.92
C LEU A 50 -1.94 1.09 5.15
N GLY A 51 -0.79 1.38 4.55
CA GLY A 51 0.36 0.50 4.70
C GLY A 51 1.68 1.25 4.71
N THR A 52 2.55 0.90 5.66
CA THR A 52 3.85 1.53 5.78
C THR A 52 4.94 0.47 5.95
N GLY A 53 5.87 0.41 4.99
CA GLY A 53 6.94 -0.57 5.07
C GLY A 53 8.22 -0.10 4.40
N VAL A 54 9.36 -0.52 4.94
CA VAL A 54 10.66 -0.14 4.39
C VAL A 54 11.15 -1.17 3.38
N GLY A 55 12.33 -0.90 2.84
CA GLY A 55 12.91 -1.79 1.86
C GLY A 55 14.16 -1.21 1.24
N ARG A 56 15.01 -2.06 0.69
CA ARG A 56 16.25 -1.61 0.05
C ARG A 56 15.95 -0.63 -1.07
N ASN A 57 14.76 -0.73 -1.66
CA ASN A 57 14.37 0.15 -2.74
C ASN A 57 12.84 0.31 -2.80
N ILE A 58 12.36 1.03 -3.80
CA ILE A 58 10.92 1.26 -3.95
C ILE A 58 10.20 -0.05 -4.24
N LYS A 59 10.84 -0.93 -4.98
CA LYS A 59 10.26 -2.22 -5.33
C LYS A 59 9.96 -3.03 -4.07
N ILE A 60 10.97 -3.15 -3.22
CA ILE A 60 10.83 -3.89 -1.97
C ILE A 60 9.93 -3.14 -0.99
N ALA A 61 10.27 -1.89 -0.73
CA ALA A 61 9.50 -1.05 0.18
C ALA A 61 8.05 -0.96 -0.27
N GLY A 62 7.85 -0.87 -1.58
CA GLY A 62 6.50 -0.78 -2.12
C GLY A 62 5.70 -2.04 -1.86
N ILE A 63 6.35 -3.19 -1.98
CA ILE A 63 5.69 -4.47 -1.74
C ILE A 63 5.43 -4.67 -0.25
N ARG A 64 6.30 -4.11 0.59
CA ARG A 64 6.15 -4.23 2.03
C ARG A 64 5.01 -3.36 2.52
N ALA A 65 4.93 -2.15 1.99
CA ALA A 65 3.87 -1.21 2.38
C ALA A 65 2.50 -1.80 2.07
N ALA A 66 2.35 -2.33 0.86
CA ALA A 66 1.09 -2.95 0.45
C ALA A 66 0.77 -4.12 1.35
N GLU A 67 1.81 -4.87 1.71
CA GLU A 67 1.65 -6.01 2.60
C GLU A 67 1.15 -5.55 3.96
N ASN A 68 1.61 -4.38 4.38
CA ASN A 68 1.20 -3.81 5.65
C ASN A 68 -0.28 -3.46 5.61
N ALA A 69 -0.74 -3.02 4.44
CA ALA A 69 -2.14 -2.66 4.25
C ALA A 69 -2.99 -3.91 4.08
N LEU A 70 -2.37 -4.97 3.57
CA LEU A 70 -3.07 -6.24 3.36
C LEU A 70 -3.24 -6.98 4.69
N ARG A 71 -2.30 -6.78 5.60
CA ARG A 71 -2.35 -7.43 6.91
C ARG A 71 -3.53 -6.91 7.73
N ASP A 72 -3.88 -5.66 7.54
CA ASP A 72 -5.00 -5.05 8.27
C ASP A 72 -6.32 -5.69 7.86
N LYS A 73 -6.56 -6.90 8.36
CA LYS A 73 -7.79 -7.63 8.04
C LYS A 73 -9.02 -6.82 8.43
N LYS A 74 -8.89 -6.00 9.47
CA LYS A 74 -9.99 -5.17 9.93
C LYS A 74 -10.26 -4.05 8.93
N MET A 75 -9.20 -3.31 8.61
CA MET A 75 -9.30 -2.20 7.67
C MET A 75 -9.59 -2.72 6.27
N LEU A 76 -9.09 -3.92 5.97
CA LEU A 76 -9.31 -4.52 4.66
C LEU A 76 -10.74 -5.07 4.57
N ASP A 77 -11.25 -5.57 5.68
CA ASP A 77 -12.60 -6.11 5.72
C ASP A 77 -13.62 -5.01 5.52
N PHE A 78 -13.34 -3.84 6.09
CA PHE A 78 -14.23 -2.69 5.99
C PHE A 78 -14.34 -2.23 4.54
N TYR A 79 -13.22 -2.30 3.82
CA TYR A 79 -13.18 -1.89 2.43
C TYR A 79 -13.66 -3.02 1.54
N ALA A 80 -13.20 -4.23 1.81
CA ALA A 80 -13.58 -5.39 1.04
C ALA A 80 -15.10 -5.58 1.10
N LYS A 81 -15.70 -5.16 2.21
CA LYS A 81 -17.14 -5.27 2.39
C LYS A 81 -17.85 -4.06 1.76
N GLN A 82 -17.05 -3.16 1.17
CA GLN A 82 -17.59 -1.97 0.53
C GLN A 82 -17.28 -2.01 -0.96
N ARG A 83 -16.01 -2.24 -1.29
CA ARG A 83 -15.58 -2.31 -2.68
C ARG A 83 -16.23 -3.52 -3.39
N ALA A 84 -16.44 -4.59 -2.64
CA ALA A 84 -17.04 -5.79 -3.19
C ALA A 84 -18.56 -5.74 -3.02
N ALA A 85 -19.02 -4.92 -2.09
CA ALA A 85 -20.44 -4.79 -1.82
C ALA A 85 -21.03 -3.60 -2.59
N ALA A 86 -20.18 -2.63 -2.94
CA ALA A 86 -20.63 -1.45 -3.67
C ALA A 86 -20.87 -1.77 -5.14
N LEU A 87 -20.04 -2.65 -5.70
CA LEU A 87 -20.16 -3.03 -7.10
C LEU A 87 -21.30 -4.03 -7.29
N GLY A 88 -21.57 -4.82 -6.26
CA GLY A 88 -22.63 -5.80 -6.34
C GLY A 88 -23.16 -6.20 -4.97
N MET A 1 10.06 -9.87 -9.92
CA MET A 1 10.04 -8.39 -10.05
C MET A 1 8.89 -7.93 -10.95
N ASP A 2 7.90 -7.28 -10.34
CA ASP A 2 6.75 -6.78 -11.08
C ASP A 2 6.70 -5.25 -11.07
N LYS A 3 7.38 -4.64 -10.10
CA LYS A 3 7.41 -3.18 -9.99
C LYS A 3 6.05 -2.66 -9.55
N LEU A 4 5.93 -1.34 -9.45
CA LEU A 4 4.68 -0.72 -9.02
C LEU A 4 4.18 -1.34 -7.73
N ASP A 5 5.11 -1.59 -6.80
CA ASP A 5 4.76 -2.18 -5.51
C ASP A 5 4.27 -3.61 -5.68
N MET A 6 4.80 -4.31 -6.68
CA MET A 6 4.44 -5.69 -6.96
C MET A 6 2.92 -5.91 -6.89
N ASN A 7 2.51 -7.17 -6.95
CA ASN A 7 1.10 -7.52 -6.90
C ASN A 7 0.43 -6.99 -5.64
N ALA A 8 1.20 -6.80 -4.57
CA ALA A 8 0.68 -6.31 -3.31
C ALA A 8 -0.24 -5.11 -3.52
N LYS A 9 0.24 -4.12 -4.28
CA LYS A 9 -0.54 -2.93 -4.56
C LYS A 9 -1.79 -3.29 -5.35
N ARG A 10 -1.69 -4.35 -6.16
CA ARG A 10 -2.83 -4.79 -6.95
C ARG A 10 -3.85 -5.49 -6.05
N GLN A 11 -3.34 -6.29 -5.12
CA GLN A 11 -4.18 -6.99 -4.17
C GLN A 11 -4.97 -5.98 -3.35
N LEU A 12 -4.27 -4.98 -2.85
CA LEU A 12 -4.90 -3.93 -2.07
C LEU A 12 -5.90 -3.17 -2.91
N TYR A 13 -5.45 -2.68 -4.05
CA TYR A 13 -6.31 -1.93 -4.96
C TYR A 13 -7.47 -2.80 -5.45
N SER A 14 -7.24 -4.11 -5.49
CA SER A 14 -8.27 -5.04 -5.94
C SER A 14 -9.16 -5.49 -4.79
N LEU A 15 -8.78 -5.14 -3.56
CA LEU A 15 -9.56 -5.54 -2.40
C LEU A 15 -10.22 -4.35 -1.71
N ILE A 16 -9.69 -3.14 -1.91
CA ILE A 16 -10.26 -1.96 -1.28
C ILE A 16 -10.42 -0.79 -2.26
N GLY A 17 -9.44 -0.63 -3.15
CA GLY A 17 -9.50 0.45 -4.11
C GLY A 17 -10.63 0.29 -5.11
N TYR A 18 -11.76 0.93 -4.84
CA TYR A 18 -12.92 0.84 -5.72
C TYR A 18 -13.11 2.14 -6.50
N ALA A 19 -12.70 3.26 -5.91
CA ALA A 19 -12.82 4.56 -6.56
C ALA A 19 -12.28 5.67 -5.67
N SER A 20 -13.06 6.08 -4.68
CA SER A 20 -12.65 7.14 -3.77
C SER A 20 -11.31 6.82 -3.12
N LEU A 21 -11.02 5.52 -2.99
CA LEU A 21 -9.77 5.08 -2.39
C LEU A 21 -8.60 5.34 -3.33
N ARG A 22 -8.10 6.57 -3.33
CA ARG A 22 -6.98 6.95 -4.18
C ARG A 22 -5.69 6.28 -3.70
N LEU A 23 -5.63 4.95 -3.87
CA LEU A 23 -4.46 4.19 -3.46
C LEU A 23 -3.20 4.68 -4.17
N HIS A 24 -2.39 5.45 -3.45
CA HIS A 24 -1.15 5.99 -4.01
C HIS A 24 0.01 5.72 -3.06
N TYR A 25 1.19 5.48 -3.63
CA TYR A 25 2.38 5.21 -2.84
C TYR A 25 3.41 6.34 -2.96
N VAL A 26 3.80 6.88 -1.82
CA VAL A 26 4.79 7.96 -1.79
C VAL A 26 6.08 7.51 -1.14
N THR A 27 7.11 7.32 -1.94
CA THR A 27 8.41 6.89 -1.43
C THR A 27 9.24 8.07 -0.95
N VAL A 28 9.72 7.99 0.29
CA VAL A 28 10.52 9.06 0.86
C VAL A 28 11.95 8.59 1.11
N LYS A 29 12.11 7.30 1.38
CA LYS A 29 13.42 6.69 1.64
C LYS A 29 14.32 7.59 2.47
N LYS A 30 15.21 8.34 1.81
CA LYS A 30 16.13 9.23 2.51
C LYS A 30 16.91 8.46 3.59
N PRO A 31 17.61 7.38 3.21
CA PRO A 31 18.38 6.55 4.13
C PRO A 31 19.72 7.18 4.47
N THR A 32 20.36 6.67 5.52
CA THR A 32 21.66 7.18 5.94
C THR A 32 22.41 6.14 6.79
N ALA A 33 22.12 6.13 8.08
CA ALA A 33 22.76 5.17 8.99
C ALA A 33 21.73 4.54 9.91
N VAL A 34 20.91 5.39 10.52
CA VAL A 34 19.87 4.93 11.43
C VAL A 34 18.58 4.64 10.66
N ASP A 35 18.42 5.29 9.52
CA ASP A 35 17.23 5.11 8.69
C ASP A 35 17.07 3.64 8.28
N PRO A 36 15.82 3.17 8.19
CA PRO A 36 15.53 1.77 7.81
C PRO A 36 15.98 1.44 6.38
N ASN A 37 15.41 2.15 5.40
CA ASN A 37 15.73 1.93 3.99
C ASN A 37 14.66 2.58 3.10
N SER A 38 14.49 2.08 1.88
CA SER A 38 13.48 2.62 0.97
C SER A 38 12.10 2.48 1.60
N ILE A 39 11.65 3.54 2.24
CA ILE A 39 10.36 3.53 2.91
C ILE A 39 9.27 4.15 2.03
N VAL A 40 8.17 3.42 1.87
CA VAL A 40 7.05 3.90 1.09
C VAL A 40 5.78 3.93 1.92
N GLU A 41 4.95 4.94 1.69
CA GLU A 41 3.71 5.08 2.44
C GLU A 41 2.50 5.17 1.50
N CYS A 42 1.65 4.15 1.56
CA CYS A 42 0.46 4.12 0.72
C CYS A 42 -0.61 5.05 1.28
N ARG A 43 -0.77 6.20 0.66
CA ARG A 43 -1.76 7.17 1.10
C ARG A 43 -2.99 7.13 0.19
N VAL A 44 -4.16 7.23 0.81
CA VAL A 44 -5.40 7.19 0.05
C VAL A 44 -6.27 8.42 0.37
N GLY A 45 -7.22 8.68 -0.51
CA GLY A 45 -8.12 9.82 -0.31
C GLY A 45 -7.37 11.13 -0.15
N ASP A 46 -7.64 11.82 0.94
CA ASP A 46 -6.98 13.10 1.22
C ASP A 46 -5.49 12.90 1.47
N GLY A 47 -5.17 12.06 2.44
CA GLY A 47 -3.77 11.80 2.76
C GLY A 47 -3.61 10.83 3.90
N THR A 48 -4.48 9.83 3.96
CA THR A 48 -4.44 8.83 5.02
C THR A 48 -3.63 7.61 4.59
N VAL A 49 -2.50 7.39 5.25
CA VAL A 49 -1.64 6.26 4.92
C VAL A 49 -2.24 4.95 5.46
N LEU A 50 -2.58 4.05 4.55
CA LEU A 50 -3.17 2.77 4.94
C LEU A 50 -2.08 1.71 5.11
N GLY A 51 -0.93 1.92 4.49
CA GLY A 51 0.16 0.96 4.60
C GLY A 51 1.53 1.60 4.52
N THR A 52 2.35 1.35 5.55
CA THR A 52 3.69 1.91 5.61
C THR A 52 4.72 0.80 5.83
N GLY A 53 5.83 0.87 5.11
CA GLY A 53 6.87 -0.13 5.26
C GLY A 53 8.13 0.21 4.47
N VAL A 54 9.28 -0.24 4.97
CA VAL A 54 10.55 0.02 4.32
C VAL A 54 10.91 -1.09 3.36
N GLY A 55 12.03 -0.90 2.68
CA GLY A 55 12.50 -1.90 1.72
C GLY A 55 13.83 -1.53 1.12
N ARG A 56 14.61 -2.53 0.73
CA ARG A 56 15.92 -2.29 0.12
C ARG A 56 15.79 -1.45 -1.14
N ASN A 57 14.66 -1.58 -1.82
CA ASN A 57 14.41 -0.82 -3.05
C ASN A 57 12.96 -0.38 -3.12
N ILE A 58 12.54 0.10 -4.29
CA ILE A 58 11.17 0.54 -4.49
C ILE A 58 10.22 -0.65 -4.61
N LYS A 59 10.73 -1.74 -5.18
CA LYS A 59 9.93 -2.94 -5.36
C LYS A 59 9.61 -3.59 -4.02
N ILE A 60 10.66 -3.84 -3.24
CA ILE A 60 10.51 -4.44 -1.92
C ILE A 60 9.65 -3.57 -1.02
N ALA A 61 10.09 -2.33 -0.81
CA ALA A 61 9.35 -1.40 0.03
C ALA A 61 7.87 -1.37 -0.33
N GLY A 62 7.59 -1.40 -1.63
CA GLY A 62 6.22 -1.39 -2.09
C GLY A 62 5.45 -2.58 -1.57
N ILE A 63 6.09 -3.75 -1.57
CA ILE A 63 5.47 -4.96 -1.09
C ILE A 63 5.25 -4.89 0.43
N ARG A 64 6.18 -4.22 1.11
CA ARG A 64 6.09 -4.07 2.56
C ARG A 64 4.99 -3.09 2.94
N ALA A 65 4.97 -1.95 2.27
CA ALA A 65 3.95 -0.93 2.52
C ALA A 65 2.56 -1.47 2.24
N ALA A 66 2.40 -2.05 1.06
CA ALA A 66 1.12 -2.63 0.67
C ALA A 66 0.74 -3.74 1.64
N GLU A 67 1.73 -4.50 2.07
CA GLU A 67 1.51 -5.58 3.01
C GLU A 67 1.01 -5.02 4.33
N ASN A 68 1.55 -3.87 4.72
CA ASN A 68 1.14 -3.21 5.96
C ASN A 68 -0.33 -2.82 5.87
N ALA A 69 -0.76 -2.47 4.66
CA ALA A 69 -2.15 -2.10 4.43
C ALA A 69 -3.05 -3.33 4.39
N LEU A 70 -2.46 -4.46 4.01
CA LEU A 70 -3.20 -5.72 3.94
C LEU A 70 -3.34 -6.35 5.32
N ARG A 71 -2.48 -5.93 6.25
CA ARG A 71 -2.51 -6.45 7.62
C ARG A 71 -3.81 -6.10 8.31
N ASP A 72 -4.09 -4.80 8.39
CA ASP A 72 -5.30 -4.31 9.03
C ASP A 72 -6.54 -5.01 8.48
N LYS A 73 -6.95 -6.08 9.16
CA LYS A 73 -8.11 -6.86 8.75
C LYS A 73 -9.39 -6.07 8.99
N LYS A 74 -9.41 -5.28 10.05
CA LYS A 74 -10.59 -4.48 10.37
C LYS A 74 -10.84 -3.45 9.28
N MET A 75 -9.85 -2.61 9.06
CA MET A 75 -9.95 -1.58 8.03
C MET A 75 -10.12 -2.22 6.66
N LEU A 76 -9.40 -3.32 6.43
CA LEU A 76 -9.47 -4.03 5.17
C LEU A 76 -10.83 -4.69 5.02
N ASP A 77 -11.42 -5.10 6.14
CA ASP A 77 -12.72 -5.74 6.13
C ASP A 77 -13.79 -4.77 5.65
N PHE A 78 -13.71 -3.54 6.14
CA PHE A 78 -14.67 -2.50 5.76
C PHE A 78 -14.63 -2.24 4.26
N TYR A 79 -13.43 -2.25 3.69
CA TYR A 79 -13.26 -2.02 2.26
C TYR A 79 -13.49 -3.31 1.49
N ALA A 80 -12.90 -4.39 1.97
CA ALA A 80 -13.05 -5.68 1.32
C ALA A 80 -14.53 -6.03 1.20
N LYS A 81 -15.33 -5.56 2.15
CA LYS A 81 -16.77 -5.82 2.12
C LYS A 81 -17.47 -4.87 1.15
N GLN A 82 -16.71 -3.92 0.61
CA GLN A 82 -17.25 -2.96 -0.34
C GLN A 82 -16.65 -3.20 -1.72
N ARG A 83 -15.34 -3.25 -1.79
CA ARG A 83 -14.64 -3.49 -3.06
C ARG A 83 -14.97 -4.88 -3.59
N ALA A 84 -14.90 -5.87 -2.70
CA ALA A 84 -15.19 -7.24 -3.07
C ALA A 84 -16.69 -7.45 -3.25
N ALA A 85 -17.48 -6.67 -2.53
CA ALA A 85 -18.93 -6.76 -2.62
C ALA A 85 -19.47 -5.96 -3.80
N ALA A 86 -18.72 -4.93 -4.21
CA ALA A 86 -19.12 -4.09 -5.33
C ALA A 86 -18.52 -4.60 -6.64
N LEU A 87 -18.02 -5.83 -6.64
CA LEU A 87 -17.42 -6.41 -7.83
C LEU A 87 -17.21 -7.91 -7.66
N GLY A 88 -16.31 -8.27 -6.74
CA GLY A 88 -16.03 -9.68 -6.49
C GLY A 88 -14.55 -9.94 -6.27
N MET A 1 6.91 -10.13 -10.72
CA MET A 1 8.25 -9.87 -10.12
C MET A 1 8.15 -8.90 -8.95
N ASP A 2 9.07 -9.05 -8.00
CA ASP A 2 9.08 -8.19 -6.82
C ASP A 2 9.65 -6.81 -7.16
N LYS A 3 8.94 -6.08 -8.03
CA LYS A 3 9.38 -4.75 -8.43
C LYS A 3 8.18 -3.82 -8.59
N LEU A 4 8.27 -2.64 -7.99
CA LEU A 4 7.20 -1.65 -8.07
C LEU A 4 5.91 -2.18 -7.45
N ASP A 5 6.03 -3.23 -6.63
CA ASP A 5 4.86 -3.84 -5.98
C ASP A 5 3.74 -4.07 -6.99
N MET A 6 4.05 -4.82 -8.04
CA MET A 6 3.07 -5.13 -9.08
C MET A 6 2.11 -6.24 -8.66
N ASN A 7 2.22 -6.68 -7.41
CA ASN A 7 1.35 -7.75 -6.90
C ASN A 7 0.62 -7.29 -5.64
N ALA A 8 1.36 -6.72 -4.71
CA ALA A 8 0.78 -6.23 -3.46
C ALA A 8 -0.04 -4.98 -3.71
N LYS A 9 0.38 -4.18 -4.67
CA LYS A 9 -0.34 -2.95 -5.00
C LYS A 9 -1.58 -3.25 -5.84
N ARG A 10 -1.50 -4.31 -6.64
CA ARG A 10 -2.63 -4.70 -7.48
C ARG A 10 -3.70 -5.34 -6.60
N GLN A 11 -3.24 -6.07 -5.60
CA GLN A 11 -4.14 -6.73 -4.66
C GLN A 11 -4.97 -5.70 -3.92
N LEU A 12 -4.29 -4.73 -3.30
CA LEU A 12 -4.99 -3.70 -2.56
C LEU A 12 -5.90 -2.87 -3.45
N TYR A 13 -5.44 -2.52 -4.63
CA TYR A 13 -6.23 -1.71 -5.55
C TYR A 13 -7.32 -2.54 -6.21
N SER A 14 -7.10 -3.84 -6.32
CA SER A 14 -8.08 -4.73 -6.93
C SER A 14 -8.94 -5.41 -5.88
N LEU A 15 -8.62 -5.19 -4.60
CA LEU A 15 -9.37 -5.81 -3.52
C LEU A 15 -10.03 -4.79 -2.58
N ILE A 16 -9.56 -3.54 -2.60
CA ILE A 16 -10.18 -2.49 -1.77
C ILE A 16 -10.34 -1.20 -2.54
N GLY A 17 -9.34 -0.84 -3.34
CA GLY A 17 -9.40 0.38 -4.12
C GLY A 17 -10.50 0.36 -5.15
N TYR A 18 -11.56 1.15 -4.92
CA TYR A 18 -12.68 1.22 -5.85
C TYR A 18 -12.70 2.55 -6.59
N ALA A 19 -12.34 3.62 -5.89
CA ALA A 19 -12.32 4.95 -6.48
C ALA A 19 -11.80 6.00 -5.49
N SER A 20 -12.64 6.36 -4.52
CA SER A 20 -12.26 7.34 -3.52
C SER A 20 -10.98 6.92 -2.81
N LEU A 21 -10.77 5.61 -2.70
CA LEU A 21 -9.58 5.08 -2.06
C LEU A 21 -8.37 5.22 -2.97
N ARG A 22 -7.86 6.44 -3.07
CA ARG A 22 -6.69 6.72 -3.90
C ARG A 22 -5.46 5.99 -3.37
N LEU A 23 -5.38 4.70 -3.65
CA LEU A 23 -4.25 3.89 -3.20
C LEU A 23 -2.95 4.43 -3.76
N HIS A 24 -2.25 5.22 -2.95
CA HIS A 24 -0.98 5.80 -3.36
C HIS A 24 0.12 5.48 -2.36
N TYR A 25 1.33 5.30 -2.87
CA TYR A 25 2.48 4.98 -2.02
C TYR A 25 3.49 6.12 -2.04
N VAL A 26 3.81 6.64 -0.85
CA VAL A 26 4.75 7.73 -0.73
C VAL A 26 5.91 7.36 0.20
N THR A 27 7.12 7.38 -0.33
CA THR A 27 8.31 7.05 0.45
C THR A 27 8.77 8.26 1.26
N VAL A 28 9.16 8.02 2.51
CA VAL A 28 9.61 9.09 3.38
C VAL A 28 11.11 8.98 3.69
N LYS A 29 11.67 7.81 3.46
CA LYS A 29 13.09 7.58 3.72
C LYS A 29 13.77 6.91 2.54
N LYS A 30 14.49 7.69 1.74
CA LYS A 30 15.18 7.17 0.58
C LYS A 30 16.68 7.06 0.86
N PRO A 31 17.40 6.22 0.08
CA PRO A 31 18.84 6.04 0.26
C PRO A 31 19.62 7.32 -0.03
N THR A 32 20.31 7.83 0.99
CA THR A 32 21.10 9.05 0.84
C THR A 32 22.35 8.98 1.69
N ALA A 33 22.94 10.14 1.99
CA ALA A 33 24.15 10.22 2.80
C ALA A 33 24.03 9.35 4.05
N VAL A 34 22.81 9.21 4.54
CA VAL A 34 22.55 8.40 5.73
C VAL A 34 21.93 7.06 5.35
N ASP A 35 21.04 7.09 4.36
CA ASP A 35 20.37 5.88 3.88
C ASP A 35 19.90 5.00 5.05
N PRO A 36 19.00 5.52 5.89
CA PRO A 36 18.47 4.76 7.04
C PRO A 36 17.74 3.50 6.61
N ASN A 37 16.75 3.68 5.73
CA ASN A 37 15.97 2.55 5.23
C ASN A 37 14.89 3.04 4.26
N SER A 38 14.42 2.14 3.41
CA SER A 38 13.38 2.48 2.44
C SER A 38 12.01 2.41 3.10
N ILE A 39 11.58 3.54 3.67
CA ILE A 39 10.29 3.60 4.33
C ILE A 39 9.20 4.10 3.39
N VAL A 40 8.11 3.35 3.30
CA VAL A 40 7.01 3.72 2.44
C VAL A 40 5.68 3.54 3.16
N GLU A 41 4.73 4.43 2.89
CA GLU A 41 3.43 4.38 3.52
C GLU A 41 2.32 4.60 2.50
N CYS A 42 1.44 3.61 2.35
CA CYS A 42 0.34 3.70 1.40
C CYS A 42 -0.75 4.61 1.96
N ARG A 43 -0.91 5.78 1.33
CA ARG A 43 -1.93 6.73 1.77
C ARG A 43 -3.12 6.71 0.83
N VAL A 44 -4.32 6.81 1.40
CA VAL A 44 -5.53 6.79 0.60
C VAL A 44 -6.38 8.03 0.88
N GLY A 45 -7.28 8.34 -0.06
CA GLY A 45 -8.14 9.50 0.09
C GLY A 45 -7.38 10.79 0.29
N ASP A 46 -7.68 11.50 1.35
CA ASP A 46 -7.02 12.77 1.64
C ASP A 46 -5.55 12.54 2.00
N GLY A 47 -5.32 11.63 2.94
CA GLY A 47 -3.96 11.35 3.37
C GLY A 47 -3.89 10.33 4.49
N THR A 48 -4.78 9.34 4.43
CA THR A 48 -4.83 8.30 5.46
C THR A 48 -3.98 7.10 5.05
N VAL A 49 -3.02 6.75 5.90
CA VAL A 49 -2.14 5.62 5.62
C VAL A 49 -2.81 4.30 6.01
N LEU A 50 -3.00 3.44 5.01
CA LEU A 50 -3.63 2.15 5.24
C LEU A 50 -2.58 1.04 5.37
N GLY A 51 -1.38 1.29 4.84
CA GLY A 51 -0.33 0.30 4.91
C GLY A 51 1.06 0.92 4.98
N THR A 52 1.78 0.63 6.06
CA THR A 52 3.12 1.14 6.25
C THR A 52 4.13 0.00 6.36
N GLY A 53 5.35 0.23 5.88
CA GLY A 53 6.38 -0.80 5.95
C GLY A 53 7.72 -0.33 5.44
N VAL A 54 8.79 -0.80 6.07
CA VAL A 54 10.15 -0.44 5.68
C VAL A 54 10.74 -1.48 4.75
N GLY A 55 11.80 -1.11 4.04
CA GLY A 55 12.44 -2.03 3.12
C GLY A 55 13.81 -1.56 2.69
N ARG A 56 14.46 -2.35 1.84
CA ARG A 56 15.79 -2.02 1.35
C ARG A 56 15.70 -1.03 0.19
N ASN A 57 14.58 -1.06 -0.53
CA ASN A 57 14.36 -0.17 -1.66
C ASN A 57 12.86 0.07 -1.86
N ILE A 58 12.53 0.76 -2.95
CA ILE A 58 11.13 1.06 -3.26
C ILE A 58 10.35 -0.22 -3.57
N LYS A 59 11.05 -1.24 -4.07
CA LYS A 59 10.42 -2.51 -4.40
C LYS A 59 10.04 -3.28 -3.15
N ILE A 60 10.99 -3.40 -2.23
CA ILE A 60 10.76 -4.13 -0.98
C ILE A 60 9.81 -3.36 -0.07
N ALA A 61 10.16 -2.11 0.22
CA ALA A 61 9.34 -1.28 1.09
C ALA A 61 7.90 -1.23 0.59
N GLY A 62 7.74 -1.15 -0.72
CA GLY A 62 6.41 -1.12 -1.31
C GLY A 62 5.62 -2.38 -0.99
N ILE A 63 6.26 -3.53 -1.18
CA ILE A 63 5.62 -4.81 -0.90
C ILE A 63 5.35 -4.97 0.59
N ARG A 64 6.19 -4.34 1.41
CA ARG A 64 6.03 -4.40 2.86
C ARG A 64 4.85 -3.57 3.31
N ALA A 65 4.78 -2.33 2.82
CA ALA A 65 3.69 -1.43 3.16
C ALA A 65 2.35 -2.01 2.71
N ALA A 66 2.32 -2.49 1.47
CA ALA A 66 1.11 -3.07 0.92
C ALA A 66 0.71 -4.30 1.72
N GLU A 67 1.70 -5.08 2.14
CA GLU A 67 1.45 -6.28 2.92
C GLU A 67 0.84 -5.91 4.26
N ASN A 68 1.31 -4.80 4.83
CA ASN A 68 0.80 -4.31 6.10
C ASN A 68 -0.68 -3.96 5.96
N ALA A 69 -1.04 -3.47 4.78
CA ALA A 69 -2.43 -3.09 4.50
C ALA A 69 -3.29 -4.33 4.30
N LEU A 70 -2.70 -5.37 3.72
CA LEU A 70 -3.42 -6.61 3.47
C LEU A 70 -3.64 -7.38 4.78
N ARG A 71 -2.84 -7.07 5.79
CA ARG A 71 -2.95 -7.74 7.08
C ARG A 71 -4.19 -7.28 7.84
N ASP A 72 -4.58 -6.02 7.63
CA ASP A 72 -5.75 -5.45 8.29
C ASP A 72 -7.03 -6.10 7.77
N LYS A 73 -7.21 -7.38 8.11
CA LYS A 73 -8.39 -8.13 7.68
C LYS A 73 -9.67 -7.32 7.89
N LYS A 74 -9.76 -6.63 9.03
CA LYS A 74 -10.92 -5.82 9.33
C LYS A 74 -11.09 -4.72 8.30
N MET A 75 -10.10 -3.85 8.23
CA MET A 75 -10.13 -2.74 7.28
C MET A 75 -10.24 -3.28 5.85
N LEU A 76 -9.77 -4.50 5.65
CA LEU A 76 -9.83 -5.13 4.33
C LEU A 76 -11.24 -5.64 4.06
N ASP A 77 -11.87 -6.19 5.09
CA ASP A 77 -13.22 -6.71 4.98
C ASP A 77 -14.21 -5.59 4.72
N PHE A 78 -13.98 -4.45 5.36
CA PHE A 78 -14.86 -3.29 5.20
C PHE A 78 -14.80 -2.76 3.77
N TYR A 79 -13.59 -2.72 3.21
CA TYR A 79 -13.40 -2.22 1.84
C TYR A 79 -13.67 -3.33 0.83
N ALA A 80 -13.21 -4.54 1.15
CA ALA A 80 -13.41 -5.67 0.27
C ALA A 80 -14.90 -5.94 0.07
N LYS A 81 -15.69 -5.58 1.08
CA LYS A 81 -17.14 -5.77 1.01
C LYS A 81 -17.80 -4.58 0.31
N GLN A 82 -17.00 -3.57 -0.03
CA GLN A 82 -17.50 -2.39 -0.72
C GLN A 82 -16.96 -2.36 -2.14
N ARG A 83 -15.66 -2.57 -2.27
CA ARG A 83 -15.02 -2.57 -3.58
C ARG A 83 -15.52 -3.75 -4.42
N ALA A 84 -15.47 -4.93 -3.83
CA ALA A 84 -15.92 -6.14 -4.51
C ALA A 84 -17.44 -6.19 -4.60
N ALA A 85 -18.11 -5.42 -3.75
CA ALA A 85 -19.57 -5.38 -3.75
C ALA A 85 -20.10 -4.25 -4.63
N ALA A 86 -19.28 -3.21 -4.80
CA ALA A 86 -19.67 -2.07 -5.62
C ALA A 86 -19.58 -2.41 -7.10
N LEU A 87 -18.66 -3.29 -7.44
CA LEU A 87 -18.46 -3.70 -8.83
C LEU A 87 -19.37 -4.88 -9.18
N GLY A 88 -19.12 -6.01 -8.53
CA GLY A 88 -19.91 -7.21 -8.79
C GLY A 88 -19.08 -8.47 -8.79
N MET A 1 8.24 -8.37 -11.64
CA MET A 1 9.00 -7.24 -11.06
C MET A 1 8.34 -5.90 -11.39
N ASP A 2 7.29 -5.56 -10.65
CA ASP A 2 6.58 -4.30 -10.86
C ASP A 2 7.34 -3.13 -10.27
N LYS A 3 8.25 -3.41 -9.34
CA LYS A 3 9.05 -2.37 -8.69
C LYS A 3 8.23 -1.60 -7.66
N LEU A 4 7.16 -0.96 -8.13
CA LEU A 4 6.30 -0.19 -7.25
C LEU A 4 5.80 -1.03 -6.08
N ASP A 5 5.31 -2.22 -6.38
CA ASP A 5 4.81 -3.13 -5.34
C ASP A 5 4.48 -4.49 -5.93
N MET A 6 5.29 -4.91 -6.91
CA MET A 6 5.10 -6.21 -7.57
C MET A 6 3.62 -6.55 -7.78
N ASN A 7 3.04 -7.26 -6.83
CA ASN A 7 1.63 -7.64 -6.92
C ASN A 7 0.84 -7.09 -5.73
N ALA A 8 1.52 -6.91 -4.59
CA ALA A 8 0.87 -6.40 -3.39
C ALA A 8 0.01 -5.18 -3.70
N LYS A 9 0.47 -4.36 -4.63
CA LYS A 9 -0.27 -3.16 -5.01
C LYS A 9 -1.59 -3.53 -5.66
N ARG A 10 -1.53 -4.37 -6.68
CA ARG A 10 -2.72 -4.81 -7.39
C ARG A 10 -3.71 -5.46 -6.42
N GLN A 11 -3.18 -6.05 -5.36
CA GLN A 11 -4.01 -6.71 -4.36
C GLN A 11 -4.89 -5.69 -3.65
N LEU A 12 -4.29 -4.61 -3.17
CA LEU A 12 -5.04 -3.56 -2.48
C LEU A 12 -6.10 -2.96 -3.37
N TYR A 13 -5.73 -2.67 -4.62
CA TYR A 13 -6.66 -2.09 -5.57
C TYR A 13 -7.73 -3.10 -5.98
N SER A 14 -7.42 -4.38 -5.84
CA SER A 14 -8.36 -5.44 -6.18
C SER A 14 -9.14 -5.92 -4.97
N LEU A 15 -8.80 -5.38 -3.79
CA LEU A 15 -9.48 -5.79 -2.56
C LEU A 15 -10.07 -4.60 -1.80
N ILE A 16 -9.61 -3.38 -2.12
CA ILE A 16 -10.12 -2.20 -1.43
C ILE A 16 -10.30 -1.01 -2.36
N GLY A 17 -9.42 -0.87 -3.34
CA GLY A 17 -9.52 0.24 -4.27
C GLY A 17 -10.78 0.18 -5.12
N TYR A 18 -11.77 1.00 -4.79
CA TYR A 18 -13.01 1.04 -5.55
C TYR A 18 -12.89 2.01 -6.72
N ALA A 19 -13.11 3.30 -6.44
CA ALA A 19 -13.03 4.33 -7.47
C ALA A 19 -12.24 5.54 -6.96
N SER A 20 -12.68 6.08 -5.82
CA SER A 20 -12.02 7.23 -5.22
C SER A 20 -10.75 6.80 -4.50
N LEU A 21 -10.69 5.54 -4.09
CA LEU A 21 -9.53 5.01 -3.38
C LEU A 21 -8.31 4.98 -4.30
N ARG A 22 -7.71 6.16 -4.50
CA ARG A 22 -6.53 6.28 -5.35
C ARG A 22 -5.31 5.70 -4.66
N LEU A 23 -5.28 4.37 -4.53
CA LEU A 23 -4.16 3.69 -3.89
C LEU A 23 -2.83 4.13 -4.49
N HIS A 24 -2.10 4.97 -3.76
CA HIS A 24 -0.82 5.46 -4.22
C HIS A 24 0.26 5.27 -3.16
N TYR A 25 1.46 4.93 -3.59
CA TYR A 25 2.57 4.70 -2.69
C TYR A 25 3.60 5.82 -2.78
N VAL A 26 3.85 6.47 -1.64
CA VAL A 26 4.80 7.56 -1.58
C VAL A 26 5.93 7.26 -0.61
N THR A 27 7.16 7.30 -1.11
CA THR A 27 8.34 7.04 -0.28
C THR A 27 8.78 8.31 0.43
N VAL A 28 9.13 8.18 1.71
CA VAL A 28 9.58 9.33 2.49
C VAL A 28 11.08 9.31 2.71
N LYS A 29 11.65 8.12 2.85
CA LYS A 29 13.08 7.98 3.08
C LYS A 29 13.74 7.23 1.93
N LYS A 30 15.07 7.14 1.99
CA LYS A 30 15.83 6.45 0.96
C LYS A 30 17.24 6.12 1.46
N PRO A 31 17.68 4.86 1.37
CA PRO A 31 19.01 4.45 1.81
C PRO A 31 20.11 5.33 1.24
N THR A 32 20.83 6.03 2.12
CA THR A 32 21.91 6.91 1.71
C THR A 32 22.89 7.14 2.86
N ALA A 33 22.45 7.87 3.88
CA ALA A 33 23.29 8.15 5.03
C ALA A 33 22.45 8.59 6.22
N VAL A 34 21.48 9.46 5.97
CA VAL A 34 20.60 9.95 7.01
C VAL A 34 19.44 9.00 7.25
N ASP A 35 19.04 8.27 6.21
CA ASP A 35 17.95 7.32 6.31
C ASP A 35 18.48 5.90 6.51
N PRO A 36 17.86 5.13 7.43
CA PRO A 36 18.28 3.75 7.71
C PRO A 36 17.85 2.80 6.60
N ASN A 37 16.66 3.01 6.06
CA ASN A 37 16.14 2.16 5.00
C ASN A 37 15.16 2.94 4.13
N SER A 38 14.44 2.22 3.26
CA SER A 38 13.46 2.84 2.38
C SER A 38 12.06 2.75 2.99
N ILE A 39 11.64 3.81 3.66
CA ILE A 39 10.33 3.84 4.29
C ILE A 39 9.27 4.37 3.32
N VAL A 40 8.20 3.59 3.16
CA VAL A 40 7.11 3.98 2.27
C VAL A 40 5.76 3.92 2.99
N GLU A 41 4.81 4.67 2.48
CA GLU A 41 3.48 4.71 3.07
C GLU A 41 2.39 4.76 1.99
N CYS A 42 1.50 3.77 2.02
CA CYS A 42 0.42 3.69 1.05
C CYS A 42 -0.73 4.60 1.47
N ARG A 43 -0.96 5.66 0.70
CA ARG A 43 -2.02 6.60 1.00
C ARG A 43 -3.15 6.47 -0.02
N VAL A 44 -4.38 6.56 0.47
CA VAL A 44 -5.55 6.45 -0.41
C VAL A 44 -5.97 7.82 -0.93
N GLY A 45 -6.90 7.81 -1.88
CA GLY A 45 -7.37 9.05 -2.46
C GLY A 45 -7.94 10.00 -1.43
N ASP A 46 -8.72 9.46 -0.49
CA ASP A 46 -9.33 10.27 0.56
C ASP A 46 -8.27 10.99 1.39
N GLY A 47 -7.07 10.41 1.46
CA GLY A 47 -6.00 11.00 2.22
C GLY A 47 -5.78 10.32 3.55
N THR A 48 -5.52 9.03 3.52
CA THR A 48 -5.30 8.26 4.74
C THR A 48 -4.41 7.04 4.45
N VAL A 49 -3.26 6.99 5.12
CA VAL A 49 -2.34 5.88 4.94
C VAL A 49 -2.91 4.59 5.52
N LEU A 50 -3.12 3.61 4.66
CA LEU A 50 -3.68 2.32 5.07
C LEU A 50 -2.59 1.26 5.18
N GLY A 51 -1.46 1.48 4.50
CA GLY A 51 -0.38 0.52 4.54
C GLY A 51 0.99 1.16 4.62
N THR A 52 1.65 1.00 5.77
CA THR A 52 2.98 1.56 5.97
C THR A 52 3.99 0.46 6.26
N GLY A 53 5.13 0.50 5.57
CA GLY A 53 6.15 -0.51 5.77
C GLY A 53 7.51 -0.08 5.27
N VAL A 54 8.55 -0.55 5.93
CA VAL A 54 9.93 -0.20 5.56
C VAL A 54 10.52 -1.28 4.65
N GLY A 55 11.60 -0.94 3.97
CA GLY A 55 12.25 -1.89 3.08
C GLY A 55 13.59 -1.40 2.58
N ARG A 56 14.44 -2.35 2.18
CA ARG A 56 15.77 -2.00 1.69
C ARG A 56 15.67 -1.05 0.49
N ASN A 57 14.61 -1.19 -0.29
CA ASN A 57 14.40 -0.35 -1.46
C ASN A 57 12.91 -0.22 -1.77
N ILE A 58 12.59 0.64 -2.73
CA ILE A 58 11.21 0.87 -3.13
C ILE A 58 10.46 -0.45 -3.41
N LYS A 59 11.20 -1.44 -3.90
CA LYS A 59 10.59 -2.74 -4.21
C LYS A 59 10.15 -3.45 -2.94
N ILE A 60 11.07 -3.60 -2.00
CA ILE A 60 10.78 -4.27 -0.73
C ILE A 60 9.85 -3.41 0.12
N ALA A 61 10.22 -2.15 0.30
CA ALA A 61 9.42 -1.24 1.10
C ALA A 61 7.98 -1.19 0.62
N GLY A 62 7.82 -1.22 -0.71
CA GLY A 62 6.49 -1.20 -1.28
C GLY A 62 5.69 -2.42 -0.88
N ILE A 63 6.27 -3.60 -1.06
CA ILE A 63 5.60 -4.84 -0.70
C ILE A 63 5.33 -4.89 0.79
N ARG A 64 6.23 -4.28 1.56
CA ARG A 64 6.07 -4.24 3.02
C ARG A 64 4.87 -3.39 3.41
N ALA A 65 4.79 -2.20 2.81
CA ALA A 65 3.67 -1.31 3.09
C ALA A 65 2.35 -1.94 2.69
N ALA A 66 2.32 -2.49 1.48
CA ALA A 66 1.13 -3.15 0.98
C ALA A 66 0.78 -4.35 1.84
N GLU A 67 1.81 -5.09 2.24
CA GLU A 67 1.62 -6.27 3.07
C GLU A 67 1.05 -5.86 4.43
N ASN A 68 1.53 -4.73 4.95
CA ASN A 68 1.07 -4.22 6.22
C ASN A 68 -0.42 -3.88 6.13
N ALA A 69 -0.86 -3.47 4.94
CA ALA A 69 -2.25 -3.13 4.71
C ALA A 69 -3.11 -4.39 4.62
N LEU A 70 -2.49 -5.48 4.18
CA LEU A 70 -3.21 -6.75 4.05
C LEU A 70 -3.38 -7.42 5.41
N ARG A 71 -2.43 -7.19 6.31
CA ARG A 71 -2.48 -7.77 7.64
C ARG A 71 -3.77 -7.39 8.36
N ASP A 72 -4.22 -6.16 8.14
CA ASP A 72 -5.45 -5.67 8.77
C ASP A 72 -6.67 -6.29 8.09
N LYS A 73 -6.89 -7.57 8.32
CA LYS A 73 -8.03 -8.28 7.74
C LYS A 73 -9.33 -7.55 8.04
N LYS A 74 -9.42 -6.95 9.21
CA LYS A 74 -10.61 -6.21 9.60
C LYS A 74 -10.78 -4.98 8.74
N MET A 75 -9.75 -4.14 8.73
CA MET A 75 -9.77 -2.92 7.93
C MET A 75 -9.91 -3.25 6.45
N LEU A 76 -9.35 -4.39 6.06
CA LEU A 76 -9.43 -4.82 4.67
C LEU A 76 -10.84 -5.31 4.35
N ASP A 77 -11.48 -5.93 5.34
CA ASP A 77 -12.84 -6.44 5.16
C ASP A 77 -13.81 -5.29 4.91
N PHE A 78 -13.61 -4.19 5.63
CA PHE A 78 -14.46 -3.01 5.48
C PHE A 78 -14.40 -2.48 4.05
N TYR A 79 -13.22 -2.56 3.45
CA TYR A 79 -13.02 -2.10 2.09
C TYR A 79 -13.47 -3.17 1.11
N ALA A 80 -13.07 -4.40 1.38
CA ALA A 80 -13.44 -5.52 0.52
C ALA A 80 -14.95 -5.65 0.44
N LYS A 81 -15.63 -5.30 1.54
CA LYS A 81 -17.08 -5.35 1.59
C LYS A 81 -17.69 -4.05 1.07
N GLN A 82 -16.83 -3.14 0.61
CA GLN A 82 -17.27 -1.88 0.09
C GLN A 82 -16.92 -1.79 -1.40
N ARG A 83 -15.70 -2.16 -1.74
CA ARG A 83 -15.26 -2.14 -3.14
C ARG A 83 -16.02 -3.16 -3.96
N ALA A 84 -16.15 -4.36 -3.43
CA ALA A 84 -16.85 -5.43 -4.12
C ALA A 84 -18.37 -5.26 -3.98
N ALA A 85 -18.78 -4.60 -2.91
CA ALA A 85 -20.19 -4.35 -2.64
C ALA A 85 -20.66 -3.08 -3.34
N ALA A 86 -19.73 -2.17 -3.61
CA ALA A 86 -20.06 -0.91 -4.27
C ALA A 86 -20.75 -1.16 -5.62
N LEU A 87 -20.43 -2.29 -6.24
CA LEU A 87 -21.01 -2.63 -7.53
C LEU A 87 -21.47 -4.09 -7.55
N GLY A 88 -20.61 -4.97 -7.07
CA GLY A 88 -20.93 -6.39 -7.04
C GLY A 88 -21.03 -7.00 -8.42
N MET A 1 10.41 -8.02 -14.08
CA MET A 1 10.35 -8.40 -12.64
C MET A 1 9.43 -7.45 -11.87
N ASP A 2 9.49 -7.54 -10.55
CA ASP A 2 8.68 -6.69 -9.69
C ASP A 2 9.44 -5.44 -9.27
N LYS A 3 8.78 -4.28 -9.35
CA LYS A 3 9.41 -3.02 -8.99
C LYS A 3 8.38 -2.07 -8.39
N LEU A 4 7.23 -1.95 -9.06
CA LEU A 4 6.16 -1.08 -8.59
C LEU A 4 5.11 -1.87 -7.82
N ASP A 5 5.53 -2.96 -7.19
CA ASP A 5 4.62 -3.80 -6.42
C ASP A 5 3.48 -4.30 -7.30
N MET A 6 3.83 -5.12 -8.30
CA MET A 6 2.83 -5.68 -9.22
C MET A 6 2.12 -6.89 -8.62
N ASN A 7 1.88 -6.85 -7.31
CA ASN A 7 1.22 -7.94 -6.62
C ASN A 7 0.56 -7.43 -5.35
N ALA A 8 1.36 -6.78 -4.50
CA ALA A 8 0.88 -6.23 -3.25
C ALA A 8 0.03 -4.99 -3.53
N LYS A 9 0.35 -4.30 -4.62
CA LYS A 9 -0.39 -3.10 -5.00
C LYS A 9 -1.66 -3.47 -5.74
N ARG A 10 -1.59 -4.55 -6.51
CA ARG A 10 -2.74 -5.02 -7.26
C ARG A 10 -3.75 -5.65 -6.31
N GLN A 11 -3.26 -6.21 -5.21
CA GLN A 11 -4.11 -6.82 -4.21
C GLN A 11 -4.98 -5.77 -3.52
N LEU A 12 -4.34 -4.71 -3.04
CA LEU A 12 -5.06 -3.64 -2.36
C LEU A 12 -6.08 -2.99 -3.29
N TYR A 13 -5.67 -2.75 -4.53
CA TYR A 13 -6.55 -2.12 -5.51
C TYR A 13 -7.67 -3.09 -5.92
N SER A 14 -7.40 -4.38 -5.84
CA SER A 14 -8.38 -5.38 -6.21
C SER A 14 -9.19 -5.84 -5.00
N LEU A 15 -8.85 -5.32 -3.81
CA LEU A 15 -9.56 -5.70 -2.60
C LEU A 15 -10.14 -4.48 -1.87
N ILE A 16 -9.59 -3.30 -2.10
CA ILE A 16 -10.08 -2.10 -1.42
C ILE A 16 -10.15 -0.90 -2.35
N GLY A 17 -9.20 -0.78 -3.27
CA GLY A 17 -9.19 0.35 -4.18
C GLY A 17 -10.39 0.35 -5.11
N TYR A 18 -11.40 1.15 -4.77
CA TYR A 18 -12.60 1.23 -5.61
C TYR A 18 -12.52 2.44 -6.56
N ALA A 19 -12.98 3.59 -6.08
CA ALA A 19 -12.95 4.80 -6.89
C ALA A 19 -12.45 5.99 -6.08
N SER A 20 -12.92 6.11 -4.85
CA SER A 20 -12.51 7.21 -3.97
C SER A 20 -11.25 6.85 -3.19
N LEU A 21 -10.66 5.70 -3.50
CA LEU A 21 -9.45 5.25 -2.82
C LEU A 21 -8.25 5.32 -3.74
N ARG A 22 -7.65 6.51 -3.85
CA ARG A 22 -6.49 6.69 -4.69
C ARG A 22 -5.27 6.00 -4.10
N LEU A 23 -5.27 4.67 -4.15
CA LEU A 23 -4.18 3.87 -3.62
C LEU A 23 -2.83 4.38 -4.13
N HIS A 24 -2.12 5.11 -3.27
CA HIS A 24 -0.82 5.65 -3.63
C HIS A 24 0.21 5.35 -2.53
N TYR A 25 1.48 5.28 -2.92
CA TYR A 25 2.55 5.00 -1.98
C TYR A 25 3.52 6.16 -1.89
N VAL A 26 3.76 6.63 -0.66
CA VAL A 26 4.68 7.74 -0.43
C VAL A 26 5.98 7.25 0.20
N THR A 27 7.02 7.15 -0.63
CA THR A 27 8.32 6.70 -0.17
C THR A 27 9.09 7.84 0.48
N VAL A 28 9.21 7.81 1.80
CA VAL A 28 9.93 8.84 2.54
C VAL A 28 11.39 8.46 2.75
N LYS A 29 11.77 7.27 2.30
CA LYS A 29 13.14 6.79 2.44
C LYS A 29 14.14 7.80 1.90
N LYS A 30 15.41 7.40 1.93
CA LYS A 30 16.49 8.26 1.44
C LYS A 30 17.85 7.62 1.76
N PRO A 31 18.14 6.44 1.16
CA PRO A 31 19.39 5.73 1.40
C PRO A 31 20.61 6.57 1.03
N THR A 32 21.36 6.96 2.05
CA THR A 32 22.57 7.77 1.87
C THR A 32 23.16 8.16 3.22
N ALA A 33 22.28 8.49 4.17
CA ALA A 33 22.70 8.89 5.50
C ALA A 33 21.51 9.33 6.35
N VAL A 34 20.53 9.95 5.69
CA VAL A 34 19.34 10.43 6.38
C VAL A 34 18.32 9.31 6.57
N ASP A 35 18.19 8.45 5.57
CA ASP A 35 17.25 7.33 5.63
C ASP A 35 17.83 6.11 4.93
N PRO A 36 18.71 5.36 5.62
CA PRO A 36 19.33 4.15 5.07
C PRO A 36 18.31 3.07 4.75
N ASN A 37 17.09 3.21 5.28
CA ASN A 37 16.05 2.22 5.05
C ASN A 37 15.03 2.73 4.03
N SER A 38 14.48 1.79 3.27
CA SER A 38 13.47 2.13 2.27
C SER A 38 12.10 2.18 2.92
N ILE A 39 11.82 3.29 3.59
CA ILE A 39 10.54 3.46 4.27
C ILE A 39 9.45 3.93 3.31
N VAL A 40 8.34 3.22 3.29
CA VAL A 40 7.22 3.56 2.41
C VAL A 40 5.89 3.45 3.16
N GLU A 41 4.95 4.32 2.79
CA GLU A 41 3.63 4.31 3.41
C GLU A 41 2.53 4.45 2.37
N CYS A 42 1.61 3.50 2.37
CA CYS A 42 0.49 3.51 1.43
C CYS A 42 -0.64 4.40 1.94
N ARG A 43 -0.90 5.48 1.21
CA ARG A 43 -1.96 6.41 1.59
C ARG A 43 -3.11 6.37 0.59
N VAL A 44 -4.33 6.44 1.10
CA VAL A 44 -5.52 6.42 0.25
C VAL A 44 -5.91 7.83 -0.19
N GLY A 45 -6.81 7.91 -1.16
CA GLY A 45 -7.24 9.20 -1.66
C GLY A 45 -7.84 10.06 -0.57
N ASP A 46 -8.51 9.43 0.38
CA ASP A 46 -9.14 10.15 1.48
C ASP A 46 -8.10 10.88 2.32
N GLY A 47 -6.90 10.32 2.39
CA GLY A 47 -5.83 10.93 3.16
C GLY A 47 -5.56 10.19 4.45
N THR A 48 -5.34 8.88 4.35
CA THR A 48 -5.08 8.06 5.52
C THR A 48 -4.21 6.85 5.15
N VAL A 49 -3.04 6.75 5.78
CA VAL A 49 -2.13 5.64 5.52
C VAL A 49 -2.69 4.34 6.06
N LEU A 50 -3.01 3.41 5.15
CA LEU A 50 -3.57 2.12 5.53
C LEU A 50 -2.47 1.07 5.70
N GLY A 51 -1.32 1.31 5.07
CA GLY A 51 -0.22 0.36 5.18
C GLY A 51 1.14 1.02 5.21
N THR A 52 1.87 0.81 6.30
CA THR A 52 3.20 1.38 6.46
C THR A 52 4.23 0.27 6.68
N GLY A 53 5.28 0.28 5.87
CA GLY A 53 6.31 -0.73 6.00
C GLY A 53 7.62 -0.34 5.35
N VAL A 54 8.73 -0.65 6.00
CA VAL A 54 10.05 -0.33 5.48
C VAL A 54 10.58 -1.45 4.61
N GLY A 55 11.77 -1.23 4.07
CA GLY A 55 12.39 -2.23 3.22
C GLY A 55 13.79 -1.85 2.79
N ARG A 56 14.45 -2.78 2.09
CA ARG A 56 15.81 -2.55 1.61
C ARG A 56 15.80 -1.62 0.39
N ASN A 57 14.70 -1.67 -0.36
CA ASN A 57 14.55 -0.84 -1.54
C ASN A 57 13.09 -0.50 -1.79
N ILE A 58 12.80 0.16 -2.90
CA ILE A 58 11.44 0.55 -3.23
C ILE A 58 10.56 -0.68 -3.47
N LYS A 59 11.17 -1.76 -3.97
CA LYS A 59 10.45 -2.99 -4.24
C LYS A 59 9.99 -3.66 -2.96
N ILE A 60 10.95 -4.00 -2.11
CA ILE A 60 10.65 -4.66 -0.83
C ILE A 60 9.72 -3.80 0.02
N ALA A 61 10.11 -2.56 0.27
CA ALA A 61 9.32 -1.64 1.07
C ALA A 61 7.87 -1.59 0.58
N GLY A 62 7.71 -1.51 -0.73
CA GLY A 62 6.38 -1.46 -1.32
C GLY A 62 5.56 -2.67 -0.95
N ILE A 63 6.18 -3.83 -1.01
CA ILE A 63 5.49 -5.08 -0.68
C ILE A 63 5.24 -5.17 0.82
N ARG A 64 6.11 -4.56 1.61
CA ARG A 64 5.97 -4.56 3.06
C ARG A 64 4.86 -3.63 3.50
N ALA A 65 4.83 -2.44 2.90
CA ALA A 65 3.80 -1.45 3.23
C ALA A 65 2.43 -1.97 2.83
N ALA A 66 2.33 -2.47 1.61
CA ALA A 66 1.07 -3.00 1.10
C ALA A 66 0.64 -4.20 1.94
N GLU A 67 1.62 -5.01 2.34
CA GLU A 67 1.34 -6.18 3.16
C GLU A 67 0.80 -5.76 4.52
N ASN A 68 1.36 -4.67 5.04
CA ASN A 68 0.93 -4.14 6.33
C ASN A 68 -0.53 -3.68 6.26
N ALA A 69 -0.93 -3.23 5.07
CA ALA A 69 -2.29 -2.77 4.85
C ALA A 69 -3.24 -3.95 4.77
N LEU A 70 -2.75 -5.08 4.28
CA LEU A 70 -3.56 -6.29 4.16
C LEU A 70 -3.74 -6.97 5.52
N ARG A 71 -2.77 -6.76 6.41
CA ARG A 71 -2.83 -7.35 7.75
C ARG A 71 -4.10 -6.92 8.47
N ASP A 72 -4.48 -5.66 8.29
CA ASP A 72 -5.68 -5.13 8.93
C ASP A 72 -6.94 -5.78 8.35
N LYS A 73 -7.19 -7.02 8.76
CA LYS A 73 -8.36 -7.76 8.28
C LYS A 73 -9.64 -6.94 8.46
N LYS A 74 -9.73 -6.24 9.58
CA LYS A 74 -10.89 -5.41 9.87
C LYS A 74 -11.03 -4.30 8.85
N MET A 75 -9.98 -3.51 8.72
CA MET A 75 -9.96 -2.40 7.77
C MET A 75 -10.08 -2.91 6.35
N LEU A 76 -9.55 -4.11 6.10
CA LEU A 76 -9.61 -4.71 4.78
C LEU A 76 -11.02 -5.20 4.47
N ASP A 77 -11.71 -5.67 5.50
CA ASP A 77 -13.08 -6.16 5.34
C ASP A 77 -14.02 -5.01 4.99
N PHE A 78 -13.81 -3.88 5.63
CA PHE A 78 -14.64 -2.70 5.40
C PHE A 78 -14.56 -2.27 3.93
N TYR A 79 -13.36 -2.35 3.36
CA TYR A 79 -13.16 -1.97 1.97
C TYR A 79 -13.54 -3.12 1.06
N ALA A 80 -13.16 -4.33 1.44
CA ALA A 80 -13.47 -5.51 0.66
C ALA A 80 -14.98 -5.66 0.49
N LYS A 81 -15.73 -5.20 1.48
CA LYS A 81 -17.18 -5.26 1.43
C LYS A 81 -17.74 -4.06 0.66
N GLN A 82 -16.85 -3.18 0.22
CA GLN A 82 -17.25 -2.00 -0.53
C GLN A 82 -16.73 -2.07 -1.96
N ARG A 83 -15.45 -2.39 -2.10
CA ARG A 83 -14.83 -2.51 -3.41
C ARG A 83 -15.38 -3.72 -4.16
N ALA A 84 -15.51 -4.83 -3.44
CA ALA A 84 -16.04 -6.06 -4.04
C ALA A 84 -17.55 -6.00 -4.14
N ALA A 85 -18.17 -5.16 -3.31
CA ALA A 85 -19.62 -5.03 -3.30
C ALA A 85 -20.08 -3.92 -4.26
N ALA A 86 -19.20 -2.95 -4.50
CA ALA A 86 -19.52 -1.84 -5.38
C ALA A 86 -19.33 -2.23 -6.85
N LEU A 87 -18.31 -3.05 -7.10
CA LEU A 87 -18.02 -3.51 -8.45
C LEU A 87 -18.94 -4.65 -8.86
N GLY A 88 -19.37 -5.43 -7.88
CA GLY A 88 -20.25 -6.55 -8.15
C GLY A 88 -21.69 -6.11 -8.40
N MET A 1 8.05 -0.72 -16.50
CA MET A 1 8.21 -0.33 -15.08
C MET A 1 7.32 -1.17 -14.18
N ASP A 2 7.92 -1.77 -13.16
CA ASP A 2 7.17 -2.61 -12.22
C ASP A 2 7.93 -2.77 -10.90
N LYS A 3 7.33 -3.49 -9.97
CA LYS A 3 7.95 -3.71 -8.67
C LYS A 3 7.45 -5.02 -8.06
N LEU A 4 8.29 -5.66 -7.25
CA LEU A 4 7.91 -6.92 -6.61
C LEU A 4 6.59 -6.77 -5.85
N ASP A 5 6.27 -5.55 -5.45
CA ASP A 5 5.04 -5.28 -4.73
C ASP A 5 3.84 -5.26 -5.68
N MET A 6 4.10 -5.30 -6.98
CA MET A 6 3.04 -5.29 -7.98
C MET A 6 1.94 -6.30 -7.63
N ASN A 7 2.31 -7.36 -6.93
CA ASN A 7 1.36 -8.38 -6.53
C ASN A 7 0.63 -7.99 -5.25
N ALA A 8 1.36 -7.38 -4.33
CA ALA A 8 0.78 -6.93 -3.07
C ALA A 8 -0.07 -5.68 -3.27
N LYS A 9 0.29 -4.89 -4.26
CA LYS A 9 -0.44 -3.66 -4.56
C LYS A 9 -1.72 -3.97 -5.31
N ARG A 10 -1.66 -4.98 -6.18
CA ARG A 10 -2.83 -5.39 -6.95
C ARG A 10 -3.84 -6.03 -6.02
N GLN A 11 -3.34 -6.76 -5.03
CA GLN A 11 -4.18 -7.42 -4.05
C GLN A 11 -4.99 -6.38 -3.27
N LEU A 12 -4.28 -5.41 -2.70
CA LEU A 12 -4.93 -4.35 -1.94
C LEU A 12 -5.89 -3.56 -2.82
N TYR A 13 -5.43 -3.20 -4.01
CA TYR A 13 -6.25 -2.45 -4.96
C TYR A 13 -7.44 -3.28 -5.42
N SER A 14 -7.25 -4.59 -5.50
CA SER A 14 -8.31 -5.49 -5.94
C SER A 14 -9.20 -5.92 -4.77
N LEU A 15 -8.82 -5.54 -3.55
CA LEU A 15 -9.59 -5.91 -2.37
C LEU A 15 -10.18 -4.69 -1.67
N ILE A 16 -9.56 -3.52 -1.85
CA ILE A 16 -10.06 -2.31 -1.22
C ILE A 16 -10.13 -1.12 -2.18
N GLY A 17 -9.27 -1.11 -3.19
CA GLY A 17 -9.26 -0.03 -4.15
C GLY A 17 -10.45 -0.07 -5.09
N TYR A 18 -11.44 0.79 -4.84
CA TYR A 18 -12.63 0.84 -5.68
C TYR A 18 -12.68 2.12 -6.51
N ALA A 19 -12.31 3.24 -5.90
CA ALA A 19 -12.31 4.52 -6.60
C ALA A 19 -11.85 5.64 -5.67
N SER A 20 -12.73 6.06 -4.76
CA SER A 20 -12.42 7.13 -3.82
C SER A 20 -11.09 6.85 -3.12
N LEU A 21 -10.77 5.57 -2.95
CA LEU A 21 -9.53 5.17 -2.30
C LEU A 21 -8.37 5.16 -3.30
N ARG A 22 -7.87 6.34 -3.63
CA ARG A 22 -6.77 6.47 -4.59
C ARG A 22 -5.52 5.78 -4.06
N LEU A 23 -5.47 4.46 -4.20
CA LEU A 23 -4.32 3.68 -3.75
C LEU A 23 -3.05 4.11 -4.46
N HIS A 24 -2.24 4.92 -3.78
CA HIS A 24 -0.98 5.40 -4.34
C HIS A 24 0.17 5.18 -3.37
N TYR A 25 1.31 4.77 -3.88
CA TYR A 25 2.48 4.52 -3.05
C TYR A 25 3.55 5.58 -3.27
N VAL A 26 3.99 6.19 -2.17
CA VAL A 26 5.02 7.22 -2.23
C VAL A 26 6.30 6.74 -1.55
N THR A 27 7.22 6.22 -2.35
CA THR A 27 8.49 5.73 -1.83
C THR A 27 9.45 6.88 -1.56
N VAL A 28 9.51 7.33 -0.31
CA VAL A 28 10.38 8.43 0.06
C VAL A 28 11.83 7.97 0.12
N LYS A 29 12.07 6.93 0.92
CA LYS A 29 13.41 6.37 1.08
C LYS A 29 14.48 7.45 1.18
N LYS A 30 14.81 7.84 2.41
CA LYS A 30 15.82 8.85 2.65
C LYS A 30 17.10 8.22 3.21
N PRO A 31 17.83 7.45 2.38
CA PRO A 31 19.07 6.78 2.80
C PRO A 31 20.16 7.78 3.18
N THR A 32 20.52 7.78 4.45
CA THR A 32 21.54 8.67 4.97
C THR A 32 21.75 8.45 6.46
N ALA A 33 20.65 8.26 7.18
CA ALA A 33 20.68 8.05 8.62
C ALA A 33 19.28 7.86 9.18
N VAL A 34 18.34 8.62 8.64
CA VAL A 34 16.95 8.56 9.09
C VAL A 34 16.24 7.34 8.50
N ASP A 35 16.56 7.01 7.26
CA ASP A 35 15.96 5.88 6.58
C ASP A 35 17.03 4.94 6.01
N PRO A 36 17.58 4.06 6.84
CA PRO A 36 18.63 3.10 6.41
C PRO A 36 18.20 2.29 5.20
N ASN A 37 16.88 2.17 4.99
CA ASN A 37 16.35 1.40 3.88
C ASN A 37 15.42 2.27 3.03
N SER A 38 14.61 1.62 2.20
CA SER A 38 13.67 2.33 1.34
C SER A 38 12.27 2.34 1.95
N ILE A 39 11.94 3.45 2.59
CA ILE A 39 10.64 3.59 3.24
C ILE A 39 9.57 4.11 2.27
N VAL A 40 8.46 3.40 2.19
CA VAL A 40 7.36 3.79 1.31
C VAL A 40 6.05 3.85 2.09
N GLU A 41 5.12 4.66 1.61
CA GLU A 41 3.84 4.81 2.28
C GLU A 41 2.70 4.90 1.26
N CYS A 42 1.68 4.07 1.46
CA CYS A 42 0.52 4.05 0.58
C CYS A 42 -0.53 5.02 1.07
N ARG A 43 -0.70 6.12 0.34
CA ARG A 43 -1.68 7.13 0.70
C ARG A 43 -2.89 7.07 -0.22
N VAL A 44 -4.06 7.25 0.36
CA VAL A 44 -5.29 7.20 -0.41
C VAL A 44 -6.11 8.48 -0.24
N GLY A 45 -7.00 8.75 -1.20
CA GLY A 45 -7.82 9.94 -1.13
C GLY A 45 -7.01 11.21 -1.05
N ASP A 46 -7.34 12.07 -0.09
CA ASP A 46 -6.63 13.33 0.09
C ASP A 46 -5.15 13.08 0.40
N GLY A 47 -4.89 12.26 1.40
CA GLY A 47 -3.53 11.96 1.79
C GLY A 47 -3.44 11.09 3.03
N THR A 48 -4.36 10.14 3.15
CA THR A 48 -4.39 9.25 4.30
C THR A 48 -3.62 7.97 4.01
N VAL A 49 -2.55 7.75 4.79
CA VAL A 49 -1.72 6.55 4.62
C VAL A 49 -2.41 5.33 5.21
N LEU A 50 -2.69 4.35 4.36
CA LEU A 50 -3.34 3.13 4.79
C LEU A 50 -2.35 1.97 4.88
N GLY A 51 -1.23 2.10 4.18
CA GLY A 51 -0.23 1.05 4.20
C GLY A 51 1.19 1.58 4.16
N THR A 52 1.89 1.50 5.29
CA THR A 52 3.26 1.96 5.39
C THR A 52 4.21 0.80 5.64
N GLY A 53 5.26 0.70 4.83
CA GLY A 53 6.22 -0.38 4.99
C GLY A 53 7.58 -0.05 4.42
N VAL A 54 8.63 -0.54 5.07
CA VAL A 54 9.99 -0.30 4.63
C VAL A 54 10.51 -1.47 3.81
N GLY A 55 11.59 -1.24 3.06
CA GLY A 55 12.16 -2.30 2.24
C GLY A 55 13.50 -1.92 1.65
N ARG A 56 14.28 -2.93 1.26
CA ARG A 56 15.59 -2.70 0.68
C ARG A 56 15.51 -1.76 -0.52
N ASN A 57 14.37 -1.80 -1.20
CA ASN A 57 14.15 -0.96 -2.37
C ASN A 57 12.67 -0.68 -2.58
N ILE A 58 12.33 -0.04 -3.69
CA ILE A 58 10.94 0.28 -3.99
C ILE A 58 10.10 -1.00 -4.12
N LYS A 59 10.73 -2.07 -4.61
CA LYS A 59 10.04 -3.34 -4.77
C LYS A 59 9.65 -3.92 -3.42
N ILE A 60 10.66 -4.25 -2.62
CA ILE A 60 10.45 -4.82 -1.30
C ILE A 60 9.60 -3.90 -0.44
N ALA A 61 10.00 -2.64 -0.36
CA ALA A 61 9.27 -1.65 0.44
C ALA A 61 7.79 -1.65 0.08
N GLY A 62 7.50 -1.72 -1.22
CA GLY A 62 6.13 -1.74 -1.67
C GLY A 62 5.37 -2.91 -1.12
N ILE A 63 6.03 -4.07 -1.05
CA ILE A 63 5.40 -5.28 -0.52
C ILE A 63 5.10 -5.12 0.96
N ARG A 64 6.04 -4.54 1.69
CA ARG A 64 5.88 -4.32 3.12
C ARG A 64 4.78 -3.31 3.39
N ALA A 65 4.76 -2.24 2.61
CA ALA A 65 3.76 -1.19 2.75
C ALA A 65 2.37 -1.74 2.49
N ALA A 66 2.22 -2.42 1.37
CA ALA A 66 0.94 -3.02 1.00
C ALA A 66 0.56 -4.09 2.01
N GLU A 67 1.54 -4.87 2.44
CA GLU A 67 1.31 -5.92 3.41
C GLU A 67 0.85 -5.31 4.73
N ASN A 68 1.37 -4.13 5.04
CA ASN A 68 0.99 -3.43 6.25
C ASN A 68 -0.46 -2.99 6.18
N ALA A 69 -0.91 -2.69 4.96
CA ALA A 69 -2.28 -2.27 4.74
C ALA A 69 -3.21 -3.48 4.66
N LEU A 70 -2.68 -4.59 4.15
CA LEU A 70 -3.44 -5.82 4.02
C LEU A 70 -3.52 -6.56 5.36
N ARG A 71 -2.56 -6.28 6.24
CA ARG A 71 -2.51 -6.91 7.56
C ARG A 71 -3.79 -6.64 8.34
N ASP A 72 -4.29 -5.40 8.23
CA ASP A 72 -5.51 -5.02 8.93
C ASP A 72 -6.70 -5.81 8.40
N LYS A 73 -6.86 -7.03 8.90
CA LYS A 73 -7.96 -7.89 8.49
C LYS A 73 -9.31 -7.22 8.71
N LYS A 74 -9.37 -6.36 9.71
CA LYS A 74 -10.60 -5.64 10.02
C LYS A 74 -10.83 -4.52 9.02
N MET A 75 -9.77 -3.75 8.77
CA MET A 75 -9.84 -2.64 7.82
C MET A 75 -10.03 -3.17 6.41
N LEU A 76 -9.48 -4.36 6.15
CA LEU A 76 -9.60 -4.97 4.83
C LEU A 76 -11.01 -5.51 4.63
N ASP A 77 -11.62 -5.97 5.71
CA ASP A 77 -12.98 -6.51 5.65
C ASP A 77 -13.98 -5.41 5.32
N PHE A 78 -13.76 -4.23 5.89
CA PHE A 78 -14.63 -3.08 5.65
C PHE A 78 -14.56 -2.64 4.20
N TYR A 79 -13.35 -2.67 3.63
CA TYR A 79 -13.14 -2.27 2.25
C TYR A 79 -13.54 -3.41 1.33
N ALA A 80 -13.12 -4.62 1.68
CA ALA A 80 -13.43 -5.80 0.88
C ALA A 80 -14.94 -5.92 0.69
N LYS A 81 -15.71 -5.44 1.65
CA LYS A 81 -17.16 -5.49 1.58
C LYS A 81 -17.71 -4.26 0.87
N GLN A 82 -16.81 -3.36 0.45
CA GLN A 82 -17.19 -2.15 -0.25
C GLN A 82 -16.66 -2.20 -1.68
N ARG A 83 -15.40 -2.60 -1.82
CA ARG A 83 -14.77 -2.71 -3.13
C ARG A 83 -15.42 -3.82 -3.95
N ALA A 84 -15.55 -4.98 -3.34
CA ALA A 84 -16.14 -6.14 -4.00
C ALA A 84 -17.67 -5.99 -4.08
N ALA A 85 -18.22 -5.18 -3.18
CA ALA A 85 -19.66 -4.95 -3.14
C ALA A 85 -20.06 -3.76 -4.01
N ALA A 86 -19.10 -2.85 -4.23
CA ALA A 86 -19.37 -1.66 -5.03
C ALA A 86 -19.65 -2.03 -6.49
N LEU A 87 -18.97 -3.06 -6.98
CA LEU A 87 -19.15 -3.51 -8.35
C LEU A 87 -19.22 -5.04 -8.41
N GLY A 88 -18.19 -5.69 -7.88
CA GLY A 88 -18.16 -7.15 -7.91
C GLY A 88 -17.22 -7.69 -8.96
N MET A 1 12.28 -11.57 -9.36
CA MET A 1 12.23 -10.33 -8.55
C MET A 1 11.15 -9.38 -9.05
N ASP A 2 10.51 -8.67 -8.14
CA ASP A 2 9.45 -7.73 -8.49
C ASP A 2 10.02 -6.32 -8.69
N LYS A 3 9.14 -5.34 -8.80
CA LYS A 3 9.56 -3.96 -9.01
C LYS A 3 8.35 -3.02 -9.00
N LEU A 4 8.50 -1.89 -8.31
CA LEU A 4 7.42 -0.92 -8.22
C LEU A 4 6.17 -1.53 -7.57
N ASP A 5 6.40 -2.36 -6.56
CA ASP A 5 5.30 -3.02 -5.84
C ASP A 5 4.24 -3.55 -6.81
N MET A 6 4.69 -3.99 -7.97
CA MET A 6 3.78 -4.53 -9.00
C MET A 6 3.22 -5.87 -8.57
N ASN A 7 2.49 -5.88 -7.45
CA ASN A 7 1.89 -7.11 -6.93
C ASN A 7 1.08 -6.80 -5.68
N ALA A 8 1.78 -6.54 -4.59
CA ALA A 8 1.12 -6.21 -3.33
C ALA A 8 0.28 -4.96 -3.48
N LYS A 9 0.71 -4.07 -4.38
CA LYS A 9 -0.01 -2.83 -4.63
C LYS A 9 -1.26 -3.11 -5.45
N ARG A 10 -1.16 -4.09 -6.36
CA ARG A 10 -2.29 -4.47 -7.20
C ARG A 10 -3.33 -5.21 -6.36
N GLN A 11 -2.86 -5.93 -5.34
CA GLN A 11 -3.73 -6.68 -4.46
C GLN A 11 -4.60 -5.72 -3.65
N LEU A 12 -3.97 -4.70 -3.08
CA LEU A 12 -4.69 -3.71 -2.29
C LEU A 12 -5.73 -2.98 -3.13
N TYR A 13 -5.33 -2.56 -4.32
CA TYR A 13 -6.22 -1.85 -5.23
C TYR A 13 -7.32 -2.77 -5.75
N SER A 14 -7.02 -4.06 -5.83
CA SER A 14 -8.00 -5.03 -6.31
C SER A 14 -8.86 -5.58 -5.18
N LEU A 15 -8.52 -5.23 -3.95
CA LEU A 15 -9.28 -5.71 -2.79
C LEU A 15 -9.97 -4.57 -2.05
N ILE A 16 -9.48 -3.34 -2.20
CA ILE A 16 -10.07 -2.20 -1.51
C ILE A 16 -10.17 -0.97 -2.41
N GLY A 17 -9.23 -0.81 -3.34
CA GLY A 17 -9.25 0.34 -4.23
C GLY A 17 -10.43 0.31 -5.19
N TYR A 18 -11.43 1.14 -4.90
CA TYR A 18 -12.62 1.21 -5.76
C TYR A 18 -12.64 2.51 -6.55
N ALA A 19 -12.24 3.61 -5.91
CA ALA A 19 -12.22 4.92 -6.56
C ALA A 19 -11.87 6.02 -5.57
N SER A 20 -12.79 6.27 -4.63
CA SER A 20 -12.57 7.30 -3.62
C SER A 20 -11.24 7.09 -2.89
N LEU A 21 -10.83 5.83 -2.78
CA LEU A 21 -9.59 5.50 -2.11
C LEU A 21 -8.43 5.47 -3.11
N ARG A 22 -7.96 6.66 -3.49
CA ARG A 22 -6.86 6.77 -4.44
C ARG A 22 -5.58 6.15 -3.88
N LEU A 23 -5.49 4.82 -3.97
CA LEU A 23 -4.32 4.11 -3.48
C LEU A 23 -3.05 4.60 -4.17
N HIS A 24 -2.24 5.36 -3.44
CA HIS A 24 -0.99 5.89 -3.98
C HIS A 24 0.12 5.79 -2.94
N TYR A 25 1.24 5.17 -3.33
CA TYR A 25 2.37 5.00 -2.43
C TYR A 25 3.34 6.16 -2.56
N VAL A 26 3.71 6.74 -1.42
CA VAL A 26 4.64 7.86 -1.40
C VAL A 26 5.83 7.56 -0.50
N THR A 27 7.02 7.52 -1.10
CA THR A 27 8.24 7.25 -0.34
C THR A 27 8.70 8.50 0.39
N VAL A 28 9.17 8.32 1.63
CA VAL A 28 9.64 9.43 2.44
C VAL A 28 11.15 9.40 2.63
N LYS A 29 11.73 8.20 2.57
CA LYS A 29 13.16 8.04 2.74
C LYS A 29 13.77 7.21 1.62
N LYS A 30 15.06 7.38 1.40
CA LYS A 30 15.78 6.64 0.36
C LYS A 30 17.22 6.37 0.78
N PRO A 31 17.70 5.13 0.60
CA PRO A 31 19.06 4.75 0.97
C PRO A 31 20.11 5.66 0.34
N THR A 32 20.82 6.41 1.19
CA THR A 32 21.84 7.32 0.73
C THR A 32 22.96 7.46 1.76
N ALA A 33 22.69 8.25 2.79
CA ALA A 33 23.66 8.47 3.87
C ALA A 33 22.94 8.81 5.17
N VAL A 34 21.94 9.66 5.06
CA VAL A 34 21.16 10.07 6.22
C VAL A 34 20.02 9.10 6.48
N ASP A 35 19.46 8.55 5.40
CA ASP A 35 18.36 7.61 5.51
C ASP A 35 18.88 6.18 5.67
N PRO A 36 18.24 5.36 6.52
CA PRO A 36 18.65 3.99 6.76
C PRO A 36 18.18 3.04 5.65
N ASN A 37 16.94 3.21 5.22
CA ASN A 37 16.38 2.37 4.17
C ASN A 37 15.33 3.13 3.36
N SER A 38 14.54 2.41 2.57
CA SER A 38 13.50 3.03 1.77
C SER A 38 12.14 2.90 2.45
N ILE A 39 11.76 3.95 3.17
CA ILE A 39 10.48 3.94 3.89
C ILE A 39 9.37 4.49 3.00
N VAL A 40 8.29 3.70 2.88
CA VAL A 40 7.15 4.11 2.06
C VAL A 40 5.85 4.03 2.86
N GLU A 41 4.87 4.81 2.46
CA GLU A 41 3.58 4.82 3.14
C GLU A 41 2.44 4.98 2.14
N CYS A 42 1.57 3.98 2.08
CA CYS A 42 0.43 4.00 1.18
C CYS A 42 -0.65 4.95 1.70
N ARG A 43 -0.86 6.05 1.00
CA ARG A 43 -1.86 7.03 1.40
C ARG A 43 -3.07 6.97 0.47
N VAL A 44 -4.25 7.09 1.05
CA VAL A 44 -5.48 7.06 0.27
C VAL A 44 -5.90 8.46 -0.16
N GLY A 45 -6.85 8.53 -1.09
CA GLY A 45 -7.32 9.81 -1.58
C GLY A 45 -7.85 10.70 -0.47
N ASP A 46 -8.55 10.10 0.49
CA ASP A 46 -9.12 10.83 1.62
C ASP A 46 -8.01 11.52 2.42
N GLY A 47 -6.83 10.92 2.42
CA GLY A 47 -5.71 11.48 3.16
C GLY A 47 -5.43 10.72 4.44
N THR A 48 -5.19 9.42 4.31
CA THR A 48 -4.90 8.58 5.47
C THR A 48 -4.05 7.38 5.07
N VAL A 49 -2.89 7.25 5.69
CA VAL A 49 -1.98 6.15 5.40
C VAL A 49 -2.53 4.83 5.94
N LEU A 50 -2.74 3.88 5.04
CA LEU A 50 -3.27 2.58 5.42
C LEU A 50 -2.15 1.53 5.47
N GLY A 51 -1.05 1.81 4.80
CA GLY A 51 0.07 0.88 4.80
C GLY A 51 1.41 1.56 4.92
N THR A 52 2.09 1.34 6.05
CA THR A 52 3.39 1.93 6.30
C THR A 52 4.43 0.84 6.55
N GLY A 53 5.45 0.78 5.69
CA GLY A 53 6.49 -0.22 5.85
C GLY A 53 7.81 0.19 5.23
N VAL A 54 8.91 -0.30 5.80
CA VAL A 54 10.23 0.00 5.31
C VAL A 54 10.72 -1.09 4.35
N GLY A 55 11.75 -0.77 3.57
CA GLY A 55 12.28 -1.73 2.62
C GLY A 55 13.62 -1.29 2.04
N ARG A 56 14.37 -2.25 1.52
CA ARG A 56 15.67 -1.96 0.92
C ARG A 56 15.53 -0.97 -0.22
N ASN A 57 14.38 -1.01 -0.90
CA ASN A 57 14.12 -0.12 -2.02
C ASN A 57 12.62 0.05 -2.24
N ILE A 58 12.26 0.79 -3.28
CA ILE A 58 10.85 1.01 -3.61
C ILE A 58 10.10 -0.30 -3.76
N LYS A 59 10.77 -1.32 -4.27
CA LYS A 59 10.17 -2.63 -4.47
C LYS A 59 9.81 -3.27 -3.14
N ILE A 60 10.82 -3.50 -2.32
CA ILE A 60 10.62 -4.11 -1.01
C ILE A 60 9.70 -3.27 -0.14
N ALA A 61 10.05 -2.01 0.03
CA ALA A 61 9.25 -1.09 0.84
C ALA A 61 7.80 -1.07 0.39
N GLY A 62 7.61 -1.05 -0.93
CA GLY A 62 6.27 -1.04 -1.48
C GLY A 62 5.48 -2.26 -1.11
N ILE A 63 6.15 -3.42 -1.12
CA ILE A 63 5.50 -4.68 -0.77
C ILE A 63 5.22 -4.75 0.74
N ARG A 64 6.12 -4.17 1.52
CA ARG A 64 5.97 -4.16 2.97
C ARG A 64 4.82 -3.26 3.39
N ALA A 65 4.72 -2.10 2.74
CA ALA A 65 3.65 -1.15 3.04
C ALA A 65 2.29 -1.73 2.66
N ALA A 66 2.21 -2.31 1.46
CA ALA A 66 0.99 -2.91 0.99
C ALA A 66 0.60 -4.10 1.86
N GLU A 67 1.60 -4.85 2.28
CA GLU A 67 1.38 -6.01 3.14
C GLU A 67 0.82 -5.55 4.48
N ASN A 68 1.27 -4.38 4.94
CA ASN A 68 0.80 -3.83 6.19
C ASN A 68 -0.66 -3.42 6.08
N ALA A 69 -1.06 -3.01 4.88
CA ALA A 69 -2.44 -2.62 4.62
C ALA A 69 -3.31 -3.83 4.36
N LEU A 70 -2.71 -4.87 3.77
CA LEU A 70 -3.43 -6.10 3.47
C LEU A 70 -3.51 -7.00 4.70
N ARG A 71 -2.55 -6.85 5.60
CA ARG A 71 -2.51 -7.65 6.83
C ARG A 71 -3.80 -7.49 7.62
N ASP A 72 -4.28 -6.26 7.72
CA ASP A 72 -5.50 -5.97 8.46
C ASP A 72 -6.71 -6.60 7.77
N LYS A 73 -6.88 -7.91 7.95
CA LYS A 73 -7.98 -8.64 7.34
C LYS A 73 -9.32 -7.98 7.67
N LYS A 74 -9.41 -7.37 8.85
CA LYS A 74 -10.64 -6.69 9.26
C LYS A 74 -10.86 -5.47 8.40
N MET A 75 -9.92 -4.54 8.45
CA MET A 75 -9.99 -3.32 7.68
C MET A 75 -10.12 -3.63 6.19
N LEU A 76 -9.62 -4.80 5.80
CA LEU A 76 -9.68 -5.23 4.41
C LEU A 76 -11.10 -5.71 4.07
N ASP A 77 -11.71 -6.41 5.02
CA ASP A 77 -13.07 -6.92 4.84
C ASP A 77 -14.04 -5.76 4.64
N PHE A 78 -13.80 -4.67 5.37
CA PHE A 78 -14.66 -3.49 5.26
C PHE A 78 -14.60 -2.90 3.85
N TYR A 79 -13.42 -2.91 3.26
CA TYR A 79 -13.24 -2.39 1.92
C TYR A 79 -13.65 -3.44 0.88
N ALA A 80 -13.23 -4.67 1.11
CA ALA A 80 -13.57 -5.76 0.21
C ALA A 80 -15.09 -5.85 0.04
N LYS A 81 -15.81 -5.48 1.09
CA LYS A 81 -17.27 -5.50 1.06
C LYS A 81 -17.82 -4.19 0.52
N GLN A 82 -16.91 -3.28 0.16
CA GLN A 82 -17.29 -1.99 -0.40
C GLN A 82 -16.85 -1.91 -1.85
N ARG A 83 -15.62 -2.31 -2.12
CA ARG A 83 -15.07 -2.29 -3.47
C ARG A 83 -15.83 -3.29 -4.35
N ALA A 84 -15.92 -4.51 -3.89
CA ALA A 84 -16.62 -5.57 -4.62
C ALA A 84 -18.13 -5.37 -4.58
N ALA A 85 -18.60 -4.62 -3.58
CA ALA A 85 -20.02 -4.37 -3.42
C ALA A 85 -20.44 -3.07 -4.11
N ALA A 86 -19.48 -2.17 -4.29
CA ALA A 86 -19.75 -0.89 -4.94
C ALA A 86 -19.20 -0.84 -6.35
N LEU A 87 -18.90 -2.01 -6.91
CA LEU A 87 -18.35 -2.09 -8.26
C LEU A 87 -19.18 -3.04 -9.12
N GLY A 88 -19.52 -4.20 -8.56
CA GLY A 88 -20.30 -5.18 -9.29
C GLY A 88 -20.05 -6.60 -8.81
N MET A 1 3.79 -1.48 -11.40
CA MET A 1 3.65 -2.89 -11.86
C MET A 1 4.67 -3.79 -11.18
N ASP A 2 5.90 -3.30 -11.04
CA ASP A 2 6.97 -4.06 -10.40
C ASP A 2 8.12 -3.16 -9.99
N LYS A 3 8.94 -3.63 -9.06
CA LYS A 3 10.08 -2.86 -8.58
C LYS A 3 9.62 -1.58 -7.88
N LEU A 4 8.42 -1.64 -7.32
CA LEU A 4 7.86 -0.49 -6.61
C LEU A 4 7.02 -0.95 -5.43
N ASP A 5 6.10 -1.87 -5.69
CA ASP A 5 5.23 -2.40 -4.65
C ASP A 5 4.75 -3.82 -4.99
N MET A 6 5.45 -4.47 -5.93
CA MET A 6 5.13 -5.83 -6.35
C MET A 6 3.62 -6.07 -6.44
N ASN A 7 3.24 -7.34 -6.56
CA ASN A 7 1.83 -7.71 -6.67
C ASN A 7 1.03 -7.19 -5.48
N ALA A 8 1.71 -7.03 -4.34
CA ALA A 8 1.05 -6.54 -3.12
C ALA A 8 0.16 -5.34 -3.42
N LYS A 9 0.63 -4.46 -4.29
CA LYS A 9 -0.13 -3.28 -4.66
C LYS A 9 -1.39 -3.66 -5.43
N ARG A 10 -1.25 -4.58 -6.37
CA ARG A 10 -2.38 -5.05 -7.16
C ARG A 10 -3.42 -5.70 -6.26
N GLN A 11 -2.96 -6.33 -5.20
CA GLN A 11 -3.85 -6.99 -4.26
C GLN A 11 -4.75 -5.98 -3.56
N LEU A 12 -4.14 -4.94 -3.02
CA LEU A 12 -4.87 -3.89 -2.33
C LEU A 12 -5.88 -3.23 -3.26
N TYR A 13 -5.46 -2.97 -4.49
CA TYR A 13 -6.33 -2.34 -5.48
C TYR A 13 -7.43 -3.30 -5.92
N SER A 14 -7.13 -4.59 -5.88
CA SER A 14 -8.09 -5.61 -6.27
C SER A 14 -8.93 -6.07 -5.08
N LEU A 15 -8.62 -5.55 -3.89
CA LEU A 15 -9.36 -5.92 -2.69
C LEU A 15 -10.07 -4.73 -2.06
N ILE A 16 -9.53 -3.52 -2.26
CA ILE A 16 -10.13 -2.32 -1.68
C ILE A 16 -10.17 -1.16 -2.67
N GLY A 17 -9.17 -1.09 -3.55
CA GLY A 17 -9.13 -0.01 -4.53
C GLY A 17 -10.25 -0.11 -5.55
N TYR A 18 -11.30 0.68 -5.35
CA TYR A 18 -12.43 0.69 -6.27
C TYR A 18 -12.39 1.91 -7.18
N ALA A 19 -12.01 3.04 -6.62
CA ALA A 19 -11.94 4.29 -7.39
C ALA A 19 -11.61 5.48 -6.47
N SER A 20 -12.56 5.82 -5.61
CA SER A 20 -12.37 6.94 -4.69
C SER A 20 -11.11 6.77 -3.86
N LEU A 21 -10.74 5.52 -3.59
CA LEU A 21 -9.54 5.21 -2.82
C LEU A 21 -8.31 5.16 -3.72
N ARG A 22 -7.73 6.32 -3.99
CA ARG A 22 -6.55 6.41 -4.84
C ARG A 22 -5.33 5.80 -4.15
N LEU A 23 -5.24 4.48 -4.19
CA LEU A 23 -4.12 3.77 -3.58
C LEU A 23 -2.80 4.19 -4.20
N HIS A 24 -2.03 4.99 -3.46
CA HIS A 24 -0.74 5.46 -3.96
C HIS A 24 0.30 5.42 -2.83
N TYR A 25 1.49 4.91 -3.16
CA TYR A 25 2.56 4.80 -2.18
C TYR A 25 3.50 5.99 -2.24
N VAL A 26 3.80 6.56 -1.08
CA VAL A 26 4.68 7.71 -0.99
C VAL A 26 5.86 7.42 -0.07
N THR A 27 7.06 7.31 -0.64
CA THR A 27 8.26 7.04 0.13
C THR A 27 8.71 8.29 0.89
N VAL A 28 9.20 8.10 2.10
CA VAL A 28 9.66 9.22 2.92
C VAL A 28 11.15 9.12 3.27
N LYS A 29 11.75 7.95 3.00
CA LYS A 29 13.16 7.74 3.29
C LYS A 29 13.86 7.09 2.12
N LYS A 30 14.58 7.89 1.34
CA LYS A 30 15.31 7.39 0.19
C LYS A 30 16.80 7.20 0.51
N PRO A 31 17.48 6.31 -0.23
CA PRO A 31 18.90 6.03 -0.01
C PRO A 31 19.77 7.26 -0.27
N THR A 32 20.46 7.72 0.76
CA THR A 32 21.33 8.89 0.65
C THR A 32 22.46 8.85 1.67
N ALA A 33 23.64 8.46 1.22
CA ALA A 33 24.81 8.37 2.10
C ALA A 33 24.57 7.38 3.24
N VAL A 34 23.94 7.86 4.31
CA VAL A 34 23.65 7.01 5.46
C VAL A 34 22.70 5.88 5.10
N ASP A 35 21.76 6.20 4.20
CA ASP A 35 20.77 5.21 3.76
C ASP A 35 20.04 4.59 4.94
N PRO A 36 19.22 5.38 5.66
CA PRO A 36 18.47 4.89 6.82
C PRO A 36 17.68 3.63 6.50
N ASN A 37 16.76 3.74 5.55
CA ASN A 37 15.93 2.61 5.14
C ASN A 37 14.88 3.06 4.12
N SER A 38 14.41 2.13 3.31
CA SER A 38 13.39 2.43 2.31
C SER A 38 12.02 2.45 2.97
N ILE A 39 11.62 3.61 3.45
CA ILE A 39 10.34 3.77 4.12
C ILE A 39 9.26 4.22 3.15
N VAL A 40 8.15 3.50 3.12
CA VAL A 40 7.04 3.83 2.25
C VAL A 40 5.72 3.71 2.99
N GLU A 41 4.78 4.59 2.66
CA GLU A 41 3.47 4.60 3.30
C GLU A 41 2.35 4.70 2.28
N CYS A 42 1.53 3.66 2.20
CA CYS A 42 0.41 3.62 1.27
C CYS A 42 -0.70 4.56 1.73
N ARG A 43 -0.87 5.66 1.00
CA ARG A 43 -1.90 6.63 1.34
C ARG A 43 -3.01 6.64 0.30
N VAL A 44 -4.25 6.75 0.75
CA VAL A 44 -5.39 6.77 -0.14
C VAL A 44 -5.68 8.18 -0.64
N GLY A 45 -6.59 8.29 -1.61
CA GLY A 45 -6.94 9.59 -2.16
C GLY A 45 -7.42 10.56 -1.10
N ASP A 46 -8.05 10.03 -0.06
CA ASP A 46 -8.55 10.86 1.03
C ASP A 46 -7.41 11.44 1.86
N GLY A 47 -6.29 10.73 1.89
CA GLY A 47 -5.14 11.18 2.64
C GLY A 47 -4.95 10.40 3.92
N THR A 48 -5.36 9.14 3.91
CA THR A 48 -5.24 8.28 5.08
C THR A 48 -4.38 7.06 4.76
N VAL A 49 -3.25 6.93 5.46
CA VAL A 49 -2.35 5.80 5.26
C VAL A 49 -2.99 4.50 5.72
N LEU A 50 -3.16 3.57 4.78
CA LEU A 50 -3.77 2.28 5.09
C LEU A 50 -2.70 1.22 5.32
N GLY A 51 -1.49 1.46 4.80
CA GLY A 51 -0.42 0.49 4.96
C GLY A 51 0.96 1.12 4.90
N THR A 52 1.71 0.97 5.98
CA THR A 52 3.06 1.52 6.06
C THR A 52 4.08 0.40 6.32
N GLY A 53 5.26 0.51 5.71
CA GLY A 53 6.28 -0.50 5.90
C GLY A 53 7.64 -0.07 5.39
N VAL A 54 8.69 -0.52 6.06
CA VAL A 54 10.06 -0.20 5.68
C VAL A 54 10.65 -1.30 4.81
N GLY A 55 11.73 -0.98 4.11
CA GLY A 55 12.38 -1.97 3.26
C GLY A 55 13.78 -1.56 2.85
N ARG A 56 14.48 -2.46 2.17
CA ARG A 56 15.84 -2.19 1.72
C ARG A 56 15.83 -1.33 0.46
N ASN A 57 14.78 -1.49 -0.33
CA ASN A 57 14.63 -0.73 -1.57
C ASN A 57 13.18 -0.28 -1.76
N ILE A 58 12.86 0.18 -2.95
CA ILE A 58 11.50 0.63 -3.25
C ILE A 58 10.56 -0.55 -3.44
N LYS A 59 11.08 -1.64 -3.98
CA LYS A 59 10.28 -2.85 -4.21
C LYS A 59 9.92 -3.51 -2.88
N ILE A 60 10.90 -3.61 -1.99
CA ILE A 60 10.69 -4.23 -0.68
C ILE A 60 9.72 -3.39 0.16
N ALA A 61 10.11 -2.15 0.42
CA ALA A 61 9.28 -1.24 1.20
C ALA A 61 7.83 -1.25 0.72
N GLY A 62 7.66 -1.32 -0.59
CA GLY A 62 6.33 -1.34 -1.16
C GLY A 62 5.56 -2.57 -0.72
N ILE A 63 6.23 -3.72 -0.74
CA ILE A 63 5.60 -4.98 -0.33
C ILE A 63 5.29 -4.95 1.16
N ARG A 64 6.15 -4.29 1.93
CA ARG A 64 5.97 -4.19 3.38
C ARG A 64 4.77 -3.31 3.70
N ALA A 65 4.72 -2.14 3.05
CA ALA A 65 3.62 -1.21 3.26
C ALA A 65 2.29 -1.83 2.86
N ALA A 66 2.29 -2.48 1.69
CA ALA A 66 1.09 -3.14 1.19
C ALA A 66 0.71 -4.29 2.10
N GLU A 67 1.70 -5.05 2.53
CA GLU A 67 1.48 -6.18 3.42
C GLU A 67 0.88 -5.70 4.73
N ASN A 68 1.35 -4.54 5.19
CA ASN A 68 0.85 -3.95 6.42
C ASN A 68 -0.62 -3.61 6.28
N ALA A 69 -1.02 -3.20 5.08
CA ALA A 69 -2.39 -2.87 4.80
C ALA A 69 -3.25 -4.12 4.68
N LEU A 70 -2.62 -5.22 4.28
CA LEU A 70 -3.32 -6.50 4.13
C LEU A 70 -3.60 -7.12 5.50
N ARG A 71 -2.71 -6.87 6.45
CA ARG A 71 -2.86 -7.41 7.79
C ARG A 71 -4.19 -6.98 8.41
N ASP A 72 -4.57 -5.74 8.16
CA ASP A 72 -5.82 -5.19 8.69
C ASP A 72 -7.02 -5.87 8.03
N LYS A 73 -7.26 -7.12 8.40
CA LYS A 73 -8.37 -7.88 7.84
C LYS A 73 -9.70 -7.14 8.02
N LYS A 74 -9.85 -6.51 9.17
CA LYS A 74 -11.06 -5.75 9.47
C LYS A 74 -11.23 -4.61 8.48
N MET A 75 -10.23 -3.75 8.42
CA MET A 75 -10.25 -2.61 7.51
C MET A 75 -10.31 -3.09 6.06
N LEU A 76 -9.77 -4.27 5.82
CA LEU A 76 -9.76 -4.84 4.47
C LEU A 76 -11.16 -5.38 4.12
N ASP A 77 -11.84 -5.92 5.12
CA ASP A 77 -13.18 -6.47 4.92
C ASP A 77 -14.17 -5.35 4.60
N PHE A 78 -13.99 -4.21 5.26
CA PHE A 78 -14.87 -3.06 5.04
C PHE A 78 -14.80 -2.60 3.59
N TYR A 79 -13.60 -2.62 3.03
CA TYR A 79 -13.40 -2.21 1.65
C TYR A 79 -13.76 -3.34 0.71
N ALA A 80 -13.37 -4.56 1.07
CA ALA A 80 -13.67 -5.73 0.26
C ALA A 80 -15.17 -5.86 0.05
N LYS A 81 -15.94 -5.37 1.02
CA LYS A 81 -17.40 -5.42 0.93
C LYS A 81 -17.93 -4.20 0.17
N GLN A 82 -17.02 -3.31 -0.23
CA GLN A 82 -17.39 -2.13 -0.98
C GLN A 82 -16.84 -2.21 -2.40
N ARG A 83 -15.56 -2.55 -2.50
CA ARG A 83 -14.91 -2.69 -3.80
C ARG A 83 -15.54 -3.83 -4.59
N ALA A 84 -15.61 -4.99 -3.95
CA ALA A 84 -16.19 -6.17 -4.57
C ALA A 84 -17.70 -6.05 -4.72
N ALA A 85 -18.30 -5.23 -3.85
CA ALA A 85 -19.74 -5.03 -3.87
C ALA A 85 -20.13 -3.89 -4.81
N ALA A 86 -19.20 -2.98 -5.05
CA ALA A 86 -19.45 -1.85 -5.93
C ALA A 86 -19.07 -2.16 -7.37
N LEU A 87 -17.94 -2.84 -7.54
CA LEU A 87 -17.46 -3.20 -8.87
C LEU A 87 -18.48 -4.07 -9.59
N GLY A 88 -19.16 -4.92 -8.84
CA GLY A 88 -20.17 -5.80 -9.44
C GLY A 88 -20.91 -6.62 -8.40
N MET A 1 8.58 -5.99 -15.03
CA MET A 1 9.79 -5.51 -14.32
C MET A 1 9.62 -5.61 -12.80
N ASP A 2 8.46 -5.19 -12.32
CA ASP A 2 8.16 -5.23 -10.89
C ASP A 2 9.13 -4.35 -10.10
N LYS A 3 8.58 -3.37 -9.38
CA LYS A 3 9.39 -2.47 -8.57
C LYS A 3 8.52 -1.45 -7.84
N LEU A 4 7.44 -1.04 -8.47
CA LEU A 4 6.52 -0.07 -7.87
C LEU A 4 6.05 -0.54 -6.51
N ASP A 5 5.31 -1.64 -6.48
CA ASP A 5 4.79 -2.20 -5.24
C ASP A 5 4.40 -3.66 -5.42
N MET A 6 5.08 -4.34 -6.34
CA MET A 6 4.82 -5.75 -6.62
C MET A 6 3.33 -6.05 -6.69
N ASN A 7 3.00 -7.34 -6.74
CA ASN A 7 1.61 -7.78 -6.82
C ASN A 7 0.81 -7.29 -5.62
N ALA A 8 1.49 -7.09 -4.49
CA ALA A 8 0.84 -6.63 -3.27
C ALA A 8 -0.09 -5.45 -3.55
N LYS A 9 0.36 -4.52 -4.38
CA LYS A 9 -0.43 -3.35 -4.72
C LYS A 9 -1.70 -3.76 -5.48
N ARG A 10 -1.57 -4.77 -6.32
CA ARG A 10 -2.69 -5.27 -7.09
C ARG A 10 -3.72 -5.90 -6.17
N GLN A 11 -3.24 -6.59 -5.15
CA GLN A 11 -4.11 -7.24 -4.18
C GLN A 11 -4.94 -6.20 -3.45
N LEU A 12 -4.27 -5.18 -2.93
CA LEU A 12 -4.95 -4.11 -2.22
C LEU A 12 -5.94 -3.39 -3.11
N TYR A 13 -5.50 -3.06 -4.32
CA TYR A 13 -6.36 -2.37 -5.28
C TYR A 13 -7.53 -3.26 -5.70
N SER A 14 -7.32 -4.57 -5.67
CA SER A 14 -8.36 -5.52 -6.04
C SER A 14 -9.21 -5.92 -4.84
N LEU A 15 -8.80 -5.48 -3.64
CA LEU A 15 -9.53 -5.81 -2.43
C LEU A 15 -10.23 -4.58 -1.82
N ILE A 16 -9.70 -3.39 -2.10
CA ILE A 16 -10.30 -2.18 -1.56
C ILE A 16 -10.37 -1.05 -2.59
N GLY A 17 -9.30 -0.89 -3.37
CA GLY A 17 -9.27 0.15 -4.38
C GLY A 17 -10.43 0.06 -5.35
N TYR A 18 -11.50 0.80 -5.08
CA TYR A 18 -12.67 0.78 -5.95
C TYR A 18 -12.69 2.00 -6.88
N ALA A 19 -12.27 3.15 -6.35
CA ALA A 19 -12.23 4.38 -7.14
C ALA A 19 -11.74 5.56 -6.31
N SER A 20 -12.61 6.09 -5.46
CA SER A 20 -12.27 7.22 -4.61
C SER A 20 -10.98 6.95 -3.85
N LEU A 21 -10.71 5.67 -3.59
CA LEU A 21 -9.52 5.27 -2.86
C LEU A 21 -8.31 5.21 -3.80
N ARG A 22 -7.73 6.39 -4.07
CA ARG A 22 -6.57 6.47 -4.94
C ARG A 22 -5.36 5.81 -4.31
N LEU A 23 -5.34 4.48 -4.30
CA LEU A 23 -4.24 3.72 -3.71
C LEU A 23 -2.90 4.17 -4.30
N HIS A 24 -2.18 4.99 -3.55
CA HIS A 24 -0.89 5.49 -3.99
C HIS A 24 0.18 5.26 -2.92
N TYR A 25 1.42 5.05 -3.36
CA TYR A 25 2.51 4.81 -2.44
C TYR A 25 3.53 5.95 -2.48
N VAL A 26 3.81 6.53 -1.32
CA VAL A 26 4.75 7.62 -1.21
C VAL A 26 5.99 7.20 -0.42
N THR A 27 7.10 7.03 -1.11
CA THR A 27 8.36 6.62 -0.47
C THR A 27 9.02 7.81 0.21
N VAL A 28 8.93 7.85 1.53
CA VAL A 28 9.52 8.93 2.32
C VAL A 28 10.98 8.63 2.68
N LYS A 29 11.46 7.46 2.26
CA LYS A 29 12.84 7.05 2.55
C LYS A 29 13.82 8.18 2.30
N LYS A 30 15.05 8.01 2.80
CA LYS A 30 16.08 9.02 2.64
C LYS A 30 17.47 8.38 2.61
N PRO A 31 17.85 7.79 1.46
CA PRO A 31 19.16 7.12 1.32
C PRO A 31 20.32 8.12 1.33
N THR A 32 21.19 7.99 2.32
CA THR A 32 22.34 8.89 2.46
C THR A 32 23.51 8.15 3.11
N ALA A 33 24.48 8.92 3.62
CA ALA A 33 25.65 8.34 4.27
C ALA A 33 25.24 7.30 5.31
N VAL A 34 24.08 7.50 5.92
CA VAL A 34 23.58 6.58 6.92
C VAL A 34 22.64 5.54 6.31
N ASP A 35 21.89 5.97 5.29
CA ASP A 35 20.95 5.08 4.60
C ASP A 35 20.08 4.31 5.59
N PRO A 36 19.13 5.01 6.25
CA PRO A 36 18.23 4.38 7.22
C PRO A 36 17.53 3.17 6.62
N ASN A 37 16.68 3.42 5.63
CA ASN A 37 15.95 2.34 4.96
C ASN A 37 14.95 2.91 3.96
N SER A 38 14.34 2.02 3.17
CA SER A 38 13.36 2.43 2.19
C SER A 38 11.96 2.42 2.78
N ILE A 39 11.61 3.50 3.46
CA ILE A 39 10.30 3.61 4.10
C ILE A 39 9.24 4.08 3.11
N VAL A 40 8.14 3.34 3.03
CA VAL A 40 7.05 3.66 2.13
C VAL A 40 5.71 3.63 2.86
N GLU A 41 4.81 4.53 2.49
CA GLU A 41 3.50 4.59 3.11
C GLU A 41 2.40 4.75 2.06
N CYS A 42 1.49 3.79 2.02
CA CYS A 42 0.38 3.83 1.07
C CYS A 42 -0.74 4.72 1.58
N ARG A 43 -1.00 5.81 0.87
CA ARG A 43 -2.05 6.74 1.25
C ARG A 43 -3.20 6.67 0.26
N VAL A 44 -4.42 6.78 0.79
CA VAL A 44 -5.61 6.73 -0.06
C VAL A 44 -5.91 8.09 -0.69
N GLY A 45 -6.87 8.11 -1.61
CA GLY A 45 -7.23 9.35 -2.26
C GLY A 45 -7.97 10.30 -1.34
N ASP A 46 -7.27 10.83 -0.36
CA ASP A 46 -7.87 11.76 0.60
C ASP A 46 -6.82 12.27 1.59
N GLY A 47 -6.04 11.35 2.14
CA GLY A 47 -5.03 11.71 3.10
C GLY A 47 -5.02 10.81 4.32
N THR A 48 -5.01 9.50 4.09
CA THR A 48 -5.01 8.52 5.17
C THR A 48 -4.20 7.29 4.79
N VAL A 49 -3.05 7.12 5.43
CA VAL A 49 -2.18 5.98 5.16
C VAL A 49 -2.77 4.70 5.74
N LEU A 50 -3.06 3.74 4.86
CA LEU A 50 -3.64 2.47 5.27
C LEU A 50 -2.57 1.37 5.33
N GLY A 51 -1.47 1.59 4.62
CA GLY A 51 -0.41 0.61 4.59
C GLY A 51 0.98 1.22 4.70
N THR A 52 1.62 1.03 5.85
CA THR A 52 2.96 1.56 6.08
C THR A 52 3.96 0.44 6.29
N GLY A 53 5.00 0.41 5.46
CA GLY A 53 6.01 -0.63 5.58
C GLY A 53 7.34 -0.23 4.97
N VAL A 54 8.43 -0.55 5.67
CA VAL A 54 9.77 -0.23 5.19
C VAL A 54 10.33 -1.34 4.34
N GLY A 55 11.53 -1.13 3.84
CA GLY A 55 12.19 -2.11 3.01
C GLY A 55 13.56 -1.67 2.56
N ARG A 56 14.33 -2.61 2.01
CA ARG A 56 15.68 -2.31 1.53
C ARG A 56 15.61 -1.41 0.29
N ASN A 57 14.51 -1.51 -0.44
CA ASN A 57 14.31 -0.70 -1.64
C ASN A 57 12.82 -0.52 -1.93
N ILE A 58 12.51 0.22 -2.99
CA ILE A 58 11.12 0.47 -3.37
C ILE A 58 10.34 -0.82 -3.52
N LYS A 59 10.96 -1.84 -4.08
CA LYS A 59 10.31 -3.13 -4.29
C LYS A 59 9.86 -3.73 -2.96
N ILE A 60 10.81 -3.98 -2.08
CA ILE A 60 10.53 -4.55 -0.77
C ILE A 60 9.60 -3.65 0.02
N ALA A 61 9.98 -2.40 0.18
CA ALA A 61 9.19 -1.43 0.94
C ALA A 61 7.75 -1.41 0.43
N GLY A 62 7.59 -1.56 -0.88
CA GLY A 62 6.26 -1.56 -1.46
C GLY A 62 5.44 -2.75 -1.01
N ILE A 63 6.06 -3.92 -1.00
CA ILE A 63 5.39 -5.14 -0.58
C ILE A 63 5.10 -5.09 0.92
N ARG A 64 5.98 -4.44 1.67
CA ARG A 64 5.81 -4.31 3.11
C ARG A 64 4.64 -3.39 3.44
N ALA A 65 4.60 -2.24 2.77
CA ALA A 65 3.52 -1.29 2.99
C ALA A 65 2.18 -1.88 2.59
N ALA A 66 2.13 -2.48 1.41
CA ALA A 66 0.92 -3.11 0.93
C ALA A 66 0.53 -4.27 1.84
N GLU A 67 1.54 -5.00 2.30
CA GLU A 67 1.30 -6.13 3.19
C GLU A 67 0.70 -5.65 4.50
N ASN A 68 1.18 -4.49 4.97
CA ASN A 68 0.68 -3.90 6.20
C ASN A 68 -0.80 -3.54 6.04
N ALA A 69 -1.17 -3.16 4.82
CA ALA A 69 -2.55 -2.79 4.52
C ALA A 69 -3.40 -4.05 4.32
N LEU A 70 -2.76 -5.13 3.87
CA LEU A 70 -3.45 -6.39 3.63
C LEU A 70 -3.70 -7.12 4.94
N ARG A 71 -2.83 -6.89 5.92
CA ARG A 71 -2.95 -7.54 7.22
C ARG A 71 -4.21 -7.08 7.94
N ASP A 72 -4.52 -5.79 7.83
CA ASP A 72 -5.69 -5.22 8.47
C ASP A 72 -6.97 -5.86 7.92
N LYS A 73 -7.33 -7.01 8.49
CA LYS A 73 -8.53 -7.73 8.07
C LYS A 73 -9.79 -6.91 8.35
N LYS A 74 -9.78 -6.22 9.49
CA LYS A 74 -10.92 -5.39 9.88
C LYS A 74 -11.10 -4.26 8.88
N MET A 75 -10.07 -3.44 8.74
CA MET A 75 -10.11 -2.33 7.81
C MET A 75 -10.34 -2.83 6.39
N LEU A 76 -9.75 -3.99 6.08
CA LEU A 76 -9.91 -4.59 4.78
C LEU A 76 -11.33 -5.09 4.58
N ASP A 77 -11.94 -5.53 5.67
CA ASP A 77 -13.31 -6.04 5.62
C ASP A 77 -14.27 -4.92 5.21
N PHE A 78 -14.05 -3.74 5.78
CA PHE A 78 -14.88 -2.58 5.49
C PHE A 78 -14.82 -2.22 4.01
N TYR A 79 -13.62 -2.30 3.44
CA TYR A 79 -13.41 -1.99 2.04
C TYR A 79 -13.78 -3.17 1.17
N ALA A 80 -13.31 -4.35 1.58
CA ALA A 80 -13.61 -5.56 0.84
C ALA A 80 -15.12 -5.74 0.67
N LYS A 81 -15.88 -5.23 1.65
CA LYS A 81 -17.33 -5.32 1.59
C LYS A 81 -17.92 -4.17 0.76
N GLN A 82 -17.04 -3.28 0.28
CA GLN A 82 -17.46 -2.15 -0.53
C GLN A 82 -16.91 -2.29 -1.94
N ARG A 83 -15.62 -2.59 -2.04
CA ARG A 83 -14.98 -2.76 -3.33
C ARG A 83 -15.52 -3.99 -4.04
N ALA A 84 -15.60 -5.09 -3.31
CA ALA A 84 -16.13 -6.34 -3.86
C ALA A 84 -17.64 -6.28 -4.01
N ALA A 85 -18.27 -5.48 -3.15
CA ALA A 85 -19.72 -5.33 -3.18
C ALA A 85 -20.15 -4.28 -4.21
N ALA A 86 -19.25 -3.34 -4.50
CA ALA A 86 -19.54 -2.29 -5.46
C ALA A 86 -19.51 -2.83 -6.89
N LEU A 87 -18.67 -3.82 -7.13
CA LEU A 87 -18.55 -4.43 -8.44
C LEU A 87 -17.99 -5.84 -8.35
N GLY A 88 -16.96 -6.02 -7.54
CA GLY A 88 -16.36 -7.33 -7.37
C GLY A 88 -14.84 -7.27 -7.33
N MET A 1 8.96 -10.52 -12.55
CA MET A 1 8.95 -9.04 -12.72
C MET A 1 8.33 -8.36 -11.51
N ASP A 2 8.99 -7.30 -11.04
CA ASP A 2 8.50 -6.55 -9.88
C ASP A 2 9.32 -5.29 -9.67
N LYS A 3 8.67 -4.26 -9.13
CA LYS A 3 9.34 -2.98 -8.88
C LYS A 3 8.38 -1.99 -8.24
N LEU A 4 7.14 -1.99 -8.69
CA LEU A 4 6.12 -1.09 -8.17
C LEU A 4 4.98 -1.88 -7.54
N ASP A 5 5.31 -3.01 -6.94
CA ASP A 5 4.30 -3.85 -6.30
C ASP A 5 3.27 -4.33 -7.31
N MET A 6 3.70 -5.19 -8.23
CA MET A 6 2.81 -5.71 -9.26
C MET A 6 1.81 -6.73 -8.69
N ASN A 7 1.97 -7.09 -7.42
CA ASN A 7 1.07 -8.06 -6.80
C ASN A 7 0.45 -7.50 -5.52
N ALA A 8 1.26 -6.81 -4.72
CA ALA A 8 0.78 -6.23 -3.46
C ALA A 8 -0.08 -5.01 -3.72
N LYS A 9 0.25 -4.26 -4.76
CA LYS A 9 -0.52 -3.06 -5.11
C LYS A 9 -1.79 -3.44 -5.85
N ARG A 10 -1.73 -4.53 -6.61
CA ARG A 10 -2.88 -5.01 -7.35
C ARG A 10 -3.86 -5.72 -6.42
N GLN A 11 -3.31 -6.33 -5.38
CA GLN A 11 -4.11 -7.03 -4.39
C GLN A 11 -4.90 -6.05 -3.56
N LEU A 12 -4.24 -4.99 -3.11
CA LEU A 12 -4.89 -3.96 -2.31
C LEU A 12 -5.91 -3.19 -3.13
N TYR A 13 -5.52 -2.84 -4.35
CA TYR A 13 -6.40 -2.11 -5.25
C TYR A 13 -7.60 -2.96 -5.65
N SER A 14 -7.40 -4.28 -5.70
CA SER A 14 -8.46 -5.19 -6.06
C SER A 14 -9.27 -5.62 -4.84
N LEU A 15 -8.77 -5.30 -3.65
CA LEU A 15 -9.46 -5.66 -2.41
C LEU A 15 -10.08 -4.45 -1.73
N ILE A 16 -9.59 -3.25 -2.04
CA ILE A 16 -10.13 -2.05 -1.42
C ILE A 16 -10.17 -0.87 -2.41
N GLY A 17 -9.18 -0.78 -3.28
CA GLY A 17 -9.15 0.30 -4.24
C GLY A 17 -10.38 0.33 -5.14
N TYR A 18 -11.29 1.25 -4.85
CA TYR A 18 -12.52 1.37 -5.63
C TYR A 18 -12.63 2.76 -6.25
N ALA A 19 -11.56 3.20 -6.93
CA ALA A 19 -11.53 4.49 -7.58
C ALA A 19 -11.47 5.62 -6.55
N SER A 20 -12.53 5.74 -5.75
CA SER A 20 -12.61 6.78 -4.72
C SER A 20 -11.36 6.75 -3.84
N LEU A 21 -10.81 5.56 -3.64
CA LEU A 21 -9.62 5.39 -2.82
C LEU A 21 -8.37 5.38 -3.67
N ARG A 22 -7.85 6.57 -3.96
CA ARG A 22 -6.64 6.70 -4.79
C ARG A 22 -5.44 6.06 -4.10
N LEU A 23 -5.35 4.73 -4.20
CA LEU A 23 -4.24 4.00 -3.59
C LEU A 23 -2.91 4.41 -4.21
N HIS A 24 -2.15 5.22 -3.48
CA HIS A 24 -0.85 5.68 -3.95
C HIS A 24 0.21 5.49 -2.87
N TYR A 25 1.44 5.26 -3.29
CA TYR A 25 2.53 5.04 -2.35
C TYR A 25 3.52 6.19 -2.36
N VAL A 26 4.00 6.57 -1.18
CA VAL A 26 4.94 7.65 -1.04
C VAL A 26 6.29 7.14 -0.52
N THR A 27 7.14 6.67 -1.43
CA THR A 27 8.45 6.17 -1.06
C THR A 27 9.42 7.32 -0.85
N VAL A 28 9.88 7.49 0.38
CA VAL A 28 10.80 8.57 0.71
C VAL A 28 12.18 8.01 1.06
N LYS A 29 12.20 7.06 1.98
CA LYS A 29 13.45 6.43 2.43
C LYS A 29 14.18 7.28 3.47
N LYS A 30 13.86 8.57 3.52
CA LYS A 30 14.50 9.48 4.47
C LYS A 30 15.99 9.20 4.58
N PRO A 31 16.71 9.17 3.44
CA PRO A 31 18.14 8.89 3.40
C PRO A 31 18.98 10.13 3.70
N THR A 32 19.73 10.07 4.79
CA THR A 32 20.59 11.18 5.18
C THR A 32 21.89 11.16 4.38
N ALA A 33 22.78 10.24 4.73
CA ALA A 33 24.06 10.11 4.05
C ALA A 33 24.30 8.65 3.66
N VAL A 34 24.02 7.75 4.58
CA VAL A 34 24.19 6.32 4.35
C VAL A 34 22.85 5.63 4.05
N ASP A 35 21.78 6.42 4.04
CA ASP A 35 20.44 5.89 3.78
C ASP A 35 20.14 4.67 4.63
N PRO A 36 19.46 4.85 5.77
CA PRO A 36 19.13 3.75 6.68
C PRO A 36 18.23 2.70 6.00
N ASN A 37 17.02 3.11 5.62
CA ASN A 37 16.10 2.19 4.97
C ASN A 37 15.18 2.93 4.01
N SER A 38 14.57 2.20 3.09
CA SER A 38 13.66 2.79 2.13
C SER A 38 12.23 2.74 2.66
N ILE A 39 11.87 3.75 3.43
CA ILE A 39 10.54 3.83 4.04
C ILE A 39 9.51 4.34 3.04
N VAL A 40 8.41 3.60 2.92
CA VAL A 40 7.33 3.98 2.02
C VAL A 40 6.00 3.99 2.76
N GLU A 41 5.09 4.85 2.34
CA GLU A 41 3.78 4.94 2.97
C GLU A 41 2.65 4.94 1.94
N CYS A 42 1.70 4.05 2.13
CA CYS A 42 0.56 3.94 1.23
C CYS A 42 -0.58 4.84 1.72
N ARG A 43 -0.86 5.89 0.97
CA ARG A 43 -1.91 6.83 1.34
C ARG A 43 -3.06 6.76 0.34
N VAL A 44 -4.28 6.89 0.86
CA VAL A 44 -5.48 6.85 0.02
C VAL A 44 -5.84 8.25 -0.47
N GLY A 45 -6.85 8.33 -1.33
CA GLY A 45 -7.28 9.60 -1.86
C GLY A 45 -8.03 10.44 -0.83
N ASP A 46 -7.37 10.76 0.28
CA ASP A 46 -7.99 11.55 1.33
C ASP A 46 -7.00 11.82 2.47
N GLY A 47 -5.70 11.88 2.14
CA GLY A 47 -4.69 12.13 3.14
C GLY A 47 -4.75 11.16 4.30
N THR A 48 -4.74 9.87 3.98
CA THR A 48 -4.80 8.83 5.01
C THR A 48 -3.94 7.63 4.63
N VAL A 49 -2.99 7.28 5.50
CA VAL A 49 -2.11 6.15 5.25
C VAL A 49 -2.73 4.84 5.76
N LEU A 50 -2.97 3.92 4.84
CA LEU A 50 -3.57 2.64 5.18
C LEU A 50 -2.51 1.55 5.29
N GLY A 51 -1.35 1.77 4.66
CA GLY A 51 -0.29 0.79 4.71
C GLY A 51 1.09 1.40 4.75
N THR A 52 1.81 1.17 5.84
CA THR A 52 3.15 1.70 6.01
C THR A 52 4.15 0.56 6.24
N GLY A 53 5.31 0.64 5.59
CA GLY A 53 6.31 -0.38 5.75
C GLY A 53 7.66 0.01 5.18
N VAL A 54 8.73 -0.47 5.81
CA VAL A 54 10.08 -0.16 5.37
C VAL A 54 10.61 -1.26 4.44
N GLY A 55 11.65 -0.92 3.68
CA GLY A 55 12.22 -1.88 2.77
C GLY A 55 13.64 -1.50 2.34
N ARG A 56 14.43 -2.51 1.96
CA ARG A 56 15.80 -2.27 1.52
C ARG A 56 15.82 -1.37 0.29
N ASN A 57 14.78 -1.46 -0.53
CA ASN A 57 14.67 -0.65 -1.73
C ASN A 57 13.24 -0.20 -1.96
N ILE A 58 12.96 0.33 -3.14
CA ILE A 58 11.63 0.79 -3.48
C ILE A 58 10.67 -0.38 -3.73
N LYS A 59 11.22 -1.45 -4.29
CA LYS A 59 10.43 -2.64 -4.59
C LYS A 59 10.04 -3.37 -3.31
N ILE A 60 11.02 -3.55 -2.43
CA ILE A 60 10.79 -4.25 -1.16
C ILE A 60 9.85 -3.46 -0.28
N ALA A 61 10.22 -2.21 0.02
CA ALA A 61 9.41 -1.35 0.87
C ALA A 61 7.97 -1.29 0.37
N GLY A 62 7.81 -1.24 -0.95
CA GLY A 62 6.48 -1.19 -1.53
C GLY A 62 5.67 -2.43 -1.19
N ILE A 63 6.33 -3.59 -1.25
CA ILE A 63 5.67 -4.86 -0.95
C ILE A 63 5.36 -4.96 0.54
N ARG A 64 6.21 -4.34 1.36
CA ARG A 64 6.03 -4.37 2.80
C ARG A 64 4.88 -3.45 3.22
N ALA A 65 4.83 -2.27 2.61
CA ALA A 65 3.78 -1.30 2.91
C ALA A 65 2.42 -1.86 2.53
N ALA A 66 2.31 -2.36 1.31
CA ALA A 66 1.07 -2.94 0.82
C ALA A 66 0.67 -4.12 1.70
N GLU A 67 1.66 -4.90 2.10
CA GLU A 67 1.43 -6.05 2.96
C GLU A 67 0.93 -5.58 4.31
N ASN A 68 1.45 -4.44 4.76
CA ASN A 68 1.07 -3.85 6.02
C ASN A 68 -0.40 -3.40 5.97
N ALA A 69 -0.82 -2.97 4.79
CA ALA A 69 -2.20 -2.53 4.59
C ALA A 69 -3.13 -3.73 4.43
N LEU A 70 -2.59 -4.81 3.87
CA LEU A 70 -3.37 -6.03 3.65
C LEU A 70 -3.50 -6.83 4.95
N ARG A 71 -2.54 -6.63 5.86
CA ARG A 71 -2.55 -7.33 7.14
C ARG A 71 -3.85 -7.07 7.89
N ASP A 72 -4.28 -5.82 7.88
CA ASP A 72 -5.52 -5.43 8.56
C ASP A 72 -6.72 -6.09 7.90
N LYS A 73 -6.95 -7.35 8.25
CA LYS A 73 -8.07 -8.11 7.69
C LYS A 73 -9.38 -7.38 7.90
N LYS A 74 -9.53 -6.75 9.06
CA LYS A 74 -10.74 -6.00 9.38
C LYS A 74 -10.93 -4.86 8.40
N MET A 75 -9.97 -3.94 8.40
CA MET A 75 -10.01 -2.79 7.51
C MET A 75 -10.08 -3.24 6.05
N LEU A 76 -9.54 -4.43 5.78
CA LEU A 76 -9.56 -4.98 4.44
C LEU A 76 -10.93 -5.53 4.10
N ASP A 77 -11.57 -6.15 5.09
CA ASP A 77 -12.89 -6.72 4.90
C ASP A 77 -13.93 -5.62 4.70
N PHE A 78 -13.76 -4.52 5.44
CA PHE A 78 -14.67 -3.39 5.34
C PHE A 78 -14.63 -2.78 3.93
N TYR A 79 -13.45 -2.76 3.35
CA TYR A 79 -13.27 -2.21 2.01
C TYR A 79 -13.63 -3.25 0.96
N ALA A 80 -13.19 -4.49 1.18
CA ALA A 80 -13.47 -5.57 0.25
C ALA A 80 -14.99 -5.74 0.10
N LYS A 81 -15.73 -5.36 1.13
CA LYS A 81 -17.18 -5.47 1.11
C LYS A 81 -17.79 -4.24 0.43
N GLN A 82 -16.94 -3.27 0.09
CA GLN A 82 -17.38 -2.05 -0.57
C GLN A 82 -16.84 -2.00 -1.99
N ARG A 83 -15.53 -2.22 -2.12
CA ARG A 83 -14.89 -2.22 -3.43
C ARG A 83 -15.39 -3.38 -4.28
N ALA A 84 -15.46 -4.55 -3.67
CA ALA A 84 -15.92 -5.75 -4.36
C ALA A 84 -17.44 -5.74 -4.51
N ALA A 85 -18.12 -5.03 -3.60
CA ALA A 85 -19.56 -4.95 -3.62
C ALA A 85 -20.03 -3.80 -4.50
N ALA A 86 -19.18 -2.79 -4.67
CA ALA A 86 -19.51 -1.63 -5.48
C ALA A 86 -19.56 -2.00 -6.96
N LEU A 87 -18.73 -2.97 -7.36
CA LEU A 87 -18.69 -3.42 -8.74
C LEU A 87 -19.91 -4.25 -9.09
N GLY A 88 -20.44 -4.96 -8.10
CA GLY A 88 -21.61 -5.80 -8.32
C GLY A 88 -21.78 -6.85 -7.24
N MET A 1 10.27 -6.85 -14.88
CA MET A 1 8.80 -7.05 -14.89
C MET A 1 8.18 -6.59 -13.58
N ASP A 2 8.79 -6.99 -12.46
CA ASP A 2 8.30 -6.61 -11.14
C ASP A 2 9.03 -5.39 -10.61
N LYS A 3 8.27 -4.44 -10.06
CA LYS A 3 8.84 -3.21 -9.52
C LYS A 3 7.76 -2.34 -8.90
N LEU A 4 6.60 -2.29 -9.55
CA LEU A 4 5.48 -1.49 -9.07
C LEU A 4 4.50 -2.34 -8.26
N ASP A 5 5.02 -3.38 -7.60
CA ASP A 5 4.18 -4.26 -6.81
C ASP A 5 3.07 -4.86 -7.66
N MET A 6 3.44 -5.76 -8.56
CA MET A 6 2.47 -6.40 -9.46
C MET A 6 1.55 -7.36 -8.70
N ASN A 7 1.75 -7.51 -7.39
CA ASN A 7 0.93 -8.41 -6.61
C ASN A 7 0.42 -7.75 -5.32
N ALA A 8 1.30 -7.06 -4.62
CA ALA A 8 0.94 -6.40 -3.38
C ALA A 8 0.11 -5.14 -3.62
N LYS A 9 0.35 -4.49 -4.75
CA LYS A 9 -0.40 -3.28 -5.08
C LYS A 9 -1.71 -3.63 -5.75
N ARG A 10 -1.74 -4.76 -6.46
CA ARG A 10 -2.96 -5.20 -7.11
C ARG A 10 -3.91 -5.81 -6.09
N GLN A 11 -3.32 -6.36 -5.02
CA GLN A 11 -4.09 -6.97 -3.95
C GLN A 11 -4.91 -5.91 -3.23
N LEU A 12 -4.25 -4.84 -2.80
CA LEU A 12 -4.93 -3.76 -2.09
C LEU A 12 -5.97 -3.10 -2.99
N TYR A 13 -5.60 -2.85 -4.23
CA TYR A 13 -6.50 -2.22 -5.18
C TYR A 13 -7.64 -3.15 -5.56
N SER A 14 -7.37 -4.45 -5.48
CA SER A 14 -8.38 -5.46 -5.81
C SER A 14 -9.20 -5.85 -4.58
N LEU A 15 -8.81 -5.35 -3.41
CA LEU A 15 -9.53 -5.67 -2.18
C LEU A 15 -10.11 -4.42 -1.52
N ILE A 16 -9.52 -3.26 -1.76
CA ILE A 16 -10.01 -2.03 -1.16
C ILE A 16 -10.10 -0.88 -2.17
N GLY A 17 -9.21 -0.86 -3.14
CA GLY A 17 -9.23 0.20 -4.14
C GLY A 17 -10.43 0.09 -5.07
N TYR A 18 -11.49 0.83 -4.76
CA TYR A 18 -12.69 0.80 -5.60
C TYR A 18 -12.60 1.81 -6.73
N ALA A 19 -12.59 3.10 -6.39
CA ALA A 19 -12.51 4.15 -7.39
C ALA A 19 -11.74 5.34 -6.84
N SER A 20 -12.38 6.13 -6.00
CA SER A 20 -11.75 7.29 -5.39
C SER A 20 -10.50 6.89 -4.62
N LEU A 21 -10.45 5.62 -4.21
CA LEU A 21 -9.31 5.09 -3.47
C LEU A 21 -8.08 5.04 -4.36
N ARG A 22 -7.48 6.21 -4.61
CA ARG A 22 -6.29 6.30 -5.44
C ARG A 22 -5.09 5.67 -4.75
N LEU A 23 -5.06 4.34 -4.71
CA LEU A 23 -3.97 3.63 -4.06
C LEU A 23 -2.62 4.02 -4.66
N HIS A 24 -1.88 4.85 -3.94
CA HIS A 24 -0.57 5.30 -4.39
C HIS A 24 0.48 5.08 -3.32
N TYR A 25 1.72 4.85 -3.75
CA TYR A 25 2.82 4.61 -2.83
C TYR A 25 3.85 5.72 -2.90
N VAL A 26 4.14 6.33 -1.75
CA VAL A 26 5.11 7.41 -1.67
C VAL A 26 6.38 6.94 -0.98
N THR A 27 7.36 6.52 -1.78
CA THR A 27 8.63 6.04 -1.24
C THR A 27 9.51 7.22 -0.82
N VAL A 28 9.50 7.53 0.46
CA VAL A 28 10.31 8.63 0.99
C VAL A 28 11.79 8.26 0.99
N LYS A 29 12.10 7.14 1.61
CA LYS A 29 13.47 6.62 1.70
C LYS A 29 14.48 7.76 1.88
N LYS A 30 14.85 8.01 3.13
CA LYS A 30 15.81 9.06 3.44
C LYS A 30 17.15 8.44 3.84
N PRO A 31 17.89 7.87 2.88
CA PRO A 31 19.19 7.25 3.14
C PRO A 31 20.25 8.26 3.56
N THR A 32 20.68 8.17 4.81
CA THR A 32 21.69 9.07 5.35
C THR A 32 21.95 8.76 6.82
N ALA A 33 20.87 8.59 7.57
CA ALA A 33 20.96 8.28 8.99
C ALA A 33 19.58 8.05 9.60
N VAL A 34 18.60 8.83 9.15
CA VAL A 34 17.24 8.72 9.63
C VAL A 34 16.55 7.48 9.06
N ASP A 35 16.86 7.18 7.80
CA ASP A 35 16.28 6.02 7.13
C ASP A 35 17.37 5.20 6.45
N PRO A 36 17.92 4.19 7.15
CA PRO A 36 18.97 3.33 6.60
C PRO A 36 18.52 2.53 5.39
N ASN A 37 17.20 2.39 5.24
CA ASN A 37 16.64 1.63 4.12
C ASN A 37 15.68 2.50 3.32
N SER A 38 14.87 1.85 2.48
CA SER A 38 13.91 2.56 1.66
C SER A 38 12.52 2.47 2.26
N ILE A 39 12.12 3.51 3.00
CA ILE A 39 10.81 3.55 3.65
C ILE A 39 9.75 4.12 2.71
N VAL A 40 8.64 3.39 2.55
CA VAL A 40 7.56 3.83 1.70
C VAL A 40 6.23 3.81 2.44
N GLU A 41 5.27 4.57 1.94
CA GLU A 41 3.95 4.65 2.56
C GLU A 41 2.85 4.64 1.50
N CYS A 42 1.86 3.78 1.69
CA CYS A 42 0.74 3.67 0.76
C CYS A 42 -0.39 4.61 1.17
N ARG A 43 -0.59 5.67 0.39
CA ARG A 43 -1.63 6.64 0.67
C ARG A 43 -2.79 6.48 -0.30
N VAL A 44 -4.01 6.60 0.22
CA VAL A 44 -5.20 6.47 -0.60
C VAL A 44 -5.74 7.84 -0.99
N GLY A 45 -6.75 7.85 -1.86
CA GLY A 45 -7.33 9.10 -2.30
C GLY A 45 -8.14 9.79 -1.21
N ASP A 46 -7.47 10.13 -0.11
CA ASP A 46 -8.13 10.79 1.01
C ASP A 46 -7.13 11.21 2.08
N GLY A 47 -5.88 11.44 1.68
CA GLY A 47 -4.86 11.85 2.62
C GLY A 47 -4.75 10.90 3.81
N THR A 48 -4.64 9.60 3.53
CA THR A 48 -4.53 8.60 4.58
C THR A 48 -3.68 7.42 4.14
N VAL A 49 -2.70 7.06 4.98
CA VAL A 49 -1.81 5.95 4.68
C VAL A 49 -2.35 4.66 5.28
N LEU A 50 -2.67 3.70 4.42
CA LEU A 50 -3.21 2.42 4.85
C LEU A 50 -2.12 1.35 4.92
N GLY A 51 -1.02 1.57 4.21
CA GLY A 51 0.05 0.58 4.20
C GLY A 51 1.44 1.20 4.22
N THR A 52 2.10 1.13 5.37
CA THR A 52 3.45 1.67 5.51
C THR A 52 4.44 0.55 5.77
N GLY A 53 5.49 0.47 4.93
CA GLY A 53 6.49 -0.57 5.10
C GLY A 53 7.81 -0.22 4.45
N VAL A 54 8.90 -0.58 5.10
CA VAL A 54 10.24 -0.32 4.59
C VAL A 54 10.69 -1.42 3.64
N GLY A 55 11.87 -1.21 3.06
CA GLY A 55 12.42 -2.18 2.13
C GLY A 55 13.79 -1.79 1.63
N ARG A 56 14.54 -2.77 1.15
CA ARG A 56 15.89 -2.53 0.64
C ARG A 56 15.84 -1.52 -0.52
N ASN A 57 14.77 -1.57 -1.29
CA ASN A 57 14.61 -0.66 -2.42
C ASN A 57 13.13 -0.33 -2.64
N ILE A 58 12.85 0.44 -3.69
CA ILE A 58 11.48 0.82 -3.99
C ILE A 58 10.59 -0.40 -4.21
N LYS A 59 11.17 -1.46 -4.74
CA LYS A 59 10.43 -2.69 -4.99
C LYS A 59 10.01 -3.37 -3.69
N ILE A 60 10.99 -3.76 -2.90
CA ILE A 60 10.74 -4.43 -1.62
C ILE A 60 9.90 -3.54 -0.70
N ALA A 61 10.32 -2.29 -0.55
CA ALA A 61 9.61 -1.35 0.31
C ALA A 61 8.13 -1.29 -0.05
N GLY A 62 7.84 -1.31 -1.35
CA GLY A 62 6.47 -1.26 -1.79
C GLY A 62 5.70 -2.52 -1.44
N ILE A 63 6.38 -3.66 -1.47
CA ILE A 63 5.76 -4.94 -1.14
C ILE A 63 5.54 -5.05 0.36
N ARG A 64 6.47 -4.52 1.14
CA ARG A 64 6.37 -4.56 2.59
C ARG A 64 5.27 -3.63 3.09
N ALA A 65 5.18 -2.46 2.48
CA ALA A 65 4.16 -1.48 2.85
C ALA A 65 2.77 -1.99 2.46
N ALA A 66 2.68 -2.57 1.27
CA ALA A 66 1.43 -3.11 0.77
C ALA A 66 0.96 -4.27 1.65
N GLU A 67 1.91 -5.09 2.08
CA GLU A 67 1.61 -6.23 2.93
C GLU A 67 1.11 -5.75 4.29
N ASN A 68 1.71 -4.67 4.78
CA ASN A 68 1.31 -4.09 6.05
C ASN A 68 -0.12 -3.60 5.99
N ALA A 69 -0.52 -3.16 4.79
CA ALA A 69 -1.88 -2.66 4.58
C ALA A 69 -2.89 -3.81 4.56
N LEU A 70 -2.45 -4.95 4.05
CA LEU A 70 -3.31 -6.12 3.97
C LEU A 70 -3.42 -6.82 5.33
N ARG A 71 -2.45 -6.57 6.20
CA ARG A 71 -2.44 -7.17 7.53
C ARG A 71 -3.69 -6.78 8.31
N ASP A 72 -4.06 -5.51 8.23
CA ASP A 72 -5.23 -5.00 8.94
C ASP A 72 -6.51 -5.64 8.41
N LYS A 73 -6.78 -6.87 8.86
CA LYS A 73 -7.97 -7.60 8.43
C LYS A 73 -9.23 -6.78 8.67
N LYS A 74 -9.25 -6.05 9.77
CA LYS A 74 -10.40 -5.21 10.11
C LYS A 74 -10.56 -4.09 9.09
N MET A 75 -9.50 -3.31 8.93
CA MET A 75 -9.51 -2.21 7.97
C MET A 75 -9.75 -2.72 6.56
N LEU A 76 -9.33 -3.95 6.31
CA LEU A 76 -9.52 -4.56 5.00
C LEU A 76 -10.96 -5.03 4.82
N ASP A 77 -11.59 -5.39 5.93
CA ASP A 77 -12.98 -5.85 5.91
C ASP A 77 -13.92 -4.70 5.57
N PHE A 78 -13.59 -3.52 6.09
CA PHE A 78 -14.41 -2.33 5.84
C PHE A 78 -14.36 -1.96 4.36
N TYR A 79 -13.19 -2.08 3.76
CA TYR A 79 -13.01 -1.75 2.36
C TYR A 79 -13.46 -2.92 1.49
N ALA A 80 -13.05 -4.11 1.88
CA ALA A 80 -13.42 -5.31 1.14
C ALA A 80 -14.94 -5.43 1.02
N LYS A 81 -15.64 -4.88 2.01
CA LYS A 81 -17.10 -4.92 2.01
C LYS A 81 -17.67 -3.74 1.21
N GLN A 82 -16.78 -2.87 0.73
CA GLN A 82 -17.18 -1.71 -0.06
C GLN A 82 -16.69 -1.87 -1.49
N ARG A 83 -15.42 -2.25 -1.64
CA ARG A 83 -14.82 -2.44 -2.95
C ARG A 83 -15.46 -3.64 -3.65
N ALA A 84 -15.54 -4.75 -2.93
CA ALA A 84 -16.13 -5.97 -3.47
C ALA A 84 -17.65 -5.86 -3.54
N ALA A 85 -18.21 -4.99 -2.71
CA ALA A 85 -19.66 -4.79 -2.68
C ALA A 85 -20.08 -3.72 -3.67
N ALA A 86 -19.17 -2.80 -3.98
CA ALA A 86 -19.46 -1.71 -4.92
C ALA A 86 -19.47 -2.23 -6.35
N LEU A 87 -18.62 -3.22 -6.63
CA LEU A 87 -18.54 -3.79 -7.97
C LEU A 87 -19.38 -5.07 -8.06
N GLY A 88 -19.28 -5.91 -7.04
CA GLY A 88 -20.04 -7.15 -7.03
C GLY A 88 -19.23 -8.32 -7.55
N MET A 1 5.93 -7.59 -11.34
CA MET A 1 7.36 -7.95 -11.06
C MET A 1 7.90 -7.17 -9.88
N ASP A 2 9.19 -7.36 -9.59
CA ASP A 2 9.83 -6.67 -8.48
C ASP A 2 10.26 -5.26 -8.89
N LYS A 3 9.35 -4.31 -8.76
CA LYS A 3 9.63 -2.91 -9.11
C LYS A 3 8.41 -2.03 -8.91
N LEU A 4 7.23 -2.59 -9.18
CA LEU A 4 5.98 -1.86 -9.02
C LEU A 4 5.04 -2.59 -8.09
N ASP A 5 5.54 -2.94 -6.90
CA ASP A 5 4.74 -3.65 -5.91
C ASP A 5 4.18 -4.95 -6.49
N MET A 6 4.86 -5.47 -7.51
CA MET A 6 4.47 -6.71 -8.18
C MET A 6 2.95 -6.95 -8.15
N ASN A 7 2.47 -7.65 -7.13
CA ASN A 7 1.05 -7.95 -7.02
C ASN A 7 0.44 -7.29 -5.79
N ALA A 8 1.27 -7.00 -4.80
CA ALA A 8 0.80 -6.38 -3.56
C ALA A 8 -0.07 -5.15 -3.84
N LYS A 9 0.33 -4.36 -4.83
CA LYS A 9 -0.42 -3.17 -5.19
C LYS A 9 -1.74 -3.54 -5.87
N ARG A 10 -1.67 -4.51 -6.76
CA ARG A 10 -2.86 -4.98 -7.47
C ARG A 10 -3.81 -5.66 -6.50
N GLN A 11 -3.23 -6.32 -5.50
CA GLN A 11 -4.01 -7.01 -4.48
C GLN A 11 -4.82 -5.99 -3.67
N LEU A 12 -4.13 -4.99 -3.14
CA LEU A 12 -4.79 -3.96 -2.36
C LEU A 12 -5.82 -3.20 -3.19
N TYR A 13 -5.45 -2.85 -4.41
CA TYR A 13 -6.35 -2.13 -5.30
C TYR A 13 -7.52 -3.00 -5.71
N SER A 14 -7.31 -4.31 -5.71
CA SER A 14 -8.36 -5.26 -6.08
C SER A 14 -9.13 -5.74 -4.86
N LEU A 15 -8.70 -5.34 -3.66
CA LEU A 15 -9.35 -5.76 -2.43
C LEU A 15 -9.89 -4.58 -1.62
N ILE A 16 -9.47 -3.35 -1.95
CA ILE A 16 -9.94 -2.19 -1.20
C ILE A 16 -10.17 -0.97 -2.09
N GLY A 17 -9.34 -0.81 -3.12
CA GLY A 17 -9.50 0.33 -4.01
C GLY A 17 -10.77 0.27 -4.84
N TYR A 18 -11.77 1.06 -4.45
CA TYR A 18 -13.04 1.08 -5.18
C TYR A 18 -12.96 2.06 -6.35
N ALA A 19 -13.14 3.34 -6.07
CA ALA A 19 -13.09 4.37 -7.09
C ALA A 19 -12.32 5.60 -6.60
N SER A 20 -12.75 6.12 -5.46
CA SER A 20 -12.10 7.29 -4.86
C SER A 20 -10.82 6.89 -4.16
N LEU A 21 -10.72 5.62 -3.77
CA LEU A 21 -9.54 5.12 -3.08
C LEU A 21 -8.31 5.19 -3.98
N ARG A 22 -7.75 6.39 -4.11
CA ARG A 22 -6.57 6.59 -4.95
C ARG A 22 -5.35 5.93 -4.33
N LEU A 23 -5.32 4.60 -4.34
CA LEU A 23 -4.21 3.84 -3.78
C LEU A 23 -2.89 4.31 -4.37
N HIS A 24 -2.19 5.18 -3.64
CA HIS A 24 -0.91 5.71 -4.09
C HIS A 24 0.17 5.46 -3.04
N TYR A 25 1.42 5.34 -3.49
CA TYR A 25 2.53 5.10 -2.58
C TYR A 25 3.52 6.27 -2.60
N VAL A 26 3.80 6.78 -1.42
CA VAL A 26 4.73 7.90 -1.26
C VAL A 26 6.01 7.45 -0.56
N THR A 27 7.12 7.48 -1.30
CA THR A 27 8.39 7.07 -0.74
C THR A 27 9.10 8.24 -0.06
N VAL A 28 9.62 7.99 1.14
CA VAL A 28 10.32 9.02 1.91
C VAL A 28 11.71 8.53 2.30
N LYS A 29 12.05 7.33 1.85
CA LYS A 29 13.34 6.72 2.15
C LYS A 29 14.49 7.72 2.13
N LYS A 30 15.11 7.92 0.96
CA LYS A 30 16.23 8.84 0.83
C LYS A 30 17.39 8.41 1.72
N PRO A 31 17.91 7.19 1.51
CA PRO A 31 19.02 6.65 2.31
C PRO A 31 20.19 7.64 2.41
N THR A 32 20.56 7.96 3.64
CA THR A 32 21.66 8.90 3.88
C THR A 32 22.22 8.72 5.28
N ALA A 33 21.52 9.26 6.28
CA ALA A 33 21.95 9.16 7.66
C ALA A 33 20.76 8.90 8.58
N VAL A 34 19.70 9.67 8.39
CA VAL A 34 18.50 9.54 9.19
C VAL A 34 17.72 8.29 8.80
N ASP A 35 17.69 8.01 7.50
CA ASP A 35 16.98 6.85 6.98
C ASP A 35 17.94 5.66 6.79
N PRO A 36 17.70 4.55 7.50
CA PRO A 36 18.55 3.37 7.41
C PRO A 36 18.13 2.42 6.29
N ASN A 37 16.90 2.55 5.80
CA ASN A 37 16.40 1.69 4.75
C ASN A 37 15.45 2.45 3.83
N SER A 38 14.66 1.73 3.05
CA SER A 38 13.71 2.35 2.14
C SER A 38 12.31 2.36 2.76
N ILE A 39 11.88 3.53 3.22
CA ILE A 39 10.57 3.67 3.85
C ILE A 39 9.53 4.21 2.87
N VAL A 40 8.41 3.52 2.76
CA VAL A 40 7.34 3.93 1.86
C VAL A 40 5.99 3.91 2.58
N GLU A 41 5.05 4.71 2.09
CA GLU A 41 3.73 4.79 2.70
C GLU A 41 2.64 4.86 1.63
N CYS A 42 1.62 4.01 1.78
CA CYS A 42 0.52 3.97 0.83
C CYS A 42 -0.63 4.86 1.31
N ARG A 43 -0.86 5.96 0.59
CA ARG A 43 -1.92 6.89 0.95
C ARG A 43 -3.07 6.81 -0.05
N VAL A 44 -4.29 6.88 0.46
CA VAL A 44 -5.47 6.81 -0.38
C VAL A 44 -6.34 8.05 -0.22
N GLY A 45 -7.17 8.32 -1.22
CA GLY A 45 -8.04 9.48 -1.17
C GLY A 45 -7.28 10.78 -1.02
N ASP A 46 -7.60 11.54 0.02
CA ASP A 46 -6.93 12.81 0.27
C ASP A 46 -5.55 12.60 0.89
N GLY A 47 -5.54 12.17 2.15
CA GLY A 47 -4.28 11.94 2.83
C GLY A 47 -4.41 10.96 3.98
N THR A 48 -4.77 9.72 3.65
CA THR A 48 -4.94 8.68 4.66
C THR A 48 -4.08 7.46 4.33
N VAL A 49 -3.02 7.26 5.08
CA VAL A 49 -2.12 6.13 4.86
C VAL A 49 -2.70 4.85 5.45
N LEU A 50 -2.89 3.85 4.59
CA LEU A 50 -3.43 2.57 5.01
C LEU A 50 -2.38 1.47 4.95
N GLY A 51 -1.32 1.71 4.18
CA GLY A 51 -0.26 0.72 4.06
C GLY A 51 1.13 1.32 4.20
N THR A 52 1.71 1.20 5.39
CA THR A 52 3.05 1.72 5.64
C THR A 52 4.02 0.60 5.95
N GLY A 53 5.19 0.61 5.31
CA GLY A 53 6.17 -0.42 5.54
C GLY A 53 7.55 -0.07 4.98
N VAL A 54 8.58 -0.53 5.67
CA VAL A 54 9.96 -0.27 5.25
C VAL A 54 10.49 -1.41 4.42
N GLY A 55 11.57 -1.16 3.69
CA GLY A 55 12.16 -2.19 2.85
C GLY A 55 13.58 -1.84 2.43
N ARG A 56 14.36 -2.86 2.05
CA ARG A 56 15.73 -2.66 1.62
C ARG A 56 15.78 -1.76 0.38
N ASN A 57 14.75 -1.84 -0.44
CA ASN A 57 14.66 -1.04 -1.65
C ASN A 57 13.22 -0.68 -1.97
N ILE A 58 13.04 0.25 -2.91
CA ILE A 58 11.69 0.68 -3.30
C ILE A 58 10.81 -0.51 -3.66
N LYS A 59 11.43 -1.62 -4.05
CA LYS A 59 10.68 -2.83 -4.40
C LYS A 59 10.12 -3.49 -3.15
N ILE A 60 11.01 -3.78 -2.21
CA ILE A 60 10.61 -4.40 -0.96
C ILE A 60 9.65 -3.50 -0.19
N ALA A 61 10.06 -2.26 0.00
CA ALA A 61 9.25 -1.29 0.73
C ALA A 61 7.84 -1.22 0.14
N GLY A 62 7.76 -1.28 -1.18
CA GLY A 62 6.46 -1.24 -1.84
C GLY A 62 5.59 -2.42 -1.48
N ILE A 63 6.16 -3.62 -1.57
CA ILE A 63 5.42 -4.83 -1.24
C ILE A 63 5.14 -4.89 0.26
N ARG A 64 6.05 -4.32 1.05
CA ARG A 64 5.88 -4.30 2.49
C ARG A 64 4.76 -3.36 2.89
N ALA A 65 4.72 -2.19 2.27
CA ALA A 65 3.70 -1.20 2.55
C ALA A 65 2.32 -1.76 2.24
N ALA A 66 2.18 -2.33 1.04
CA ALA A 66 0.93 -2.93 0.62
C ALA A 66 0.58 -4.09 1.53
N GLU A 67 1.61 -4.85 1.91
CA GLU A 67 1.42 -5.99 2.79
C GLU A 67 0.94 -5.52 4.16
N ASN A 68 1.43 -4.36 4.58
CA ASN A 68 1.05 -3.78 5.86
C ASN A 68 -0.42 -3.38 5.82
N ALA A 69 -0.88 -3.00 4.64
CA ALA A 69 -2.27 -2.59 4.46
C ALA A 69 -3.18 -3.81 4.30
N LEU A 70 -2.63 -4.86 3.69
CA LEU A 70 -3.38 -6.09 3.47
C LEU A 70 -3.32 -6.99 4.70
N ARG A 71 -2.27 -6.83 5.51
CA ARG A 71 -2.10 -7.63 6.70
C ARG A 71 -3.29 -7.47 7.65
N ASP A 72 -3.76 -6.24 7.78
CA ASP A 72 -4.90 -5.95 8.64
C ASP A 72 -6.19 -6.52 8.06
N LYS A 73 -6.46 -7.78 8.38
CA LYS A 73 -7.66 -8.45 7.89
C LYS A 73 -8.92 -7.65 8.22
N LYS A 74 -8.92 -7.02 9.38
CA LYS A 74 -10.05 -6.22 9.82
C LYS A 74 -10.22 -5.00 8.91
N MET A 75 -9.16 -4.21 8.80
CA MET A 75 -9.17 -3.03 7.98
C MET A 75 -9.44 -3.39 6.51
N LEU A 76 -8.97 -4.57 6.12
CA LEU A 76 -9.16 -5.04 4.76
C LEU A 76 -10.60 -5.49 4.55
N ASP A 77 -11.20 -6.04 5.61
CA ASP A 77 -12.58 -6.51 5.55
C ASP A 77 -13.53 -5.33 5.35
N PHE A 78 -13.20 -4.21 5.97
CA PHE A 78 -14.03 -3.01 5.85
C PHE A 78 -14.03 -2.49 4.42
N TYR A 79 -12.88 -2.57 3.76
CA TYR A 79 -12.76 -2.13 2.38
C TYR A 79 -13.26 -3.20 1.44
N ALA A 80 -12.83 -4.43 1.67
CA ALA A 80 -13.24 -5.56 0.85
C ALA A 80 -14.77 -5.66 0.82
N LYS A 81 -15.40 -5.22 1.91
CA LYS A 81 -16.85 -5.24 2.00
C LYS A 81 -17.44 -3.96 1.41
N GLN A 82 -16.58 -3.10 0.90
CA GLN A 82 -17.01 -1.85 0.28
C GLN A 82 -16.65 -1.83 -1.19
N ARG A 83 -15.41 -2.19 -1.50
CA ARG A 83 -14.95 -2.22 -2.89
C ARG A 83 -15.63 -3.35 -3.66
N ALA A 84 -15.86 -4.47 -2.96
CA ALA A 84 -16.52 -5.62 -3.57
C ALA A 84 -18.03 -5.49 -3.47
N ALA A 85 -18.49 -4.72 -2.48
CA ALA A 85 -19.91 -4.49 -2.29
C ALA A 85 -20.40 -3.29 -3.10
N ALA A 86 -19.48 -2.39 -3.42
CA ALA A 86 -19.84 -1.20 -4.19
C ALA A 86 -19.91 -1.52 -5.69
N LEU A 87 -19.07 -2.45 -6.13
CA LEU A 87 -19.03 -2.85 -7.54
C LEU A 87 -20.13 -3.85 -7.84
N GLY A 88 -20.22 -4.90 -7.01
CA GLY A 88 -21.23 -5.92 -7.20
C GLY A 88 -20.95 -7.17 -6.39
N MET A 1 6.53 -9.22 -9.79
CA MET A 1 7.90 -8.78 -9.42
C MET A 1 8.53 -7.93 -10.52
N ASP A 2 8.67 -6.63 -10.24
CA ASP A 2 9.26 -5.71 -11.21
C ASP A 2 9.60 -4.38 -10.56
N LYS A 3 8.60 -3.73 -9.98
CA LYS A 3 8.80 -2.44 -9.32
C LYS A 3 7.48 -1.89 -8.79
N LEU A 4 7.57 -0.99 -7.82
CA LEU A 4 6.39 -0.37 -7.22
C LEU A 4 5.50 -1.43 -6.57
N ASP A 5 6.07 -2.61 -6.28
CA ASP A 5 5.33 -3.69 -5.66
C ASP A 5 3.95 -3.85 -6.27
N MET A 6 3.89 -3.95 -7.60
CA MET A 6 2.62 -4.09 -8.30
C MET A 6 1.79 -5.24 -7.72
N ASN A 7 2.45 -6.27 -7.23
CA ASN A 7 1.76 -7.42 -6.65
C ASN A 7 0.93 -7.01 -5.44
N ALA A 8 1.60 -6.86 -4.30
CA ALA A 8 0.92 -6.47 -3.07
C ALA A 8 0.07 -5.22 -3.28
N LYS A 9 0.45 -4.41 -4.26
CA LYS A 9 -0.29 -3.18 -4.57
C LYS A 9 -1.56 -3.50 -5.34
N ARG A 10 -1.45 -4.43 -6.29
CA ARG A 10 -2.61 -4.82 -7.09
C ARG A 10 -3.66 -5.49 -6.22
N GLN A 11 -3.18 -6.14 -5.15
CA GLN A 11 -4.08 -6.82 -4.22
C GLN A 11 -4.96 -5.81 -3.50
N LEU A 12 -4.31 -4.82 -2.89
CA LEU A 12 -5.04 -3.79 -2.15
C LEU A 12 -6.04 -3.07 -3.06
N TYR A 13 -5.61 -2.77 -4.29
CA TYR A 13 -6.46 -2.09 -5.24
C TYR A 13 -7.63 -2.98 -5.65
N SER A 14 -7.38 -4.27 -5.73
CA SER A 14 -8.40 -5.24 -6.11
C SER A 14 -9.21 -5.69 -4.90
N LEU A 15 -8.77 -5.30 -3.70
CA LEU A 15 -9.46 -5.69 -2.48
C LEU A 15 -10.17 -4.50 -1.83
N ILE A 16 -9.67 -3.29 -2.02
CA ILE A 16 -10.29 -2.12 -1.42
C ILE A 16 -10.38 -0.95 -2.39
N GLY A 17 -9.33 -0.73 -3.18
CA GLY A 17 -9.35 0.36 -4.15
C GLY A 17 -10.45 0.21 -5.17
N TYR A 18 -11.54 0.96 -5.00
CA TYR A 18 -12.66 0.89 -5.94
C TYR A 18 -12.45 1.86 -7.09
N ALA A 19 -12.71 3.13 -6.85
CA ALA A 19 -12.55 4.16 -7.87
C ALA A 19 -11.96 5.43 -7.27
N SER A 20 -12.53 5.86 -6.15
CA SER A 20 -12.06 7.06 -5.47
C SER A 20 -10.80 6.76 -4.65
N LEU A 21 -10.67 5.52 -4.21
CA LEU A 21 -9.52 5.10 -3.42
C LEU A 21 -8.24 5.21 -4.23
N ARG A 22 -7.70 6.41 -4.31
CA ARG A 22 -6.47 6.63 -5.06
C ARG A 22 -5.27 6.01 -4.33
N LEU A 23 -5.27 4.69 -4.22
CA LEU A 23 -4.19 3.97 -3.55
C LEU A 23 -2.84 4.40 -4.11
N HIS A 24 -2.07 5.13 -3.31
CA HIS A 24 -0.76 5.60 -3.73
C HIS A 24 0.28 5.31 -2.66
N TYR A 25 1.50 5.03 -3.09
CA TYR A 25 2.59 4.72 -2.17
C TYR A 25 3.60 5.85 -2.13
N VAL A 26 3.79 6.43 -0.95
CA VAL A 26 4.75 7.51 -0.77
C VAL A 26 6.01 7.01 -0.10
N THR A 27 7.04 6.77 -0.91
CA THR A 27 8.32 6.30 -0.39
C THR A 27 9.12 7.45 0.16
N VAL A 28 9.07 7.64 1.48
CA VAL A 28 9.79 8.72 2.12
C VAL A 28 11.30 8.54 1.98
N LYS A 29 11.80 7.47 2.58
CA LYS A 29 13.22 7.13 2.53
C LYS A 29 14.10 8.36 2.72
N LYS A 30 14.74 8.45 3.88
CA LYS A 30 15.63 9.57 4.17
C LYS A 30 17.09 9.11 4.12
N PRO A 31 17.61 8.85 2.91
CA PRO A 31 19.00 8.39 2.73
C PRO A 31 20.02 9.49 2.96
N THR A 32 20.86 9.29 3.97
CA THR A 32 21.90 10.24 4.30
C THR A 32 23.21 9.85 3.61
N ALA A 33 23.16 9.70 2.29
CA ALA A 33 24.33 9.32 1.51
C ALA A 33 24.61 7.82 1.63
N VAL A 34 23.71 7.11 2.32
CA VAL A 34 23.88 5.67 2.51
C VAL A 34 22.55 4.92 2.45
N ASP A 35 21.44 5.65 2.59
CA ASP A 35 20.11 5.04 2.54
C ASP A 35 19.92 4.04 3.67
N PRO A 36 19.64 4.53 4.89
CA PRO A 36 19.43 3.65 6.05
C PRO A 36 18.37 2.60 5.77
N ASN A 37 17.14 3.04 5.51
CA ASN A 37 16.05 2.14 5.22
C ASN A 37 15.06 2.80 4.26
N SER A 38 14.67 2.07 3.22
CA SER A 38 13.72 2.59 2.26
C SER A 38 12.32 2.47 2.84
N ILE A 39 11.93 3.48 3.59
CA ILE A 39 10.64 3.49 4.25
C ILE A 39 9.53 4.03 3.34
N VAL A 40 8.48 3.24 3.17
CA VAL A 40 7.36 3.64 2.33
C VAL A 40 6.04 3.37 3.03
N GLU A 41 5.05 4.20 2.74
CA GLU A 41 3.72 4.05 3.35
C GLU A 41 2.64 4.13 2.28
N CYS A 42 1.57 3.37 2.48
CA CYS A 42 0.45 3.35 1.55
C CYS A 42 -0.69 4.23 2.05
N ARG A 43 -0.97 5.30 1.32
CA ARG A 43 -2.05 6.21 1.71
C ARG A 43 -3.15 6.23 0.67
N VAL A 44 -4.39 6.27 1.13
CA VAL A 44 -5.54 6.30 0.24
C VAL A 44 -5.92 7.73 -0.13
N GLY A 45 -6.76 7.87 -1.14
CA GLY A 45 -7.18 9.19 -1.58
C GLY A 45 -7.85 9.99 -0.47
N ASP A 46 -8.49 9.27 0.46
CA ASP A 46 -9.18 9.91 1.58
C ASP A 46 -8.19 10.67 2.47
N GLY A 47 -6.95 10.21 2.48
CA GLY A 47 -5.93 10.85 3.30
C GLY A 47 -5.63 10.08 4.56
N THR A 48 -5.38 8.78 4.42
CA THR A 48 -5.08 7.93 5.56
C THR A 48 -4.19 6.76 5.15
N VAL A 49 -3.06 6.62 5.82
CA VAL A 49 -2.13 5.53 5.53
C VAL A 49 -2.66 4.21 6.05
N LEU A 50 -3.03 3.31 5.14
CA LEU A 50 -3.56 2.01 5.50
C LEU A 50 -2.44 1.02 5.79
N GLY A 51 -1.25 1.27 5.23
CA GLY A 51 -0.14 0.37 5.44
C GLY A 51 1.21 1.07 5.44
N THR A 52 2.11 0.62 6.31
CA THR A 52 3.45 1.18 6.42
C THR A 52 4.49 0.07 6.42
N GLY A 53 5.50 0.18 5.56
CA GLY A 53 6.52 -0.85 5.49
C GLY A 53 7.83 -0.36 4.90
N VAL A 54 8.94 -0.77 5.51
CA VAL A 54 10.26 -0.40 5.04
C VAL A 54 10.85 -1.46 4.13
N GLY A 55 12.03 -1.18 3.63
CA GLY A 55 12.70 -2.12 2.75
C GLY A 55 14.08 -1.65 2.33
N ARG A 56 14.76 -2.48 1.54
CA ARG A 56 16.10 -2.15 1.06
C ARG A 56 16.01 -1.25 -0.16
N ASN A 57 14.93 -1.41 -0.92
CA ASN A 57 14.71 -0.60 -2.13
C ASN A 57 13.26 -0.15 -2.20
N ILE A 58 12.86 0.38 -3.35
CA ILE A 58 11.50 0.85 -3.55
C ILE A 58 10.54 -0.31 -3.75
N LYS A 59 11.03 -1.39 -4.35
CA LYS A 59 10.22 -2.57 -4.60
C LYS A 59 9.93 -3.32 -3.30
N ILE A 60 10.95 -3.48 -2.48
CA ILE A 60 10.81 -4.19 -1.21
C ILE A 60 9.87 -3.42 -0.28
N ALA A 61 10.25 -2.19 0.04
CA ALA A 61 9.45 -1.35 0.92
C ALA A 61 7.99 -1.34 0.49
N GLY A 62 7.76 -1.21 -0.80
CA GLY A 62 6.41 -1.19 -1.32
C GLY A 62 5.66 -2.47 -0.98
N ILE A 63 6.35 -3.60 -1.05
CA ILE A 63 5.74 -4.88 -0.74
C ILE A 63 5.48 -4.99 0.76
N ARG A 64 6.33 -4.36 1.55
CA ARG A 64 6.19 -4.38 3.01
C ARG A 64 5.02 -3.50 3.46
N ALA A 65 4.96 -2.29 2.91
CA ALA A 65 3.88 -1.36 3.25
C ALA A 65 2.53 -1.94 2.87
N ALA A 66 2.45 -2.50 1.67
CA ALA A 66 1.21 -3.11 1.18
C ALA A 66 0.77 -4.24 2.10
N GLU A 67 1.74 -5.03 2.55
CA GLU A 67 1.45 -6.15 3.43
C GLU A 67 0.88 -5.64 4.75
N ASN A 68 1.42 -4.52 5.23
CA ASN A 68 0.95 -3.92 6.47
C ASN A 68 -0.49 -3.49 6.32
N ALA A 69 -0.84 -3.04 5.12
CA ALA A 69 -2.21 -2.62 4.82
C ALA A 69 -3.12 -3.83 4.62
N LEU A 70 -2.55 -4.90 4.09
CA LEU A 70 -3.31 -6.12 3.85
C LEU A 70 -3.56 -6.88 5.16
N ARG A 71 -2.68 -6.67 6.14
CA ARG A 71 -2.81 -7.32 7.44
C ARG A 71 -4.18 -7.03 8.07
N ASP A 72 -4.54 -5.75 8.07
CA ASP A 72 -5.83 -5.34 8.64
C ASP A 72 -6.98 -6.03 7.94
N LYS A 73 -7.35 -7.20 8.43
CA LYS A 73 -8.45 -7.97 7.85
C LYS A 73 -9.77 -7.23 8.00
N LYS A 74 -9.93 -6.55 9.13
CA LYS A 74 -11.16 -5.80 9.38
C LYS A 74 -11.29 -4.65 8.39
N MET A 75 -10.30 -3.78 8.38
CA MET A 75 -10.29 -2.64 7.47
C MET A 75 -10.44 -3.10 6.02
N LEU A 76 -9.99 -4.32 5.75
CA LEU A 76 -10.09 -4.89 4.42
C LEU A 76 -11.50 -5.38 4.15
N ASP A 77 -12.17 -5.86 5.20
CA ASP A 77 -13.54 -6.34 5.08
C ASP A 77 -14.49 -5.20 4.77
N PHE A 78 -14.25 -4.06 5.41
CA PHE A 78 -15.08 -2.88 5.21
C PHE A 78 -15.01 -2.41 3.75
N TYR A 79 -13.80 -2.41 3.20
CA TYR A 79 -13.58 -2.00 1.83
C TYR A 79 -13.92 -3.12 0.87
N ALA A 80 -13.54 -4.34 1.24
CA ALA A 80 -13.82 -5.51 0.41
C ALA A 80 -15.33 -5.63 0.16
N LYS A 81 -16.13 -5.11 1.09
CA LYS A 81 -17.57 -5.15 0.96
C LYS A 81 -18.07 -3.97 0.14
N GLN A 82 -17.16 -3.07 -0.22
CA GLN A 82 -17.51 -1.89 -1.02
C GLN A 82 -16.86 -1.99 -2.39
N ARG A 83 -15.58 -2.33 -2.40
CA ARG A 83 -14.84 -2.46 -3.65
C ARG A 83 -15.34 -3.66 -4.44
N ALA A 84 -15.50 -4.78 -3.75
CA ALA A 84 -15.99 -6.01 -4.37
C ALA A 84 -17.49 -5.93 -4.63
N ALA A 85 -18.18 -5.12 -3.83
CA ALA A 85 -19.61 -4.96 -3.96
C ALA A 85 -19.96 -3.87 -4.98
N ALA A 86 -19.06 -2.92 -5.14
CA ALA A 86 -19.27 -1.82 -6.09
C ALA A 86 -18.61 -2.12 -7.44
N LEU A 87 -17.36 -2.51 -7.39
CA LEU A 87 -16.61 -2.83 -8.60
C LEU A 87 -16.67 -4.33 -8.90
N GLY A 88 -16.48 -5.14 -7.87
CA GLY A 88 -16.51 -6.57 -8.04
C GLY A 88 -17.88 -7.08 -8.46
N MET A 1 10.31 -10.61 -10.77
CA MET A 1 10.31 -9.88 -12.07
C MET A 1 9.34 -8.71 -12.05
N ASP A 2 9.25 -8.04 -10.91
CA ASP A 2 8.34 -6.90 -10.77
C ASP A 2 8.95 -5.85 -9.85
N LYS A 3 8.39 -4.64 -9.90
CA LYS A 3 8.87 -3.54 -9.06
C LYS A 3 7.82 -2.45 -8.93
N LEU A 4 8.15 -1.38 -8.22
CA LEU A 4 7.23 -0.27 -8.03
C LEU A 4 5.94 -0.74 -7.35
N ASP A 5 6.06 -1.78 -6.52
CA ASP A 5 4.91 -2.33 -5.82
C ASP A 5 3.91 -2.94 -6.79
N MET A 6 4.41 -3.37 -7.95
CA MET A 6 3.55 -3.98 -8.98
C MET A 6 3.07 -5.36 -8.54
N ASN A 7 2.35 -5.42 -7.42
CA ASN A 7 1.83 -6.67 -6.89
C ASN A 7 1.04 -6.42 -5.62
N ALA A 8 1.75 -6.13 -4.54
CA ALA A 8 1.11 -5.85 -3.26
C ALA A 8 0.19 -4.64 -3.38
N LYS A 9 0.55 -3.73 -4.28
CA LYS A 9 -0.25 -2.53 -4.51
C LYS A 9 -1.49 -2.87 -5.34
N ARG A 10 -1.32 -3.79 -6.28
CA ARG A 10 -2.43 -4.21 -7.13
C ARG A 10 -3.46 -5.00 -6.31
N GLN A 11 -2.97 -5.64 -5.25
CA GLN A 11 -3.83 -6.41 -4.38
C GLN A 11 -4.79 -5.51 -3.63
N LEU A 12 -4.24 -4.49 -2.97
CA LEU A 12 -5.04 -3.55 -2.21
C LEU A 12 -6.03 -2.82 -3.11
N TYR A 13 -5.59 -2.46 -4.31
CA TYR A 13 -6.44 -1.76 -5.25
C TYR A 13 -7.56 -2.66 -5.76
N SER A 14 -7.27 -3.96 -5.82
CA SER A 14 -8.26 -4.92 -6.28
C SER A 14 -9.09 -5.47 -5.12
N LEU A 15 -8.67 -5.15 -3.88
CA LEU A 15 -9.38 -5.62 -2.71
C LEU A 15 -10.06 -4.48 -1.95
N ILE A 16 -9.56 -3.25 -2.12
CA ILE A 16 -10.16 -2.12 -1.43
C ILE A 16 -10.25 -0.88 -2.32
N GLY A 17 -9.29 -0.70 -3.22
CA GLY A 17 -9.30 0.44 -4.12
C GLY A 17 -10.42 0.37 -5.14
N TYR A 18 -11.51 1.08 -4.88
CA TYR A 18 -12.66 1.08 -5.78
C TYR A 18 -12.72 2.36 -6.61
N ALA A 19 -12.32 3.48 -6.00
CA ALA A 19 -12.34 4.76 -6.69
C ALA A 19 -11.71 5.85 -5.84
N SER A 20 -12.48 6.39 -4.90
CA SER A 20 -11.99 7.44 -4.01
C SER A 20 -10.72 6.98 -3.30
N LEU A 21 -10.58 5.66 -3.16
CA LEU A 21 -9.41 5.08 -2.50
C LEU A 21 -8.19 5.19 -3.39
N ARG A 22 -7.67 6.41 -3.54
CA ARG A 22 -6.50 6.64 -4.37
C ARG A 22 -5.26 6.00 -3.75
N LEU A 23 -5.20 4.67 -3.82
CA LEU A 23 -4.07 3.93 -3.26
C LEU A 23 -2.76 4.36 -3.93
N HIS A 24 -2.04 5.26 -3.27
CA HIS A 24 -0.78 5.75 -3.80
C HIS A 24 0.33 5.59 -2.76
N TYR A 25 1.48 5.10 -3.21
CA TYR A 25 2.61 4.90 -2.31
C TYR A 25 3.63 6.03 -2.43
N VAL A 26 3.98 6.61 -1.30
CA VAL A 26 4.93 7.71 -1.25
C VAL A 26 6.12 7.37 -0.36
N THR A 27 7.30 7.26 -0.96
CA THR A 27 8.51 6.94 -0.22
C THR A 27 9.09 8.20 0.42
N VAL A 28 9.16 8.21 1.74
CA VAL A 28 9.69 9.36 2.47
C VAL A 28 11.20 9.24 2.70
N LYS A 29 11.70 8.01 2.73
CA LYS A 29 13.12 7.78 2.95
C LYS A 29 13.72 6.93 1.83
N LYS A 30 15.04 6.78 1.86
CA LYS A 30 15.74 6.00 0.85
C LYS A 30 17.18 5.70 1.30
N PRO A 31 17.68 4.48 1.05
CA PRO A 31 19.03 4.08 1.43
C PRO A 31 20.10 4.80 0.61
N THR A 32 20.93 5.59 1.28
CA THR A 32 21.99 6.34 0.62
C THR A 32 22.92 6.99 1.64
N ALA A 33 22.33 7.69 2.61
CA ALA A 33 23.10 8.36 3.64
C ALA A 33 22.18 9.11 4.60
N VAL A 34 21.12 9.69 4.06
CA VAL A 34 20.15 10.43 4.85
C VAL A 34 19.26 9.49 5.66
N ASP A 35 18.92 8.36 5.06
CA ASP A 35 18.08 7.37 5.72
C ASP A 35 18.76 6.00 5.74
N PRO A 36 18.38 5.14 6.70
CA PRO A 36 18.95 3.80 6.82
C PRO A 36 18.40 2.83 5.77
N ASN A 37 17.11 2.94 5.50
CA ASN A 37 16.46 2.07 4.51
C ASN A 37 15.42 2.84 3.71
N SER A 38 14.66 2.13 2.89
CA SER A 38 13.62 2.75 2.07
C SER A 38 12.26 2.63 2.76
N ILE A 39 11.84 3.72 3.40
CA ILE A 39 10.56 3.73 4.09
C ILE A 39 9.45 4.28 3.20
N VAL A 40 8.35 3.53 3.09
CA VAL A 40 7.23 3.95 2.27
C VAL A 40 5.94 3.99 3.08
N GLU A 41 4.98 4.78 2.62
CA GLU A 41 3.71 4.92 3.30
C GLU A 41 2.55 4.97 2.30
N CYS A 42 1.70 3.95 2.33
CA CYS A 42 0.56 3.88 1.43
C CYS A 42 -0.58 4.76 1.94
N ARG A 43 -0.85 5.84 1.21
CA ARG A 43 -1.92 6.76 1.59
C ARG A 43 -3.10 6.63 0.62
N VAL A 44 -4.31 6.70 1.17
CA VAL A 44 -5.52 6.59 0.36
C VAL A 44 -6.39 7.83 0.49
N GLY A 45 -7.24 8.06 -0.49
CA GLY A 45 -8.13 9.21 -0.47
C GLY A 45 -7.38 10.51 -0.32
N ASP A 46 -7.85 11.36 0.58
CA ASP A 46 -7.22 12.66 0.82
C ASP A 46 -5.78 12.48 1.29
N GLY A 47 -5.55 11.43 2.07
CA GLY A 47 -4.21 11.16 2.57
C GLY A 47 -4.23 10.32 3.83
N THR A 48 -5.04 9.27 3.82
CA THR A 48 -5.14 8.37 4.97
C THR A 48 -4.25 7.16 4.79
N VAL A 49 -3.15 7.10 5.54
CA VAL A 49 -2.22 5.99 5.47
C VAL A 49 -2.89 4.68 5.88
N LEU A 50 -2.91 3.73 4.96
CA LEU A 50 -3.52 2.42 5.22
C LEU A 50 -2.45 1.35 5.40
N GLY A 51 -1.25 1.61 4.89
CA GLY A 51 -0.18 0.63 5.01
C GLY A 51 1.20 1.25 4.95
N THR A 52 1.98 1.08 6.01
CA THR A 52 3.33 1.61 6.09
C THR A 52 4.33 0.50 6.37
N GLY A 53 5.56 0.67 5.87
CA GLY A 53 6.58 -0.33 6.10
C GLY A 53 7.92 0.03 5.48
N VAL A 54 9.00 -0.48 6.05
CA VAL A 54 10.34 -0.22 5.56
C VAL A 54 10.80 -1.32 4.61
N GLY A 55 11.83 -1.02 3.83
CA GLY A 55 12.35 -2.00 2.89
C GLY A 55 13.68 -1.59 2.30
N ARG A 56 14.38 -2.53 1.67
CA ARG A 56 15.67 -2.26 1.06
C ARG A 56 15.53 -1.25 -0.07
N ASN A 57 14.39 -1.30 -0.75
CA ASN A 57 14.12 -0.39 -1.86
C ASN A 57 12.63 -0.17 -2.03
N ILE A 58 12.26 0.57 -3.08
CA ILE A 58 10.85 0.85 -3.35
C ILE A 58 10.06 -0.43 -3.57
N LYS A 59 10.74 -1.45 -4.10
CA LYS A 59 10.09 -2.74 -4.36
C LYS A 59 9.77 -3.46 -3.06
N ILE A 60 10.80 -3.65 -2.24
CA ILE A 60 10.64 -4.33 -0.96
C ILE A 60 9.78 -3.51 -0.01
N ALA A 61 10.19 -2.28 0.22
CA ALA A 61 9.47 -1.37 1.12
C ALA A 61 8.00 -1.29 0.73
N GLY A 62 7.74 -1.29 -0.57
CA GLY A 62 6.36 -1.22 -1.04
C GLY A 62 5.56 -2.45 -0.69
N ILE A 63 6.18 -3.62 -0.88
CA ILE A 63 5.51 -4.88 -0.58
C ILE A 63 5.28 -5.01 0.92
N ARG A 64 6.20 -4.46 1.71
CA ARG A 64 6.08 -4.51 3.16
C ARG A 64 4.96 -3.60 3.64
N ALA A 65 4.98 -2.37 3.16
CA ALA A 65 3.96 -1.39 3.53
C ALA A 65 2.59 -1.84 3.04
N ALA A 66 2.55 -2.34 1.81
CA ALA A 66 1.31 -2.82 1.22
C ALA A 66 0.79 -4.01 1.99
N GLU A 67 1.70 -4.87 2.44
CA GLU A 67 1.32 -6.04 3.22
C GLU A 67 0.74 -5.63 4.55
N ASN A 68 1.29 -4.57 5.13
CA ASN A 68 0.81 -4.06 6.40
C ASN A 68 -0.62 -3.57 6.25
N ALA A 69 -0.93 -3.05 5.06
CA ALA A 69 -2.27 -2.55 4.78
C ALA A 69 -3.26 -3.70 4.63
N LEU A 70 -2.78 -4.82 4.10
CA LEU A 70 -3.62 -6.00 3.91
C LEU A 70 -3.73 -6.81 5.20
N ARG A 71 -2.81 -6.56 6.14
CA ARG A 71 -2.81 -7.27 7.41
C ARG A 71 -4.16 -7.13 8.13
N ASP A 72 -4.62 -5.90 8.27
CA ASP A 72 -5.89 -5.63 8.93
C ASP A 72 -7.04 -6.32 8.19
N LYS A 73 -7.28 -7.58 8.56
CA LYS A 73 -8.35 -8.36 7.96
C LYS A 73 -9.71 -7.71 8.19
N LYS A 74 -9.79 -6.85 9.21
CA LYS A 74 -11.04 -6.17 9.53
C LYS A 74 -11.23 -4.99 8.60
N MET A 75 -10.19 -4.17 8.49
CA MET A 75 -10.22 -3.00 7.63
C MET A 75 -10.31 -3.44 6.16
N LEU A 76 -9.81 -4.64 5.89
CA LEU A 76 -9.85 -5.19 4.53
C LEU A 76 -11.23 -5.72 4.20
N ASP A 77 -11.89 -6.28 5.22
CA ASP A 77 -13.23 -6.83 5.04
C ASP A 77 -14.23 -5.71 4.79
N PHE A 78 -13.99 -4.56 5.41
CA PHE A 78 -14.87 -3.40 5.25
C PHE A 78 -14.78 -2.86 3.82
N TYR A 79 -13.56 -2.82 3.28
CA TYR A 79 -13.36 -2.34 1.93
C TYR A 79 -13.67 -3.44 0.93
N ALA A 80 -13.20 -4.64 1.21
CA ALA A 80 -13.45 -5.77 0.32
C ALA A 80 -14.94 -5.98 0.14
N LYS A 81 -15.72 -5.59 1.15
CA LYS A 81 -17.17 -5.71 1.08
C LYS A 81 -17.79 -4.52 0.36
N GLN A 82 -16.94 -3.55 0.00
CA GLN A 82 -17.38 -2.35 -0.70
C GLN A 82 -16.83 -2.34 -2.11
N ARG A 83 -15.52 -2.56 -2.23
CA ARG A 83 -14.86 -2.58 -3.53
C ARG A 83 -15.36 -3.76 -4.35
N ALA A 84 -15.41 -4.93 -3.72
CA ALA A 84 -15.86 -6.14 -4.39
C ALA A 84 -17.38 -6.14 -4.55
N ALA A 85 -18.07 -5.43 -3.65
CA ALA A 85 -19.51 -5.34 -3.68
C ALA A 85 -19.98 -4.22 -4.61
N ALA A 86 -19.13 -3.22 -4.79
CA ALA A 86 -19.47 -2.08 -5.64
C ALA A 86 -19.12 -2.37 -7.10
N LEU A 87 -18.05 -3.13 -7.30
CA LEU A 87 -17.60 -3.48 -8.65
C LEU A 87 -17.58 -4.99 -8.84
N GLY A 88 -16.72 -5.67 -8.09
CA GLY A 88 -16.63 -7.11 -8.19
C GLY A 88 -15.22 -7.61 -7.96
N MET A 1 7.54 -8.16 -13.48
CA MET A 1 8.95 -7.74 -13.24
C MET A 1 9.33 -7.87 -11.77
N ASP A 2 8.34 -7.72 -10.90
CA ASP A 2 8.57 -7.81 -9.47
C ASP A 2 9.56 -6.74 -9.00
N LYS A 3 9.04 -5.53 -8.76
CA LYS A 3 9.87 -4.43 -8.31
C LYS A 3 9.01 -3.28 -7.79
N LEU A 4 7.91 -3.01 -8.48
CA LEU A 4 7.00 -1.95 -8.08
C LEU A 4 5.84 -2.49 -7.26
N ASP A 5 6.05 -3.64 -6.61
CA ASP A 5 5.02 -4.26 -5.78
C ASP A 5 3.75 -4.52 -6.60
N MET A 6 3.90 -5.26 -7.69
CA MET A 6 2.78 -5.57 -8.56
C MET A 6 1.87 -6.65 -7.96
N ASN A 7 2.23 -7.17 -6.79
CA ASN A 7 1.45 -8.20 -6.15
C ASN A 7 0.81 -7.71 -4.85
N ALA A 8 1.61 -7.15 -3.97
CA ALA A 8 1.11 -6.65 -2.69
C ALA A 8 0.35 -5.34 -2.89
N LYS A 9 0.70 -4.61 -3.94
CA LYS A 9 0.03 -3.35 -4.24
C LYS A 9 -1.25 -3.60 -5.02
N ARG A 10 -1.22 -4.63 -5.87
CA ARG A 10 -2.41 -4.96 -6.65
C ARG A 10 -3.48 -5.53 -5.73
N GLN A 11 -3.02 -6.16 -4.65
CA GLN A 11 -3.92 -6.76 -3.67
C GLN A 11 -4.85 -5.71 -3.08
N LEU A 12 -4.29 -4.62 -2.58
CA LEU A 12 -5.08 -3.56 -1.99
C LEU A 12 -6.01 -2.94 -3.02
N TYR A 13 -5.46 -2.63 -4.18
CA TYR A 13 -6.24 -2.03 -5.26
C TYR A 13 -7.24 -3.01 -5.86
N SER A 14 -6.96 -4.31 -5.69
CA SER A 14 -7.84 -5.33 -6.23
C SER A 14 -8.85 -5.81 -5.19
N LEU A 15 -8.70 -5.35 -3.95
CA LEU A 15 -9.61 -5.77 -2.88
C LEU A 15 -10.19 -4.59 -2.09
N ILE A 16 -9.68 -3.38 -2.31
CA ILE A 16 -10.20 -2.22 -1.58
C ILE A 16 -10.24 -0.95 -2.44
N GLY A 17 -9.32 -0.83 -3.38
CA GLY A 17 -9.30 0.34 -4.23
C GLY A 17 -10.55 0.48 -5.07
N TYR A 18 -11.52 1.22 -4.57
CA TYR A 18 -12.78 1.42 -5.28
C TYR A 18 -12.89 2.86 -5.81
N ALA A 19 -11.80 3.35 -6.40
CA ALA A 19 -11.77 4.71 -6.94
C ALA A 19 -11.68 5.73 -5.82
N SER A 20 -12.69 5.78 -4.98
CA SER A 20 -12.72 6.72 -3.86
C SER A 20 -11.46 6.59 -3.02
N LEU A 21 -10.89 5.40 -2.99
CA LEU A 21 -9.68 5.14 -2.24
C LEU A 21 -8.45 5.28 -3.12
N ARG A 22 -7.94 6.51 -3.24
CA ARG A 22 -6.77 6.79 -4.06
C ARG A 22 -5.55 6.07 -3.51
N LEU A 23 -5.44 4.77 -3.82
CA LEU A 23 -4.32 3.97 -3.35
C LEU A 23 -3.01 4.42 -4.03
N HIS A 24 -2.24 5.23 -3.32
CA HIS A 24 -0.97 5.72 -3.83
C HIS A 24 0.12 5.61 -2.78
N TYR A 25 1.27 5.06 -3.18
CA TYR A 25 2.39 4.89 -2.26
C TYR A 25 3.36 6.06 -2.34
N VAL A 26 3.71 6.60 -1.17
CA VAL A 26 4.63 7.72 -1.09
C VAL A 26 5.99 7.26 -0.55
N THR A 27 6.90 6.94 -1.47
CA THR A 27 8.22 6.49 -1.08
C THR A 27 9.13 7.67 -0.77
N VAL A 28 9.57 7.75 0.48
CA VAL A 28 10.44 8.84 0.92
C VAL A 28 11.90 8.39 1.00
N LYS A 29 12.18 7.51 1.94
CA LYS A 29 13.53 6.98 2.14
C LYS A 29 14.48 8.08 2.56
N LYS A 30 14.82 8.97 1.64
CA LYS A 30 15.74 10.07 1.93
C LYS A 30 17.09 9.54 2.41
N PRO A 31 17.75 8.72 1.58
CA PRO A 31 19.06 8.14 1.92
C PRO A 31 20.20 9.15 1.79
N THR A 32 21.07 9.18 2.79
CA THR A 32 22.21 10.09 2.78
C THR A 32 23.29 9.65 3.76
N ALA A 33 24.46 9.32 3.23
CA ALA A 33 25.58 8.87 4.05
C ALA A 33 25.23 7.60 4.83
N VAL A 34 24.58 7.77 5.98
CA VAL A 34 24.19 6.64 6.80
C VAL A 34 23.09 5.82 6.13
N ASP A 35 22.32 6.46 5.25
CA ASP A 35 21.24 5.80 4.53
C ASP A 35 20.31 5.06 5.49
N PRO A 36 19.33 5.78 6.08
CA PRO A 36 18.38 5.18 7.02
C PRO A 36 17.73 3.93 6.45
N ASN A 37 16.81 4.13 5.49
CA ASN A 37 16.11 3.02 4.86
C ASN A 37 15.06 3.52 3.89
N SER A 38 14.54 2.61 3.06
CA SER A 38 13.52 2.99 2.09
C SER A 38 12.14 2.89 2.72
N ILE A 39 11.66 4.03 3.23
CA ILE A 39 10.37 4.07 3.89
C ILE A 39 9.27 4.46 2.90
N VAL A 40 8.22 3.63 2.85
CA VAL A 40 7.10 3.89 1.96
C VAL A 40 5.81 3.97 2.76
N GLU A 41 4.88 4.81 2.29
CA GLU A 41 3.61 5.00 2.96
C GLU A 41 2.46 5.07 1.97
N CYS A 42 1.59 4.07 2.01
CA CYS A 42 0.43 4.02 1.12
C CYS A 42 -0.67 4.94 1.65
N ARG A 43 -0.87 6.07 0.98
CA ARG A 43 -1.89 7.03 1.38
C ARG A 43 -3.11 6.90 0.49
N VAL A 44 -4.28 7.04 1.09
CA VAL A 44 -5.53 6.94 0.35
C VAL A 44 -6.39 8.18 0.55
N GLY A 45 -7.40 8.33 -0.31
CA GLY A 45 -8.29 9.47 -0.21
C GLY A 45 -7.56 10.79 -0.36
N ASP A 46 -7.39 11.49 0.75
CA ASP A 46 -6.70 12.78 0.75
C ASP A 46 -5.98 13.03 2.07
N GLY A 47 -5.52 11.96 2.70
CA GLY A 47 -4.82 12.10 3.96
C GLY A 47 -5.02 10.92 4.89
N THR A 48 -4.67 9.72 4.41
CA THR A 48 -4.83 8.51 5.21
C THR A 48 -3.83 7.44 4.76
N VAL A 49 -2.82 7.20 5.58
CA VAL A 49 -1.82 6.19 5.27
C VAL A 49 -2.25 4.82 5.78
N LEU A 50 -2.84 4.03 4.91
CA LEU A 50 -3.33 2.70 5.26
C LEU A 50 -2.19 1.69 5.38
N GLY A 51 -1.06 1.97 4.74
CA GLY A 51 0.06 1.04 4.80
C GLY A 51 1.41 1.73 4.91
N THR A 52 2.08 1.54 6.04
CA THR A 52 3.40 2.12 6.25
C THR A 52 4.43 1.03 6.57
N GLY A 53 5.44 0.91 5.73
CA GLY A 53 6.46 -0.10 5.95
C GLY A 53 7.81 0.29 5.39
N VAL A 54 8.87 -0.17 6.04
CA VAL A 54 10.23 0.12 5.62
C VAL A 54 10.80 -1.01 4.77
N GLY A 55 11.86 -0.70 4.03
CA GLY A 55 12.49 -1.69 3.19
C GLY A 55 13.85 -1.25 2.71
N ARG A 56 14.62 -2.18 2.15
CA ARG A 56 15.95 -1.87 1.65
C ARG A 56 15.85 -0.99 0.40
N ASN A 57 14.76 -1.13 -0.33
CA ASN A 57 14.54 -0.34 -1.53
C ASN A 57 13.04 -0.16 -1.78
N ILE A 58 12.71 0.41 -2.94
CA ILE A 58 11.31 0.64 -3.29
C ILE A 58 10.56 -0.68 -3.46
N LYS A 59 11.29 -1.73 -3.83
CA LYS A 59 10.70 -3.04 -4.02
C LYS A 59 10.30 -3.67 -2.69
N ILE A 60 11.25 -3.69 -1.76
CA ILE A 60 11.00 -4.26 -0.44
C ILE A 60 10.04 -3.40 0.36
N ALA A 61 10.39 -2.12 0.52
CA ALA A 61 9.56 -1.19 1.27
C ALA A 61 8.11 -1.25 0.80
N GLY A 62 7.92 -1.26 -0.51
CA GLY A 62 6.58 -1.33 -1.07
C GLY A 62 5.84 -2.57 -0.64
N ILE A 63 6.51 -3.72 -0.72
CA ILE A 63 5.90 -4.98 -0.33
C ILE A 63 5.58 -4.96 1.17
N ARG A 64 6.44 -4.31 1.94
CA ARG A 64 6.24 -4.20 3.37
C ARG A 64 5.11 -3.22 3.67
N ALA A 65 5.06 -2.14 2.89
CA ALA A 65 4.02 -1.13 3.05
C ALA A 65 2.69 -1.66 2.55
N ALA A 66 2.75 -2.50 1.52
CA ALA A 66 1.55 -3.11 0.94
C ALA A 66 0.90 -4.02 1.95
N GLU A 67 1.74 -4.76 2.69
CA GLU A 67 1.24 -5.67 3.71
C GLU A 67 0.60 -4.84 4.82
N ASN A 68 1.34 -3.85 5.29
CA ASN A 68 0.83 -2.95 6.31
C ASN A 68 -0.42 -2.27 5.76
N ALA A 69 -0.43 -2.08 4.44
CA ALA A 69 -1.57 -1.50 3.76
C ALA A 69 -2.74 -2.45 3.85
N LEU A 70 -2.44 -3.76 3.76
CA LEU A 70 -3.48 -4.77 3.88
C LEU A 70 -4.29 -4.44 5.11
N ARG A 71 -3.58 -4.19 6.21
CA ARG A 71 -4.21 -3.80 7.45
C ARG A 71 -5.15 -4.84 7.94
N ASP A 72 -4.62 -5.96 8.36
CA ASP A 72 -5.45 -7.01 8.86
C ASP A 72 -6.64 -7.23 7.95
N LYS A 73 -6.43 -8.12 7.00
CA LYS A 73 -7.43 -8.51 5.98
C LYS A 73 -8.84 -8.26 6.48
N LYS A 74 -9.05 -8.43 7.78
CA LYS A 74 -10.36 -8.17 8.36
C LYS A 74 -10.86 -6.81 7.92
N MET A 75 -10.08 -5.78 8.27
CA MET A 75 -10.41 -4.42 7.86
C MET A 75 -10.49 -4.39 6.34
N LEU A 76 -9.60 -5.17 5.71
CA LEU A 76 -9.56 -5.26 4.26
C LEU A 76 -10.91 -5.76 3.75
N ASP A 77 -11.51 -6.69 4.49
CA ASP A 77 -12.80 -7.24 4.13
C ASP A 77 -13.83 -6.12 4.07
N PHE A 78 -13.78 -5.24 5.08
CA PHE A 78 -14.70 -4.11 5.13
C PHE A 78 -14.69 -3.35 3.79
N TYR A 79 -13.53 -3.34 3.15
CA TYR A 79 -13.38 -2.67 1.86
C TYR A 79 -13.85 -3.60 0.75
N ALA A 80 -13.42 -4.85 0.81
CA ALA A 80 -13.82 -5.83 -0.17
C ALA A 80 -15.34 -5.93 -0.23
N LYS A 81 -15.98 -5.65 0.89
CA LYS A 81 -17.44 -5.68 0.96
C LYS A 81 -18.04 -4.38 0.43
N GLN A 82 -17.16 -3.43 0.09
CA GLN A 82 -17.59 -2.15 -0.43
C GLN A 82 -17.16 -2.00 -1.88
N ARG A 83 -15.88 -2.24 -2.14
CA ARG A 83 -15.34 -2.14 -3.49
C ARG A 83 -15.94 -3.23 -4.38
N ALA A 84 -16.08 -4.43 -3.83
CA ALA A 84 -16.63 -5.55 -4.58
C ALA A 84 -18.16 -5.47 -4.61
N ALA A 85 -18.73 -4.82 -3.59
CA ALA A 85 -20.16 -4.67 -3.49
C ALA A 85 -20.65 -3.44 -4.26
N ALA A 86 -19.75 -2.47 -4.44
CA ALA A 86 -20.09 -1.25 -5.16
C ALA A 86 -19.92 -1.44 -6.67
N LEU A 87 -18.97 -2.27 -7.05
CA LEU A 87 -18.70 -2.54 -8.46
C LEU A 87 -19.54 -3.72 -8.95
N GLY A 88 -19.58 -4.79 -8.16
CA GLY A 88 -20.34 -5.97 -8.53
C GLY A 88 -19.68 -6.75 -9.65
N MET A 1 10.37 -10.63 -11.83
CA MET A 1 10.68 -10.22 -10.44
C MET A 1 9.64 -9.23 -9.91
N ASP A 2 9.64 -9.03 -8.59
CA ASP A 2 8.69 -8.12 -7.97
C ASP A 2 9.17 -6.67 -8.08
N LYS A 3 8.37 -5.83 -8.70
CA LYS A 3 8.72 -4.42 -8.88
C LYS A 3 7.46 -3.56 -9.01
N LEU A 4 7.51 -2.35 -8.48
CA LEU A 4 6.39 -1.42 -8.54
C LEU A 4 5.18 -1.97 -7.79
N ASP A 5 5.41 -2.96 -6.93
CA ASP A 5 4.33 -3.56 -6.15
C ASP A 5 3.17 -3.98 -7.05
N MET A 6 3.51 -4.52 -8.21
CA MET A 6 2.50 -4.95 -9.18
C MET A 6 1.56 -5.99 -8.57
N ASN A 7 1.98 -6.64 -7.49
CA ASN A 7 1.17 -7.65 -6.85
C ASN A 7 0.50 -7.14 -5.57
N ALA A 8 1.32 -6.69 -4.63
CA ALA A 8 0.80 -6.17 -3.37
C ALA A 8 -0.09 -4.96 -3.59
N LYS A 9 0.31 -4.10 -4.52
CA LYS A 9 -0.47 -2.90 -4.83
C LYS A 9 -1.73 -3.25 -5.60
N ARG A 10 -1.66 -4.31 -6.41
CA ARG A 10 -2.80 -4.76 -7.19
C ARG A 10 -3.78 -5.49 -6.27
N GLN A 11 -3.24 -6.21 -5.31
CA GLN A 11 -4.05 -6.95 -4.36
C GLN A 11 -4.86 -5.98 -3.49
N LEU A 12 -4.18 -4.96 -2.99
CA LEU A 12 -4.83 -3.95 -2.16
C LEU A 12 -5.86 -3.16 -2.97
N TYR A 13 -5.45 -2.72 -4.15
CA TYR A 13 -6.33 -1.96 -5.02
C TYR A 13 -7.47 -2.84 -5.55
N SER A 14 -7.22 -4.14 -5.65
CA SER A 14 -8.22 -5.08 -6.15
C SER A 14 -9.11 -5.60 -5.02
N LEU A 15 -8.75 -5.32 -3.78
CA LEU A 15 -9.54 -5.79 -2.64
C LEU A 15 -10.15 -4.64 -1.84
N ILE A 16 -9.69 -3.40 -2.05
CA ILE A 16 -10.24 -2.27 -1.32
C ILE A 16 -10.39 -1.02 -2.18
N GLY A 17 -9.50 -0.84 -3.14
CA GLY A 17 -9.57 0.32 -4.01
C GLY A 17 -10.79 0.30 -4.91
N TYR A 18 -11.82 1.05 -4.55
CA TYR A 18 -13.05 1.11 -5.37
C TYR A 18 -12.89 2.11 -6.51
N ALA A 19 -13.11 3.38 -6.20
CA ALA A 19 -13.00 4.45 -7.19
C ALA A 19 -12.32 5.67 -6.58
N SER A 20 -12.87 6.16 -5.48
CA SER A 20 -12.33 7.32 -4.79
C SER A 20 -11.06 6.95 -4.02
N LEU A 21 -10.98 5.68 -3.64
CA LEU A 21 -9.83 5.17 -2.90
C LEU A 21 -8.56 5.29 -3.74
N ARG A 22 -7.98 6.48 -3.77
CA ARG A 22 -6.77 6.72 -4.53
C ARG A 22 -5.56 6.06 -3.88
N LEU A 23 -5.51 4.73 -3.96
CA LEU A 23 -4.41 3.97 -3.37
C LEU A 23 -3.08 4.42 -3.98
N HIS A 24 -2.35 5.26 -3.25
CA HIS A 24 -1.07 5.76 -3.72
C HIS A 24 0.03 5.50 -2.68
N TYR A 25 1.25 5.31 -3.16
CA TYR A 25 2.37 5.06 -2.27
C TYR A 25 3.38 6.20 -2.28
N VAL A 26 3.64 6.76 -1.11
CA VAL A 26 4.58 7.86 -0.98
C VAL A 26 5.90 7.36 -0.38
N THR A 27 6.87 7.11 -1.24
CA THR A 27 8.17 6.63 -0.79
C THR A 27 9.06 7.79 -0.33
N VAL A 28 9.56 7.70 0.89
CA VAL A 28 10.41 8.73 1.45
C VAL A 28 11.85 8.26 1.54
N LYS A 29 12.08 7.28 2.41
CA LYS A 29 13.41 6.71 2.59
C LYS A 29 14.37 7.71 3.23
N LYS A 30 14.66 8.79 2.50
CA LYS A 30 15.57 9.82 3.01
C LYS A 30 16.95 9.22 3.27
N PRO A 31 17.59 8.65 2.23
CA PRO A 31 18.91 8.04 2.36
C PRO A 31 20.02 9.08 2.50
N THR A 32 20.92 8.83 3.45
CA THR A 32 22.04 9.73 3.71
C THR A 32 23.28 8.95 4.12
N ALA A 33 24.24 9.65 4.71
CA ALA A 33 25.48 9.01 5.17
C ALA A 33 25.19 7.78 6.03
N VAL A 34 24.03 7.80 6.70
CA VAL A 34 23.64 6.69 7.55
C VAL A 34 22.73 5.70 6.81
N ASP A 35 22.11 6.18 5.73
CA ASP A 35 21.22 5.35 4.92
C ASP A 35 20.28 4.51 5.79
N PRO A 36 19.25 5.15 6.38
CA PRO A 36 18.28 4.45 7.23
C PRO A 36 17.65 3.28 6.49
N ASN A 37 16.76 3.58 5.56
CA ASN A 37 16.08 2.54 4.78
C ASN A 37 15.05 3.16 3.84
N SER A 38 14.45 2.33 3.00
CA SER A 38 13.43 2.79 2.07
C SER A 38 12.04 2.64 2.69
N ILE A 39 11.58 3.69 3.34
CA ILE A 39 10.29 3.69 4.00
C ILE A 39 9.20 4.20 3.07
N VAL A 40 8.13 3.41 2.92
CA VAL A 40 7.02 3.78 2.07
C VAL A 40 5.72 3.80 2.87
N GLU A 41 4.83 4.74 2.52
CA GLU A 41 3.56 4.86 3.21
C GLU A 41 2.39 4.88 2.23
N CYS A 42 1.62 3.79 2.22
CA CYS A 42 0.47 3.68 1.33
C CYS A 42 -0.65 4.61 1.78
N ARG A 43 -0.87 5.67 1.01
CA ARG A 43 -1.91 6.64 1.32
C ARG A 43 -3.08 6.50 0.37
N VAL A 44 -4.29 6.65 0.91
CA VAL A 44 -5.50 6.54 0.10
C VAL A 44 -6.40 7.74 0.30
N GLY A 45 -7.28 7.99 -0.67
CA GLY A 45 -8.19 9.11 -0.59
C GLY A 45 -7.48 10.45 -0.64
N ASP A 46 -7.54 11.19 0.48
CA ASP A 46 -6.89 12.50 0.55
C ASP A 46 -5.44 12.37 1.01
N GLY A 47 -5.25 11.66 2.12
CA GLY A 47 -3.90 11.48 2.65
C GLY A 47 -3.86 10.58 3.86
N THR A 48 -4.72 9.56 3.87
CA THR A 48 -4.78 8.62 4.97
C THR A 48 -3.97 7.38 4.67
N VAL A 49 -2.90 7.17 5.44
CA VAL A 49 -2.03 6.02 5.25
C VAL A 49 -2.66 4.75 5.84
N LEU A 50 -2.97 3.80 4.97
CA LEU A 50 -3.59 2.54 5.39
C LEU A 50 -2.53 1.45 5.54
N GLY A 51 -1.39 1.61 4.88
CA GLY A 51 -0.34 0.62 4.96
C GLY A 51 1.05 1.22 4.90
N THR A 52 1.81 1.08 5.98
CA THR A 52 3.17 1.61 6.04
C THR A 52 4.18 0.48 6.24
N GLY A 53 5.21 0.46 5.39
CA GLY A 53 6.22 -0.56 5.49
C GLY A 53 7.54 -0.15 4.87
N VAL A 54 8.65 -0.52 5.52
CA VAL A 54 9.97 -0.19 5.02
C VAL A 54 10.50 -1.24 4.06
N GLY A 55 11.69 -0.99 3.55
CA GLY A 55 12.31 -1.92 2.63
C GLY A 55 13.67 -1.43 2.14
N ARG A 56 14.47 -2.35 1.61
CA ARG A 56 15.79 -2.00 1.11
C ARG A 56 15.68 -1.01 -0.05
N ASN A 57 14.56 -1.07 -0.76
CA ASN A 57 14.33 -0.18 -1.90
C ASN A 57 12.84 0.03 -2.13
N ILE A 58 12.51 0.78 -3.17
CA ILE A 58 11.11 1.07 -3.50
C ILE A 58 10.32 -0.22 -3.72
N LYS A 59 10.97 -1.22 -4.30
CA LYS A 59 10.33 -2.49 -4.57
C LYS A 59 9.93 -3.20 -3.27
N ILE A 60 10.94 -3.52 -2.46
CA ILE A 60 10.70 -4.19 -1.19
C ILE A 60 9.80 -3.36 -0.29
N ALA A 61 10.16 -2.10 -0.09
CA ALA A 61 9.39 -1.20 0.76
C ALA A 61 7.94 -1.15 0.31
N GLY A 62 7.73 -1.04 -0.99
CA GLY A 62 6.39 -0.98 -1.52
C GLY A 62 5.58 -2.22 -1.18
N ILE A 63 6.25 -3.37 -1.19
CA ILE A 63 5.59 -4.63 -0.86
C ILE A 63 5.32 -4.72 0.64
N ARG A 64 6.23 -4.19 1.43
CA ARG A 64 6.07 -4.20 2.88
C ARG A 64 4.93 -3.29 3.30
N ALA A 65 4.86 -2.12 2.67
CA ALA A 65 3.80 -1.16 2.98
C ALA A 65 2.44 -1.74 2.64
N ALA A 66 2.31 -2.29 1.45
CA ALA A 66 1.06 -2.89 1.01
C ALA A 66 0.70 -4.07 1.90
N GLU A 67 1.71 -4.86 2.25
CA GLU A 67 1.50 -6.01 3.12
C GLU A 67 0.98 -5.55 4.47
N ASN A 68 1.47 -4.41 4.93
CA ASN A 68 1.05 -3.84 6.20
C ASN A 68 -0.44 -3.49 6.14
N ALA A 69 -0.87 -3.05 4.96
CA ALA A 69 -2.26 -2.68 4.75
C ALA A 69 -3.12 -3.93 4.56
N LEU A 70 -2.51 -4.97 4.00
CA LEU A 70 -3.21 -6.23 3.78
C LEU A 70 -3.34 -7.02 5.07
N ARG A 71 -2.43 -6.78 6.01
CA ARG A 71 -2.44 -7.47 7.29
C ARG A 71 -3.79 -7.32 7.99
N ASP A 72 -4.24 -6.07 8.11
CA ASP A 72 -5.52 -5.79 8.76
C ASP A 72 -6.66 -6.44 8.01
N LYS A 73 -6.90 -7.72 8.30
CA LYS A 73 -7.97 -8.47 7.65
C LYS A 73 -9.32 -7.79 7.86
N LYS A 74 -9.52 -7.25 9.05
CA LYS A 74 -10.77 -6.56 9.38
C LYS A 74 -10.95 -5.34 8.49
N MET A 75 -9.99 -4.43 8.56
CA MET A 75 -10.04 -3.21 7.76
C MET A 75 -10.13 -3.55 6.27
N LEU A 76 -9.60 -4.71 5.90
CA LEU A 76 -9.64 -5.15 4.51
C LEU A 76 -11.03 -5.66 4.17
N ASP A 77 -11.65 -6.34 5.13
CA ASP A 77 -12.99 -6.88 4.94
C ASP A 77 -13.98 -5.74 4.72
N PHE A 78 -13.85 -4.69 5.52
CA PHE A 78 -14.74 -3.53 5.42
C PHE A 78 -14.69 -2.94 4.01
N TYR A 79 -13.51 -2.93 3.42
CA TYR A 79 -13.34 -2.40 2.07
C TYR A 79 -13.73 -3.44 1.04
N ALA A 80 -13.26 -4.66 1.25
CA ALA A 80 -13.57 -5.75 0.33
C ALA A 80 -15.07 -5.97 0.26
N LYS A 81 -15.78 -5.69 1.35
CA LYS A 81 -17.22 -5.86 1.38
C LYS A 81 -17.91 -4.64 0.77
N GLN A 82 -17.11 -3.64 0.38
CA GLN A 82 -17.63 -2.43 -0.22
C GLN A 82 -17.17 -2.34 -1.68
N ARG A 83 -15.87 -2.48 -1.91
CA ARG A 83 -15.33 -2.42 -3.26
C ARG A 83 -15.83 -3.60 -4.09
N ALA A 84 -15.91 -4.76 -3.46
CA ALA A 84 -16.36 -5.98 -4.13
C ALA A 84 -17.89 -6.06 -4.12
N ALA A 85 -18.52 -5.27 -3.27
CA ALA A 85 -19.97 -5.25 -3.17
C ALA A 85 -20.56 -4.10 -3.98
N ALA A 86 -19.77 -3.07 -4.21
CA ALA A 86 -20.21 -1.90 -4.97
C ALA A 86 -19.85 -2.05 -6.44
N LEU A 87 -18.75 -2.76 -6.71
CA LEU A 87 -18.29 -2.97 -8.07
C LEU A 87 -18.31 -4.45 -8.46
N GLY A 88 -18.87 -5.29 -7.58
CA GLY A 88 -18.93 -6.71 -7.85
C GLY A 88 -19.91 -7.04 -8.97
N MET A 1 8.10 -3.26 -14.95
CA MET A 1 6.78 -3.22 -14.27
C MET A 1 6.85 -3.84 -12.87
N ASP A 2 7.99 -4.43 -12.53
CA ASP A 2 8.16 -5.05 -11.22
C ASP A 2 9.35 -4.42 -10.49
N LYS A 3 9.06 -3.54 -9.54
CA LYS A 3 10.10 -2.88 -8.77
C LYS A 3 9.49 -1.92 -7.75
N LEU A 4 8.51 -2.42 -7.01
CA LEU A 4 7.84 -1.62 -6.00
C LEU A 4 6.82 -2.45 -5.24
N ASP A 5 5.87 -3.00 -5.98
CA ASP A 5 4.82 -3.84 -5.40
C ASP A 5 3.74 -4.15 -6.43
N MET A 6 4.16 -4.43 -7.67
CA MET A 6 3.22 -4.74 -8.74
C MET A 6 2.25 -5.84 -8.33
N ASN A 7 2.62 -6.65 -7.34
CA ASN A 7 1.77 -7.73 -6.87
C ASN A 7 0.98 -7.32 -5.64
N ALA A 8 1.69 -7.01 -4.57
CA ALA A 8 1.05 -6.59 -3.32
C ALA A 8 0.17 -5.37 -3.52
N LYS A 9 0.55 -4.52 -4.47
CA LYS A 9 -0.23 -3.32 -4.77
C LYS A 9 -1.51 -3.66 -5.51
N ARG A 10 -1.42 -4.60 -6.44
CA ARG A 10 -2.58 -5.02 -7.21
C ARG A 10 -3.60 -5.67 -6.29
N GLN A 11 -3.11 -6.28 -5.21
CA GLN A 11 -3.97 -6.93 -4.24
C GLN A 11 -4.91 -5.93 -3.58
N LEU A 12 -4.34 -4.87 -3.03
CA LEU A 12 -5.13 -3.83 -2.36
C LEU A 12 -6.12 -3.20 -3.34
N TYR A 13 -5.65 -2.89 -4.54
CA TYR A 13 -6.50 -2.27 -5.54
C TYR A 13 -7.58 -3.23 -6.01
N SER A 14 -7.31 -4.53 -5.90
CA SER A 14 -8.27 -5.55 -6.29
C SER A 14 -9.11 -6.02 -5.11
N LEU A 15 -8.80 -5.51 -3.91
CA LEU A 15 -9.54 -5.90 -2.72
C LEU A 15 -10.19 -4.70 -2.03
N ILE A 16 -9.72 -3.49 -2.33
CA ILE A 16 -10.28 -2.29 -1.71
C ILE A 16 -10.41 -1.13 -2.70
N GLY A 17 -9.47 -1.03 -3.64
CA GLY A 17 -9.52 0.04 -4.62
C GLY A 17 -10.73 -0.06 -5.53
N TYR A 18 -11.73 0.80 -5.28
CA TYR A 18 -12.94 0.80 -6.09
C TYR A 18 -12.92 1.95 -7.09
N ALA A 19 -12.30 3.07 -6.71
CA ALA A 19 -12.22 4.24 -7.58
C ALA A 19 -11.67 5.45 -6.83
N SER A 20 -12.52 6.07 -6.02
CA SER A 20 -12.12 7.24 -5.25
C SER A 20 -10.85 6.97 -4.45
N LEU A 21 -10.69 5.73 -4.00
CA LEU A 21 -9.51 5.34 -3.24
C LEU A 21 -8.31 5.14 -4.14
N ARG A 22 -7.74 6.24 -4.62
CA ARG A 22 -6.59 6.19 -5.51
C ARG A 22 -5.37 5.62 -4.78
N LEU A 23 -5.31 4.30 -4.67
CA LEU A 23 -4.21 3.63 -3.98
C LEU A 23 -2.87 4.05 -4.59
N HIS A 24 -2.13 4.87 -3.86
CA HIS A 24 -0.83 5.35 -4.32
C HIS A 24 0.22 5.15 -3.24
N TYR A 25 1.46 4.90 -3.65
CA TYR A 25 2.55 4.70 -2.70
C TYR A 25 3.56 5.84 -2.78
N VAL A 26 3.81 6.47 -1.64
CA VAL A 26 4.75 7.57 -1.57
C VAL A 26 5.86 7.29 -0.56
N THR A 27 7.09 7.16 -1.07
CA THR A 27 8.24 6.89 -0.21
C THR A 27 8.64 8.14 0.57
N VAL A 28 9.18 7.95 1.76
CA VAL A 28 9.60 9.07 2.60
C VAL A 28 11.09 9.01 2.94
N LYS A 29 11.63 7.80 2.99
CA LYS A 29 13.04 7.61 3.31
C LYS A 29 13.79 6.96 2.15
N LYS A 30 14.75 7.68 1.60
CA LYS A 30 15.54 7.16 0.49
C LYS A 30 17.01 7.01 0.90
N PRO A 31 17.77 6.16 0.17
CA PRO A 31 19.19 5.93 0.46
C PRO A 31 20.01 7.21 0.32
N THR A 32 20.61 7.65 1.43
CA THR A 32 21.43 8.85 1.44
C THR A 32 22.60 8.70 2.40
N ALA A 33 23.21 9.82 2.76
CA ALA A 33 24.37 9.82 3.67
C ALA A 33 24.10 8.94 4.89
N VAL A 34 22.89 9.00 5.41
CA VAL A 34 22.51 8.21 6.57
C VAL A 34 21.93 6.86 6.15
N ASP A 35 21.20 6.87 5.03
CA ASP A 35 20.60 5.64 4.51
C ASP A 35 19.88 4.86 5.61
N PRO A 36 18.89 5.47 6.27
CA PRO A 36 18.14 4.80 7.33
C PRO A 36 17.47 3.52 6.84
N ASN A 37 16.64 3.67 5.81
CA ASN A 37 15.94 2.53 5.22
C ASN A 37 14.95 3.02 4.16
N SER A 38 14.42 2.08 3.38
CA SER A 38 13.46 2.42 2.34
C SER A 38 12.05 2.37 2.92
N ILE A 39 11.59 3.50 3.44
CA ILE A 39 10.27 3.57 4.03
C ILE A 39 9.23 4.08 3.04
N VAL A 40 8.14 3.33 2.92
CA VAL A 40 7.07 3.70 2.00
C VAL A 40 5.72 3.62 2.72
N GLU A 41 4.82 4.53 2.36
CA GLU A 41 3.50 4.58 2.96
C GLU A 41 2.40 4.67 1.90
N CYS A 42 1.51 3.68 1.91
CA CYS A 42 0.41 3.64 0.96
C CYS A 42 -0.70 4.60 1.39
N ARG A 43 -0.92 5.63 0.58
CA ARG A 43 -1.96 6.61 0.88
C ARG A 43 -3.14 6.44 -0.05
N VAL A 44 -4.34 6.64 0.50
CA VAL A 44 -5.56 6.49 -0.29
C VAL A 44 -6.00 7.84 -0.87
N GLY A 45 -6.93 7.79 -1.82
CA GLY A 45 -7.42 9.01 -2.44
C GLY A 45 -8.28 9.83 -1.49
N ASP A 46 -7.66 10.37 -0.45
CA ASP A 46 -8.37 11.18 0.53
C ASP A 46 -7.40 11.85 1.49
N GLY A 47 -6.39 11.09 1.93
CA GLY A 47 -5.41 11.63 2.84
C GLY A 47 -5.25 10.78 4.09
N THR A 48 -5.12 9.47 3.90
CA THR A 48 -4.96 8.55 5.02
C THR A 48 -4.16 7.31 4.60
N VAL A 49 -3.04 7.08 5.27
CA VAL A 49 -2.19 5.93 4.97
C VAL A 49 -2.79 4.66 5.52
N LEU A 50 -3.07 3.71 4.64
CA LEU A 50 -3.66 2.43 5.03
C LEU A 50 -2.59 1.37 5.20
N GLY A 51 -1.43 1.58 4.57
CA GLY A 51 -0.36 0.60 4.66
C GLY A 51 1.01 1.25 4.73
N THR A 52 1.71 1.04 5.85
CA THR A 52 3.03 1.58 6.04
C THR A 52 4.05 0.47 6.29
N GLY A 53 5.08 0.41 5.45
CA GLY A 53 6.09 -0.63 5.61
C GLY A 53 7.43 -0.22 5.02
N VAL A 54 8.50 -0.55 5.73
CA VAL A 54 9.85 -0.22 5.27
C VAL A 54 10.42 -1.32 4.39
N GLY A 55 11.64 -1.10 3.94
CA GLY A 55 12.30 -2.08 3.09
C GLY A 55 13.70 -1.65 2.71
N ARG A 56 14.45 -2.58 2.10
CA ARG A 56 15.81 -2.29 1.69
C ARG A 56 15.82 -1.39 0.46
N ASN A 57 14.75 -1.44 -0.32
CA ASN A 57 14.63 -0.60 -1.51
C ASN A 57 13.15 -0.34 -1.83
N ILE A 58 12.91 0.34 -2.95
CA ILE A 58 11.56 0.66 -3.37
C ILE A 58 10.73 -0.61 -3.60
N LYS A 59 11.39 -1.67 -4.04
CA LYS A 59 10.72 -2.94 -4.31
C LYS A 59 10.21 -3.57 -3.02
N ILE A 60 11.12 -3.77 -2.07
CA ILE A 60 10.78 -4.39 -0.80
C ILE A 60 9.82 -3.50 0.00
N ALA A 61 10.21 -2.26 0.21
CA ALA A 61 9.39 -1.31 0.98
C ALA A 61 7.96 -1.27 0.44
N GLY A 62 7.84 -1.12 -0.88
CA GLY A 62 6.53 -1.06 -1.50
C GLY A 62 5.71 -2.30 -1.20
N ILE A 63 6.37 -3.46 -1.20
CA ILE A 63 5.70 -4.72 -0.93
C ILE A 63 5.37 -4.84 0.55
N ARG A 64 6.23 -4.29 1.39
CA ARG A 64 6.04 -4.33 2.83
C ARG A 64 4.87 -3.45 3.23
N ALA A 65 4.76 -2.28 2.60
CA ALA A 65 3.68 -1.35 2.89
C ALA A 65 2.32 -1.96 2.54
N ALA A 66 2.23 -2.52 1.34
CA ALA A 66 1.00 -3.15 0.88
C ALA A 66 0.62 -4.30 1.81
N GLU A 67 1.64 -5.02 2.27
CA GLU A 67 1.42 -6.14 3.17
C GLU A 67 0.85 -5.65 4.49
N ASN A 68 1.33 -4.49 4.94
CA ASN A 68 0.86 -3.89 6.18
C ASN A 68 -0.60 -3.51 6.06
N ALA A 69 -1.02 -3.16 4.84
CA ALA A 69 -2.40 -2.79 4.59
C ALA A 69 -3.29 -4.02 4.52
N LEU A 70 -2.71 -5.15 4.11
CA LEU A 70 -3.46 -6.39 4.00
C LEU A 70 -3.67 -7.01 5.38
N ARG A 71 -2.73 -6.75 6.29
CA ARG A 71 -2.81 -7.26 7.65
C ARG A 71 -4.11 -6.86 8.32
N ASP A 72 -4.53 -5.62 8.09
CA ASP A 72 -5.77 -5.11 8.67
C ASP A 72 -6.98 -5.79 8.04
N LYS A 73 -7.18 -7.05 8.40
CA LYS A 73 -8.31 -7.82 7.88
C LYS A 73 -9.63 -7.10 8.10
N LYS A 74 -9.73 -6.38 9.21
CA LYS A 74 -10.95 -5.64 9.54
C LYS A 74 -11.13 -4.49 8.56
N MET A 75 -10.11 -3.64 8.46
CA MET A 75 -10.15 -2.50 7.56
C MET A 75 -10.28 -2.97 6.12
N LEU A 76 -9.73 -4.14 5.83
CA LEU A 76 -9.80 -4.69 4.48
C LEU A 76 -11.22 -5.18 4.18
N ASP A 77 -11.83 -5.83 5.17
CA ASP A 77 -13.18 -6.34 5.02
C ASP A 77 -14.15 -5.21 4.76
N PHE A 78 -13.89 -4.06 5.38
CA PHE A 78 -14.73 -2.89 5.20
C PHE A 78 -14.71 -2.40 3.76
N TYR A 79 -13.55 -2.52 3.13
CA TYR A 79 -13.39 -2.11 1.73
C TYR A 79 -13.83 -3.21 0.80
N ALA A 80 -13.39 -4.44 1.08
CA ALA A 80 -13.76 -5.58 0.27
C ALA A 80 -15.28 -5.70 0.19
N LYS A 81 -15.95 -5.26 1.24
CA LYS A 81 -17.41 -5.29 1.30
C LYS A 81 -18.00 -4.06 0.61
N GLN A 82 -17.12 -3.19 0.11
CA GLN A 82 -17.54 -1.98 -0.58
C GLN A 82 -17.13 -2.03 -2.03
N ARG A 83 -15.85 -2.32 -2.26
CA ARG A 83 -15.33 -2.40 -3.63
C ARG A 83 -15.91 -3.60 -4.36
N ALA A 84 -16.18 -4.66 -3.61
CA ALA A 84 -16.76 -5.87 -4.19
C ALA A 84 -18.28 -5.79 -4.19
N ALA A 85 -18.82 -5.00 -3.27
CA ALA A 85 -20.26 -4.82 -3.15
C ALA A 85 -20.74 -3.68 -4.05
N ALA A 86 -19.84 -2.76 -4.37
CA ALA A 86 -20.17 -1.62 -5.22
C ALA A 86 -20.13 -2.01 -6.69
N LEU A 87 -18.93 -2.16 -7.21
CA LEU A 87 -18.73 -2.52 -8.61
C LEU A 87 -19.43 -3.84 -8.93
N GLY A 88 -19.15 -4.87 -8.13
CA GLY A 88 -19.76 -6.16 -8.34
C GLY A 88 -18.79 -7.17 -8.92
N MET A 1 14.14 -5.95 -9.84
CA MET A 1 13.60 -6.75 -10.97
C MET A 1 12.09 -6.51 -11.14
N ASP A 2 11.42 -6.25 -10.03
CA ASP A 2 9.97 -6.00 -10.06
C ASP A 2 9.67 -4.54 -9.78
N LYS A 3 8.40 -4.25 -9.53
CA LYS A 3 7.98 -2.88 -9.23
C LYS A 3 6.48 -2.83 -8.91
N LEU A 4 6.03 -1.67 -8.45
CA LEU A 4 4.62 -1.50 -8.11
C LEU A 4 4.20 -2.45 -7.00
N ASP A 5 5.10 -2.66 -6.03
CA ASP A 5 4.83 -3.55 -4.91
C ASP A 5 4.38 -4.92 -5.41
N MET A 6 5.16 -5.49 -6.34
CA MET A 6 4.87 -6.79 -6.92
C MET A 6 3.37 -7.03 -7.11
N ASN A 7 2.72 -7.63 -6.12
CA ASN A 7 1.29 -7.90 -6.19
C ASN A 7 0.54 -7.26 -5.02
N ALA A 8 1.26 -6.91 -3.96
CA ALA A 8 0.65 -6.30 -2.79
C ALA A 8 -0.14 -5.05 -3.16
N LYS A 9 0.42 -4.24 -4.05
CA LYS A 9 -0.24 -3.01 -4.48
C LYS A 9 -1.49 -3.34 -5.28
N ARG A 10 -1.34 -4.23 -6.26
CA ARG A 10 -2.46 -4.64 -7.09
C ARG A 10 -3.50 -5.38 -6.28
N GLN A 11 -3.04 -6.07 -5.23
CA GLN A 11 -3.94 -6.82 -4.36
C GLN A 11 -4.81 -5.88 -3.54
N LEU A 12 -4.19 -4.82 -3.03
CA LEU A 12 -4.92 -3.84 -2.22
C LEU A 12 -5.92 -3.07 -3.08
N TYR A 13 -5.49 -2.66 -4.26
CA TYR A 13 -6.35 -1.92 -5.17
C TYR A 13 -7.48 -2.80 -5.69
N SER A 14 -7.24 -4.10 -5.75
CA SER A 14 -8.23 -5.04 -6.23
C SER A 14 -9.13 -5.54 -5.09
N LEU A 15 -8.72 -5.29 -3.85
CA LEU A 15 -9.49 -5.72 -2.70
C LEU A 15 -10.14 -4.54 -1.97
N ILE A 16 -9.57 -3.35 -2.12
CA ILE A 16 -10.10 -2.17 -1.45
C ILE A 16 -10.13 -0.94 -2.35
N GLY A 17 -9.18 -0.85 -3.27
CA GLY A 17 -9.14 0.29 -4.17
C GLY A 17 -10.28 0.29 -5.17
N TYR A 18 -11.26 1.15 -4.94
CA TYR A 18 -12.42 1.24 -5.84
C TYR A 18 -12.39 2.54 -6.63
N ALA A 19 -12.00 3.63 -5.98
CA ALA A 19 -11.94 4.93 -6.64
C ALA A 19 -11.55 6.02 -5.64
N SER A 20 -12.48 6.37 -4.75
CA SER A 20 -12.23 7.41 -3.75
C SER A 20 -10.94 7.14 -2.99
N LEU A 21 -10.61 5.86 -2.83
CA LEU A 21 -9.40 5.46 -2.12
C LEU A 21 -8.21 5.39 -3.07
N ARG A 22 -7.67 6.56 -3.41
CA ARG A 22 -6.53 6.63 -4.32
C ARG A 22 -5.30 5.96 -3.70
N LEU A 23 -5.25 4.65 -3.79
CA LEU A 23 -4.13 3.88 -3.24
C LEU A 23 -2.81 4.34 -3.85
N HIS A 24 -2.04 5.10 -3.08
CA HIS A 24 -0.75 5.60 -3.54
C HIS A 24 0.31 5.38 -2.47
N TYR A 25 1.53 5.08 -2.92
CA TYR A 25 2.64 4.84 -2.00
C TYR A 25 3.66 5.97 -2.07
N VAL A 26 3.95 6.56 -0.93
CA VAL A 26 4.91 7.65 -0.85
C VAL A 26 6.06 7.32 0.10
N THR A 27 7.28 7.40 -0.43
CA THR A 27 8.47 7.12 0.37
C THR A 27 8.90 8.36 1.15
N VAL A 28 9.16 8.20 2.43
CA VAL A 28 9.57 9.31 3.28
C VAL A 28 11.08 9.32 3.54
N LYS A 29 11.74 8.19 3.25
CA LYS A 29 13.17 8.10 3.46
C LYS A 29 13.89 7.73 2.17
N LYS A 30 13.80 6.47 1.78
CA LYS A 30 14.45 5.99 0.55
C LYS A 30 15.97 6.07 0.70
N PRO A 31 16.70 5.05 0.21
CA PRO A 31 18.16 5.01 0.29
C PRO A 31 18.81 6.23 -0.36
N THR A 32 19.49 7.03 0.45
CA THR A 32 20.15 8.23 -0.04
C THR A 32 21.23 8.70 0.94
N ALA A 33 22.03 7.75 1.42
CA ALA A 33 23.09 8.06 2.36
C ALA A 33 22.54 8.47 3.72
N VAL A 34 21.92 9.63 3.76
CA VAL A 34 21.33 10.15 5.00
C VAL A 34 20.28 9.20 5.54
N ASP A 35 19.52 8.58 4.64
CA ASP A 35 18.47 7.65 5.03
C ASP A 35 19.04 6.25 5.27
N PRO A 36 18.50 5.53 6.27
CA PRO A 36 18.95 4.18 6.59
C PRO A 36 18.39 3.12 5.64
N ASN A 37 17.10 3.22 5.36
CA ASN A 37 16.44 2.28 4.46
C ASN A 37 15.36 2.97 3.63
N SER A 38 14.56 2.19 2.92
CA SER A 38 13.49 2.72 2.10
C SER A 38 12.16 2.62 2.82
N ILE A 39 11.79 3.68 3.53
CA ILE A 39 10.54 3.71 4.27
C ILE A 39 9.41 4.28 3.40
N VAL A 40 8.33 3.51 3.27
CA VAL A 40 7.20 3.93 2.46
C VAL A 40 5.90 3.79 3.25
N GLU A 41 4.91 4.62 2.90
CA GLU A 41 3.61 4.59 3.57
C GLU A 41 2.48 4.74 2.55
N CYS A 42 1.62 3.73 2.49
CA CYS A 42 0.49 3.75 1.57
C CYS A 42 -0.58 4.73 2.06
N ARG A 43 -0.75 5.82 1.31
CA ARG A 43 -1.74 6.83 1.68
C ARG A 43 -2.93 6.77 0.73
N VAL A 44 -4.12 6.94 1.27
CA VAL A 44 -5.34 6.90 0.47
C VAL A 44 -5.71 8.29 -0.03
N GLY A 45 -6.63 8.34 -0.99
CA GLY A 45 -7.04 9.62 -1.54
C GLY A 45 -7.84 10.44 -0.56
N ASP A 46 -7.16 10.97 0.47
CA ASP A 46 -7.82 11.77 1.49
C ASP A 46 -6.81 12.29 2.51
N GLY A 47 -5.86 11.43 2.87
CA GLY A 47 -4.84 11.81 3.83
C GLY A 47 -4.79 10.88 5.03
N THR A 48 -4.80 9.58 4.75
CA THR A 48 -4.75 8.58 5.80
C THR A 48 -3.97 7.35 5.35
N VAL A 49 -2.85 7.09 6.02
CA VAL A 49 -2.02 5.94 5.69
C VAL A 49 -2.68 4.63 6.12
N LEU A 50 -2.99 3.79 5.14
CA LEU A 50 -3.62 2.51 5.41
C LEU A 50 -2.58 1.41 5.66
N GLY A 51 -1.37 1.64 5.17
CA GLY A 51 -0.32 0.64 5.35
C GLY A 51 1.07 1.25 5.31
N THR A 52 1.84 1.00 6.37
CA THR A 52 3.21 1.51 6.46
C THR A 52 4.21 0.37 6.55
N GLY A 53 5.39 0.56 5.97
CA GLY A 53 6.41 -0.46 6.01
C GLY A 53 7.69 -0.04 5.31
N VAL A 54 8.83 -0.46 5.87
CA VAL A 54 10.12 -0.13 5.30
C VAL A 54 10.61 -1.20 4.34
N GLY A 55 11.79 -0.98 3.80
CA GLY A 55 12.37 -1.93 2.87
C GLY A 55 13.70 -1.45 2.31
N ARG A 56 14.37 -2.32 1.55
CA ARG A 56 15.65 -1.98 0.96
C ARG A 56 15.46 -1.07 -0.25
N ASN A 57 14.35 -1.26 -0.97
CA ASN A 57 14.06 -0.45 -2.15
C ASN A 57 12.56 -0.19 -2.25
N ILE A 58 12.20 0.82 -3.04
CA ILE A 58 10.80 1.18 -3.23
C ILE A 58 9.94 -0.05 -3.53
N LYS A 59 10.54 -1.06 -4.14
CA LYS A 59 9.83 -2.29 -4.47
C LYS A 59 9.54 -3.10 -3.21
N ILE A 60 10.58 -3.34 -2.42
CA ILE A 60 10.44 -4.09 -1.18
C ILE A 60 9.57 -3.35 -0.19
N ALA A 61 9.95 -2.11 0.10
CA ALA A 61 9.21 -1.28 1.05
C ALA A 61 7.72 -1.26 0.71
N GLY A 62 7.43 -1.17 -0.59
CA GLY A 62 6.04 -1.15 -1.03
C GLY A 62 5.31 -2.42 -0.65
N ILE A 63 5.95 -3.56 -0.87
CA ILE A 63 5.36 -4.85 -0.53
C ILE A 63 5.17 -4.99 0.98
N ARG A 64 6.07 -4.36 1.74
CA ARG A 64 5.99 -4.41 3.18
C ARG A 64 4.87 -3.52 3.71
N ALA A 65 4.84 -2.29 3.22
CA ALA A 65 3.81 -1.34 3.63
C ALA A 65 2.43 -1.83 3.19
N ALA A 66 2.37 -2.38 1.98
CA ALA A 66 1.13 -2.91 1.46
C ALA A 66 0.62 -4.05 2.32
N GLU A 67 1.54 -4.87 2.79
CA GLU A 67 1.19 -6.00 3.64
C GLU A 67 0.60 -5.50 4.96
N ASN A 68 1.14 -4.39 5.46
CA ASN A 68 0.66 -3.80 6.69
C ASN A 68 -0.77 -3.33 6.51
N ALA A 69 -1.10 -2.90 5.30
CA ALA A 69 -2.44 -2.44 4.98
C ALA A 69 -3.40 -3.61 4.84
N LEU A 70 -2.89 -4.73 4.33
CA LEU A 70 -3.70 -5.92 4.14
C LEU A 70 -3.82 -6.71 5.44
N ARG A 71 -2.85 -6.54 6.33
CA ARG A 71 -2.84 -7.24 7.61
C ARG A 71 -4.17 -7.06 8.34
N ASP A 72 -4.73 -5.86 8.24
CA ASP A 72 -6.00 -5.56 8.88
C ASP A 72 -7.15 -6.27 8.18
N LYS A 73 -7.33 -7.55 8.51
CA LYS A 73 -8.39 -8.36 7.92
C LYS A 73 -9.75 -7.73 8.14
N LYS A 74 -9.86 -6.89 9.16
CA LYS A 74 -11.11 -6.22 9.48
C LYS A 74 -11.29 -5.02 8.56
N MET A 75 -10.28 -4.18 8.51
CA MET A 75 -10.30 -2.99 7.66
C MET A 75 -10.38 -3.41 6.20
N LEU A 76 -9.91 -4.61 5.90
CA LEU A 76 -9.94 -5.14 4.54
C LEU A 76 -11.35 -5.62 4.19
N ASP A 77 -12.01 -6.24 5.17
CA ASP A 77 -13.36 -6.74 4.98
C ASP A 77 -14.33 -5.59 4.71
N PHE A 78 -14.07 -4.45 5.35
CA PHE A 78 -14.91 -3.27 5.19
C PHE A 78 -14.80 -2.72 3.77
N TYR A 79 -13.59 -2.74 3.22
CA TYR A 79 -13.35 -2.25 1.87
C TYR A 79 -13.71 -3.33 0.86
N ALA A 80 -13.30 -4.56 1.14
CA ALA A 80 -13.61 -5.67 0.25
C ALA A 80 -15.11 -5.77 0.00
N LYS A 81 -15.90 -5.34 1.00
CA LYS A 81 -17.34 -5.38 0.88
C LYS A 81 -17.86 -4.11 0.20
N GLN A 82 -16.95 -3.20 -0.12
CA GLN A 82 -17.30 -1.97 -0.79
C GLN A 82 -16.72 -1.94 -2.20
N ARG A 83 -15.45 -2.31 -2.31
CA ARG A 83 -14.78 -2.35 -3.60
C ARG A 83 -15.39 -3.44 -4.48
N ALA A 84 -15.50 -4.64 -3.92
CA ALA A 84 -16.07 -5.77 -4.64
C ALA A 84 -17.59 -5.62 -4.79
N ALA A 85 -18.20 -4.86 -3.88
CA ALA A 85 -19.63 -4.64 -3.91
C ALA A 85 -20.00 -3.43 -4.76
N ALA A 86 -19.06 -2.50 -4.92
CA ALA A 86 -19.30 -1.30 -5.72
C ALA A 86 -19.02 -1.55 -7.19
N LEU A 87 -17.97 -2.31 -7.47
CA LEU A 87 -17.59 -2.63 -8.85
C LEU A 87 -18.71 -3.39 -9.55
N GLY A 88 -19.48 -4.15 -8.78
CA GLY A 88 -20.56 -4.91 -9.36
C GLY A 88 -21.16 -5.92 -8.38
N MET A 1 11.79 -10.62 -10.95
CA MET A 1 11.89 -9.35 -10.18
C MET A 1 10.59 -8.56 -10.24
N ASP A 2 10.30 -7.84 -9.16
CA ASP A 2 9.08 -7.04 -9.08
C ASP A 2 9.39 -5.61 -8.70
N LYS A 3 8.56 -4.68 -9.16
CA LYS A 3 8.76 -3.26 -8.86
C LYS A 3 7.42 -2.53 -8.75
N LEU A 4 7.48 -1.26 -8.37
CA LEU A 4 6.28 -0.42 -8.23
C LEU A 4 5.10 -1.20 -7.64
N ASP A 5 5.41 -2.16 -6.76
CA ASP A 5 4.37 -2.96 -6.12
C ASP A 5 3.36 -3.48 -7.15
N MET A 6 3.87 -4.18 -8.17
CA MET A 6 3.01 -4.72 -9.22
C MET A 6 1.97 -5.69 -8.65
N ASN A 7 2.22 -6.19 -7.44
CA ASN A 7 1.31 -7.14 -6.81
C ASN A 7 0.63 -6.54 -5.59
N ALA A 8 1.43 -6.22 -4.57
CA ALA A 8 0.91 -5.66 -3.33
C ALA A 8 -0.02 -4.48 -3.59
N LYS A 9 0.35 -3.62 -4.53
CA LYS A 9 -0.46 -2.46 -4.87
C LYS A 9 -1.73 -2.90 -5.59
N ARG A 10 -1.58 -3.87 -6.49
CA ARG A 10 -2.72 -4.38 -7.24
C ARG A 10 -3.68 -5.10 -6.31
N GLN A 11 -3.13 -5.70 -5.27
CA GLN A 11 -3.93 -6.41 -4.28
C GLN A 11 -4.82 -5.45 -3.52
N LEU A 12 -4.21 -4.40 -2.95
CA LEU A 12 -4.94 -3.40 -2.19
C LEU A 12 -6.02 -2.75 -3.05
N TYR A 13 -5.69 -2.49 -4.31
CA TYR A 13 -6.64 -1.86 -5.23
C TYR A 13 -7.71 -2.85 -5.68
N SER A 14 -7.34 -4.13 -5.70
CA SER A 14 -8.27 -5.18 -6.10
C SER A 14 -9.02 -5.76 -4.91
N LEU A 15 -8.69 -5.30 -3.71
CA LEU A 15 -9.35 -5.79 -2.51
C LEU A 15 -10.06 -4.68 -1.74
N ILE A 16 -9.68 -3.43 -1.97
CA ILE A 16 -10.32 -2.32 -1.28
C ILE A 16 -10.47 -1.08 -2.15
N GLY A 17 -9.47 -0.81 -2.99
CA GLY A 17 -9.52 0.35 -3.85
C GLY A 17 -10.65 0.27 -4.86
N TYR A 18 -11.73 0.99 -4.60
CA TYR A 18 -12.88 0.98 -5.52
C TYR A 18 -12.72 2.08 -6.56
N ALA A 19 -13.15 3.30 -6.22
CA ALA A 19 -13.07 4.43 -7.13
C ALA A 19 -12.50 5.66 -6.41
N SER A 20 -12.99 5.91 -5.21
CA SER A 20 -12.52 7.06 -4.42
C SER A 20 -11.23 6.73 -3.68
N LEU A 21 -11.04 5.46 -3.35
CA LEU A 21 -9.84 5.02 -2.65
C LEU A 21 -8.59 5.27 -3.50
N ARG A 22 -8.09 6.49 -3.46
CA ARG A 22 -6.91 6.86 -4.21
C ARG A 22 -5.66 6.19 -3.63
N LEU A 23 -5.62 4.86 -3.71
CA LEU A 23 -4.49 4.11 -3.18
C LEU A 23 -3.19 4.52 -3.86
N HIS A 24 -2.43 5.39 -3.21
CA HIS A 24 -1.16 5.86 -3.75
C HIS A 24 -0.03 5.69 -2.73
N TYR A 25 1.15 5.36 -3.22
CA TYR A 25 2.30 5.16 -2.36
C TYR A 25 3.31 6.30 -2.49
N VAL A 26 3.68 6.88 -1.36
CA VAL A 26 4.62 7.98 -1.34
C VAL A 26 5.87 7.60 -0.54
N THR A 27 7.00 7.52 -1.23
CA THR A 27 8.26 7.17 -0.59
C THR A 27 8.93 8.41 0.02
N VAL A 28 9.32 8.31 1.27
CA VAL A 28 9.96 9.42 1.97
C VAL A 28 11.47 9.24 2.05
N LYS A 29 11.90 8.27 2.84
CA LYS A 29 13.32 7.98 3.01
C LYS A 29 13.84 7.04 1.94
N LYS A 30 15.15 6.84 1.93
CA LYS A 30 15.79 5.96 0.95
C LYS A 30 17.24 5.71 1.34
N PRO A 31 17.68 4.43 1.35
CA PRO A 31 19.06 4.08 1.70
C PRO A 31 20.09 4.94 0.98
N THR A 32 20.86 5.70 1.76
CA THR A 32 21.89 6.57 1.21
C THR A 32 22.91 6.94 2.27
N ALA A 33 23.45 5.92 2.94
CA ALA A 33 24.45 6.13 3.98
C ALA A 33 23.81 6.73 5.23
N VAL A 34 23.30 7.94 5.10
CA VAL A 34 22.67 8.63 6.22
C VAL A 34 21.26 8.11 6.48
N ASP A 35 20.57 7.71 5.41
CA ASP A 35 19.22 7.18 5.52
C ASP A 35 19.24 5.69 5.88
N PRO A 36 18.67 5.34 7.04
CA PRO A 36 18.62 3.94 7.50
C PRO A 36 18.11 2.99 6.40
N ASN A 37 16.88 3.21 5.96
CA ASN A 37 16.29 2.37 4.93
C ASN A 37 15.28 3.15 4.09
N SER A 38 14.49 2.44 3.30
CA SER A 38 13.50 3.07 2.44
C SER A 38 12.10 2.93 3.04
N ILE A 39 11.62 3.98 3.68
CA ILE A 39 10.30 3.96 4.31
C ILE A 39 9.23 4.51 3.35
N VAL A 40 8.21 3.70 3.11
CA VAL A 40 7.12 4.09 2.23
C VAL A 40 5.79 4.05 2.97
N GLU A 41 4.86 4.91 2.55
CA GLU A 41 3.54 4.98 3.18
C GLU A 41 2.43 5.04 2.14
N CYS A 42 1.46 4.15 2.28
CA CYS A 42 0.33 4.10 1.35
C CYS A 42 -0.78 5.03 1.83
N ARG A 43 -1.00 6.11 1.09
CA ARG A 43 -2.03 7.07 1.45
C ARG A 43 -3.18 7.03 0.45
N VAL A 44 -4.40 7.15 0.95
CA VAL A 44 -5.58 7.12 0.11
C VAL A 44 -6.45 8.35 0.32
N GLY A 45 -7.42 8.55 -0.56
CA GLY A 45 -8.31 9.69 -0.45
C GLY A 45 -7.56 11.01 -0.49
N ASP A 46 -7.80 11.85 0.50
CA ASP A 46 -7.15 13.16 0.58
C ASP A 46 -5.77 13.05 1.22
N GLY A 47 -5.69 12.23 2.27
CA GLY A 47 -4.42 12.04 2.96
C GLY A 47 -4.54 11.12 4.15
N THR A 48 -4.96 9.88 3.89
CA THR A 48 -5.12 8.90 4.95
C THR A 48 -4.25 7.67 4.67
N VAL A 49 -3.24 7.46 5.51
CA VAL A 49 -2.33 6.33 5.36
C VAL A 49 -2.97 5.05 5.91
N LEU A 50 -3.11 4.05 5.03
CA LEU A 50 -3.71 2.79 5.42
C LEU A 50 -2.65 1.68 5.50
N GLY A 51 -1.51 1.90 4.84
CA GLY A 51 -0.45 0.90 4.86
C GLY A 51 0.94 1.52 4.85
N THR A 52 1.63 1.39 5.98
CA THR A 52 2.99 1.93 6.10
C THR A 52 3.99 0.81 6.36
N GLY A 53 5.11 0.84 5.64
CA GLY A 53 6.12 -0.17 5.82
C GLY A 53 7.44 0.20 5.18
N VAL A 54 8.55 -0.19 5.81
CA VAL A 54 9.87 0.10 5.30
C VAL A 54 10.34 -0.96 4.31
N GLY A 55 11.53 -0.74 3.78
CA GLY A 55 12.10 -1.67 2.83
C GLY A 55 13.46 -1.24 2.33
N ARG A 56 14.16 -2.15 1.64
CA ARG A 56 15.48 -1.85 1.11
C ARG A 56 15.40 -0.88 -0.07
N ASN A 57 14.26 -0.89 -0.75
CA ASN A 57 14.06 -0.02 -1.90
C ASN A 57 12.58 0.29 -2.09
N ILE A 58 12.28 1.35 -2.84
CA ILE A 58 10.90 1.74 -3.10
C ILE A 58 10.04 0.54 -3.49
N LYS A 59 10.65 -0.42 -4.18
CA LYS A 59 9.94 -1.62 -4.61
C LYS A 59 9.62 -2.51 -3.42
N ILE A 60 10.65 -2.80 -2.63
CA ILE A 60 10.49 -3.66 -1.46
C ILE A 60 9.62 -2.97 -0.41
N ALA A 61 10.03 -1.76 -0.03
CA ALA A 61 9.30 -0.99 0.96
C ALA A 61 7.83 -0.87 0.60
N GLY A 62 7.56 -0.78 -0.70
CA GLY A 62 6.19 -0.68 -1.17
C GLY A 62 5.40 -1.95 -0.93
N ILE A 63 6.06 -3.08 -1.17
CA ILE A 63 5.43 -4.38 -0.97
C ILE A 63 5.20 -4.65 0.51
N ARG A 64 6.12 -4.17 1.34
CA ARG A 64 6.02 -4.36 2.78
C ARG A 64 4.91 -3.48 3.35
N ALA A 65 4.90 -2.22 2.95
CA ALA A 65 3.89 -1.28 3.41
C ALA A 65 2.50 -1.72 2.94
N ALA A 66 2.43 -2.13 1.69
CA ALA A 66 1.17 -2.60 1.12
C ALA A 66 0.65 -3.81 1.87
N GLU A 67 1.57 -4.69 2.25
CA GLU A 67 1.20 -5.89 2.99
C GLU A 67 0.63 -5.51 4.34
N ASN A 68 1.20 -4.48 4.95
CA ASN A 68 0.74 -4.00 6.25
C ASN A 68 -0.70 -3.51 6.14
N ALA A 69 -1.03 -2.95 4.98
CA ALA A 69 -2.37 -2.44 4.73
C ALA A 69 -3.36 -3.59 4.56
N LEU A 70 -2.88 -4.69 3.99
CA LEU A 70 -3.72 -5.86 3.77
C LEU A 70 -3.81 -6.72 5.03
N ARG A 71 -2.86 -6.53 5.94
CA ARG A 71 -2.84 -7.29 7.19
C ARG A 71 -4.15 -7.13 7.96
N ASP A 72 -4.66 -5.90 8.00
CA ASP A 72 -5.90 -5.61 8.69
C ASP A 72 -7.07 -6.34 8.04
N LYS A 73 -7.23 -7.62 8.38
CA LYS A 73 -8.31 -8.43 7.83
C LYS A 73 -9.67 -7.77 8.06
N LYS A 74 -9.82 -7.15 9.21
CA LYS A 74 -11.08 -6.48 9.56
C LYS A 74 -11.30 -5.28 8.65
N MET A 75 -10.32 -4.40 8.62
CA MET A 75 -10.39 -3.20 7.79
C MET A 75 -10.48 -3.58 6.32
N LEU A 76 -9.85 -4.70 5.96
CA LEU A 76 -9.88 -5.18 4.58
C LEU A 76 -11.27 -5.70 4.21
N ASP A 77 -11.97 -6.25 5.19
CA ASP A 77 -13.31 -6.77 4.97
C ASP A 77 -14.29 -5.64 4.68
N PHE A 78 -14.20 -4.58 5.45
CA PHE A 78 -15.07 -3.42 5.27
C PHE A 78 -15.01 -2.90 3.85
N TYR A 79 -13.81 -2.89 3.28
CA TYR A 79 -13.60 -2.42 1.92
C TYR A 79 -13.95 -3.52 0.93
N ALA A 80 -13.49 -4.73 1.22
CA ALA A 80 -13.75 -5.87 0.37
C ALA A 80 -15.25 -6.07 0.20
N LYS A 81 -16.01 -5.71 1.23
CA LYS A 81 -17.46 -5.83 1.19
C LYS A 81 -18.08 -4.64 0.47
N GLN A 82 -17.23 -3.69 0.06
CA GLN A 82 -17.67 -2.51 -0.66
C GLN A 82 -17.15 -2.51 -2.08
N ARG A 83 -15.84 -2.69 -2.23
CA ARG A 83 -15.23 -2.73 -3.55
C ARG A 83 -15.67 -3.96 -4.33
N ALA A 84 -15.81 -5.08 -3.62
CA ALA A 84 -16.23 -6.33 -4.24
C ALA A 84 -17.74 -6.37 -4.38
N ALA A 85 -18.43 -5.66 -3.49
CA ALA A 85 -19.89 -5.60 -3.51
C ALA A 85 -20.38 -4.55 -4.50
N ALA A 86 -19.54 -3.55 -4.77
CA ALA A 86 -19.89 -2.49 -5.71
C ALA A 86 -19.60 -2.91 -7.14
N LEU A 87 -18.57 -3.73 -7.31
CA LEU A 87 -18.19 -4.22 -8.64
C LEU A 87 -18.91 -5.52 -8.97
N GLY A 88 -18.74 -6.52 -8.11
CA GLY A 88 -19.39 -7.80 -8.33
C GLY A 88 -20.57 -8.01 -7.40
N MET A 1 5.95 -6.68 -13.58
CA MET A 1 7.19 -5.89 -13.33
C MET A 1 7.45 -5.73 -11.84
N ASP A 2 8.15 -6.71 -11.26
CA ASP A 2 8.48 -6.66 -9.84
C ASP A 2 9.40 -5.50 -9.52
N LYS A 3 8.84 -4.48 -8.86
CA LYS A 3 9.60 -3.29 -8.50
C LYS A 3 8.73 -2.28 -7.76
N LEU A 4 7.48 -2.18 -8.18
CA LEU A 4 6.54 -1.24 -7.56
C LEU A 4 5.32 -1.98 -7.01
N ASP A 5 5.57 -3.04 -6.26
CA ASP A 5 4.49 -3.83 -5.67
C ASP A 5 3.56 -4.37 -6.75
N MET A 6 4.15 -5.05 -7.73
CA MET A 6 3.39 -5.62 -8.84
C MET A 6 2.25 -6.51 -8.34
N ASN A 7 2.38 -7.02 -7.11
CA ASN A 7 1.37 -7.90 -6.55
C ASN A 7 0.79 -7.33 -5.25
N ALA A 8 1.56 -6.50 -4.55
CA ALA A 8 1.10 -5.92 -3.29
C ALA A 8 0.19 -4.72 -3.54
N LYS A 9 0.49 -3.95 -4.58
CA LYS A 9 -0.31 -2.79 -4.91
C LYS A 9 -1.59 -3.21 -5.63
N ARG A 10 -1.50 -4.29 -6.40
CA ARG A 10 -2.66 -4.80 -7.12
C ARG A 10 -3.63 -5.45 -6.14
N GLN A 11 -3.08 -6.03 -5.09
CA GLN A 11 -3.88 -6.68 -4.06
C GLN A 11 -4.77 -5.65 -3.36
N LEU A 12 -4.16 -4.57 -2.90
CA LEU A 12 -4.88 -3.52 -2.20
C LEU A 12 -5.92 -2.88 -3.12
N TYR A 13 -5.51 -2.58 -4.34
CA TYR A 13 -6.41 -1.97 -5.31
C TYR A 13 -7.49 -2.95 -5.76
N SER A 14 -7.17 -4.24 -5.70
CA SER A 14 -8.12 -5.27 -6.11
C SER A 14 -8.96 -5.74 -4.92
N LEU A 15 -8.64 -5.24 -3.72
CA LEU A 15 -9.37 -5.62 -2.52
C LEU A 15 -10.11 -4.45 -1.89
N ILE A 16 -9.59 -3.23 -2.07
CA ILE A 16 -10.23 -2.07 -1.48
C ILE A 16 -10.31 -0.89 -2.47
N GLY A 17 -9.26 -0.73 -3.26
CA GLY A 17 -9.21 0.35 -4.23
C GLY A 17 -10.38 0.33 -5.19
N TYR A 18 -11.44 1.08 -4.87
CA TYR A 18 -12.62 1.14 -5.74
C TYR A 18 -12.74 2.52 -6.38
N ALA A 19 -11.62 3.01 -6.92
CA ALA A 19 -11.59 4.33 -7.57
C ALA A 19 -11.52 5.45 -6.54
N SER A 20 -12.51 5.50 -5.66
CA SER A 20 -12.56 6.53 -4.63
C SER A 20 -11.28 6.52 -3.79
N LEU A 21 -10.60 5.38 -3.76
CA LEU A 21 -9.37 5.23 -3.01
C LEU A 21 -8.15 5.34 -3.91
N ARG A 22 -7.61 6.55 -4.02
CA ARG A 22 -6.43 6.78 -4.84
C ARG A 22 -5.21 6.12 -4.21
N LEU A 23 -5.23 4.79 -4.12
CA LEU A 23 -4.13 4.04 -3.53
C LEU A 23 -2.79 4.46 -4.11
N HIS A 24 -2.10 5.35 -3.40
CA HIS A 24 -0.81 5.85 -3.84
C HIS A 24 0.25 5.65 -2.75
N TYR A 25 1.48 5.41 -3.17
CA TYR A 25 2.58 5.20 -2.23
C TYR A 25 3.53 6.39 -2.20
N VAL A 26 3.84 6.85 -1.00
CA VAL A 26 4.74 7.98 -0.82
C VAL A 26 5.98 7.59 -0.03
N THR A 27 7.13 7.63 -0.69
CA THR A 27 8.39 7.29 -0.04
C THR A 27 8.93 8.46 0.76
N VAL A 28 8.89 8.33 2.09
CA VAL A 28 9.37 9.38 2.97
C VAL A 28 10.90 9.38 3.09
N LYS A 29 11.50 8.22 2.80
CA LYS A 29 12.95 8.10 2.87
C LYS A 29 13.48 7.22 1.73
N LYS A 30 14.78 6.97 1.75
CA LYS A 30 15.42 6.15 0.73
C LYS A 30 16.88 5.88 1.09
N PRO A 31 17.40 4.70 0.73
CA PRO A 31 18.79 4.33 1.04
C PRO A 31 19.80 5.28 0.39
N THR A 32 20.50 6.04 1.22
CA THR A 32 21.49 6.98 0.75
C THR A 32 22.38 7.45 1.90
N ALA A 33 22.70 6.54 2.81
CA ALA A 33 23.54 6.85 3.96
C ALA A 33 22.78 7.66 5.00
N VAL A 34 22.33 8.84 4.60
CA VAL A 34 21.58 9.72 5.50
C VAL A 34 20.34 9.02 6.05
N ASP A 35 19.69 8.22 5.21
CA ASP A 35 18.50 7.50 5.61
C ASP A 35 18.80 6.02 5.81
N PRO A 36 18.39 5.46 6.97
CA PRO A 36 18.63 4.05 7.29
C PRO A 36 18.23 3.12 6.16
N ASN A 37 16.97 3.21 5.73
CA ASN A 37 16.47 2.37 4.65
C ASN A 37 15.44 3.12 3.81
N SER A 38 14.67 2.38 3.01
CA SER A 38 13.64 2.98 2.17
C SER A 38 12.28 2.86 2.82
N ILE A 39 11.88 3.90 3.54
CA ILE A 39 10.59 3.91 4.21
C ILE A 39 9.49 4.42 3.28
N VAL A 40 8.41 3.65 3.15
CA VAL A 40 7.31 4.03 2.28
C VAL A 40 5.97 3.82 2.97
N GLU A 41 4.97 4.57 2.52
CA GLU A 41 3.64 4.47 3.08
C GLU A 41 2.58 4.54 1.97
N CYS A 42 1.51 3.76 2.13
CA CYS A 42 0.45 3.73 1.15
C CYS A 42 -0.71 4.61 1.62
N ARG A 43 -0.91 5.74 0.95
CA ARG A 43 -1.98 6.66 1.31
C ARG A 43 -3.09 6.64 0.26
N VAL A 44 -4.33 6.70 0.74
CA VAL A 44 -5.48 6.71 -0.15
C VAL A 44 -6.32 7.97 0.03
N GLY A 45 -7.11 8.29 -1.00
CA GLY A 45 -7.94 9.47 -0.94
C GLY A 45 -7.16 10.74 -0.69
N ASP A 46 -7.47 11.43 0.41
CA ASP A 46 -6.78 12.66 0.75
C ASP A 46 -5.36 12.37 1.23
N GLY A 47 -5.26 11.76 2.41
CA GLY A 47 -3.96 11.43 2.95
C GLY A 47 -4.03 10.38 4.06
N THR A 48 -4.94 9.43 3.89
CA THR A 48 -5.11 8.36 4.86
C THR A 48 -4.20 7.18 4.54
N VAL A 49 -3.16 7.00 5.34
CA VAL A 49 -2.22 5.90 5.14
C VAL A 49 -2.78 4.59 5.67
N LEU A 50 -2.94 3.61 4.78
CA LEU A 50 -3.46 2.32 5.15
C LEU A 50 -2.34 1.31 5.37
N GLY A 51 -1.17 1.59 4.79
CA GLY A 51 -0.04 0.68 4.94
C GLY A 51 1.29 1.41 5.06
N THR A 52 2.05 1.07 6.10
CA THR A 52 3.35 1.68 6.33
C THR A 52 4.41 0.61 6.58
N GLY A 53 5.46 0.59 5.76
CA GLY A 53 6.50 -0.39 5.93
C GLY A 53 7.83 0.04 5.33
N VAL A 54 8.92 -0.38 5.98
CA VAL A 54 10.26 -0.04 5.52
C VAL A 54 10.81 -1.14 4.62
N GLY A 55 11.85 -0.82 3.86
CA GLY A 55 12.44 -1.79 2.97
C GLY A 55 13.77 -1.33 2.40
N ARG A 56 14.60 -2.29 1.99
CA ARG A 56 15.90 -1.98 1.41
C ARG A 56 15.76 -1.02 0.24
N ASN A 57 14.60 -1.04 -0.41
CA ASN A 57 14.34 -0.17 -1.55
C ASN A 57 12.84 -0.04 -1.79
N ILE A 58 12.48 0.72 -2.82
CA ILE A 58 11.08 0.93 -3.17
C ILE A 58 10.34 -0.39 -3.37
N LYS A 59 11.02 -1.35 -3.98
CA LYS A 59 10.44 -2.66 -4.23
C LYS A 59 10.01 -3.33 -2.93
N ILE A 60 10.96 -3.43 -2.01
CA ILE A 60 10.69 -4.05 -0.71
C ILE A 60 9.77 -3.18 0.13
N ALA A 61 10.15 -1.92 0.29
CA ALA A 61 9.37 -0.98 1.08
C ALA A 61 7.93 -0.94 0.59
N GLY A 62 7.76 -0.89 -0.72
CA GLY A 62 6.43 -0.86 -1.29
C GLY A 62 5.63 -2.09 -0.93
N ILE A 63 6.25 -3.26 -1.05
CA ILE A 63 5.59 -4.51 -0.72
C ILE A 63 5.30 -4.59 0.77
N ARG A 64 6.17 -3.97 1.57
CA ARG A 64 6.01 -3.97 3.02
C ARG A 64 4.83 -3.11 3.42
N ALA A 65 4.76 -1.90 2.87
CA ALA A 65 3.67 -0.99 3.18
C ALA A 65 2.33 -1.60 2.77
N ALA A 66 2.29 -2.13 1.54
CA ALA A 66 1.10 -2.76 1.03
C ALA A 66 0.72 -3.98 1.88
N GLU A 67 1.72 -4.78 2.22
CA GLU A 67 1.50 -5.96 3.03
C GLU A 67 0.93 -5.57 4.39
N ASN A 68 1.43 -4.46 4.92
CA ASN A 68 0.96 -3.96 6.21
C ASN A 68 -0.52 -3.61 6.12
N ALA A 69 -0.94 -3.14 4.95
CA ALA A 69 -2.33 -2.77 4.72
C ALA A 69 -3.22 -4.01 4.62
N LEU A 70 -2.69 -5.06 4.01
CA LEU A 70 -3.43 -6.31 3.85
C LEU A 70 -3.55 -7.06 5.17
N ARG A 71 -2.61 -6.78 6.08
CA ARG A 71 -2.62 -7.43 7.40
C ARG A 71 -3.93 -7.18 8.13
N ASP A 72 -4.35 -5.92 8.16
CA ASP A 72 -5.59 -5.53 8.83
C ASP A 72 -6.80 -6.16 8.13
N LYS A 73 -7.05 -7.43 8.41
CA LYS A 73 -8.17 -8.15 7.81
C LYS A 73 -9.49 -7.41 8.07
N LYS A 74 -9.62 -6.83 9.25
CA LYS A 74 -10.83 -6.10 9.61
C LYS A 74 -11.05 -4.94 8.65
N MET A 75 -10.11 -4.01 8.67
CA MET A 75 -10.19 -2.83 7.80
C MET A 75 -10.28 -3.26 6.34
N LEU A 76 -9.69 -4.41 6.02
CA LEU A 76 -9.70 -4.92 4.66
C LEU A 76 -11.09 -5.48 4.32
N ASP A 77 -11.71 -6.12 5.31
CA ASP A 77 -13.03 -6.69 5.13
C ASP A 77 -14.06 -5.60 4.85
N PHE A 78 -13.89 -4.46 5.53
CA PHE A 78 -14.80 -3.33 5.36
C PHE A 78 -14.78 -2.84 3.91
N TYR A 79 -13.59 -2.76 3.34
CA TYR A 79 -13.44 -2.31 1.96
C TYR A 79 -13.75 -3.45 1.01
N ALA A 80 -13.28 -4.64 1.35
CA ALA A 80 -13.53 -5.81 0.52
C ALA A 80 -15.03 -6.00 0.31
N LYS A 81 -15.82 -5.52 1.25
CA LYS A 81 -17.28 -5.63 1.15
C LYS A 81 -17.86 -4.43 0.42
N GLN A 82 -16.99 -3.50 0.03
CA GLN A 82 -17.40 -2.31 -0.70
C GLN A 82 -16.82 -2.33 -2.10
N ARG A 83 -15.54 -2.67 -2.19
CA ARG A 83 -14.85 -2.74 -3.46
C ARG A 83 -15.41 -3.89 -4.30
N ALA A 84 -15.46 -5.06 -3.70
CA ALA A 84 -15.98 -6.25 -4.37
C ALA A 84 -17.50 -6.16 -4.52
N ALA A 85 -18.14 -5.41 -3.63
CA ALA A 85 -19.59 -5.24 -3.66
C ALA A 85 -19.99 -4.11 -4.60
N ALA A 86 -19.10 -3.14 -4.79
CA ALA A 86 -19.38 -2.01 -5.66
C ALA A 86 -18.98 -2.33 -7.11
N LEU A 87 -17.98 -3.19 -7.25
CA LEU A 87 -17.51 -3.58 -8.58
C LEU A 87 -18.37 -4.70 -9.16
N GLY A 88 -18.62 -5.72 -8.36
CA GLY A 88 -19.44 -6.84 -8.81
C GLY A 88 -18.67 -7.79 -9.71
N MET A 1 4.92 -2.81 -14.26
CA MET A 1 4.23 -3.71 -13.31
C MET A 1 5.00 -3.84 -11.99
N ASP A 2 6.26 -4.22 -12.09
CA ASP A 2 7.11 -4.37 -10.92
C ASP A 2 7.50 -3.02 -10.35
N LYS A 3 8.10 -3.04 -9.15
CA LYS A 3 8.53 -1.82 -8.47
C LYS A 3 7.40 -1.23 -7.62
N LEU A 4 6.21 -1.17 -8.20
CA LEU A 4 5.05 -0.64 -7.51
C LEU A 4 4.22 -1.78 -6.90
N ASP A 5 4.91 -2.78 -6.37
CA ASP A 5 4.24 -3.93 -5.76
C ASP A 5 3.44 -4.70 -6.81
N MET A 6 4.15 -5.30 -7.77
CA MET A 6 3.52 -6.06 -8.85
C MET A 6 2.37 -6.93 -8.35
N ASN A 7 2.43 -7.36 -7.09
CA ASN A 7 1.38 -8.21 -6.53
C ASN A 7 0.65 -7.54 -5.37
N ALA A 8 1.41 -6.95 -4.45
CA ALA A 8 0.83 -6.29 -3.28
C ALA A 8 -0.11 -5.15 -3.68
N LYS A 9 0.29 -4.39 -4.69
CA LYS A 9 -0.52 -3.27 -5.16
C LYS A 9 -1.80 -3.77 -5.81
N ARG A 10 -1.70 -4.89 -6.52
CA ARG A 10 -2.84 -5.49 -7.19
C ARG A 10 -3.82 -6.04 -6.17
N GLN A 11 -3.29 -6.54 -5.06
CA GLN A 11 -4.11 -7.09 -4.00
C GLN A 11 -4.92 -5.99 -3.33
N LEU A 12 -4.24 -4.91 -2.95
CA LEU A 12 -4.90 -3.78 -2.32
C LEU A 12 -5.93 -3.15 -3.23
N TYR A 13 -5.59 -3.05 -4.51
CA TYR A 13 -6.50 -2.46 -5.49
C TYR A 13 -7.65 -3.41 -5.82
N SER A 14 -7.39 -4.71 -5.67
CA SER A 14 -8.41 -5.71 -5.95
C SER A 14 -9.23 -6.05 -4.70
N LEU A 15 -8.78 -5.54 -3.55
CA LEU A 15 -9.48 -5.81 -2.30
C LEU A 15 -10.06 -4.53 -1.68
N ILE A 16 -9.48 -3.37 -2.00
CA ILE A 16 -9.98 -2.12 -1.45
C ILE A 16 -10.00 -0.99 -2.46
N GLY A 17 -9.07 -1.00 -3.41
CA GLY A 17 -9.02 0.04 -4.42
C GLY A 17 -10.15 -0.08 -5.43
N TYR A 18 -11.19 0.72 -5.25
CA TYR A 18 -12.34 0.70 -6.15
C TYR A 18 -12.29 1.89 -7.11
N ALA A 19 -11.98 3.07 -6.58
CA ALA A 19 -11.91 4.27 -7.40
C ALA A 19 -11.56 5.50 -6.56
N SER A 20 -12.51 5.91 -5.72
CA SER A 20 -12.32 7.07 -4.86
C SER A 20 -11.02 6.94 -4.04
N LEU A 21 -10.65 5.70 -3.73
CA LEU A 21 -9.44 5.44 -2.96
C LEU A 21 -8.24 5.27 -3.89
N ARG A 22 -7.69 6.40 -4.35
CA ARG A 22 -6.54 6.38 -5.24
C ARG A 22 -5.32 5.78 -4.53
N LEU A 23 -5.26 4.45 -4.48
CA LEU A 23 -4.15 3.76 -3.84
C LEU A 23 -2.81 4.21 -4.44
N HIS A 24 -2.00 4.88 -3.62
CA HIS A 24 -0.70 5.37 -4.06
C HIS A 24 0.36 5.10 -3.01
N TYR A 25 1.61 4.92 -3.46
CA TYR A 25 2.71 4.65 -2.55
C TYR A 25 3.76 5.75 -2.62
N VAL A 26 4.05 6.35 -1.47
CA VAL A 26 5.03 7.43 -1.39
C VAL A 26 6.10 7.11 -0.35
N THR A 27 7.36 7.20 -0.76
CA THR A 27 8.49 6.94 0.14
C THR A 27 8.69 8.12 1.09
N VAL A 28 9.23 7.83 2.27
CA VAL A 28 9.48 8.87 3.26
C VAL A 28 10.95 8.96 3.62
N LYS A 29 11.68 7.86 3.49
CA LYS A 29 13.09 7.83 3.81
C LYS A 29 13.83 6.80 2.96
N LYS A 30 14.52 7.28 1.93
CA LYS A 30 15.27 6.41 1.04
C LYS A 30 16.73 6.32 1.48
N PRO A 31 17.38 5.17 1.22
CA PRO A 31 18.79 4.96 1.59
C PRO A 31 19.68 6.11 1.15
N THR A 32 20.28 6.80 2.11
CA THR A 32 21.16 7.93 1.81
C THR A 32 22.01 8.29 3.03
N ALA A 33 22.96 7.43 3.37
CA ALA A 33 23.84 7.66 4.51
C ALA A 33 23.05 7.68 5.81
N VAL A 34 22.43 8.81 6.11
CA VAL A 34 21.63 8.95 7.33
C VAL A 34 20.45 7.98 7.34
N ASP A 35 19.82 7.83 6.18
CA ASP A 35 18.68 6.94 6.06
C ASP A 35 19.08 5.49 6.32
N PRO A 36 18.35 4.78 7.21
CA PRO A 36 18.65 3.39 7.53
C PRO A 36 18.22 2.44 6.42
N ASN A 37 17.01 2.64 5.92
CA ASN A 37 16.49 1.80 4.84
C ASN A 37 15.48 2.57 4.00
N SER A 38 14.74 1.85 3.16
CA SER A 38 13.74 2.46 2.31
C SER A 38 12.36 2.35 2.95
N ILE A 39 11.95 3.39 3.66
CA ILE A 39 10.66 3.40 4.32
C ILE A 39 9.59 4.00 3.42
N VAL A 40 8.52 3.25 3.19
CA VAL A 40 7.43 3.71 2.34
C VAL A 40 6.09 3.47 3.01
N GLU A 41 5.09 4.23 2.57
CA GLU A 41 3.75 4.11 3.11
C GLU A 41 2.72 4.23 1.99
N CYS A 42 1.63 3.50 2.12
CA CYS A 42 0.57 3.52 1.13
C CYS A 42 -0.50 4.54 1.53
N ARG A 43 -0.63 5.60 0.74
CA ARG A 43 -1.60 6.63 1.02
C ARG A 43 -2.77 6.55 0.04
N VAL A 44 -3.98 6.76 0.55
CA VAL A 44 -5.17 6.71 -0.28
C VAL A 44 -5.51 8.09 -0.84
N GLY A 45 -6.36 8.11 -1.86
CA GLY A 45 -6.75 9.37 -2.47
C GLY A 45 -7.37 10.33 -1.49
N ASP A 46 -8.01 9.78 -0.45
CA ASP A 46 -8.66 10.60 0.57
C ASP A 46 -7.62 11.37 1.39
N GLY A 47 -6.41 10.81 1.49
CA GLY A 47 -5.36 11.45 2.25
C GLY A 47 -5.09 10.77 3.56
N THR A 48 -4.90 9.45 3.52
CA THR A 48 -4.64 8.67 4.72
C THR A 48 -3.81 7.43 4.38
N VAL A 49 -2.86 7.09 5.26
CA VAL A 49 -2.01 5.93 5.06
C VAL A 49 -2.66 4.67 5.60
N LEU A 50 -2.87 3.70 4.72
CA LEU A 50 -3.48 2.44 5.09
C LEU A 50 -2.43 1.38 5.39
N GLY A 51 -1.23 1.58 4.86
CA GLY A 51 -0.16 0.62 5.08
C GLY A 51 1.22 1.27 5.16
N THR A 52 2.00 0.87 6.15
CA THR A 52 3.34 1.41 6.33
C THR A 52 4.34 0.28 6.52
N GLY A 53 5.47 0.35 5.81
CA GLY A 53 6.48 -0.69 5.93
C GLY A 53 7.82 -0.28 5.37
N VAL A 54 8.89 -0.83 5.94
CA VAL A 54 10.24 -0.53 5.51
C VAL A 54 10.75 -1.57 4.50
N GLY A 55 11.80 -1.23 3.79
CA GLY A 55 12.36 -2.16 2.81
C GLY A 55 13.71 -1.73 2.29
N ARG A 56 14.42 -2.65 1.66
CA ARG A 56 15.74 -2.35 1.12
C ARG A 56 15.65 -1.31 0.01
N ASN A 57 14.53 -1.33 -0.71
CA ASN A 57 14.31 -0.38 -1.80
C ASN A 57 12.82 -0.17 -2.04
N ILE A 58 12.49 0.78 -2.90
CA ILE A 58 11.11 1.09 -3.23
C ILE A 58 10.31 -0.18 -3.53
N LYS A 59 11.00 -1.19 -4.03
CA LYS A 59 10.35 -2.46 -4.37
C LYS A 59 9.95 -3.22 -3.11
N ILE A 60 10.92 -3.46 -2.23
CA ILE A 60 10.68 -4.16 -0.99
C ILE A 60 9.76 -3.35 -0.08
N ALA A 61 10.15 -2.11 0.18
CA ALA A 61 9.37 -1.23 1.04
C ALA A 61 7.90 -1.18 0.61
N GLY A 62 7.69 -1.11 -0.69
CA GLY A 62 6.34 -1.07 -1.21
C GLY A 62 5.55 -2.31 -0.85
N ILE A 63 6.17 -3.47 -1.02
CA ILE A 63 5.53 -4.74 -0.71
C ILE A 63 5.25 -4.82 0.79
N ARG A 64 6.13 -4.23 1.59
CA ARG A 64 5.97 -4.23 3.04
C ARG A 64 4.81 -3.32 3.45
N ALA A 65 4.77 -2.13 2.85
CA ALA A 65 3.71 -1.18 3.14
C ALA A 65 2.36 -1.74 2.71
N ALA A 66 2.33 -2.37 1.55
CA ALA A 66 1.11 -2.95 1.02
C ALA A 66 0.65 -4.11 1.90
N GLU A 67 1.60 -4.95 2.30
CA GLU A 67 1.29 -6.08 3.15
C GLU A 67 0.75 -5.61 4.48
N ASN A 68 1.30 -4.50 4.97
CA ASN A 68 0.86 -3.92 6.23
C ASN A 68 -0.59 -3.48 6.12
N ALA A 69 -0.95 -2.97 4.94
CA ALA A 69 -2.31 -2.52 4.67
C ALA A 69 -3.26 -3.71 4.53
N LEU A 70 -2.73 -4.84 4.07
CA LEU A 70 -3.53 -6.04 3.89
C LEU A 70 -3.71 -6.78 5.21
N ARG A 71 -2.81 -6.54 6.15
CA ARG A 71 -2.88 -7.18 7.46
C ARG A 71 -4.17 -6.82 8.19
N ASP A 72 -4.46 -5.52 8.25
CA ASP A 72 -5.64 -5.02 8.90
C ASP A 72 -6.91 -5.64 8.33
N LYS A 73 -7.25 -6.83 8.80
CA LYS A 73 -8.43 -7.54 8.34
C LYS A 73 -9.70 -6.70 8.50
N LYS A 74 -9.73 -5.92 9.58
CA LYS A 74 -10.88 -5.06 9.85
C LYS A 74 -11.00 -3.98 8.78
N MET A 75 -9.95 -3.19 8.65
CA MET A 75 -9.93 -2.11 7.67
C MET A 75 -10.06 -2.67 6.26
N LEU A 76 -9.63 -3.91 6.08
CA LEU A 76 -9.71 -4.57 4.78
C LEU A 76 -11.14 -5.05 4.51
N ASP A 77 -11.84 -5.41 5.58
CA ASP A 77 -13.21 -5.88 5.47
C ASP A 77 -14.14 -4.74 5.05
N PHE A 78 -13.90 -3.56 5.62
CA PHE A 78 -14.71 -2.39 5.31
C PHE A 78 -14.61 -2.04 3.83
N TYR A 79 -13.40 -2.16 3.29
CA TYR A 79 -13.16 -1.87 1.88
C TYR A 79 -13.54 -3.06 1.03
N ALA A 80 -13.14 -4.24 1.48
CA ALA A 80 -13.45 -5.47 0.77
C ALA A 80 -14.96 -5.60 0.57
N LYS A 81 -15.72 -5.02 1.49
CA LYS A 81 -17.18 -5.05 1.39
C LYS A 81 -17.69 -3.96 0.46
N GLN A 82 -16.77 -3.11 -0.01
CA GLN A 82 -17.12 -2.04 -0.94
C GLN A 82 -16.51 -2.30 -2.30
N ARG A 83 -15.21 -2.58 -2.31
CA ARG A 83 -14.50 -2.86 -3.55
C ARG A 83 -15.01 -4.16 -4.17
N ALA A 84 -15.15 -5.18 -3.34
CA ALA A 84 -15.63 -6.48 -3.79
C ALA A 84 -17.14 -6.44 -4.05
N ALA A 85 -17.83 -5.57 -3.32
CA ALA A 85 -19.27 -5.43 -3.45
C ALA A 85 -19.62 -4.50 -4.61
N ALA A 86 -18.71 -3.58 -4.92
CA ALA A 86 -18.91 -2.62 -6.00
C ALA A 86 -18.81 -3.30 -7.37
N LEU A 87 -17.95 -4.32 -7.45
CA LEU A 87 -17.77 -5.06 -8.69
C LEU A 87 -18.80 -6.18 -8.82
N GLY A 88 -19.04 -6.87 -7.72
CA GLY A 88 -20.01 -7.97 -7.73
C GLY A 88 -20.09 -8.67 -6.39
N MET A 1 2.29 -1.89 -11.87
CA MET A 1 3.74 -1.88 -12.21
C MET A 1 4.53 -2.79 -11.28
N ASP A 2 5.85 -2.76 -11.41
CA ASP A 2 6.73 -3.59 -10.58
C ASP A 2 7.93 -2.79 -10.10
N LYS A 3 8.71 -3.39 -9.21
CA LYS A 3 9.90 -2.75 -8.67
C LYS A 3 9.53 -1.49 -7.89
N LEU A 4 8.33 -1.51 -7.30
CA LEU A 4 7.85 -0.38 -6.51
C LEU A 4 7.01 -0.85 -5.33
N ASP A 5 6.10 -1.79 -5.60
CA ASP A 5 5.24 -2.34 -4.56
C ASP A 5 4.81 -3.77 -4.90
N MET A 6 5.57 -4.42 -5.78
CA MET A 6 5.29 -5.80 -6.18
C MET A 6 3.79 -6.05 -6.36
N ASN A 7 3.40 -7.31 -6.41
CA ASN A 7 1.99 -7.66 -6.58
C ASN A 7 1.17 -7.24 -5.35
N ALA A 8 1.85 -6.89 -4.26
CA ALA A 8 1.17 -6.47 -3.05
C ALA A 8 0.28 -5.27 -3.31
N LYS A 9 0.71 -4.42 -4.24
CA LYS A 9 -0.05 -3.22 -4.58
C LYS A 9 -1.34 -3.59 -5.32
N ARG A 10 -1.22 -4.45 -6.32
CA ARG A 10 -2.38 -4.89 -7.08
C ARG A 10 -3.38 -5.58 -6.16
N GLN A 11 -2.85 -6.21 -5.12
CA GLN A 11 -3.68 -6.90 -4.14
C GLN A 11 -4.62 -5.92 -3.46
N LEU A 12 -4.05 -4.87 -2.89
CA LEU A 12 -4.84 -3.85 -2.21
C LEU A 12 -5.82 -3.21 -3.18
N TYR A 13 -5.32 -2.80 -4.33
CA TYR A 13 -6.16 -2.17 -5.34
C TYR A 13 -7.21 -3.15 -5.87
N SER A 14 -6.92 -4.44 -5.77
CA SER A 14 -7.83 -5.47 -6.23
C SER A 14 -8.73 -5.97 -5.11
N LEU A 15 -8.49 -5.50 -3.89
CA LEU A 15 -9.27 -5.93 -2.74
C LEU A 15 -9.88 -4.75 -1.97
N ILE A 16 -9.51 -3.52 -2.34
CA ILE A 16 -10.05 -2.35 -1.65
C ILE A 16 -10.14 -1.12 -2.56
N GLY A 17 -9.20 -0.99 -3.50
CA GLY A 17 -9.22 0.14 -4.40
C GLY A 17 -10.36 0.09 -5.40
N TYR A 18 -11.39 0.90 -5.18
CA TYR A 18 -12.53 0.94 -6.07
C TYR A 18 -12.49 2.19 -6.96
N ALA A 19 -11.99 3.29 -6.40
CA ALA A 19 -11.88 4.54 -7.13
C ALA A 19 -11.52 5.69 -6.20
N SER A 20 -12.46 6.07 -5.32
CA SER A 20 -12.24 7.15 -4.38
C SER A 20 -10.95 6.95 -3.59
N LEU A 21 -10.61 5.70 -3.31
CA LEU A 21 -9.41 5.38 -2.57
C LEU A 21 -8.22 5.21 -3.51
N ARG A 22 -7.69 6.33 -3.99
CA ARG A 22 -6.55 6.30 -4.90
C ARG A 22 -5.32 5.73 -4.21
N LEU A 23 -5.25 4.40 -4.13
CA LEU A 23 -4.13 3.72 -3.50
C LEU A 23 -2.80 4.16 -4.10
N HIS A 24 -2.11 5.07 -3.43
CA HIS A 24 -0.81 5.56 -3.89
C HIS A 24 0.23 5.49 -2.79
N TYR A 25 1.44 5.10 -3.16
CA TYR A 25 2.52 4.99 -2.19
C TYR A 25 3.49 6.16 -2.27
N VAL A 26 3.83 6.71 -1.12
CA VAL A 26 4.74 7.85 -1.05
C VAL A 26 5.95 7.51 -0.17
N THR A 27 7.12 7.43 -0.80
CA THR A 27 8.35 7.12 -0.06
C THR A 27 8.88 8.36 0.63
N VAL A 28 9.34 8.20 1.86
CA VAL A 28 9.88 9.32 2.63
C VAL A 28 11.40 9.25 2.73
N LYS A 29 11.94 8.05 2.69
CA LYS A 29 13.39 7.86 2.78
C LYS A 29 13.93 7.27 1.48
N LYS A 30 15.24 7.03 1.46
CA LYS A 30 15.90 6.48 0.28
C LYS A 30 17.39 6.29 0.53
N PRO A 31 18.03 5.30 -0.11
CA PRO A 31 19.46 5.04 0.05
C PRO A 31 20.32 6.23 -0.37
N THR A 32 21.06 6.78 0.59
CA THR A 32 21.93 7.92 0.32
C THR A 32 23.16 7.87 1.22
N ALA A 33 23.84 9.01 1.36
CA ALA A 33 25.04 9.09 2.20
C ALA A 33 24.83 8.41 3.55
N VAL A 34 23.60 8.48 4.05
CA VAL A 34 23.25 7.87 5.32
C VAL A 34 22.56 6.53 5.11
N ASP A 35 21.67 6.51 4.12
CA ASP A 35 20.92 5.29 3.78
C ASP A 35 20.40 4.58 5.02
N PRO A 36 19.27 5.06 5.58
CA PRO A 36 18.66 4.45 6.76
C PRO A 36 17.80 3.24 6.42
N ASN A 37 16.86 3.44 5.49
CA ASN A 37 15.97 2.37 5.06
C ASN A 37 14.94 2.90 4.06
N SER A 38 14.43 2.02 3.21
CA SER A 38 13.45 2.42 2.22
C SER A 38 12.07 2.45 2.87
N ILE A 39 11.74 3.60 3.46
CA ILE A 39 10.47 3.77 4.14
C ILE A 39 9.39 4.25 3.17
N VAL A 40 8.26 3.54 3.16
CA VAL A 40 7.15 3.90 2.29
C VAL A 40 5.83 3.81 3.05
N GLU A 41 4.91 4.70 2.72
CA GLU A 41 3.61 4.73 3.38
C GLU A 41 2.48 4.85 2.37
N CYS A 42 1.65 3.81 2.29
CA CYS A 42 0.52 3.80 1.38
C CYS A 42 -0.55 4.78 1.83
N ARG A 43 -0.80 5.79 1.00
CA ARG A 43 -1.80 6.80 1.32
C ARG A 43 -3.00 6.69 0.39
N VAL A 44 -4.19 6.88 0.93
CA VAL A 44 -5.40 6.79 0.13
C VAL A 44 -5.65 8.09 -0.62
N GLY A 45 -6.66 8.08 -1.48
CA GLY A 45 -6.99 9.25 -2.27
C GLY A 45 -7.30 10.46 -1.39
N ASP A 46 -8.12 10.25 -0.37
CA ASP A 46 -8.50 11.33 0.53
C ASP A 46 -7.27 11.93 1.21
N GLY A 47 -6.66 11.15 2.10
CA GLY A 47 -5.48 11.62 2.80
C GLY A 47 -5.26 10.89 4.12
N THR A 48 -5.06 9.59 4.04
CA THR A 48 -4.84 8.78 5.24
C THR A 48 -4.04 7.53 4.91
N VAL A 49 -2.91 7.36 5.60
CA VAL A 49 -2.05 6.20 5.37
C VAL A 49 -2.70 4.93 5.89
N LEU A 50 -3.01 4.02 4.97
CA LEU A 50 -3.65 2.76 5.32
C LEU A 50 -2.62 1.66 5.58
N GLY A 51 -1.42 1.84 5.04
CA GLY A 51 -0.38 0.84 5.23
C GLY A 51 1.02 1.42 5.12
N THR A 52 1.81 1.24 6.18
CA THR A 52 3.18 1.73 6.21
C THR A 52 4.15 0.57 6.38
N GLY A 53 5.24 0.58 5.63
CA GLY A 53 6.22 -0.48 5.72
C GLY A 53 7.60 -0.08 5.23
N VAL A 54 8.62 -0.55 5.93
CA VAL A 54 10.01 -0.26 5.58
C VAL A 54 10.61 -1.39 4.75
N GLY A 55 11.70 -1.09 4.06
CA GLY A 55 12.35 -2.09 3.25
C GLY A 55 13.74 -1.68 2.81
N ARG A 56 14.39 -2.54 2.04
CA ARG A 56 15.74 -2.26 1.53
C ARG A 56 15.67 -1.30 0.35
N ASN A 57 14.59 -1.40 -0.42
CA ASN A 57 14.39 -0.53 -1.57
C ASN A 57 12.90 -0.31 -1.81
N ILE A 58 12.57 0.41 -2.87
CA ILE A 58 11.17 0.71 -3.19
C ILE A 58 10.35 -0.58 -3.31
N LYS A 59 10.93 -1.58 -3.95
CA LYS A 59 10.26 -2.86 -4.15
C LYS A 59 9.86 -3.49 -2.81
N ILE A 60 10.86 -3.85 -2.02
CA ILE A 60 10.62 -4.48 -0.72
C ILE A 60 9.73 -3.61 0.16
N ALA A 61 10.12 -2.35 0.33
CA ALA A 61 9.35 -1.42 1.15
C ALA A 61 7.88 -1.40 0.74
N GLY A 62 7.65 -1.33 -0.56
CA GLY A 62 6.29 -1.32 -1.05
C GLY A 62 5.50 -2.55 -0.64
N ILE A 63 6.20 -3.68 -0.56
CA ILE A 63 5.57 -4.93 -0.15
C ILE A 63 5.17 -4.89 1.32
N ARG A 64 6.07 -4.38 2.15
CA ARG A 64 5.83 -4.27 3.58
C ARG A 64 4.73 -3.26 3.86
N ALA A 65 4.78 -2.13 3.14
CA ALA A 65 3.77 -1.09 3.31
C ALA A 65 2.40 -1.61 2.90
N ALA A 66 2.35 -2.25 1.74
CA ALA A 66 1.10 -2.81 1.24
C ALA A 66 0.60 -3.91 2.17
N GLU A 67 1.52 -4.75 2.61
CA GLU A 67 1.18 -5.84 3.51
C GLU A 67 0.61 -5.29 4.82
N ASN A 68 1.13 -4.14 5.23
CA ASN A 68 0.67 -3.49 6.45
C ASN A 68 -0.77 -3.01 6.28
N ALA A 69 -1.09 -2.57 5.06
CA ALA A 69 -2.43 -2.10 4.74
C ALA A 69 -3.39 -3.27 4.61
N LEU A 70 -2.85 -4.45 4.29
CA LEU A 70 -3.67 -5.65 4.14
C LEU A 70 -3.78 -6.41 5.45
N ARG A 71 -2.84 -6.17 6.36
CA ARG A 71 -2.83 -6.84 7.66
C ARG A 71 -4.18 -6.69 8.35
N ASP A 72 -4.72 -5.48 8.30
CA ASP A 72 -6.01 -5.18 8.91
C ASP A 72 -7.14 -5.92 8.19
N LYS A 73 -7.19 -7.24 8.38
CA LYS A 73 -8.21 -8.07 7.74
C LYS A 73 -9.61 -7.51 7.96
N LYS A 74 -9.79 -6.77 9.05
CA LYS A 74 -11.09 -6.17 9.36
C LYS A 74 -11.34 -4.98 8.45
N MET A 75 -10.47 -4.00 8.54
CA MET A 75 -10.56 -2.81 7.72
C MET A 75 -10.45 -3.18 6.25
N LEU A 76 -9.82 -4.34 5.98
CA LEU A 76 -9.67 -4.80 4.61
C LEU A 76 -10.98 -5.38 4.08
N ASP A 77 -11.67 -6.13 4.94
CA ASP A 77 -12.93 -6.73 4.58
C ASP A 77 -13.97 -5.66 4.25
N PHE A 78 -13.96 -4.58 5.04
CA PHE A 78 -14.89 -3.48 4.84
C PHE A 78 -14.76 -2.92 3.42
N TYR A 79 -13.53 -2.87 2.92
CA TYR A 79 -13.27 -2.37 1.58
C TYR A 79 -13.54 -3.45 0.55
N ALA A 80 -13.09 -4.66 0.85
CA ALA A 80 -13.29 -5.78 -0.06
C ALA A 80 -14.79 -6.02 -0.28
N LYS A 81 -15.58 -5.71 0.74
CA LYS A 81 -17.02 -5.87 0.64
C LYS A 81 -17.66 -4.64 -0.01
N GLN A 82 -16.82 -3.67 -0.38
CA GLN A 82 -17.27 -2.46 -1.02
C GLN A 82 -16.75 -2.40 -2.46
N ARG A 83 -15.46 -2.58 -2.61
CA ARG A 83 -14.84 -2.55 -3.94
C ARG A 83 -15.30 -3.73 -4.78
N ALA A 84 -15.42 -4.89 -4.15
CA ALA A 84 -15.88 -6.09 -4.84
C ALA A 84 -17.39 -6.11 -4.96
N ALA A 85 -18.05 -5.43 -4.03
CA ALA A 85 -19.50 -5.36 -4.03
C ALA A 85 -20.00 -4.22 -4.90
N ALA A 86 -19.14 -3.21 -5.11
CA ALA A 86 -19.50 -2.06 -5.93
C ALA A 86 -19.09 -2.28 -7.37
N LEU A 87 -17.81 -2.57 -7.58
CA LEU A 87 -17.28 -2.80 -8.92
C LEU A 87 -17.47 -4.26 -9.34
N GLY A 88 -16.75 -5.15 -8.66
CA GLY A 88 -16.85 -6.57 -8.98
C GLY A 88 -15.62 -7.34 -8.56
N MET A 1 7.52 -7.22 -11.43
CA MET A 1 7.11 -6.85 -12.81
C MET A 1 7.03 -5.34 -12.97
N ASP A 2 6.67 -4.65 -11.89
CA ASP A 2 6.55 -3.20 -11.92
C ASP A 2 7.66 -2.54 -11.11
N LYS A 3 8.09 -3.22 -10.04
CA LYS A 3 9.14 -2.71 -9.17
C LYS A 3 8.69 -1.46 -8.41
N LEU A 4 7.38 -1.22 -8.41
CA LEU A 4 6.82 -0.07 -7.72
C LEU A 4 6.25 -0.50 -6.38
N ASP A 5 5.48 -1.58 -6.40
CA ASP A 5 4.87 -2.13 -5.20
C ASP A 5 4.48 -3.59 -5.39
N MET A 6 5.16 -4.28 -6.32
CA MET A 6 4.89 -5.68 -6.59
C MET A 6 3.39 -5.98 -6.64
N ASN A 7 3.06 -7.27 -6.62
CA ASN A 7 1.65 -7.68 -6.67
C ASN A 7 0.91 -7.26 -5.40
N ALA A 8 1.65 -6.86 -4.38
CA ALA A 8 1.04 -6.43 -3.12
C ALA A 8 0.10 -5.25 -3.35
N LYS A 9 0.47 -4.38 -4.28
CA LYS A 9 -0.35 -3.21 -4.59
C LYS A 9 -1.67 -3.62 -5.25
N ARG A 10 -1.57 -4.53 -6.21
CA ARG A 10 -2.76 -5.00 -6.92
C ARG A 10 -3.72 -5.67 -5.95
N GLN A 11 -3.15 -6.28 -4.90
CA GLN A 11 -3.95 -6.94 -3.89
C GLN A 11 -4.83 -5.94 -3.16
N LEU A 12 -4.21 -4.90 -2.62
CA LEU A 12 -4.94 -3.86 -1.90
C LEU A 12 -5.93 -3.17 -2.82
N TYR A 13 -5.50 -2.85 -4.03
CA TYR A 13 -6.35 -2.19 -5.01
C TYR A 13 -7.48 -3.12 -5.46
N SER A 14 -7.21 -4.42 -5.43
CA SER A 14 -8.22 -5.40 -5.84
C SER A 14 -9.04 -5.87 -4.65
N LEU A 15 -8.71 -5.40 -3.45
CA LEU A 15 -9.43 -5.79 -2.25
C LEU A 15 -10.13 -4.60 -1.59
N ILE A 16 -9.65 -3.38 -1.85
CA ILE A 16 -10.25 -2.20 -1.26
C ILE A 16 -10.32 -1.02 -2.24
N GLY A 17 -9.31 -0.90 -3.09
CA GLY A 17 -9.28 0.19 -4.05
C GLY A 17 -10.37 0.06 -5.11
N TYR A 18 -11.47 0.79 -4.92
CA TYR A 18 -12.57 0.74 -5.86
C TYR A 18 -12.63 2.01 -6.71
N ALA A 19 -12.32 3.14 -6.10
CA ALA A 19 -12.34 4.42 -6.81
C ALA A 19 -11.95 5.57 -5.88
N SER A 20 -12.85 5.93 -4.98
CA SER A 20 -12.60 7.01 -4.03
C SER A 20 -11.29 6.77 -3.27
N LEU A 21 -10.95 5.51 -3.08
CA LEU A 21 -9.72 5.15 -2.38
C LEU A 21 -8.54 5.14 -3.34
N ARG A 22 -8.10 6.34 -3.72
CA ARG A 22 -6.96 6.48 -4.64
C ARG A 22 -5.69 5.90 -4.03
N LEU A 23 -5.56 4.59 -4.11
CA LEU A 23 -4.39 3.90 -3.55
C LEU A 23 -3.11 4.37 -4.24
N HIS A 24 -2.31 5.14 -3.51
CA HIS A 24 -1.05 5.65 -4.05
C HIS A 24 0.08 5.44 -3.05
N TYR A 25 1.26 5.11 -3.55
CA TYR A 25 2.42 4.87 -2.70
C TYR A 25 3.47 5.96 -2.86
N VAL A 26 3.88 6.55 -1.75
CA VAL A 26 4.87 7.61 -1.76
C VAL A 26 6.13 7.17 -1.01
N THR A 27 7.14 6.72 -1.74
CA THR A 27 8.39 6.29 -1.14
C THR A 27 9.25 7.49 -0.77
N VAL A 28 9.71 7.52 0.48
CA VAL A 28 10.53 8.62 0.95
C VAL A 28 11.99 8.19 1.14
N LYS A 29 12.17 7.06 1.84
CA LYS A 29 13.49 6.50 2.10
C LYS A 29 14.53 7.60 2.41
N LYS A 30 15.22 8.07 1.38
CA LYS A 30 16.24 9.11 1.56
C LYS A 30 17.43 8.55 2.33
N PRO A 31 18.10 7.52 1.79
CA PRO A 31 19.26 6.90 2.43
C PRO A 31 20.55 7.67 2.18
N THR A 32 21.15 8.16 3.25
CA THR A 32 22.39 8.92 3.14
C THR A 32 23.27 8.70 4.38
N ALA A 33 24.51 8.30 4.16
CA ALA A 33 25.44 8.06 5.26
C ALA A 33 24.97 6.91 6.12
N VAL A 34 24.01 7.18 6.99
CA VAL A 34 23.46 6.16 7.88
C VAL A 34 22.50 5.24 7.13
N ASP A 35 21.93 5.74 6.03
CA ASP A 35 20.99 4.98 5.21
C ASP A 35 19.99 4.21 6.08
N PRO A 36 18.96 4.91 6.58
CA PRO A 36 17.93 4.29 7.41
C PRO A 36 17.31 3.07 6.74
N ASN A 37 16.49 3.29 5.73
CA ASN A 37 15.85 2.19 5.00
C ASN A 37 14.86 2.72 3.97
N SER A 38 14.36 1.82 3.13
CA SER A 38 13.39 2.19 2.11
C SER A 38 11.99 2.22 2.70
N ILE A 39 11.56 3.40 3.11
CA ILE A 39 10.26 3.57 3.72
C ILE A 39 9.26 4.19 2.75
N VAL A 40 8.09 3.57 2.65
CA VAL A 40 7.04 4.06 1.76
C VAL A 40 5.70 4.08 2.50
N GLU A 41 4.82 4.99 2.08
CA GLU A 41 3.51 5.11 2.70
C GLU A 41 2.40 5.12 1.65
N CYS A 42 1.42 4.25 1.85
CA CYS A 42 0.29 4.17 0.92
C CYS A 42 -0.84 5.08 1.36
N ARG A 43 -1.00 6.20 0.66
CA ARG A 43 -2.05 7.16 0.99
C ARG A 43 -3.22 7.01 0.03
N VAL A 44 -4.43 7.11 0.56
CA VAL A 44 -5.62 6.99 -0.26
C VAL A 44 -6.49 8.24 -0.16
N GLY A 45 -7.37 8.43 -1.13
CA GLY A 45 -8.24 9.59 -1.13
C GLY A 45 -7.47 10.90 -1.13
N ASP A 46 -7.47 11.58 0.01
CA ASP A 46 -6.78 12.84 0.14
C ASP A 46 -5.37 12.64 0.70
N GLY A 47 -5.29 12.20 1.95
CA GLY A 47 -4.01 11.97 2.59
C GLY A 47 -4.09 10.95 3.71
N THR A 48 -4.89 9.91 3.51
CA THR A 48 -5.04 8.87 4.51
C THR A 48 -4.12 7.69 4.21
N VAL A 49 -3.09 7.53 5.04
CA VAL A 49 -2.14 6.44 4.86
C VAL A 49 -2.65 5.17 5.53
N LEU A 50 -2.85 4.13 4.72
CA LEU A 50 -3.34 2.85 5.22
C LEU A 50 -2.28 1.77 5.12
N GLY A 51 -1.30 1.98 4.26
CA GLY A 51 -0.24 1.00 4.08
C GLY A 51 1.15 1.57 4.24
N THR A 52 1.72 1.43 5.43
CA THR A 52 3.05 1.93 5.72
C THR A 52 4.01 0.79 6.04
N GLY A 53 5.07 0.66 5.25
CA GLY A 53 6.03 -0.41 5.47
C GLY A 53 7.42 -0.06 4.98
N VAL A 54 8.43 -0.67 5.59
CA VAL A 54 9.82 -0.43 5.21
C VAL A 54 10.34 -1.53 4.30
N GLY A 55 11.42 -1.25 3.61
CA GLY A 55 12.01 -2.23 2.70
C GLY A 55 13.44 -1.90 2.34
N ARG A 56 14.10 -2.82 1.64
CA ARG A 56 15.48 -2.62 1.23
C ARG A 56 15.53 -1.74 -0.03
N ASN A 57 14.48 -1.79 -0.81
CA ASN A 57 14.38 -1.01 -2.04
C ASN A 57 12.96 -0.50 -2.23
N ILE A 58 12.67 0.00 -3.44
CA ILE A 58 11.34 0.51 -3.73
C ILE A 58 10.33 -0.62 -3.88
N LYS A 59 10.78 -1.75 -4.42
CA LYS A 59 9.92 -2.91 -4.61
C LYS A 59 9.56 -3.55 -3.27
N ILE A 60 10.57 -3.75 -2.44
CA ILE A 60 10.37 -4.36 -1.12
C ILE A 60 9.49 -3.47 -0.25
N ALA A 61 9.94 -2.25 -0.02
CA ALA A 61 9.20 -1.29 0.81
C ALA A 61 7.74 -1.24 0.39
N GLY A 62 7.51 -1.25 -0.91
CA GLY A 62 6.16 -1.21 -1.43
C GLY A 62 5.35 -2.42 -0.99
N ILE A 63 6.02 -3.57 -0.96
CA ILE A 63 5.36 -4.82 -0.54
C ILE A 63 5.05 -4.78 0.95
N ARG A 64 6.00 -4.28 1.73
CA ARG A 64 5.83 -4.19 3.17
C ARG A 64 4.69 -3.23 3.52
N ALA A 65 4.65 -2.10 2.82
CA ALA A 65 3.60 -1.11 3.04
C ALA A 65 2.25 -1.69 2.71
N ALA A 66 2.13 -2.25 1.51
CA ALA A 66 0.87 -2.86 1.08
C ALA A 66 0.51 -4.02 1.99
N GLU A 67 1.52 -4.75 2.41
CA GLU A 67 1.32 -5.90 3.31
C GLU A 67 0.78 -5.41 4.64
N ASN A 68 1.24 -4.22 5.05
CA ASN A 68 0.80 -3.63 6.31
C ASN A 68 -0.67 -3.24 6.21
N ALA A 69 -1.08 -2.81 5.02
CA ALA A 69 -2.46 -2.41 4.77
C ALA A 69 -3.33 -3.64 4.55
N LEU A 70 -2.73 -4.68 3.97
CA LEU A 70 -3.45 -5.92 3.71
C LEU A 70 -3.60 -6.75 4.97
N ARG A 71 -2.70 -6.53 5.93
CA ARG A 71 -2.73 -7.26 7.19
C ARG A 71 -4.02 -6.99 7.95
N ASP A 72 -4.45 -5.72 7.95
CA ASP A 72 -5.66 -5.32 8.63
C ASP A 72 -6.88 -6.01 8.02
N LYS A 73 -7.12 -7.25 8.44
CA LYS A 73 -8.25 -8.03 7.94
C LYS A 73 -9.57 -7.29 8.19
N LYS A 74 -9.67 -6.64 9.34
CA LYS A 74 -10.87 -5.90 9.69
C LYS A 74 -11.11 -4.77 8.70
N MET A 75 -10.14 -3.86 8.62
CA MET A 75 -10.23 -2.73 7.70
C MET A 75 -10.39 -3.22 6.27
N LEU A 76 -9.81 -4.38 5.97
CA LEU A 76 -9.90 -4.96 4.64
C LEU A 76 -11.29 -5.52 4.39
N ASP A 77 -11.91 -6.03 5.45
CA ASP A 77 -13.26 -6.59 5.34
C ASP A 77 -14.27 -5.50 5.03
N PHE A 78 -14.08 -4.33 5.63
CA PHE A 78 -14.98 -3.20 5.42
C PHE A 78 -14.93 -2.74 3.97
N TYR A 79 -13.72 -2.67 3.42
CA TYR A 79 -13.53 -2.24 2.04
C TYR A 79 -13.83 -3.39 1.10
N ALA A 80 -13.41 -4.59 1.48
CA ALA A 80 -13.65 -5.76 0.67
C ALA A 80 -15.15 -5.96 0.43
N LYS A 81 -15.95 -5.49 1.37
CA LYS A 81 -17.41 -5.58 1.25
C LYS A 81 -17.95 -4.44 0.40
N GLN A 82 -17.09 -3.51 0.03
CA GLN A 82 -17.47 -2.37 -0.79
C GLN A 82 -16.83 -2.47 -2.17
N ARG A 83 -15.53 -2.72 -2.17
CA ARG A 83 -14.79 -2.85 -3.43
C ARG A 83 -15.24 -4.09 -4.19
N ALA A 84 -15.35 -5.21 -3.47
CA ALA A 84 -15.78 -6.45 -4.07
C ALA A 84 -17.28 -6.45 -4.33
N ALA A 85 -18.01 -5.69 -3.52
CA ALA A 85 -19.46 -5.59 -3.66
C ALA A 85 -19.84 -4.53 -4.69
N ALA A 86 -18.94 -3.58 -4.91
CA ALA A 86 -19.18 -2.51 -5.89
C ALA A 86 -19.08 -3.03 -7.31
N LEU A 87 -18.25 -4.05 -7.51
CA LEU A 87 -18.06 -4.64 -8.83
C LEU A 87 -18.13 -6.16 -8.75
N GLY A 88 -17.21 -6.76 -8.00
CA GLY A 88 -17.19 -8.21 -7.87
C GLY A 88 -16.21 -8.86 -8.82
N MET A 1 3.81 -2.57 -10.26
CA MET A 1 3.66 -3.82 -11.06
C MET A 1 4.81 -4.79 -10.78
N ASP A 2 5.99 -4.46 -11.30
CA ASP A 2 7.16 -5.30 -11.12
C ASP A 2 8.31 -4.50 -10.49
N LYS A 3 7.96 -3.47 -9.73
CA LYS A 3 8.96 -2.64 -9.07
C LYS A 3 8.29 -1.56 -8.21
N LEU A 4 7.20 -1.01 -8.72
CA LEU A 4 6.46 0.04 -8.01
C LEU A 4 6.02 -0.46 -6.64
N ASP A 5 5.31 -1.58 -6.63
CA ASP A 5 4.82 -2.16 -5.39
C ASP A 5 4.45 -3.63 -5.57
N MET A 6 5.12 -4.29 -6.51
CA MET A 6 4.89 -5.70 -6.80
C MET A 6 3.39 -6.04 -6.82
N ASN A 7 3.09 -7.33 -6.85
CA ASN A 7 1.70 -7.78 -6.88
C ASN A 7 0.94 -7.30 -5.64
N ALA A 8 1.68 -6.96 -4.58
CA ALA A 8 1.05 -6.48 -3.35
C ALA A 8 0.18 -5.26 -3.62
N LYS A 9 0.56 -4.48 -4.63
CA LYS A 9 -0.19 -3.30 -5.00
C LYS A 9 -1.50 -3.67 -5.70
N ARG A 10 -1.43 -4.68 -6.56
CA ARG A 10 -2.61 -5.13 -7.28
C ARG A 10 -3.62 -5.74 -6.32
N GLN A 11 -3.11 -6.33 -5.26
CA GLN A 11 -3.95 -6.96 -4.24
C GLN A 11 -4.77 -5.90 -3.51
N LEU A 12 -4.09 -4.86 -3.03
CA LEU A 12 -4.75 -3.78 -2.31
C LEU A 12 -5.81 -3.10 -3.19
N TYR A 13 -5.47 -2.90 -4.45
CA TYR A 13 -6.38 -2.26 -5.39
C TYR A 13 -7.53 -3.19 -5.75
N SER A 14 -7.27 -4.49 -5.72
CA SER A 14 -8.27 -5.49 -6.04
C SER A 14 -9.06 -5.90 -4.81
N LEU A 15 -8.62 -5.46 -3.64
CA LEU A 15 -9.29 -5.80 -2.38
C LEU A 15 -9.96 -4.58 -1.76
N ILE A 16 -9.42 -3.39 -2.01
CA ILE A 16 -9.98 -2.18 -1.43
C ILE A 16 -10.06 -1.03 -2.45
N GLY A 17 -9.07 -0.95 -3.34
CA GLY A 17 -9.07 0.10 -4.33
C GLY A 17 -10.22 -0.01 -5.30
N TYR A 18 -11.28 0.76 -5.06
CA TYR A 18 -12.45 0.73 -5.93
C TYR A 18 -12.45 1.91 -6.90
N ALA A 19 -12.04 3.08 -6.40
CA ALA A 19 -11.99 4.29 -7.23
C ALA A 19 -11.53 5.49 -6.41
N SER A 20 -12.43 6.01 -5.58
CA SER A 20 -12.12 7.17 -4.75
C SER A 20 -10.82 6.96 -3.98
N LEU A 21 -10.52 5.70 -3.67
CA LEU A 21 -9.30 5.37 -2.93
C LEU A 21 -8.13 5.20 -3.89
N ARG A 22 -7.63 6.33 -4.40
CA ARG A 22 -6.50 6.31 -5.32
C ARG A 22 -5.25 5.75 -4.65
N LEU A 23 -5.17 4.42 -4.59
CA LEU A 23 -4.03 3.75 -3.97
C LEU A 23 -2.73 4.19 -4.61
N HIS A 24 -1.93 4.98 -3.88
CA HIS A 24 -0.65 5.46 -4.38
C HIS A 24 0.40 5.40 -3.28
N TYR A 25 1.60 4.93 -3.64
CA TYR A 25 2.69 4.81 -2.69
C TYR A 25 3.68 5.97 -2.83
N VAL A 26 4.00 6.58 -1.71
CA VAL A 26 4.93 7.70 -1.69
C VAL A 26 6.09 7.44 -0.74
N THR A 27 7.30 7.35 -1.29
CA THR A 27 8.49 7.10 -0.47
C THR A 27 8.96 8.40 0.18
N VAL A 28 9.50 8.28 1.40
CA VAL A 28 9.97 9.44 2.13
C VAL A 28 11.48 9.37 2.38
N LYS A 29 11.90 8.29 3.01
CA LYS A 29 13.32 8.08 3.32
C LYS A 29 14.14 7.97 2.04
N LYS A 30 15.42 7.63 2.20
CA LYS A 30 16.34 7.49 1.08
C LYS A 30 17.69 6.98 1.55
N PRO A 31 18.00 5.69 1.31
CA PRO A 31 19.27 5.10 1.72
C PRO A 31 20.47 5.97 1.37
N THR A 32 21.18 6.42 2.39
CA THR A 32 22.35 7.27 2.19
C THR A 32 23.22 7.31 3.45
N ALA A 33 22.73 8.00 4.48
CA ALA A 33 23.46 8.11 5.73
C ALA A 33 22.51 8.27 6.90
N VAL A 34 21.53 9.16 6.75
CA VAL A 34 20.55 9.41 7.79
C VAL A 34 19.46 8.33 7.79
N ASP A 35 19.11 7.87 6.60
CA ASP A 35 18.09 6.85 6.44
C ASP A 35 18.72 5.45 6.38
N PRO A 36 18.22 4.50 7.20
CA PRO A 36 18.76 3.14 7.23
C PRO A 36 18.32 2.31 6.03
N ASN A 37 17.08 2.51 5.59
CA ASN A 37 16.54 1.78 4.45
C ASN A 37 15.54 2.62 3.68
N SER A 38 14.77 1.97 2.82
CA SER A 38 13.77 2.66 2.01
C SER A 38 12.38 2.50 2.61
N ILE A 39 11.90 3.54 3.29
CA ILE A 39 10.59 3.50 3.92
C ILE A 39 9.54 4.15 3.01
N VAL A 40 8.44 3.42 2.79
CA VAL A 40 7.36 3.91 1.96
C VAL A 40 6.04 3.91 2.72
N GLU A 41 5.12 4.77 2.31
CA GLU A 41 3.82 4.87 2.95
C GLU A 41 2.70 4.91 1.93
N CYS A 42 1.86 3.88 1.95
CA CYS A 42 0.73 3.79 1.04
C CYS A 42 -0.36 4.76 1.45
N ARG A 43 -0.61 5.76 0.61
CA ARG A 43 -1.64 6.75 0.90
C ARG A 43 -2.81 6.63 -0.06
N VAL A 44 -4.02 6.79 0.47
CA VAL A 44 -5.22 6.69 -0.34
C VAL A 44 -5.56 8.04 -0.97
N GLY A 45 -6.43 8.01 -1.98
CA GLY A 45 -6.83 9.23 -2.66
C GLY A 45 -7.67 10.14 -1.79
N ASP A 46 -7.06 10.70 -0.76
CA ASP A 46 -7.75 11.60 0.16
C ASP A 46 -6.79 12.15 1.20
N GLY A 47 -5.89 11.31 1.69
CA GLY A 47 -4.93 11.75 2.69
C GLY A 47 -4.96 10.88 3.93
N THR A 48 -4.84 9.56 3.75
CA THR A 48 -4.85 8.62 4.86
C THR A 48 -4.02 7.39 4.54
N VAL A 49 -2.90 7.23 5.23
CA VAL A 49 -2.02 6.09 5.02
C VAL A 49 -2.67 4.80 5.53
N LEU A 50 -2.87 3.86 4.62
CA LEU A 50 -3.48 2.58 4.96
C LEU A 50 -2.43 1.50 5.14
N GLY A 51 -1.24 1.71 4.58
CA GLY A 51 -0.19 0.72 4.69
C GLY A 51 1.20 1.32 4.64
N THR A 52 1.97 1.11 5.70
CA THR A 52 3.33 1.63 5.78
C THR A 52 4.32 0.49 6.05
N GLY A 53 5.52 0.60 5.48
CA GLY A 53 6.53 -0.43 5.67
C GLY A 53 7.89 -0.04 5.14
N VAL A 54 8.93 -0.64 5.71
CA VAL A 54 10.30 -0.37 5.30
C VAL A 54 10.78 -1.40 4.28
N GLY A 55 11.86 -1.08 3.57
CA GLY A 55 12.39 -1.99 2.58
C GLY A 55 13.75 -1.55 2.06
N ARG A 56 14.59 -2.51 1.73
CA ARG A 56 15.93 -2.22 1.20
C ARG A 56 15.83 -1.38 -0.07
N ASN A 57 14.75 -1.55 -0.81
CA ASN A 57 14.54 -0.81 -2.05
C ASN A 57 13.06 -0.50 -2.25
N ILE A 58 12.77 0.41 -3.16
CA ILE A 58 11.39 0.80 -3.44
C ILE A 58 10.51 -0.42 -3.74
N LYS A 59 11.13 -1.50 -4.18
CA LYS A 59 10.41 -2.72 -4.48
C LYS A 59 10.01 -3.45 -3.20
N ILE A 60 11.00 -3.70 -2.36
CA ILE A 60 10.78 -4.37 -1.08
C ILE A 60 9.86 -3.55 -0.20
N ALA A 61 10.21 -2.28 0.00
CA ALA A 61 9.42 -1.39 0.82
C ALA A 61 7.98 -1.35 0.35
N GLY A 62 7.79 -1.29 -0.96
CA GLY A 62 6.45 -1.26 -1.53
C GLY A 62 5.65 -2.48 -1.14
N ILE A 63 6.33 -3.62 -1.09
CA ILE A 63 5.68 -4.87 -0.72
C ILE A 63 5.37 -4.90 0.77
N ARG A 64 6.25 -4.30 1.56
CA ARG A 64 6.08 -4.24 3.00
C ARG A 64 4.93 -3.32 3.37
N ALA A 65 4.86 -2.18 2.71
CA ALA A 65 3.81 -1.21 2.97
C ALA A 65 2.46 -1.79 2.58
N ALA A 66 2.40 -2.39 1.40
CA ALA A 66 1.16 -3.00 0.91
C ALA A 66 0.76 -4.16 1.81
N GLU A 67 1.75 -4.93 2.24
CA GLU A 67 1.50 -6.07 3.12
C GLU A 67 0.96 -5.59 4.46
N ASN A 68 1.44 -4.42 4.90
CA ASN A 68 0.98 -3.84 6.15
C ASN A 68 -0.48 -3.42 6.03
N ALA A 69 -0.86 -2.99 4.85
CA ALA A 69 -2.23 -2.56 4.57
C ALA A 69 -3.14 -3.77 4.37
N LEU A 70 -2.57 -4.84 3.81
CA LEU A 70 -3.33 -6.07 3.57
C LEU A 70 -3.49 -6.87 4.86
N ARG A 71 -2.55 -6.69 5.78
CA ARG A 71 -2.59 -7.40 7.06
C ARG A 71 -3.85 -7.06 7.84
N ASP A 72 -4.22 -5.78 7.83
CA ASP A 72 -5.41 -5.32 8.53
C ASP A 72 -6.66 -6.00 8.00
N LYS A 73 -6.95 -7.18 8.56
CA LYS A 73 -8.13 -7.94 8.14
C LYS A 73 -9.41 -7.17 8.40
N LYS A 74 -9.38 -6.32 9.43
CA LYS A 74 -10.55 -5.52 9.78
C LYS A 74 -10.70 -4.36 8.82
N MET A 75 -9.58 -3.67 8.56
CA MET A 75 -9.57 -2.54 7.65
C MET A 75 -9.80 -3.01 6.21
N LEU A 76 -9.34 -4.22 5.92
CA LEU A 76 -9.50 -4.79 4.59
C LEU A 76 -10.93 -5.29 4.41
N ASP A 77 -11.52 -5.78 5.49
CA ASP A 77 -12.89 -6.27 5.45
C ASP A 77 -13.87 -5.13 5.17
N PHE A 78 -13.56 -3.97 5.73
CA PHE A 78 -14.41 -2.79 5.55
C PHE A 78 -14.42 -2.36 4.08
N TYR A 79 -13.25 -2.40 3.46
CA TYR A 79 -13.11 -2.01 2.06
C TYR A 79 -13.54 -3.16 1.17
N ALA A 80 -13.15 -4.37 1.53
CA ALA A 80 -13.52 -5.54 0.76
C ALA A 80 -15.03 -5.65 0.63
N LYS A 81 -15.75 -5.09 1.61
CA LYS A 81 -17.20 -5.11 1.59
C LYS A 81 -17.75 -3.94 0.77
N GLN A 82 -16.85 -3.06 0.33
CA GLN A 82 -17.23 -1.91 -0.47
C GLN A 82 -16.70 -2.05 -1.89
N ARG A 83 -15.42 -2.40 -2.00
CA ARG A 83 -14.78 -2.58 -3.30
C ARG A 83 -15.38 -3.79 -4.01
N ALA A 84 -15.51 -4.89 -3.29
CA ALA A 84 -16.07 -6.11 -3.84
C ALA A 84 -17.59 -6.00 -3.99
N ALA A 85 -18.19 -5.19 -3.12
CA ALA A 85 -19.63 -4.99 -3.15
C ALA A 85 -20.02 -3.90 -4.14
N ALA A 86 -19.09 -3.00 -4.42
CA ALA A 86 -19.34 -1.90 -5.36
C ALA A 86 -19.54 -2.43 -6.77
N LEU A 87 -18.89 -3.54 -7.09
CA LEU A 87 -18.99 -4.14 -8.41
C LEU A 87 -18.95 -5.66 -8.32
N GLY A 88 -18.00 -6.19 -7.55
CA GLY A 88 -17.87 -7.62 -7.40
C GLY A 88 -17.62 -8.33 -8.72
N MET A 1 9.30 -7.87 -13.01
CA MET A 1 8.45 -8.25 -11.86
C MET A 1 9.18 -8.04 -10.53
N ASP A 2 9.71 -6.83 -10.35
CA ASP A 2 10.44 -6.49 -9.14
C ASP A 2 10.54 -4.98 -8.96
N LYS A 3 9.40 -4.30 -8.98
CA LYS A 3 9.37 -2.85 -8.83
C LYS A 3 7.94 -2.33 -8.90
N LEU A 4 7.77 -1.04 -8.57
CA LEU A 4 6.46 -0.42 -8.59
C LEU A 4 5.50 -1.08 -7.60
N ASP A 5 6.06 -1.72 -6.57
CA ASP A 5 5.26 -2.38 -5.55
C ASP A 5 4.26 -3.35 -6.19
N MET A 6 4.70 -4.04 -7.23
CA MET A 6 3.85 -5.00 -7.94
C MET A 6 3.17 -5.96 -6.98
N ASN A 7 2.12 -6.62 -7.46
CA ASN A 7 1.38 -7.59 -6.67
C ASN A 7 0.72 -6.95 -5.46
N ALA A 8 1.49 -6.75 -4.39
CA ALA A 8 0.96 -6.15 -3.16
C ALA A 8 0.15 -4.90 -3.46
N LYS A 9 0.70 -4.03 -4.29
CA LYS A 9 0.02 -2.79 -4.65
C LYS A 9 -1.16 -3.07 -5.57
N ARG A 10 -1.09 -4.19 -6.29
CA ARG A 10 -2.18 -4.57 -7.20
C ARG A 10 -3.29 -5.24 -6.41
N GLN A 11 -2.91 -5.91 -5.33
CA GLN A 11 -3.87 -6.59 -4.48
C GLN A 11 -4.71 -5.55 -3.72
N LEU A 12 -4.02 -4.58 -3.13
CA LEU A 12 -4.70 -3.53 -2.38
C LEU A 12 -5.71 -2.78 -3.24
N TYR A 13 -5.33 -2.53 -4.50
CA TYR A 13 -6.21 -1.84 -5.42
C TYR A 13 -7.31 -2.75 -5.91
N SER A 14 -7.02 -4.04 -6.01
CA SER A 14 -7.99 -5.02 -6.46
C SER A 14 -8.84 -5.55 -5.30
N LEU A 15 -8.49 -5.16 -4.08
CA LEU A 15 -9.23 -5.63 -2.90
C LEU A 15 -9.85 -4.48 -2.13
N ILE A 16 -9.28 -3.27 -2.24
CA ILE A 16 -9.83 -2.15 -1.49
C ILE A 16 -9.88 -0.85 -2.30
N GLY A 17 -9.18 -0.80 -3.43
CA GLY A 17 -9.21 0.40 -4.25
C GLY A 17 -10.32 0.32 -5.27
N TYR A 18 -11.47 0.92 -4.96
CA TYR A 18 -12.60 0.87 -5.89
C TYR A 18 -12.68 2.06 -6.83
N ALA A 19 -12.11 3.20 -6.44
CA ALA A 19 -12.14 4.40 -7.28
C ALA A 19 -11.62 5.62 -6.53
N SER A 20 -12.51 6.30 -5.79
CA SER A 20 -12.13 7.47 -5.01
C SER A 20 -10.87 7.18 -4.22
N LEU A 21 -10.68 5.92 -3.87
CA LEU A 21 -9.51 5.50 -3.12
C LEU A 21 -8.28 5.48 -4.01
N ARG A 22 -7.77 6.66 -4.32
CA ARG A 22 -6.59 6.76 -5.17
C ARG A 22 -5.37 6.19 -4.46
N LEU A 23 -5.32 4.87 -4.35
CA LEU A 23 -4.22 4.18 -3.69
C LEU A 23 -2.87 4.67 -4.21
N HIS A 24 -2.16 5.42 -3.36
CA HIS A 24 -0.86 5.95 -3.73
C HIS A 24 0.16 5.67 -2.63
N TYR A 25 1.39 5.41 -3.02
CA TYR A 25 2.45 5.13 -2.05
C TYR A 25 3.44 6.28 -1.96
N VAL A 26 3.57 6.83 -0.77
CA VAL A 26 4.47 7.95 -0.54
C VAL A 26 5.81 7.47 0.01
N THR A 27 6.77 7.25 -0.88
CA THR A 27 8.10 6.79 -0.49
C THR A 27 8.94 7.96 0.02
N VAL A 28 9.41 7.85 1.26
CA VAL A 28 10.23 8.89 1.86
C VAL A 28 11.70 8.49 1.84
N LYS A 29 12.04 7.52 2.68
CA LYS A 29 13.41 7.00 2.78
C LYS A 29 14.46 8.10 2.76
N LYS A 30 14.83 8.55 1.57
CA LYS A 30 15.84 9.58 1.41
C LYS A 30 17.22 9.00 1.74
N PRO A 31 17.69 8.05 0.92
CA PRO A 31 18.98 7.38 1.13
C PRO A 31 20.16 8.34 0.95
N THR A 32 21.16 8.21 1.81
CA THR A 32 22.34 9.06 1.75
C THR A 32 23.57 8.29 2.26
N ALA A 33 24.60 9.03 2.65
CA ALA A 33 25.84 8.41 3.15
C ALA A 33 25.54 7.37 4.23
N VAL A 34 24.48 7.60 5.00
CA VAL A 34 24.09 6.68 6.05
C VAL A 34 23.04 5.68 5.56
N ASP A 35 22.19 6.14 4.65
CA ASP A 35 21.14 5.30 4.08
C ASP A 35 20.31 4.63 5.17
N PRO A 36 19.31 5.35 5.73
CA PRO A 36 18.45 4.81 6.78
C PRO A 36 17.76 3.53 6.33
N ASN A 37 16.84 3.68 5.38
CA ASN A 37 16.11 2.54 4.85
C ASN A 37 15.07 3.00 3.83
N SER A 38 14.51 2.05 3.08
CA SER A 38 13.49 2.37 2.09
C SER A 38 12.12 2.30 2.74
N ILE A 39 11.64 3.45 3.19
CA ILE A 39 10.34 3.52 3.85
C ILE A 39 9.26 4.03 2.90
N VAL A 40 8.08 3.43 2.99
CA VAL A 40 6.96 3.82 2.15
C VAL A 40 5.65 3.76 2.92
N GLU A 41 4.74 4.69 2.62
CA GLU A 41 3.45 4.74 3.29
C GLU A 41 2.31 4.79 2.27
N CYS A 42 1.47 3.76 2.29
CA CYS A 42 0.33 3.69 1.39
C CYS A 42 -0.81 4.57 1.88
N ARG A 43 -1.07 5.67 1.17
CA ARG A 43 -2.13 6.59 1.54
C ARG A 43 -3.25 6.58 0.51
N VAL A 44 -4.48 6.64 0.98
CA VAL A 44 -5.65 6.63 0.10
C VAL A 44 -5.98 8.05 -0.37
N GLY A 45 -6.90 8.14 -1.32
CA GLY A 45 -7.29 9.45 -1.84
C GLY A 45 -7.90 10.34 -0.77
N ASP A 46 -8.52 9.72 0.23
CA ASP A 46 -9.13 10.48 1.31
C ASP A 46 -8.08 11.21 2.14
N GLY A 47 -6.91 10.60 2.29
CA GLY A 47 -5.84 11.21 3.05
C GLY A 47 -5.55 10.47 4.34
N THR A 48 -5.42 9.15 4.24
CA THR A 48 -5.15 8.32 5.40
C THR A 48 -4.31 7.09 5.02
N VAL A 49 -3.16 6.95 5.66
CA VAL A 49 -2.28 5.83 5.39
C VAL A 49 -2.86 4.53 5.92
N LEU A 50 -3.16 3.61 5.02
CA LEU A 50 -3.73 2.32 5.40
C LEU A 50 -2.64 1.27 5.60
N GLY A 51 -1.47 1.49 4.99
CA GLY A 51 -0.38 0.54 5.10
C GLY A 51 0.98 1.20 5.08
N THR A 52 1.76 0.99 6.14
CA THR A 52 3.10 1.55 6.25
C THR A 52 4.13 0.44 6.48
N GLY A 53 5.27 0.55 5.82
CA GLY A 53 6.31 -0.46 5.98
C GLY A 53 7.61 -0.08 5.28
N VAL A 54 8.73 -0.51 5.87
CA VAL A 54 10.04 -0.22 5.30
C VAL A 54 10.53 -1.35 4.42
N GLY A 55 11.73 -1.16 3.88
CA GLY A 55 12.32 -2.16 3.01
C GLY A 55 13.71 -1.78 2.55
N ARG A 56 14.37 -2.71 1.87
CA ARG A 56 15.72 -2.47 1.37
C ARG A 56 15.68 -1.70 0.06
N ASN A 57 14.62 -1.92 -0.71
CA ASN A 57 14.44 -1.26 -1.99
C ASN A 57 13.00 -0.75 -2.14
N ILE A 58 12.76 0.03 -3.17
CA ILE A 58 11.42 0.57 -3.43
C ILE A 58 10.40 -0.55 -3.55
N LYS A 59 10.78 -1.63 -4.23
CA LYS A 59 9.90 -2.78 -4.43
C LYS A 59 9.56 -3.41 -3.08
N ILE A 60 10.58 -3.60 -2.26
CA ILE A 60 10.41 -4.19 -0.94
C ILE A 60 9.49 -3.33 -0.09
N ALA A 61 9.96 -2.14 0.25
CA ALA A 61 9.20 -1.20 1.06
C ALA A 61 7.76 -1.11 0.56
N GLY A 62 7.56 -1.34 -0.72
CA GLY A 62 6.23 -1.29 -1.29
C GLY A 62 5.40 -2.50 -0.90
N ILE A 63 6.05 -3.67 -0.91
CA ILE A 63 5.38 -4.91 -0.55
C ILE A 63 5.11 -4.95 0.95
N ARG A 64 6.00 -4.33 1.72
CA ARG A 64 5.86 -4.28 3.16
C ARG A 64 4.72 -3.36 3.57
N ALA A 65 4.67 -2.19 2.95
CA ALA A 65 3.61 -1.22 3.23
C ALA A 65 2.26 -1.78 2.86
N ALA A 66 2.17 -2.30 1.64
CA ALA A 66 0.92 -2.90 1.14
C ALA A 66 0.54 -4.08 2.01
N GLU A 67 1.55 -4.84 2.43
CA GLU A 67 1.32 -6.00 3.29
C GLU A 67 0.75 -5.56 4.63
N ASN A 68 1.25 -4.43 5.13
CA ASN A 68 0.77 -3.88 6.39
C ASN A 68 -0.70 -3.51 6.28
N ALA A 69 -1.10 -3.09 5.08
CA ALA A 69 -2.48 -2.71 4.82
C ALA A 69 -3.35 -3.95 4.63
N LEU A 70 -2.75 -5.01 4.12
CA LEU A 70 -3.47 -6.26 3.89
C LEU A 70 -3.68 -7.01 5.21
N ARG A 71 -2.77 -6.79 6.15
CA ARG A 71 -2.84 -7.44 7.46
C ARG A 71 -4.16 -7.13 8.17
N ASP A 72 -4.59 -5.88 8.04
CA ASP A 72 -5.84 -5.45 8.68
C ASP A 72 -7.04 -6.11 8.01
N LYS A 73 -7.20 -7.41 8.25
CA LYS A 73 -8.31 -8.16 7.68
C LYS A 73 -9.65 -7.48 7.95
N LYS A 74 -9.74 -6.81 9.10
CA LYS A 74 -10.96 -6.11 9.47
C LYS A 74 -11.16 -4.89 8.60
N MET A 75 -10.15 -4.03 8.56
CA MET A 75 -10.19 -2.83 7.74
C MET A 75 -10.22 -3.19 6.26
N LEU A 76 -9.76 -4.40 5.94
CA LEU A 76 -9.73 -4.86 4.56
C LEU A 76 -11.10 -5.40 4.17
N ASP A 77 -11.79 -6.01 5.12
CA ASP A 77 -13.11 -6.57 4.88
C ASP A 77 -14.13 -5.45 4.68
N PHE A 78 -13.98 -4.38 5.45
CA PHE A 78 -14.89 -3.24 5.36
C PHE A 78 -14.84 -2.63 3.97
N TYR A 79 -13.66 -2.68 3.35
CA TYR A 79 -13.46 -2.16 2.04
C TYR A 79 -14.02 -3.13 1.04
N ALA A 80 -13.51 -4.34 1.06
CA ALA A 80 -13.97 -5.37 0.15
C ALA A 80 -15.49 -5.46 0.15
N LYS A 81 -16.11 -5.21 1.30
CA LYS A 81 -17.56 -5.25 1.40
C LYS A 81 -18.19 -4.10 0.62
N GLN A 82 -17.37 -3.12 0.26
CA GLN A 82 -17.83 -1.97 -0.52
C GLN A 82 -17.28 -2.07 -1.93
N ARG A 83 -15.96 -2.06 -2.06
CA ARG A 83 -15.33 -2.16 -3.37
C ARG A 83 -15.81 -3.42 -4.11
N ALA A 84 -15.75 -4.56 -3.42
CA ALA A 84 -16.18 -5.82 -4.00
C ALA A 84 -17.69 -5.86 -4.21
N ALA A 85 -18.41 -5.21 -3.32
CA ALA A 85 -19.87 -5.17 -3.39
C ALA A 85 -20.34 -4.15 -4.43
N ALA A 86 -19.48 -3.18 -4.72
CA ALA A 86 -19.81 -2.15 -5.70
C ALA A 86 -19.29 -2.50 -7.09
N LEU A 87 -18.09 -3.07 -7.13
CA LEU A 87 -17.48 -3.47 -8.39
C LEU A 87 -17.64 -4.97 -8.64
N GLY A 88 -16.94 -5.77 -7.85
CA GLY A 88 -17.02 -7.21 -8.00
C GLY A 88 -15.86 -7.78 -8.76
N MET A 1 11.50 -9.38 -10.53
CA MET A 1 10.44 -9.47 -11.57
C MET A 1 9.47 -8.30 -11.49
N ASP A 2 9.24 -7.81 -10.28
CA ASP A 2 8.35 -6.68 -10.06
C ASP A 2 9.12 -5.45 -9.62
N LYS A 3 8.59 -4.27 -9.97
CA LYS A 3 9.23 -3.01 -9.60
C LYS A 3 8.22 -2.03 -9.04
N LEU A 4 7.05 -1.97 -9.67
CA LEU A 4 5.99 -1.06 -9.23
C LEU A 4 5.02 -1.76 -8.28
N ASP A 5 5.52 -2.77 -7.58
CA ASP A 5 4.70 -3.53 -6.64
C ASP A 5 3.50 -4.14 -7.35
N MET A 6 3.74 -4.69 -8.54
CA MET A 6 2.68 -5.32 -9.33
C MET A 6 2.24 -6.65 -8.71
N ASN A 7 1.86 -6.60 -7.44
CA ASN A 7 1.40 -7.78 -6.72
C ASN A 7 0.67 -7.37 -5.45
N ALA A 8 1.43 -7.04 -4.42
CA ALA A 8 0.84 -6.60 -3.16
C ALA A 8 0.09 -5.29 -3.36
N LYS A 9 0.45 -4.56 -4.41
CA LYS A 9 -0.20 -3.30 -4.72
C LYS A 9 -1.49 -3.54 -5.50
N ARG A 10 -1.50 -4.59 -6.31
CA ARG A 10 -2.68 -4.92 -7.09
C ARG A 10 -3.72 -5.56 -6.19
N GLN A 11 -3.24 -6.26 -5.16
CA GLN A 11 -4.11 -6.91 -4.20
C GLN A 11 -4.89 -5.87 -3.42
N LEU A 12 -4.17 -4.89 -2.89
CA LEU A 12 -4.79 -3.82 -2.11
C LEU A 12 -5.82 -3.06 -2.94
N TYR A 13 -5.45 -2.70 -4.15
CA TYR A 13 -6.33 -1.98 -5.05
C TYR A 13 -7.54 -2.84 -5.43
N SER A 14 -7.32 -4.15 -5.50
CA SER A 14 -8.38 -5.08 -5.86
C SER A 14 -9.14 -5.55 -4.62
N LEU A 15 -8.71 -5.10 -3.44
CA LEU A 15 -9.37 -5.49 -2.20
C LEU A 15 -10.02 -4.30 -1.50
N ILE A 16 -9.66 -3.08 -1.90
CA ILE A 16 -10.24 -1.89 -1.28
C ILE A 16 -10.36 -0.72 -2.26
N GLY A 17 -9.38 -0.57 -3.13
CA GLY A 17 -9.42 0.51 -4.10
C GLY A 17 -10.61 0.42 -5.04
N TYR A 18 -11.63 1.24 -4.80
CA TYR A 18 -12.82 1.23 -5.63
C TYR A 18 -12.87 2.46 -6.55
N ALA A 19 -12.33 3.58 -6.06
CA ALA A 19 -12.31 4.81 -6.83
C ALA A 19 -11.61 5.93 -6.06
N SER A 20 -12.33 6.55 -5.15
CA SER A 20 -11.78 7.64 -4.34
C SER A 20 -10.52 7.15 -3.61
N LEU A 21 -10.46 5.86 -3.35
CA LEU A 21 -9.31 5.26 -2.67
C LEU A 21 -8.09 5.26 -3.60
N ARG A 22 -7.59 6.45 -3.90
CA ARG A 22 -6.42 6.59 -4.76
C ARG A 22 -5.20 5.91 -4.15
N LEU A 23 -5.14 4.58 -4.28
CA LEU A 23 -4.03 3.82 -3.73
C LEU A 23 -2.71 4.26 -4.34
N HIS A 24 -1.98 5.12 -3.62
CA HIS A 24 -0.70 5.62 -4.09
C HIS A 24 0.36 5.48 -3.00
N TYR A 25 1.51 4.95 -3.37
CA TYR A 25 2.61 4.76 -2.43
C TYR A 25 3.59 5.92 -2.47
N VAL A 26 3.91 6.44 -1.29
CA VAL A 26 4.83 7.56 -1.19
C VAL A 26 6.14 7.12 -0.52
N THR A 27 7.19 6.98 -1.33
CA THR A 27 8.49 6.56 -0.82
C THR A 27 9.19 7.72 -0.12
N VAL A 28 9.16 7.71 1.21
CA VAL A 28 9.79 8.76 2.00
C VAL A 28 11.25 8.42 2.30
N LYS A 29 11.70 7.25 1.84
CA LYS A 29 13.06 6.80 2.06
C LYS A 29 14.08 7.92 1.78
N LYS A 30 15.29 7.72 2.29
CA LYS A 30 16.36 8.69 2.10
C LYS A 30 17.71 8.09 2.51
N PRO A 31 18.25 7.18 1.68
CA PRO A 31 19.52 6.52 1.97
C PRO A 31 20.69 7.51 2.06
N THR A 32 21.24 7.64 3.26
CA THR A 32 22.35 8.55 3.50
C THR A 32 22.71 8.58 4.99
N ALA A 33 21.68 8.65 5.82
CA ALA A 33 21.87 8.70 7.26
C ALA A 33 20.52 8.84 7.98
N VAL A 34 19.61 9.59 7.36
CA VAL A 34 18.29 9.81 7.94
C VAL A 34 17.42 8.57 7.78
N ASP A 35 17.60 7.87 6.67
CA ASP A 35 16.84 6.66 6.38
C ASP A 35 17.77 5.49 6.05
N PRO A 36 18.10 4.65 7.05
CA PRO A 36 18.98 3.50 6.86
C PRO A 36 18.49 2.53 5.79
N ASN A 37 17.21 2.62 5.44
CA ASN A 37 16.63 1.74 4.43
C ASN A 37 15.62 2.49 3.56
N SER A 38 14.80 1.73 2.84
CA SER A 38 13.79 2.32 1.96
C SER A 38 12.43 2.29 2.63
N ILE A 39 12.04 3.41 3.23
CA ILE A 39 10.76 3.51 3.91
C ILE A 39 9.67 4.04 2.97
N VAL A 40 8.56 3.31 2.90
CA VAL A 40 7.45 3.71 2.05
C VAL A 40 6.13 3.69 2.82
N GLU A 41 5.15 4.43 2.32
CA GLU A 41 3.85 4.51 2.96
C GLU A 41 2.73 4.62 1.93
N CYS A 42 1.81 3.67 1.96
CA CYS A 42 0.68 3.66 1.04
C CYS A 42 -0.39 4.63 1.51
N ARG A 43 -0.61 5.70 0.75
CA ARG A 43 -1.61 6.69 1.09
C ARG A 43 -2.79 6.64 0.11
N VAL A 44 -3.99 6.80 0.64
CA VAL A 44 -5.19 6.78 -0.19
C VAL A 44 -5.58 8.19 -0.63
N GLY A 45 -6.56 8.26 -1.53
CA GLY A 45 -7.01 9.55 -2.03
C GLY A 45 -7.83 10.31 -1.00
N ASP A 46 -7.15 10.85 0.01
CA ASP A 46 -7.82 11.61 1.06
C ASP A 46 -6.81 12.15 2.07
N GLY A 47 -5.81 11.34 2.39
CA GLY A 47 -4.80 11.74 3.34
C GLY A 47 -4.70 10.80 4.53
N THR A 48 -4.68 9.50 4.25
CA THR A 48 -4.60 8.50 5.30
C THR A 48 -3.81 7.28 4.82
N VAL A 49 -2.68 7.01 5.47
CA VAL A 49 -1.85 5.87 5.11
C VAL A 49 -2.46 4.57 5.63
N LEU A 50 -2.82 3.69 4.70
CA LEU A 50 -3.42 2.41 5.06
C LEU A 50 -2.35 1.33 5.21
N GLY A 51 -1.19 1.55 4.61
CA GLY A 51 -0.12 0.57 4.69
C GLY A 51 1.27 1.20 4.75
N THR A 52 1.96 0.99 5.85
CA THR A 52 3.31 1.52 6.03
C THR A 52 4.31 0.39 6.23
N GLY A 53 5.43 0.44 5.52
CA GLY A 53 6.43 -0.59 5.66
C GLY A 53 7.74 -0.24 4.98
N VAL A 54 8.85 -0.62 5.61
CA VAL A 54 10.17 -0.35 5.08
C VAL A 54 10.61 -1.44 4.11
N GLY A 55 11.79 -1.26 3.54
CA GLY A 55 12.32 -2.23 2.61
C GLY A 55 13.71 -1.84 2.09
N ARG A 56 14.35 -2.77 1.39
CA ARG A 56 15.69 -2.51 0.85
C ARG A 56 15.60 -1.53 -0.31
N ASN A 57 14.62 -1.73 -1.17
CA ASN A 57 14.42 -0.86 -2.34
C ASN A 57 12.94 -0.58 -2.55
N ILE A 58 12.64 0.41 -3.39
CA ILE A 58 11.26 0.78 -3.69
C ILE A 58 10.40 -0.45 -3.97
N LYS A 59 11.00 -1.45 -4.60
CA LYS A 59 10.28 -2.69 -4.92
C LYS A 59 9.91 -3.42 -3.65
N ILE A 60 10.85 -3.49 -2.72
CA ILE A 60 10.64 -4.15 -1.44
C ILE A 60 9.68 -3.36 -0.56
N ALA A 61 10.15 -2.20 -0.12
CA ALA A 61 9.37 -1.32 0.74
C ALA A 61 7.94 -1.18 0.23
N GLY A 62 7.77 -1.32 -1.08
CA GLY A 62 6.45 -1.23 -1.68
C GLY A 62 5.63 -2.47 -1.41
N ILE A 63 6.25 -3.63 -1.56
CA ILE A 63 5.58 -4.90 -1.32
C ILE A 63 5.36 -5.11 0.18
N ARG A 64 6.26 -4.56 0.99
CA ARG A 64 6.17 -4.69 2.44
C ARG A 64 5.06 -3.79 2.99
N ALA A 65 4.98 -2.57 2.47
CA ALA A 65 3.97 -1.62 2.91
C ALA A 65 2.57 -2.15 2.61
N ALA A 66 2.38 -2.62 1.39
CA ALA A 66 1.09 -3.17 0.98
C ALA A 66 0.72 -4.34 1.87
N GLU A 67 1.71 -5.17 2.18
CA GLU A 67 1.48 -6.33 3.04
C GLU A 67 1.00 -5.88 4.40
N ASN A 68 1.52 -4.76 4.87
CA ASN A 68 1.13 -4.21 6.16
C ASN A 68 -0.32 -3.77 6.13
N ALA A 69 -0.75 -3.28 4.96
CA ALA A 69 -2.13 -2.84 4.77
C ALA A 69 -3.06 -4.04 4.59
N LEU A 70 -2.51 -5.12 4.02
CA LEU A 70 -3.28 -6.33 3.79
C LEU A 70 -3.52 -7.08 5.10
N ARG A 71 -2.59 -6.93 6.04
CA ARG A 71 -2.69 -7.58 7.34
C ARG A 71 -3.92 -7.09 8.10
N ASP A 72 -4.27 -5.83 7.90
CA ASP A 72 -5.42 -5.23 8.57
C ASP A 72 -6.72 -5.83 8.04
N LYS A 73 -6.96 -7.09 8.36
CA LYS A 73 -8.16 -7.79 7.92
C LYS A 73 -9.42 -7.03 8.32
N LYS A 74 -9.31 -6.20 9.35
CA LYS A 74 -10.45 -5.41 9.81
C LYS A 74 -10.69 -4.25 8.86
N MET A 75 -9.68 -3.42 8.71
CA MET A 75 -9.77 -2.27 7.82
C MET A 75 -9.88 -2.74 6.37
N LEU A 76 -9.37 -3.92 6.09
CA LEU A 76 -9.43 -4.49 4.75
C LEU A 76 -10.82 -5.04 4.46
N ASP A 77 -11.43 -5.63 5.49
CA ASP A 77 -12.77 -6.19 5.36
C ASP A 77 -13.80 -5.08 5.13
N PHE A 78 -13.62 -3.96 5.84
CA PHE A 78 -14.53 -2.83 5.71
C PHE A 78 -14.58 -2.34 4.27
N TYR A 79 -13.42 -2.30 3.62
CA TYR A 79 -13.33 -1.86 2.24
C TYR A 79 -13.70 -3.00 1.30
N ALA A 80 -13.23 -4.19 1.61
CA ALA A 80 -13.53 -5.35 0.79
C ALA A 80 -15.02 -5.59 0.71
N LYS A 81 -15.73 -5.25 1.77
CA LYS A 81 -17.18 -5.42 1.81
C LYS A 81 -17.87 -4.26 1.08
N GLN A 82 -17.06 -3.31 0.60
CA GLN A 82 -17.58 -2.16 -0.12
C GLN A 82 -17.08 -2.17 -1.56
N ARG A 83 -15.77 -2.27 -1.73
CA ARG A 83 -15.19 -2.30 -3.08
C ARG A 83 -15.65 -3.55 -3.84
N ALA A 84 -15.78 -4.66 -3.13
CA ALA A 84 -16.23 -5.91 -3.73
C ALA A 84 -17.74 -5.96 -3.81
N ALA A 85 -18.39 -5.28 -2.86
CA ALA A 85 -19.84 -5.25 -2.81
C ALA A 85 -20.39 -4.17 -3.74
N ALA A 86 -19.56 -3.16 -4.03
CA ALA A 86 -19.97 -2.06 -4.90
C ALA A 86 -19.69 -2.39 -6.36
N LEU A 87 -18.63 -3.16 -6.58
CA LEU A 87 -18.24 -3.56 -7.94
C LEU A 87 -18.51 -5.03 -8.18
N GLY A 88 -17.79 -5.88 -7.46
CA GLY A 88 -17.96 -7.32 -7.61
C GLY A 88 -16.64 -8.06 -7.66
N MET A 1 2.84 -2.35 -14.83
CA MET A 1 3.63 -1.60 -13.81
C MET A 1 4.18 -2.54 -12.74
N ASP A 2 5.44 -2.36 -12.39
CA ASP A 2 6.09 -3.19 -11.39
C ASP A 2 7.32 -2.49 -10.82
N LYS A 3 8.02 -3.19 -9.93
CA LYS A 3 9.22 -2.65 -9.30
C LYS A 3 8.90 -1.40 -8.47
N LEU A 4 7.66 -1.34 -7.99
CA LEU A 4 7.22 -0.22 -7.18
C LEU A 4 6.45 -0.70 -5.95
N ASP A 5 5.51 -1.61 -6.18
CA ASP A 5 4.71 -2.17 -5.10
C ASP A 5 4.27 -3.59 -5.41
N MET A 6 4.95 -4.23 -6.37
CA MET A 6 4.65 -5.61 -6.77
C MET A 6 3.14 -5.86 -6.84
N ASN A 7 2.77 -7.13 -6.97
CA ASN A 7 1.37 -7.53 -7.06
C ASN A 7 0.58 -7.08 -5.82
N ALA A 8 1.29 -6.83 -4.72
CA ALA A 8 0.65 -6.40 -3.48
C ALA A 8 -0.30 -5.22 -3.72
N LYS A 9 0.15 -4.26 -4.51
CA LYS A 9 -0.66 -3.08 -4.82
C LYS A 9 -1.92 -3.48 -5.57
N ARG A 10 -1.80 -4.49 -6.42
CA ARG A 10 -2.94 -4.97 -7.19
C ARG A 10 -3.97 -5.59 -6.25
N GLN A 11 -3.48 -6.20 -5.19
CA GLN A 11 -4.34 -6.82 -4.19
C GLN A 11 -5.23 -5.77 -3.55
N LEU A 12 -4.61 -4.77 -2.95
CA LEU A 12 -5.35 -3.70 -2.30
C LEU A 12 -6.24 -2.97 -3.28
N TYR A 13 -5.71 -2.69 -4.46
CA TYR A 13 -6.48 -1.99 -5.47
C TYR A 13 -7.58 -2.87 -6.04
N SER A 14 -7.36 -4.18 -6.01
CA SER A 14 -8.35 -5.12 -6.50
C SER A 14 -9.18 -5.70 -5.36
N LEU A 15 -8.92 -5.23 -4.13
CA LEU A 15 -9.64 -5.72 -2.99
C LEU A 15 -10.25 -4.58 -2.18
N ILE A 16 -9.64 -3.38 -2.23
CA ILE A 16 -10.18 -2.23 -1.51
C ILE A 16 -10.40 -1.05 -2.46
N GLY A 17 -9.49 -0.87 -3.41
CA GLY A 17 -9.62 0.23 -4.35
C GLY A 17 -10.81 0.06 -5.27
N TYR A 18 -11.84 0.86 -5.03
CA TYR A 18 -13.06 0.79 -5.85
C TYR A 18 -13.16 2.00 -6.78
N ALA A 19 -12.82 3.17 -6.26
CA ALA A 19 -12.87 4.40 -7.05
C ALA A 19 -12.19 5.54 -6.33
N SER A 20 -12.85 6.07 -5.31
CA SER A 20 -12.29 7.17 -4.52
C SER A 20 -10.96 6.79 -3.92
N LEU A 21 -10.72 5.48 -3.78
CA LEU A 21 -9.47 4.98 -3.22
C LEU A 21 -8.32 5.13 -4.20
N ARG A 22 -7.76 6.32 -4.28
CA ARG A 22 -6.64 6.57 -5.18
C ARG A 22 -5.37 5.89 -4.65
N LEU A 23 -5.40 4.56 -4.60
CA LEU A 23 -4.26 3.80 -4.10
C LEU A 23 -2.96 4.23 -4.76
N HIS A 24 -2.12 4.91 -4.00
CA HIS A 24 -0.83 5.38 -4.50
C HIS A 24 0.25 5.15 -3.47
N TYR A 25 1.46 4.86 -3.93
CA TYR A 25 2.59 4.61 -3.04
C TYR A 25 3.63 5.73 -3.14
N VAL A 26 3.93 6.34 -2.00
CA VAL A 26 4.90 7.41 -1.94
C VAL A 26 6.15 6.98 -1.20
N THR A 27 7.21 6.68 -1.94
CA THR A 27 8.47 6.26 -1.35
C THR A 27 9.29 7.46 -0.89
N VAL A 28 9.95 7.32 0.25
CA VAL A 28 10.76 8.39 0.79
C VAL A 28 12.17 7.90 1.09
N LYS A 29 12.24 6.75 1.74
CA LYS A 29 13.52 6.12 2.10
C LYS A 29 14.58 7.15 2.50
N LYS A 30 15.40 7.58 1.55
CA LYS A 30 16.46 8.54 1.83
C LYS A 30 17.54 7.90 2.69
N PRO A 31 18.23 6.88 2.17
CA PRO A 31 19.29 6.18 2.89
C PRO A 31 20.39 7.12 3.37
N THR A 32 20.53 7.23 4.68
CA THR A 32 21.55 8.10 5.27
C THR A 32 21.79 7.74 6.73
N ALA A 33 20.78 7.97 7.57
CA ALA A 33 20.89 7.66 8.99
C ALA A 33 19.51 7.43 9.60
N VAL A 34 18.57 8.31 9.29
CA VAL A 34 17.21 8.20 9.80
C VAL A 34 16.44 7.09 9.09
N ASP A 35 16.70 6.93 7.80
CA ASP A 35 16.04 5.91 7.00
C ASP A 35 17.04 5.22 6.07
N PRO A 36 17.95 4.41 6.65
CA PRO A 36 18.97 3.68 5.88
C PRO A 36 18.39 2.64 4.93
N ASN A 37 17.10 2.35 5.08
CA ASN A 37 16.44 1.36 4.23
C ASN A 37 15.45 2.03 3.29
N SER A 38 14.75 1.22 2.51
CA SER A 38 13.77 1.74 1.58
C SER A 38 12.38 1.78 2.23
N ILE A 39 12.03 2.93 2.77
CA ILE A 39 10.74 3.09 3.44
C ILE A 39 9.70 3.70 2.51
N VAL A 40 8.56 3.03 2.39
CA VAL A 40 7.48 3.50 1.54
C VAL A 40 6.18 3.64 2.34
N GLU A 41 5.27 4.46 1.83
CA GLU A 41 4.00 4.68 2.51
C GLU A 41 2.83 4.62 1.52
N CYS A 42 2.00 3.60 1.66
CA CYS A 42 0.84 3.44 0.79
C CYS A 42 -0.25 4.44 1.16
N ARG A 43 -0.47 5.41 0.29
CA ARG A 43 -1.48 6.44 0.52
C ARG A 43 -2.71 6.18 -0.35
N VAL A 44 -3.88 6.43 0.22
CA VAL A 44 -5.12 6.22 -0.50
C VAL A 44 -5.94 7.52 -0.56
N GLY A 45 -6.91 7.56 -1.47
CA GLY A 45 -7.74 8.74 -1.60
C GLY A 45 -6.93 9.99 -1.90
N ASP A 46 -6.85 10.89 -0.93
CA ASP A 46 -6.11 12.13 -1.09
C ASP A 46 -4.66 11.94 -0.67
N GLY A 47 -4.45 11.58 0.59
CA GLY A 47 -3.11 11.39 1.09
C GLY A 47 -3.10 10.63 2.41
N THR A 48 -4.08 9.77 2.61
CA THR A 48 -4.18 8.98 3.84
C THR A 48 -3.42 7.67 3.71
N VAL A 49 -2.37 7.52 4.53
CA VAL A 49 -1.56 6.30 4.50
C VAL A 49 -2.30 5.14 5.13
N LEU A 50 -2.52 4.10 4.33
CA LEU A 50 -3.22 2.91 4.81
C LEU A 50 -2.25 1.75 5.03
N GLY A 51 -1.09 1.82 4.40
CA GLY A 51 -0.11 0.76 4.56
C GLY A 51 1.33 1.25 4.41
N THR A 52 2.07 1.22 5.51
CA THR A 52 3.46 1.66 5.50
C THR A 52 4.39 0.50 5.84
N GLY A 53 5.45 0.34 5.06
CA GLY A 53 6.38 -0.75 5.30
C GLY A 53 7.78 -0.45 4.75
N VAL A 54 8.79 -0.99 5.42
CA VAL A 54 10.17 -0.79 5.02
C VAL A 54 10.65 -1.95 4.15
N GLY A 55 11.76 -1.72 3.43
CA GLY A 55 12.30 -2.76 2.58
C GLY A 55 13.68 -2.41 2.04
N ARG A 56 14.43 -3.42 1.61
CA ARG A 56 15.77 -3.21 1.08
C ARG A 56 15.72 -2.25 -0.11
N ASN A 57 14.62 -2.29 -0.86
CA ASN A 57 14.46 -1.43 -2.02
C ASN A 57 12.98 -1.09 -2.23
N ILE A 58 12.69 -0.41 -3.33
CA ILE A 58 11.31 -0.03 -3.65
C ILE A 58 10.44 -1.26 -3.84
N LYS A 59 11.02 -2.31 -4.39
CA LYS A 59 10.29 -3.55 -4.64
C LYS A 59 9.85 -4.18 -3.31
N ILE A 60 10.81 -4.50 -2.47
CA ILE A 60 10.53 -5.10 -1.18
C ILE A 60 9.68 -4.17 -0.32
N ALA A 61 10.13 -2.94 -0.16
CA ALA A 61 9.40 -1.96 0.63
C ALA A 61 7.95 -1.85 0.19
N GLY A 62 7.74 -1.80 -1.12
CA GLY A 62 6.40 -1.71 -1.65
C GLY A 62 5.52 -2.86 -1.21
N ILE A 63 6.10 -4.06 -1.20
CA ILE A 63 5.38 -5.25 -0.79
C ILE A 63 5.11 -5.21 0.71
N ARG A 64 6.05 -4.66 1.46
CA ARG A 64 5.92 -4.54 2.91
C ARG A 64 4.84 -3.53 3.28
N ALA A 65 4.88 -2.38 2.59
CA ALA A 65 3.90 -1.33 2.84
C ALA A 65 2.50 -1.83 2.52
N ALA A 66 2.35 -2.42 1.35
CA ALA A 66 1.06 -2.96 0.93
C ALA A 66 0.64 -4.09 1.86
N GLU A 67 1.59 -4.94 2.21
CA GLU A 67 1.31 -6.05 3.11
C GLU A 67 0.87 -5.53 4.47
N ASN A 68 1.50 -4.45 4.91
CA ASN A 68 1.15 -3.84 6.19
C ASN A 68 -0.30 -3.38 6.16
N ALA A 69 -0.75 -2.95 4.99
CA ALA A 69 -2.12 -2.50 4.81
C ALA A 69 -3.08 -3.67 4.90
N LEU A 70 -2.61 -4.84 4.47
CA LEU A 70 -3.43 -6.06 4.51
C LEU A 70 -3.53 -6.59 5.94
N ARG A 71 -2.52 -6.28 6.75
CA ARG A 71 -2.50 -6.74 8.14
C ARG A 71 -3.77 -6.31 8.88
N ASP A 72 -4.14 -5.04 8.72
CA ASP A 72 -5.33 -4.51 9.37
C ASP A 72 -6.58 -5.15 8.78
N LYS A 73 -6.84 -6.39 9.15
CA LYS A 73 -8.00 -7.13 8.67
C LYS A 73 -9.29 -6.34 8.87
N LYS A 74 -9.36 -5.59 9.96
CA LYS A 74 -10.53 -4.79 10.26
C LYS A 74 -10.72 -3.71 9.20
N MET A 75 -9.74 -2.83 9.09
CA MET A 75 -9.79 -1.76 8.12
C MET A 75 -9.79 -2.33 6.71
N LEU A 76 -9.15 -3.47 6.53
CA LEU A 76 -9.08 -4.12 5.23
C LEU A 76 -10.42 -4.76 4.89
N ASP A 77 -11.09 -5.30 5.91
CA ASP A 77 -12.38 -5.95 5.71
C ASP A 77 -13.44 -4.92 5.33
N PHE A 78 -13.38 -3.75 5.96
CA PHE A 78 -14.34 -2.68 5.69
C PHE A 78 -14.37 -2.33 4.20
N TYR A 79 -13.21 -2.35 3.56
CA TYR A 79 -13.10 -2.03 2.16
C TYR A 79 -13.43 -3.26 1.32
N ALA A 80 -12.81 -4.38 1.67
CA ALA A 80 -13.04 -5.63 0.96
C ALA A 80 -14.52 -5.98 0.93
N LYS A 81 -15.26 -5.55 1.96
CA LYS A 81 -16.69 -5.82 2.02
C LYS A 81 -17.47 -4.77 1.23
N GLN A 82 -16.76 -3.77 0.71
CA GLN A 82 -17.38 -2.71 -0.06
C GLN A 82 -16.91 -2.79 -1.52
N ARG A 83 -15.61 -2.91 -1.71
CA ARG A 83 -15.04 -3.01 -3.05
C ARG A 83 -15.47 -4.30 -3.72
N ALA A 84 -15.35 -5.40 -2.97
CA ALA A 84 -15.74 -6.71 -3.49
C ALA A 84 -17.26 -6.86 -3.53
N ALA A 85 -17.94 -6.13 -2.65
CA ALA A 85 -19.39 -6.19 -2.57
C ALA A 85 -20.03 -5.20 -3.56
N ALA A 86 -19.29 -4.16 -3.92
CA ALA A 86 -19.80 -3.15 -4.84
C ALA A 86 -19.65 -3.61 -6.29
N LEU A 87 -18.54 -4.28 -6.57
CA LEU A 87 -18.27 -4.77 -7.93
C LEU A 87 -18.62 -6.25 -8.03
N GLY A 88 -17.87 -7.09 -7.32
CA GLY A 88 -18.12 -8.51 -7.35
C GLY A 88 -17.09 -9.31 -6.58
N MET A 1 13.81 -4.90 -12.91
CA MET A 1 12.36 -5.19 -12.98
C MET A 1 11.64 -4.78 -11.71
N ASP A 2 10.32 -4.89 -11.70
CA ASP A 2 9.52 -4.53 -10.54
C ASP A 2 9.70 -3.05 -10.19
N LYS A 3 8.69 -2.47 -9.54
CA LYS A 3 8.74 -1.06 -9.15
C LYS A 3 7.39 -0.61 -8.59
N LEU A 4 6.31 -1.26 -9.01
CA LEU A 4 4.97 -0.90 -8.55
C LEU A 4 4.61 -1.66 -7.28
N ASP A 5 5.60 -1.91 -6.43
CA ASP A 5 5.38 -2.62 -5.17
C ASP A 5 4.83 -4.02 -5.41
N MET A 6 5.35 -4.67 -6.46
CA MET A 6 4.94 -6.03 -6.81
C MET A 6 3.42 -6.20 -6.75
N ASN A 7 2.97 -7.45 -6.88
CA ASN A 7 1.55 -7.76 -6.85
C ASN A 7 0.87 -7.20 -5.60
N ALA A 8 1.65 -7.02 -4.54
CA ALA A 8 1.12 -6.49 -3.28
C ALA A 8 0.21 -5.28 -3.51
N LYS A 9 0.75 -4.28 -4.21
CA LYS A 9 -0.01 -3.07 -4.50
C LYS A 9 -1.27 -3.40 -5.31
N ARG A 10 -1.13 -4.35 -6.22
CA ARG A 10 -2.27 -4.76 -7.04
C ARG A 10 -3.33 -5.40 -6.17
N GLN A 11 -2.89 -6.10 -5.13
CA GLN A 11 -3.81 -6.75 -4.20
C GLN A 11 -4.69 -5.71 -3.52
N LEU A 12 -4.05 -4.72 -2.91
CA LEU A 12 -4.78 -3.65 -2.23
C LEU A 12 -5.77 -2.96 -3.16
N TYR A 13 -5.32 -2.65 -4.37
CA TYR A 13 -6.17 -2.00 -5.34
C TYR A 13 -7.29 -2.91 -5.80
N SER A 14 -6.99 -4.21 -5.86
CA SER A 14 -7.98 -5.20 -6.27
C SER A 14 -8.80 -5.69 -5.09
N LEU A 15 -8.52 -5.18 -3.90
CA LEU A 15 -9.26 -5.58 -2.71
C LEU A 15 -9.93 -4.40 -2.01
N ILE A 16 -9.38 -3.20 -2.17
CA ILE A 16 -9.96 -2.04 -1.51
C ILE A 16 -10.01 -0.81 -2.43
N GLY A 17 -8.99 -0.61 -3.25
CA GLY A 17 -8.99 0.53 -4.15
C GLY A 17 -10.03 0.35 -5.24
N TYR A 18 -11.20 0.95 -5.05
CA TYR A 18 -12.28 0.80 -6.04
C TYR A 18 -12.39 1.99 -6.99
N ALA A 19 -11.86 3.14 -6.60
CA ALA A 19 -11.93 4.34 -7.44
C ALA A 19 -11.46 5.57 -6.69
N SER A 20 -12.37 6.16 -5.90
CA SER A 20 -12.03 7.34 -5.11
C SER A 20 -10.72 7.13 -4.36
N LEU A 21 -10.44 5.88 -4.05
CA LEU A 21 -9.22 5.51 -3.34
C LEU A 21 -8.03 5.48 -4.28
N ARG A 22 -7.46 6.65 -4.55
CA ARG A 22 -6.31 6.72 -5.44
C ARG A 22 -5.07 6.13 -4.78
N LEU A 23 -5.12 4.82 -4.51
CA LEU A 23 -4.01 4.13 -3.87
C LEU A 23 -2.68 4.48 -4.53
N HIS A 24 -1.82 5.16 -3.80
CA HIS A 24 -0.52 5.57 -4.30
C HIS A 24 0.53 5.48 -3.19
N TYR A 25 1.63 4.78 -3.49
CA TYR A 25 2.70 4.62 -2.51
C TYR A 25 3.70 5.78 -2.59
N VAL A 26 4.01 6.35 -1.43
CA VAL A 26 4.95 7.46 -1.36
C VAL A 26 6.14 7.10 -0.47
N THR A 27 7.30 6.95 -1.09
CA THR A 27 8.52 6.61 -0.35
C THR A 27 9.03 7.83 0.41
N VAL A 28 8.79 7.84 1.72
CA VAL A 28 9.21 8.96 2.57
C VAL A 28 10.74 9.01 2.70
N LYS A 29 11.38 7.86 2.54
CA LYS A 29 12.83 7.79 2.64
C LYS A 29 13.41 6.82 1.62
N LYS A 30 14.73 6.65 1.66
CA LYS A 30 15.42 5.76 0.73
C LYS A 30 16.91 5.67 1.09
N PRO A 31 17.50 4.47 0.98
CA PRO A 31 18.92 4.26 1.31
C PRO A 31 19.82 5.37 0.76
N THR A 32 20.40 6.13 1.68
CA THR A 32 21.29 7.23 1.32
C THR A 32 22.09 7.70 2.52
N ALA A 33 22.94 6.82 3.04
CA ALA A 33 23.76 7.15 4.20
C ALA A 33 22.91 7.42 5.44
N VAL A 34 22.39 8.64 5.51
CA VAL A 34 21.56 9.03 6.64
C VAL A 34 20.28 8.20 6.72
N ASP A 35 19.71 7.89 5.55
CA ASP A 35 18.49 7.10 5.48
C ASP A 35 18.78 5.62 5.75
N PRO A 36 18.27 5.08 6.87
CA PRO A 36 18.50 3.67 7.23
C PRO A 36 18.09 2.71 6.11
N ASN A 37 16.86 2.85 5.63
CA ASN A 37 16.35 1.99 4.56
C ASN A 37 15.34 2.73 3.70
N SER A 38 14.56 1.98 2.93
CA SER A 38 13.56 2.57 2.05
C SER A 38 12.17 2.48 2.69
N ILE A 39 11.78 3.56 3.37
CA ILE A 39 10.47 3.59 4.02
C ILE A 39 9.38 4.10 3.08
N VAL A 40 8.31 3.33 2.95
CA VAL A 40 7.21 3.71 2.08
C VAL A 40 5.89 3.68 2.83
N GLU A 41 4.92 4.47 2.35
CA GLU A 41 3.61 4.53 2.98
C GLU A 41 2.51 4.66 1.94
N CYS A 42 1.62 3.67 1.92
CA CYS A 42 0.50 3.65 0.97
C CYS A 42 -0.58 4.61 1.43
N ARG A 43 -0.71 5.74 0.74
CA ARG A 43 -1.72 6.73 1.08
C ARG A 43 -2.86 6.70 0.09
N VAL A 44 -4.08 6.86 0.58
CA VAL A 44 -5.25 6.84 -0.29
C VAL A 44 -5.62 8.25 -0.73
N GLY A 45 -6.49 8.34 -1.74
CA GLY A 45 -6.90 9.63 -2.24
C GLY A 45 -7.76 10.39 -1.26
N ASP A 46 -7.13 10.89 -0.19
CA ASP A 46 -7.86 11.64 0.84
C ASP A 46 -6.89 12.13 1.92
N GLY A 47 -5.93 11.27 2.28
CA GLY A 47 -4.96 11.63 3.30
C GLY A 47 -4.95 10.65 4.47
N THR A 48 -4.87 9.36 4.14
CA THR A 48 -4.84 8.32 5.16
C THR A 48 -4.02 7.13 4.70
N VAL A 49 -2.89 6.90 5.37
CA VAL A 49 -2.01 5.79 5.03
C VAL A 49 -2.57 4.48 5.57
N LEU A 50 -2.81 3.53 4.67
CA LEU A 50 -3.33 2.23 5.06
C LEU A 50 -2.25 1.17 5.05
N GLY A 51 -1.16 1.43 4.33
CA GLY A 51 -0.07 0.47 4.25
C GLY A 51 1.29 1.10 4.45
N THR A 52 1.81 1.02 5.67
CA THR A 52 3.12 1.57 5.99
C THR A 52 4.13 0.47 6.26
N GLY A 53 5.22 0.44 5.49
CA GLY A 53 6.23 -0.57 5.66
C GLY A 53 7.54 -0.21 5.00
N VAL A 54 8.65 -0.54 5.67
CA VAL A 54 9.98 -0.25 5.15
C VAL A 54 10.46 -1.35 4.23
N GLY A 55 11.64 -1.16 3.67
CA GLY A 55 12.22 -2.14 2.77
C GLY A 55 13.59 -1.73 2.27
N ARG A 56 14.28 -2.65 1.61
CA ARG A 56 15.60 -2.37 1.07
C ARG A 56 15.52 -1.36 -0.06
N ASN A 57 14.42 -1.39 -0.81
CA ASN A 57 14.22 -0.48 -1.92
C ASN A 57 12.73 -0.21 -2.13
N ILE A 58 12.40 0.50 -3.20
CA ILE A 58 11.02 0.83 -3.52
C ILE A 58 10.20 -0.43 -3.77
N LYS A 59 10.84 -1.44 -4.36
CA LYS A 59 10.18 -2.70 -4.66
C LYS A 59 9.79 -3.43 -3.38
N ILE A 60 10.79 -3.79 -2.59
CA ILE A 60 10.57 -4.49 -1.33
C ILE A 60 9.68 -3.68 -0.40
N ALA A 61 10.08 -2.44 -0.15
CA ALA A 61 9.32 -1.56 0.74
C ALA A 61 7.84 -1.55 0.36
N GLY A 62 7.59 -1.61 -0.95
CA GLY A 62 6.22 -1.61 -1.43
C GLY A 62 5.47 -2.86 -1.02
N ILE A 63 6.14 -4.01 -1.11
CA ILE A 63 5.53 -5.28 -0.73
C ILE A 63 5.26 -5.33 0.77
N ARG A 64 6.15 -4.71 1.54
CA ARG A 64 5.99 -4.69 2.99
C ARG A 64 4.86 -3.75 3.40
N ALA A 65 4.85 -2.56 2.83
CA ALA A 65 3.81 -1.58 3.12
C ALA A 65 2.44 -2.12 2.73
N ALA A 66 2.35 -2.65 1.53
CA ALA A 66 1.10 -3.22 1.03
C ALA A 66 0.68 -4.40 1.88
N GLU A 67 1.65 -5.21 2.28
CA GLU A 67 1.38 -6.37 3.11
C GLU A 67 0.85 -5.93 4.47
N ASN A 68 1.40 -4.84 4.97
CA ASN A 68 0.97 -4.29 6.25
C ASN A 68 -0.48 -3.84 6.18
N ALA A 69 -0.89 -3.40 5.00
CA ALA A 69 -2.26 -2.95 4.78
C ALA A 69 -3.21 -4.13 4.69
N LEU A 70 -2.72 -5.24 4.15
CA LEU A 70 -3.52 -6.44 4.00
C LEU A 70 -3.72 -7.13 5.35
N ARG A 71 -2.76 -6.93 6.25
CA ARG A 71 -2.82 -7.53 7.58
C ARG A 71 -4.09 -7.08 8.32
N ASP A 72 -4.45 -5.82 8.13
CA ASP A 72 -5.64 -5.27 8.77
C ASP A 72 -6.91 -5.88 8.20
N LYS A 73 -7.15 -7.15 8.55
CA LYS A 73 -8.33 -7.85 8.07
C LYS A 73 -9.60 -7.07 8.33
N LYS A 74 -9.65 -6.39 9.48
CA LYS A 74 -10.81 -5.59 9.84
C LYS A 74 -10.98 -4.43 8.87
N MET A 75 -9.94 -3.62 8.74
CA MET A 75 -9.97 -2.47 7.85
C MET A 75 -10.13 -2.93 6.40
N LEU A 76 -9.59 -4.10 6.09
CA LEU A 76 -9.67 -4.65 4.74
C LEU A 76 -11.08 -5.15 4.45
N ASP A 77 -11.75 -5.64 5.50
CA ASP A 77 -13.11 -6.15 5.36
C ASP A 77 -14.09 -5.00 5.11
N PHE A 78 -13.87 -3.88 5.78
CA PHE A 78 -14.73 -2.71 5.62
C PHE A 78 -14.76 -2.26 4.17
N TYR A 79 -13.62 -2.37 3.49
CA TYR A 79 -13.51 -2.00 2.12
C TYR A 79 -14.07 -3.10 1.25
N ALA A 80 -13.51 -4.28 1.39
CA ALA A 80 -13.95 -5.41 0.60
C ALA A 80 -15.46 -5.59 0.66
N LYS A 81 -16.11 -5.09 1.70
CA LYS A 81 -17.56 -5.21 1.79
C LYS A 81 -18.25 -4.13 0.96
N GLN A 82 -17.49 -3.11 0.57
CA GLN A 82 -18.01 -2.05 -0.25
C GLN A 82 -17.33 -2.06 -1.61
N ARG A 83 -16.00 -2.12 -1.60
CA ARG A 83 -15.23 -2.15 -2.83
C ARG A 83 -15.52 -3.43 -3.61
N ALA A 84 -15.58 -4.55 -2.90
CA ALA A 84 -15.86 -5.84 -3.50
C ALA A 84 -17.34 -5.96 -3.84
N ALA A 85 -18.17 -5.40 -2.96
CA ALA A 85 -19.61 -5.42 -3.14
C ALA A 85 -20.05 -4.42 -4.21
N ALA A 86 -19.23 -3.40 -4.44
CA ALA A 86 -19.54 -2.37 -5.43
C ALA A 86 -18.91 -2.70 -6.79
N LEU A 87 -18.53 -3.95 -6.98
CA LEU A 87 -17.92 -4.39 -8.22
C LEU A 87 -18.44 -5.76 -8.64
N GLY A 88 -18.43 -6.70 -7.69
CA GLY A 88 -18.91 -8.04 -7.98
C GLY A 88 -17.84 -9.10 -7.75
#